data_8HF1
#
_entry.id   8HF1
#
_cell.length_a   1.00
_cell.length_b   1.00
_cell.length_c   1.00
_cell.angle_alpha   90.00
_cell.angle_beta   90.00
_cell.angle_gamma   90.00
#
_symmetry.space_group_name_H-M   'P 1'
#
loop_
_entity.id
_entity.type
_entity.pdbx_description
1 polymer 'Dicer-2, isoform A'
2 polymer 'Loquacious, isoform D'
3 polymer LD06392p
4 polymer "RNA (5'-R(P*GP*AP*GP*AP*CP*UP*UP*GP*G)-3')"
5 polymer "RNA (5'-R(P*CP*CP*AP*AP*GP*UP*CP*UP*CP*UP*U)-3')"
#
loop_
_entity_poly.entity_id
_entity_poly.type
_entity_poly.pdbx_seq_one_letter_code
_entity_poly.pdbx_strand_id
1 'polypeptide(L)'
;EDVEIKPRGYQLRLVDHLTKSNGIVYLPTGSGKTFVAILVLKRFSQDFDKPIESGGKRALFMCNTVELARQQAMAVRRCT
NFKVGFYVGEQGVDDWTRGMWSDEIKKNQVLVGTAQVFLDMVTQTYVALSSLSVVIIDECHHGTGHHPFREFMRLFTIAN
QTKLPRVVGLTGVLIKGNEITNVATKLKELEITYRGNIITVSDTKEMENVMLYATKPTEVMVSFPHQEQVLTVTRLISAE
IEKFYVSLDLMNIGVQPIRRSKSLQCLRDPSKKSFVKQLFNDFLYQMKEYGIYAASIAIISLIVEFDIKRRQAETLSVKL
MHRTALTLCEKIRHLLVQKLQDMTYDDDDDNVNTEEVIMNFSTPKVQRFLMSLKVSFADKDPKDICCLVFVERRYTCKCI
YGLLLNYIQSTPELRNVLTPQFMVGRNNISPDFESVLERKWQKSAIQQFRDGNANLMICSSVLEEGIDVQACNHVFILDP
VKTFNMYVQSKGRARTTEAKFVLFTADKEREKTIQQIYQYRKAHNDIAEYLKDRVLEKTEPELYEIKGHFQDDIDPFTNE
NGAVLLPNNALAILHRYCQTIPTDAFGFVIPWFHVLQEDERDRIFGVSAKGKHVISINMPVNCMLRDTIYSDPMDNVKTA
KISAAFKACKVLYSLGELNERFVPKTLKERVASIADVHFEHWNKYGDSVTATVNKADKSKDRTYKTECPLEFYDALPRVG
EICYAYEIFLEPQFESCEYTEHMYLNLQTPRNYAILLRNKLPRLAEMPLFSNQGKLHVRVANAPLEVIIQNSEQLELLHQ
FHGMVFRDILKIWHPFFVLDRRSKENSYLVVPLILGAGEQKCFDWELMTNFRRLPQSHGSNVQQREQQPAPRPEDFEGKI
VTQWYANYDKPMLVTKVHRELTPLSYMEKNQQDKTYYEFTMSKYGNRIGDVVHKDKFMIEVRDLTEQLTFYVHNRGKFNA
KSKAKMKVILIPELCFNFNFPGDLWLKLIFLPSILNRMYFLLHAEALRKRFNTYLNLHLLPFNGTDYMPRPLEIDYSLKR
NVDPLGNVIPTEDIEEPKSLLEPMPTKSIEASVANLEITEFENPWQKYMEPVDLSRNLLSTYPVELDYYYHFSVGNVCEM
NEMDFEDKEYWAKNQFHMPTGNIYGNRTPAKTNANVPALMPSKPTVRGKVKPLLILQKTVSKEHITPAEQGEFLAAITAS
SAADVFDMERLEILGNSFLKLSATLYLASKYSDWNEGTLTEVKSKLVSNRNLLFCLIDADIPKTLNTIQFTPRYTWLPPG
ISLPHNVLALWRENPEFAKIIGPHNLRDLALGDEESLVKGNCSDINYNRFVEGCRANGQSFYAGADFSSEVNFCVGLVTI
PNKVIADTLEALLGVIVKNYGLQHAFKMLEYFKICRADIDKPLTQLLNLELGGKKMRANVNTTEIDGFLINHYYLEKNLG
YTFKDRRYLLQALTHPSYPTNRITGSYQELEFIGNAILDFLISAYIFENNTKMNPGALTDLRSALVNNTTLACICVRHRL
HFFILAENAKLSEIISKFVNFQESQGHRVTNYVRILLEEADVQPTPLDLDDELDMTELPHANKCISQEAEKGVPPKGEFN
MSTNVDVPKALGDVLEALIAAVYLDCRDLQRTWEVIFNLFEPELQEFTRKVPINHIRQLVEHKHAKPVFSSPIVEGETVM
VSCQFTCMEKTIKVYGFGSNKDQAKLSAAKHALQQLSKCDA
;
A,D,G
2 'polypeptide(L)' IDRYEQVSKDFEFIKI B
3 'polypeptide(L)'
;MEESMEELEALRRKKFTTYWELKEAGSVDHTGMRLCDRHNYFKNFYPTLKKEAIEAINSDEYESSKDKAMDVMSSLKITP
KISEVESSSLVPLLSVELNCAFDVVLMAKETDIYDHIIDYFRTMLI
;
C,F,I
4 'polyribonucleotide' GAGACUUGG E,J,L
5 'polyribonucleotide' CCAAGUCUCUU H,K,M
#
loop_
_chem_comp.id
_chem_comp.type
_chem_comp.name
_chem_comp.formula
A RNA linking ADENOSINE-5'-MONOPHOSPHATE 'C10 H14 N5 O7 P'
C RNA linking CYTIDINE-5'-MONOPHOSPHATE 'C9 H14 N3 O8 P'
G RNA linking GUANOSINE-5'-MONOPHOSPHATE 'C10 H14 N5 O8 P'
U RNA linking URIDINE-5'-MONOPHOSPHATE 'C9 H13 N2 O9 P'
#
# COMPACT_ATOMS: atom_id res chain seq x y z
N GLU A 1 1.77 39.52 -33.87
CA GLU A 1 2.65 38.70 -32.98
C GLU A 1 2.03 37.34 -32.72
N ASP A 2 2.25 36.40 -33.64
CA ASP A 2 1.74 35.05 -33.48
C ASP A 2 2.56 34.10 -34.34
N VAL A 3 2.69 32.85 -33.87
CA VAL A 3 3.45 31.86 -34.60
C VAL A 3 2.82 31.62 -35.96
N GLU A 4 1.53 31.37 -35.98
CA GLU A 4 0.80 31.17 -37.24
C GLU A 4 0.54 32.52 -37.88
N ILE A 5 1.18 32.74 -39.03
CA ILE A 5 1.21 34.07 -39.64
C ILE A 5 -0.19 34.49 -40.05
N LYS A 6 -0.45 35.80 -40.00
CA LYS A 6 -1.71 36.36 -40.45
C LYS A 6 -1.64 36.85 -41.89
N PRO A 7 -2.78 36.89 -42.58
CA PRO A 7 -2.79 37.39 -43.94
C PRO A 7 -2.47 38.88 -43.98
N ARG A 8 -1.43 39.22 -44.73
CA ARG A 8 -1.12 40.63 -44.96
C ARG A 8 -2.23 41.27 -45.80
N GLY A 9 -2.33 42.58 -45.71
CA GLY A 9 -3.47 43.26 -46.30
C GLY A 9 -3.68 42.88 -47.75
N TYR A 10 -2.61 42.90 -48.54
CA TYR A 10 -2.70 42.40 -49.89
C TYR A 10 -3.06 40.92 -49.91
N GLN A 11 -2.51 40.15 -48.97
CA GLN A 11 -2.86 38.73 -48.90
C GLN A 11 -4.34 38.53 -48.61
N LEU A 12 -4.88 39.30 -47.66
CA LEU A 12 -6.30 39.16 -47.33
C LEU A 12 -7.18 39.58 -48.51
N ARG A 13 -6.83 40.69 -49.16
CA ARG A 13 -7.58 41.10 -50.35
C ARG A 13 -7.54 40.02 -51.41
N LEU A 14 -6.37 39.42 -51.61
CA LEU A 14 -6.22 38.38 -52.62
C LEU A 14 -7.08 37.17 -52.28
N VAL A 15 -7.08 36.77 -51.01
CA VAL A 15 -7.89 35.63 -50.59
C VAL A 15 -9.37 35.92 -50.80
N ASP A 16 -9.80 37.14 -50.48
CA ASP A 16 -11.20 37.48 -50.66
C ASP A 16 -11.56 37.46 -52.14
N HIS A 17 -10.64 37.90 -52.99
CA HIS A 17 -10.89 37.80 -54.44
C HIS A 17 -11.01 36.35 -54.88
N LEU A 18 -10.12 35.48 -54.38
CA LEU A 18 -10.13 34.09 -54.83
C LEU A 18 -11.33 33.32 -54.34
N THR A 19 -11.78 33.56 -53.11
CA THR A 19 -12.88 32.78 -52.56
C THR A 19 -14.16 32.98 -53.37
N LYS A 20 -14.26 34.06 -54.14
CA LYS A 20 -15.46 34.35 -54.93
C LYS A 20 -15.34 33.89 -56.38
N SER A 21 -14.19 34.11 -57.00
CA SER A 21 -13.98 33.73 -58.38
C SER A 21 -12.65 33.01 -58.51
N ASN A 22 -12.65 31.88 -59.22
CA ASN A 22 -11.42 31.19 -59.55
C ASN A 22 -10.57 32.07 -60.46
N GLY A 23 -9.26 32.02 -60.24
CA GLY A 23 -8.36 32.84 -61.02
C GLY A 23 -6.91 32.54 -60.67
N ILE A 24 -6.02 33.17 -61.42
CA ILE A 24 -4.59 32.94 -61.30
C ILE A 24 -3.98 34.14 -60.59
N VAL A 25 -3.06 33.87 -59.66
CA VAL A 25 -2.36 34.90 -58.92
C VAL A 25 -0.91 34.91 -59.38
N TYR A 26 -0.42 36.09 -59.75
CA TYR A 26 0.96 36.28 -60.18
C TYR A 26 1.67 37.18 -59.17
N LEU A 27 2.59 36.60 -58.41
CA LEU A 27 3.40 37.32 -57.45
C LEU A 27 4.85 36.88 -57.56
N PRO A 28 5.79 37.74 -57.17
CA PRO A 28 7.20 37.32 -57.20
C PRO A 28 7.42 36.12 -56.29
N THR A 29 8.32 35.23 -56.73
CA THR A 29 8.55 34.00 -56.00
C THR A 29 8.94 34.31 -54.56
N GLY A 30 8.33 33.59 -53.63
CA GLY A 30 8.67 33.75 -52.23
C GLY A 30 7.64 33.10 -51.34
N SER A 31 7.69 33.47 -50.05
CA SER A 31 6.80 32.89 -49.08
C SER A 31 5.34 33.23 -49.36
N GLY A 32 5.05 34.48 -49.72
CA GLY A 32 3.67 34.89 -49.88
C GLY A 32 2.92 34.08 -50.90
N LYS A 33 3.59 33.73 -52.01
CA LYS A 33 2.91 33.02 -53.09
C LYS A 33 2.32 31.71 -52.59
N THR A 34 2.98 31.07 -51.63
CA THR A 34 2.47 29.83 -51.06
C THR A 34 1.57 30.05 -49.86
N PHE A 35 1.86 31.06 -49.04
CA PHE A 35 1.00 31.33 -47.89
C PHE A 35 -0.40 31.71 -48.33
N VAL A 36 -0.53 32.46 -49.42
CA VAL A 36 -1.86 32.79 -49.91
C VAL A 36 -2.61 31.52 -50.27
N ALA A 37 -1.91 30.56 -50.87
CA ALA A 37 -2.54 29.28 -51.20
C ALA A 37 -2.98 28.56 -49.94
N ILE A 38 -2.14 28.56 -48.91
CA ILE A 38 -2.55 27.94 -47.64
C ILE A 38 -3.82 28.59 -47.13
N LEU A 39 -3.87 29.92 -47.19
CA LEU A 39 -5.01 30.64 -46.68
C LEU A 39 -6.28 30.30 -47.44
N VAL A 40 -6.21 30.29 -48.77
CA VAL A 40 -7.40 29.99 -49.57
C VAL A 40 -7.84 28.56 -49.34
N LEU A 41 -6.88 27.65 -49.17
CA LEU A 41 -7.23 26.27 -48.83
C LEU A 41 -7.97 26.22 -47.50
N LYS A 42 -7.52 27.01 -46.53
CA LYS A 42 -8.21 27.09 -45.25
C LYS A 42 -9.62 27.65 -45.42
N ARG A 43 -9.78 28.66 -46.28
CA ARG A 43 -11.07 29.31 -46.42
C ARG A 43 -12.16 28.34 -46.85
N PHE A 44 -11.81 27.40 -47.74
CA PHE A 44 -12.76 26.41 -48.24
C PHE A 44 -12.84 25.19 -47.34
N SER A 45 -12.75 25.38 -46.01
CA SER A 45 -12.67 24.28 -45.06
C SER A 45 -14.03 23.84 -44.60
N GLN A 46 -15.07 24.10 -45.39
CA GLN A 46 -16.40 23.78 -44.93
C GLN A 46 -16.59 22.27 -44.77
N ASP A 47 -16.10 21.48 -45.72
CA ASP A 47 -16.55 20.10 -45.88
C ASP A 47 -15.42 19.08 -45.99
N PHE A 48 -14.23 19.37 -45.47
CA PHE A 48 -13.22 18.33 -45.43
C PHE A 48 -13.67 17.13 -44.60
N ASP A 49 -14.13 17.38 -43.38
CA ASP A 49 -14.28 16.29 -42.42
C ASP A 49 -15.30 15.26 -42.89
N LYS A 50 -16.40 15.72 -43.49
CA LYS A 50 -17.47 14.80 -43.84
C LYS A 50 -16.98 13.80 -44.90
N PRO A 51 -17.46 12.56 -44.86
CA PRO A 51 -17.05 11.58 -45.87
C PRO A 51 -17.64 11.87 -47.24
N ILE A 52 -17.01 11.29 -48.26
CA ILE A 52 -17.40 11.57 -49.63
C ILE A 52 -18.83 11.10 -49.90
N GLU A 53 -19.16 9.89 -49.47
CA GLU A 53 -20.50 9.36 -49.73
C GLU A 53 -21.58 10.24 -49.11
N SER A 54 -21.23 11.03 -48.09
CA SER A 54 -22.16 11.96 -47.47
C SER A 54 -22.02 13.37 -48.03
N GLY A 55 -21.42 13.51 -49.20
CA GLY A 55 -21.18 14.82 -49.79
C GLY A 55 -19.90 15.48 -49.36
N GLY A 56 -19.00 14.77 -48.68
CA GLY A 56 -17.75 15.35 -48.27
C GLY A 56 -16.85 15.66 -49.45
N LYS A 57 -15.98 16.64 -49.26
CA LYS A 57 -15.09 17.10 -50.30
C LYS A 57 -13.67 17.19 -49.75
N ARG A 58 -12.71 17.36 -50.64
CA ARG A 58 -11.29 17.38 -50.29
C ARG A 58 -10.59 18.49 -51.07
N ALA A 59 -9.29 18.61 -50.82
CA ALA A 59 -8.46 19.61 -51.48
C ALA A 59 -7.32 18.92 -52.21
N LEU A 60 -7.01 19.42 -53.40
CA LEU A 60 -5.93 18.91 -54.23
C LEU A 60 -4.84 19.96 -54.32
N PHE A 61 -3.62 19.58 -53.96
CA PHE A 61 -2.45 20.45 -54.10
C PHE A 61 -1.53 19.78 -55.10
N MET A 62 -1.72 20.10 -56.37
CA MET A 62 -0.97 19.50 -57.46
C MET A 62 0.31 20.31 -57.69
N CYS A 63 1.42 19.61 -57.86
CA CYS A 63 2.72 20.26 -58.02
C CYS A 63 3.46 19.66 -59.21
N ASN A 64 4.34 20.49 -59.78
CA ASN A 64 5.08 20.10 -60.97
C ASN A 64 6.01 18.93 -60.68
N THR A 65 6.93 19.10 -59.74
CA THR A 65 7.97 18.13 -59.46
C THR A 65 7.76 17.50 -58.09
N VAL A 66 8.39 16.35 -57.89
CA VAL A 66 8.17 15.59 -56.66
C VAL A 66 8.68 16.36 -55.45
N GLU A 67 9.89 16.90 -55.54
CA GLU A 67 10.47 17.57 -54.38
C GLU A 67 9.67 18.80 -53.98
N LEU A 68 9.27 19.60 -54.96
CA LEU A 68 8.41 20.74 -54.67
C LEU A 68 7.09 20.27 -54.07
N ALA A 69 6.57 19.15 -54.55
CA ALA A 69 5.35 18.62 -53.98
C ALA A 69 5.55 18.30 -52.50
N ARG A 70 6.65 17.64 -52.18
CA ARG A 70 6.93 17.31 -50.78
C ARG A 70 7.06 18.57 -49.93
N GLN A 71 7.76 19.58 -50.46
CA GLN A 71 7.94 20.81 -49.69
C GLN A 71 6.60 21.50 -49.46
N GLN A 72 5.76 21.58 -50.49
CA GLN A 72 4.46 22.23 -50.32
C GLN A 72 3.58 21.45 -49.36
N ALA A 73 3.59 20.12 -49.45
CA ALA A 73 2.82 19.32 -48.52
C ALA A 73 3.30 19.55 -47.10
N MET A 74 4.61 19.62 -46.91
CA MET A 74 5.15 19.83 -45.58
C MET A 74 4.76 21.21 -45.06
N ALA A 75 4.78 22.21 -45.94
CA ALA A 75 4.40 23.56 -45.56
C ALA A 75 2.94 23.61 -45.11
N VAL A 76 2.05 23.01 -45.89
CA VAL A 76 0.65 23.02 -45.50
C VAL A 76 0.44 22.24 -44.22
N ARG A 77 1.16 21.13 -44.04
CA ARG A 77 1.03 20.39 -42.79
C ARG A 77 1.46 21.22 -41.60
N ARG A 78 2.56 21.96 -41.73
CA ARG A 78 3.06 22.74 -40.61
C ARG A 78 2.26 24.01 -40.37
N CYS A 79 1.55 24.52 -41.37
CA CYS A 79 0.82 25.77 -41.24
C CYS A 79 -0.66 25.61 -40.99
N THR A 80 -1.19 24.39 -41.06
CA THR A 80 -2.62 24.17 -40.94
C THR A 80 -2.89 22.99 -40.02
N ASN A 81 -4.08 23.01 -39.42
CA ASN A 81 -4.48 21.94 -38.52
C ASN A 81 -5.03 20.72 -39.24
N PHE A 82 -5.25 20.80 -40.55
CA PHE A 82 -5.73 19.66 -41.30
C PHE A 82 -4.64 18.59 -41.38
N LYS A 83 -5.05 17.38 -41.74
CA LYS A 83 -4.13 16.27 -41.98
C LYS A 83 -4.07 16.01 -43.47
N VAL A 84 -2.86 15.96 -44.02
CA VAL A 84 -2.62 15.89 -45.45
C VAL A 84 -1.86 14.61 -45.77
N GLY A 85 -2.09 14.10 -46.96
CA GLY A 85 -1.38 12.93 -47.46
C GLY A 85 -0.44 13.30 -48.59
N PHE A 86 0.71 12.65 -48.64
CA PHE A 86 1.72 12.85 -49.66
C PHE A 86 1.61 11.71 -50.66
N TYR A 87 1.72 12.02 -51.96
CA TYR A 87 1.38 11.05 -52.99
C TYR A 87 2.29 11.19 -54.19
N VAL A 88 3.17 10.22 -54.37
CA VAL A 88 3.92 10.03 -55.58
C VAL A 88 4.02 8.53 -55.84
N GLY A 89 4.68 8.16 -56.92
CA GLY A 89 4.81 6.75 -57.23
C GLY A 89 5.79 5.99 -56.35
N GLU A 90 6.51 6.71 -55.50
CA GLU A 90 7.47 6.05 -54.60
C GLU A 90 6.76 5.24 -53.53
N GLN A 91 5.53 5.62 -53.17
CA GLN A 91 4.79 4.96 -52.10
C GLN A 91 4.07 3.70 -52.56
N GLY A 92 4.40 3.17 -53.74
CA GLY A 92 3.69 2.02 -54.25
C GLY A 92 2.25 2.31 -54.58
N VAL A 93 1.92 3.57 -54.89
CA VAL A 93 0.53 3.95 -55.11
C VAL A 93 -0.05 3.27 -56.34
N ASP A 94 0.79 2.84 -57.28
CA ASP A 94 0.30 2.18 -58.48
C ASP A 94 -0.53 0.96 -58.14
N ASP A 95 -0.15 0.24 -57.10
CA ASP A 95 -0.79 -1.02 -56.72
C ASP A 95 -1.85 -0.85 -55.64
N TRP A 96 -2.21 0.38 -55.28
CA TRP A 96 -3.20 0.60 -54.23
C TRP A 96 -4.59 0.24 -54.75
N THR A 97 -5.26 -0.66 -54.05
CA THR A 97 -6.57 -1.13 -54.48
C THR A 97 -7.64 -0.08 -54.16
N ARG A 98 -8.87 -0.39 -54.58
CA ARG A 98 -9.98 0.53 -54.33
C ARG A 98 -10.20 0.76 -52.85
N GLY A 99 -10.10 -0.30 -52.04
CA GLY A 99 -10.23 -0.11 -50.60
C GLY A 99 -9.20 0.86 -50.06
N MET A 100 -7.95 0.73 -50.53
CA MET A 100 -6.90 1.63 -50.08
C MET A 100 -7.21 3.07 -50.46
N TRP A 101 -7.56 3.32 -51.72
CA TRP A 101 -7.90 4.69 -52.13
C TRP A 101 -9.07 5.23 -51.32
N SER A 102 -10.10 4.41 -51.13
CA SER A 102 -11.31 4.88 -50.45
C SER A 102 -11.02 5.25 -49.01
N ASP A 103 -10.41 4.33 -48.25
CA ASP A 103 -10.14 4.64 -46.84
C ASP A 103 -9.08 5.72 -46.70
N GLU A 104 -8.21 5.88 -47.71
CA GLU A 104 -7.23 6.95 -47.67
C GLU A 104 -7.89 8.30 -47.82
N ILE A 105 -8.73 8.45 -48.85
CA ILE A 105 -9.45 9.70 -49.03
C ILE A 105 -10.39 9.94 -47.85
N LYS A 106 -10.82 8.86 -47.19
CA LYS A 106 -11.53 9.02 -45.93
C LYS A 106 -10.62 9.57 -44.84
N LYS A 107 -9.35 9.19 -44.86
CA LYS A 107 -8.39 9.59 -43.83
C LYS A 107 -7.96 11.05 -43.98
N ASN A 108 -7.30 11.37 -45.09
CA ASN A 108 -6.72 12.68 -45.29
C ASN A 108 -7.73 13.64 -45.89
N GLN A 109 -7.67 14.90 -45.48
CA GLN A 109 -8.53 15.93 -46.01
C GLN A 109 -7.92 16.66 -47.20
N VAL A 110 -6.61 16.76 -47.26
CA VAL A 110 -5.90 17.43 -48.34
C VAL A 110 -5.01 16.43 -49.04
N LEU A 111 -4.96 16.50 -50.37
CA LEU A 111 -4.16 15.61 -51.18
C LEU A 111 -3.06 16.42 -51.85
N VAL A 112 -1.82 15.94 -51.71
CA VAL A 112 -0.66 16.59 -52.31
C VAL A 112 0.13 15.53 -53.07
N GLY A 113 0.51 15.84 -54.29
CA GLY A 113 1.29 14.90 -55.08
C GLY A 113 1.60 15.48 -56.43
N THR A 114 2.39 14.73 -57.20
CA THR A 114 2.73 15.16 -58.55
C THR A 114 1.50 15.08 -59.45
N ALA A 115 1.53 15.86 -60.53
CA ALA A 115 0.34 15.99 -61.36
C ALA A 115 -0.06 14.66 -61.97
N GLN A 116 0.89 13.94 -62.56
CA GLN A 116 0.54 12.75 -63.33
C GLN A 116 -0.21 11.75 -62.45
N VAL A 117 0.20 11.61 -61.20
CA VAL A 117 -0.50 10.72 -60.28
C VAL A 117 -1.96 11.12 -60.18
N PHE A 118 -2.22 12.41 -60.04
CA PHE A 118 -3.59 12.87 -59.89
C PHE A 118 -4.38 12.74 -61.19
N LEU A 119 -3.72 12.95 -62.33
CA LEU A 119 -4.40 12.68 -63.60
C LEU A 119 -4.84 11.23 -63.67
N ASP A 120 -3.95 10.31 -63.32
CA ASP A 120 -4.33 8.90 -63.31
C ASP A 120 -5.47 8.65 -62.34
N MET A 121 -5.40 9.22 -61.14
CA MET A 121 -6.42 8.94 -60.15
C MET A 121 -7.78 9.44 -60.60
N VAL A 122 -7.83 10.62 -61.20
CA VAL A 122 -9.10 11.18 -61.65
C VAL A 122 -9.64 10.41 -62.84
N THR A 123 -8.80 10.20 -63.87
CA THR A 123 -9.28 9.55 -65.07
C THR A 123 -9.74 8.12 -64.81
N GLN A 124 -9.23 7.50 -63.75
CA GLN A 124 -9.66 6.16 -63.35
C GLN A 124 -10.92 6.19 -62.50
N THR A 125 -11.50 7.37 -62.28
CA THR A 125 -12.80 7.49 -61.64
C THR A 125 -12.76 7.02 -60.20
N TYR A 126 -11.59 7.14 -59.55
CA TYR A 126 -11.54 6.92 -58.12
C TYR A 126 -12.30 8.01 -57.38
N VAL A 127 -12.19 9.25 -57.85
CA VAL A 127 -12.96 10.37 -57.31
C VAL A 127 -13.50 11.19 -58.47
N ALA A 128 -14.51 11.99 -58.19
CA ALA A 128 -15.14 12.85 -59.18
C ALA A 128 -14.93 14.31 -58.83
N LEU A 129 -14.87 15.14 -59.88
CA LEU A 129 -14.74 16.57 -59.66
C LEU A 129 -15.80 17.08 -58.70
N SER A 130 -17.02 16.56 -58.80
CA SER A 130 -18.06 16.90 -57.85
C SER A 130 -17.64 16.58 -56.42
N SER A 131 -16.78 15.59 -56.23
CA SER A 131 -16.30 15.21 -54.92
C SER A 131 -15.14 16.09 -54.46
N LEU A 132 -14.69 17.01 -55.29
CA LEU A 132 -13.55 17.87 -54.99
C LEU A 132 -14.03 19.30 -54.77
N SER A 133 -13.54 19.93 -53.71
CA SER A 133 -13.90 21.30 -53.39
C SER A 133 -12.99 22.32 -54.04
N VAL A 134 -11.68 22.14 -53.95
CA VAL A 134 -10.72 23.08 -54.49
C VAL A 134 -9.52 22.32 -55.04
N VAL A 135 -8.91 22.88 -56.08
CA VAL A 135 -7.69 22.36 -56.66
C VAL A 135 -6.65 23.47 -56.63
N ILE A 136 -5.44 23.15 -56.18
CA ILE A 136 -4.35 24.12 -56.10
C ILE A 136 -3.24 23.65 -57.02
N ILE A 137 -2.94 24.47 -58.02
CA ILE A 137 -1.88 24.23 -58.98
C ILE A 137 -0.84 25.33 -58.79
N ASP A 138 0.36 24.95 -58.41
CA ASP A 138 1.45 25.89 -58.28
C ASP A 138 2.36 25.81 -59.50
N GLU A 139 3.03 26.91 -59.80
CA GLU A 139 3.83 27.02 -61.02
C GLU A 139 2.97 26.68 -62.23
N CYS A 140 1.73 27.18 -62.22
CA CYS A 140 0.78 26.80 -63.24
C CYS A 140 1.23 27.17 -64.64
N HIS A 141 2.18 28.11 -64.76
CA HIS A 141 2.70 28.46 -66.07
C HIS A 141 3.15 27.24 -66.87
N HIS A 142 3.47 26.14 -66.18
CA HIS A 142 3.86 24.93 -66.88
C HIS A 142 2.69 24.31 -67.64
N GLY A 143 1.47 24.77 -67.39
CA GLY A 143 0.31 24.21 -68.06
C GLY A 143 0.16 24.66 -69.49
N THR A 144 1.03 24.15 -70.36
CA THR A 144 0.96 24.45 -71.78
C THR A 144 1.16 23.15 -72.57
N GLY A 145 0.59 23.14 -73.77
CA GLY A 145 0.73 21.97 -74.62
C GLY A 145 0.19 20.74 -73.95
N HIS A 146 0.92 19.63 -74.08
CA HIS A 146 0.49 18.34 -73.56
C HIS A 146 0.98 18.10 -72.14
N HIS A 147 1.26 19.16 -71.40
CA HIS A 147 1.68 19.00 -70.02
C HIS A 147 0.52 18.42 -69.19
N PRO A 148 0.83 17.67 -68.13
CA PRO A 148 -0.25 17.11 -67.32
C PRO A 148 -1.22 18.15 -66.80
N PHE A 149 -0.76 19.36 -66.49
CA PHE A 149 -1.67 20.40 -66.02
C PHE A 149 -2.73 20.71 -67.07
N ARG A 150 -2.30 20.90 -68.32
CA ARG A 150 -3.24 21.24 -69.37
C ARG A 150 -4.25 20.11 -69.59
N GLU A 151 -3.79 18.87 -69.52
CA GLU A 151 -4.70 17.74 -69.67
C GLU A 151 -5.70 17.71 -68.52
N PHE A 152 -5.22 17.94 -67.29
CA PHE A 152 -6.12 17.97 -66.15
C PHE A 152 -7.20 19.02 -66.35
N MET A 153 -6.81 20.22 -66.78
CA MET A 153 -7.81 21.25 -67.03
C MET A 153 -8.76 20.83 -68.15
N ARG A 154 -8.23 20.29 -69.24
CA ARG A 154 -9.08 19.81 -70.33
C ARG A 154 -10.13 18.83 -69.81
N LEU A 155 -9.77 18.05 -68.80
CA LEU A 155 -10.74 17.13 -68.21
C LEU A 155 -12.00 17.84 -67.76
N PHE A 156 -11.88 19.09 -67.33
CA PHE A 156 -13.04 19.80 -66.80
C PHE A 156 -14.15 19.95 -67.82
N THR A 157 -13.83 19.93 -69.12
CA THR A 157 -14.81 20.14 -70.17
C THR A 157 -15.75 18.96 -70.35
N ILE A 158 -15.50 17.84 -69.68
CA ILE A 158 -16.28 16.63 -69.86
C ILE A 158 -17.20 16.36 -68.67
N ALA A 159 -16.72 16.59 -67.45
CA ALA A 159 -17.50 16.30 -66.26
C ALA A 159 -18.59 17.35 -66.08
N ASN A 160 -19.42 17.16 -65.06
CA ASN A 160 -20.52 18.08 -64.80
C ASN A 160 -20.01 19.50 -64.60
N GLN A 161 -20.65 20.45 -65.26
CA GLN A 161 -20.26 21.85 -65.13
C GLN A 161 -20.73 22.44 -63.80
N THR A 162 -21.89 22.02 -63.31
CA THR A 162 -22.46 22.57 -62.09
C THR A 162 -21.74 22.12 -60.84
N LYS A 163 -20.87 21.11 -60.93
CA LYS A 163 -20.19 20.56 -59.78
C LYS A 163 -18.68 20.77 -59.85
N LEU A 164 -18.23 21.70 -60.67
CA LEU A 164 -16.80 21.91 -60.82
C LEU A 164 -16.22 22.51 -59.55
N PRO A 165 -15.00 22.14 -59.17
CA PRO A 165 -14.35 22.78 -58.01
C PRO A 165 -13.78 24.13 -58.40
N ARG A 166 -13.07 24.75 -57.45
CA ARG A 166 -12.38 26.00 -57.68
C ARG A 166 -10.93 25.72 -58.05
N VAL A 167 -10.44 26.41 -59.07
CA VAL A 167 -9.06 26.26 -59.53
C VAL A 167 -8.29 27.50 -59.11
N VAL A 168 -7.13 27.29 -58.50
CA VAL A 168 -6.27 28.38 -58.05
C VAL A 168 -4.88 28.17 -58.63
N GLY A 169 -4.40 29.14 -59.39
CA GLY A 169 -3.13 29.01 -60.08
C GLY A 169 -2.06 29.97 -59.58
N LEU A 170 -0.96 29.42 -59.09
CA LEU A 170 0.17 30.22 -58.64
C LEU A 170 1.21 30.33 -59.75
N THR A 171 1.88 31.46 -59.82
CA THR A 171 2.93 31.64 -60.81
C THR A 171 3.75 32.86 -60.48
N GLY A 172 5.07 32.72 -60.61
CA GLY A 172 5.97 33.86 -60.57
C GLY A 172 6.32 34.32 -61.97
N VAL A 173 5.79 33.62 -62.97
CA VAL A 173 6.04 33.96 -64.37
C VAL A 173 4.90 33.37 -65.18
N LEU A 174 4.51 34.08 -66.24
CA LEU A 174 3.42 33.66 -67.10
C LEU A 174 3.88 33.08 -68.44
N ILE A 175 5.06 33.45 -68.91
CA ILE A 175 5.58 32.97 -70.17
C ILE A 175 6.58 31.86 -69.88
N LYS A 176 6.77 30.98 -70.86
CA LYS A 176 7.65 29.83 -70.73
C LYS A 176 8.86 29.89 -71.65
N GLY A 177 8.63 29.99 -72.96
CA GLY A 177 9.69 30.01 -73.93
C GLY A 177 10.18 31.41 -74.23
N ASN A 178 10.74 31.60 -75.41
CA ASN A 178 11.24 32.88 -75.85
C ASN A 178 10.20 33.68 -76.61
N GLU A 179 8.95 33.23 -76.66
CA GLU A 179 7.91 33.92 -77.41
C GLU A 179 7.48 35.18 -76.66
N ILE A 180 8.45 36.08 -76.51
CA ILE A 180 8.21 37.32 -75.79
C ILE A 180 7.34 38.27 -76.59
N THR A 181 7.47 38.27 -77.91
CA THR A 181 6.62 39.12 -78.73
C THR A 181 5.16 38.71 -78.54
N ASN A 182 4.27 39.69 -78.69
CA ASN A 182 2.83 39.44 -78.63
C ASN A 182 2.45 38.76 -77.31
N VAL A 183 2.88 39.38 -76.22
CA VAL A 183 2.62 38.82 -74.89
C VAL A 183 1.13 38.71 -74.64
N ALA A 184 0.37 39.74 -75.01
CA ALA A 184 -1.04 39.78 -74.65
C ALA A 184 -1.76 38.52 -75.09
N THR A 185 -1.51 38.08 -76.33
CA THR A 185 -2.13 36.84 -76.79
C THR A 185 -1.77 35.70 -75.86
N LYS A 186 -0.47 35.49 -75.61
CA LYS A 186 -0.06 34.37 -74.78
C LYS A 186 -0.78 34.39 -73.45
N LEU A 187 -0.94 35.57 -72.86
CA LEU A 187 -1.69 35.67 -71.62
C LEU A 187 -3.13 35.26 -71.83
N LYS A 188 -3.72 35.63 -72.98
CA LYS A 188 -5.09 35.21 -73.26
C LYS A 188 -5.22 33.69 -73.29
N GLU A 189 -4.32 33.00 -74.01
CA GLU A 189 -4.41 31.54 -74.03
C GLU A 189 -4.20 30.96 -72.65
N LEU A 190 -3.24 31.49 -71.88
CA LEU A 190 -3.01 30.92 -70.55
C LEU A 190 -4.23 31.11 -69.67
N GLU A 191 -4.86 32.29 -69.74
CA GLU A 191 -6.09 32.52 -68.99
C GLU A 191 -7.18 31.54 -69.41
N ILE A 192 -7.36 31.36 -70.72
CA ILE A 192 -8.38 30.45 -71.22
C ILE A 192 -8.10 29.03 -70.75
N THR A 193 -6.82 28.70 -70.56
CA THR A 193 -6.48 27.35 -70.14
C THR A 193 -7.12 27.01 -68.80
N TYR A 194 -7.12 27.96 -67.88
CA TYR A 194 -7.78 27.79 -66.59
C TYR A 194 -9.11 28.52 -66.61
N ARG A 195 -9.80 28.53 -65.47
CA ARG A 195 -11.18 29.01 -65.39
C ARG A 195 -11.27 30.42 -64.81
N GLY A 196 -10.31 31.28 -65.12
CA GLY A 196 -10.33 32.63 -64.61
C GLY A 196 -9.27 33.47 -65.28
N ASN A 197 -9.18 34.73 -64.86
CA ASN A 197 -8.18 35.65 -65.36
C ASN A 197 -7.16 35.99 -64.29
N ILE A 198 -5.98 36.42 -64.73
CA ILE A 198 -4.88 36.69 -63.82
C ILE A 198 -5.23 37.85 -62.90
N ILE A 199 -4.68 37.81 -61.68
CA ILE A 199 -4.74 38.92 -60.75
C ILE A 199 -3.39 39.04 -60.07
N THR A 200 -3.15 40.23 -59.51
CA THR A 200 -1.90 40.50 -58.81
C THR A 200 -2.04 41.81 -58.05
N VAL A 201 -1.08 42.07 -57.18
CA VAL A 201 -1.04 43.34 -56.47
C VAL A 201 -0.53 44.42 -57.42
N SER A 202 -1.11 45.62 -57.30
CA SER A 202 -0.77 46.72 -58.18
C SER A 202 -0.49 48.04 -57.46
N ASP A 203 -0.88 48.19 -56.21
CA ASP A 203 -0.71 49.46 -55.51
C ASP A 203 0.71 49.59 -54.96
N THR A 204 1.17 50.83 -54.86
CA THR A 204 2.55 51.08 -54.43
C THR A 204 2.77 50.58 -53.01
N LYS A 205 1.79 50.77 -52.11
CA LYS A 205 1.93 50.22 -50.78
C LYS A 205 2.04 48.70 -50.84
N GLU A 206 1.24 48.07 -51.71
CA GLU A 206 1.40 46.64 -51.95
C GLU A 206 2.77 46.34 -52.54
N MET A 207 3.27 47.22 -53.40
CA MET A 207 4.59 47.01 -54.00
C MET A 207 5.68 46.95 -52.93
N GLU A 208 5.68 47.93 -52.03
CA GLU A 208 6.67 47.94 -50.95
C GLU A 208 6.46 46.75 -50.01
N ASN A 209 5.20 46.40 -49.73
CA ASN A 209 4.94 45.21 -48.95
C ASN A 209 5.57 43.98 -49.59
N VAL A 210 5.52 43.90 -50.91
CA VAL A 210 6.19 42.81 -51.61
C VAL A 210 7.70 42.92 -51.43
N MET A 211 8.24 44.13 -51.53
CA MET A 211 9.66 44.34 -51.28
C MET A 211 10.07 43.93 -49.88
N LEU A 212 9.12 43.89 -48.93
CA LEU A 212 9.46 43.39 -47.60
C LEU A 212 9.94 41.94 -47.66
N TYR A 213 9.23 41.09 -48.40
CA TYR A 213 9.66 39.70 -48.56
C TYR A 213 10.29 39.44 -49.92
N ALA A 214 10.03 40.28 -50.91
CA ALA A 214 10.69 40.19 -52.20
C ALA A 214 11.85 41.19 -52.26
N THR A 215 12.71 41.01 -53.26
CA THR A 215 13.82 41.91 -53.46
C THR A 215 14.18 41.95 -54.94
N LYS A 216 14.57 43.14 -55.41
CA LYS A 216 15.10 43.30 -56.75
C LYS A 216 16.62 43.32 -56.67
N PRO A 217 17.28 42.17 -56.79
CA PRO A 217 18.74 42.15 -56.62
C PRO A 217 19.43 42.97 -57.69
N THR A 218 20.55 43.58 -57.32
CA THR A 218 21.35 44.29 -58.30
C THR A 218 21.89 43.29 -59.32
N GLU A 219 21.67 43.58 -60.60
CA GLU A 219 22.06 42.71 -61.70
C GLU A 219 23.28 43.31 -62.36
N VAL A 220 24.39 42.57 -62.35
CA VAL A 220 25.64 43.05 -62.91
C VAL A 220 26.13 42.03 -63.93
N MET A 221 27.19 42.42 -64.63
CA MET A 221 27.79 41.62 -65.69
C MET A 221 29.25 41.37 -65.39
N VAL A 222 29.76 40.24 -65.89
CA VAL A 222 31.19 39.94 -65.88
C VAL A 222 31.53 39.46 -67.29
N SER A 223 32.01 40.37 -68.13
CA SER A 223 32.43 40.03 -69.47
C SER A 223 33.83 39.44 -69.44
N PHE A 224 34.11 38.54 -70.37
CA PHE A 224 35.42 37.92 -70.48
C PHE A 224 35.85 37.86 -71.94
N PRO A 225 37.16 37.93 -72.20
CA PRO A 225 37.62 37.82 -73.58
C PRO A 225 37.49 36.40 -74.09
N HIS A 226 36.77 36.24 -75.19
CA HIS A 226 36.53 34.94 -75.79
C HIS A 226 37.49 34.76 -76.95
N GLN A 227 38.27 33.69 -76.91
CA GLN A 227 39.21 33.35 -77.95
C GLN A 227 38.76 32.07 -78.65
N GLU A 228 39.33 31.83 -79.83
CA GLU A 228 38.97 30.68 -80.64
C GLU A 228 40.08 29.67 -80.79
N GLN A 229 41.33 30.04 -80.51
CA GLN A 229 42.44 29.11 -80.66
C GLN A 229 42.36 28.01 -79.60
N VAL A 230 42.85 26.82 -79.97
CA VAL A 230 42.82 25.66 -79.10
C VAL A 230 44.19 24.98 -79.12
N LEU A 231 44.45 24.17 -78.11
CA LEU A 231 45.75 23.54 -77.93
C LEU A 231 45.88 22.31 -78.83
N THR A 232 47.13 21.86 -78.99
CA THR A 232 47.41 20.71 -79.85
C THR A 232 46.90 19.42 -79.24
N VAL A 233 47.08 19.26 -77.92
CA VAL A 233 46.63 18.03 -77.26
C VAL A 233 45.13 17.86 -77.44
N THR A 234 44.39 18.96 -77.58
CA THR A 234 42.99 18.84 -77.94
C THR A 234 42.82 18.15 -79.28
N ARG A 235 43.65 18.52 -80.26
CA ARG A 235 43.60 17.85 -81.55
C ARG A 235 43.94 16.37 -81.40
N LEU A 236 44.95 16.05 -80.60
CA LEU A 236 45.34 14.65 -80.43
C LEU A 236 44.19 13.85 -79.83
N ILE A 237 43.56 14.38 -78.79
CA ILE A 237 42.46 13.65 -78.14
C ILE A 237 41.27 13.57 -79.08
N SER A 238 41.02 14.60 -79.88
CA SER A 238 39.95 14.52 -80.86
C SER A 238 40.20 13.38 -81.83
N ALA A 239 41.45 13.25 -82.30
CA ALA A 239 41.78 12.16 -83.21
C ALA A 239 41.59 10.81 -82.53
N GLU A 240 42.00 10.71 -81.27
CA GLU A 240 41.85 9.44 -80.55
C GLU A 240 40.39 9.05 -80.40
N ILE A 241 39.55 10.02 -80.02
CA ILE A 241 38.13 9.71 -79.88
C ILE A 241 37.52 9.38 -81.22
N GLU A 242 37.97 10.02 -82.30
CA GLU A 242 37.45 9.68 -83.62
C GLU A 242 37.82 8.25 -84.00
N LYS A 243 39.05 7.85 -83.71
CA LYS A 243 39.45 6.47 -83.96
C LYS A 243 38.58 5.51 -83.15
N PHE A 244 38.33 5.86 -81.89
CA PHE A 244 37.47 5.01 -81.06
C PHE A 244 36.07 4.92 -81.63
N TYR A 245 35.51 6.05 -82.08
CA TYR A 245 34.16 6.03 -82.64
C TYR A 245 34.11 5.16 -83.89
N VAL A 246 35.09 5.30 -84.77
CA VAL A 246 35.05 4.52 -86.00
C VAL A 246 35.18 3.04 -85.68
N SER A 247 35.97 2.69 -84.67
CA SER A 247 36.08 1.30 -84.28
C SER A 247 34.78 0.79 -83.67
N LEU A 248 34.21 1.56 -82.74
CA LEU A 248 33.02 1.11 -82.02
C LEU A 248 31.81 1.01 -82.92
N ASP A 249 31.72 1.88 -83.94
CA ASP A 249 30.54 1.90 -84.79
C ASP A 249 30.28 0.53 -85.40
N LEU A 250 31.34 -0.23 -85.65
CA LEU A 250 31.25 -1.57 -86.19
C LEU A 250 31.29 -2.64 -85.11
N MET A 251 31.10 -2.25 -83.85
CA MET A 251 31.22 -3.21 -82.76
C MET A 251 30.35 -4.43 -82.97
N ASN A 252 29.17 -4.25 -83.54
CA ASN A 252 28.30 -5.37 -83.88
C ASN A 252 27.99 -6.20 -82.63
N ILE A 253 27.48 -5.53 -81.61
CA ILE A 253 27.03 -6.19 -80.40
C ILE A 253 25.84 -7.06 -80.76
N GLY A 254 25.45 -7.97 -79.88
CA GLY A 254 24.26 -8.76 -80.09
C GLY A 254 23.12 -7.90 -80.58
N VAL A 255 22.29 -8.44 -81.47
CA VAL A 255 21.24 -7.69 -82.13
C VAL A 255 20.44 -6.91 -81.10
N GLN A 256 20.25 -5.62 -81.36
CA GLN A 256 19.56 -4.71 -80.45
C GLN A 256 18.24 -4.26 -81.06
N PRO A 257 17.35 -3.70 -80.26
CA PRO A 257 16.12 -3.12 -80.82
C PRO A 257 16.44 -2.02 -81.81
N ILE A 258 15.62 -1.93 -82.86
CA ILE A 258 15.83 -0.93 -83.89
C ILE A 258 15.42 0.43 -83.33
N ARG A 259 16.33 1.41 -83.40
CA ARG A 259 16.08 2.76 -82.96
C ARG A 259 15.99 3.67 -84.18
N ARG A 260 14.82 4.26 -84.40
CA ARG A 260 14.60 5.19 -85.48
C ARG A 260 14.37 6.59 -84.90
N SER A 261 14.28 7.57 -85.80
CA SER A 261 14.12 8.95 -85.39
C SER A 261 12.83 9.14 -84.61
N LYS A 262 12.63 10.36 -84.09
CA LYS A 262 11.37 10.69 -83.44
C LYS A 262 10.20 10.54 -84.40
N SER A 263 10.37 10.97 -85.64
CA SER A 263 9.37 10.78 -86.69
C SER A 263 9.63 9.53 -87.52
N LEU A 264 10.63 8.74 -87.15
CA LEU A 264 10.97 7.49 -87.84
C LEU A 264 11.50 7.73 -89.25
N GLN A 265 11.79 8.99 -89.60
CA GLN A 265 12.24 9.27 -90.96
C GLN A 265 13.64 8.74 -91.21
N CYS A 266 14.54 8.85 -90.25
CA CYS A 266 15.91 8.39 -90.39
C CYS A 266 16.29 7.50 -89.22
N LEU A 267 17.17 6.53 -89.49
CA LEU A 267 17.55 5.53 -88.51
C LEU A 267 18.39 6.15 -87.40
N ARG A 268 18.64 5.34 -86.37
CA ARG A 268 19.49 5.74 -85.26
C ARG A 268 20.28 4.53 -84.80
N ASP A 269 21.40 4.78 -84.14
CA ASP A 269 22.22 3.70 -83.60
C ASP A 269 21.51 3.07 -82.40
N PRO A 270 21.90 1.85 -82.03
CA PRO A 270 21.30 1.22 -80.85
C PRO A 270 21.54 2.07 -79.61
N SER A 271 20.58 2.01 -78.69
CA SER A 271 20.57 2.94 -77.57
C SER A 271 21.88 2.93 -76.80
N LYS A 272 22.57 1.79 -76.75
CA LYS A 272 23.79 1.69 -75.97
C LYS A 272 24.95 2.40 -76.67
N LYS A 273 25.08 2.21 -77.99
CA LYS A 273 26.06 2.99 -78.72
C LYS A 273 25.75 4.48 -78.60
N SER A 274 24.48 4.85 -78.66
CA SER A 274 24.09 6.24 -78.50
C SER A 274 24.53 6.76 -77.13
N PHE A 275 24.33 5.95 -76.08
CA PHE A 275 24.72 6.36 -74.75
C PHE A 275 26.22 6.58 -74.65
N VAL A 276 27.01 5.64 -75.18
CA VAL A 276 28.46 5.76 -75.10
C VAL A 276 28.92 7.01 -75.84
N LYS A 277 28.39 7.22 -77.06
CA LYS A 277 28.77 8.39 -77.82
C LYS A 277 28.33 9.67 -77.12
N GLN A 278 27.15 9.65 -76.50
CA GLN A 278 26.68 10.83 -75.78
C GLN A 278 27.62 11.17 -74.64
N LEU A 279 28.05 10.17 -73.88
CA LEU A 279 28.97 10.43 -72.78
C LEU A 279 30.29 11.00 -73.29
N PHE A 280 30.84 10.39 -74.33
CA PHE A 280 32.12 10.89 -74.85
C PHE A 280 31.96 12.30 -75.41
N ASN A 281 30.85 12.57 -76.09
CA ASN A 281 30.60 13.91 -76.62
C ASN A 281 30.47 14.92 -75.49
N ASP A 282 29.81 14.52 -74.40
CA ASP A 282 29.72 15.41 -73.26
C ASP A 282 31.09 15.72 -72.69
N PHE A 283 31.95 14.70 -72.60
CA PHE A 283 33.30 14.94 -72.12
C PHE A 283 34.04 15.91 -73.03
N LEU A 284 33.92 15.71 -74.35
CA LEU A 284 34.57 16.61 -75.29
C LEU A 284 34.03 18.02 -75.14
N TYR A 285 32.73 18.16 -74.90
CA TYR A 285 32.16 19.49 -74.71
C TYR A 285 32.71 20.15 -73.45
N GLN A 286 32.77 19.40 -72.35
CA GLN A 286 33.37 19.95 -71.14
C GLN A 286 34.77 20.45 -71.43
N MET A 287 35.57 19.63 -72.13
CA MET A 287 36.92 20.04 -72.47
C MET A 287 36.92 21.32 -73.30
N LYS A 288 36.10 21.34 -74.35
CA LYS A 288 36.09 22.47 -75.28
C LYS A 288 35.64 23.75 -74.60
N GLU A 289 34.83 23.64 -73.55
CA GLU A 289 34.21 24.82 -72.95
C GLU A 289 34.86 25.28 -71.66
N TYR A 290 35.59 24.40 -70.95
CA TYR A 290 36.08 24.74 -69.63
C TYR A 290 37.53 24.36 -69.40
N GLY A 291 38.31 24.10 -70.45
CA GLY A 291 39.74 23.90 -70.30
C GLY A 291 40.12 22.46 -70.03
N ILE A 292 41.43 22.24 -69.97
CA ILE A 292 41.96 20.89 -69.84
C ILE A 292 41.58 20.30 -68.49
N TYR A 293 41.80 21.05 -67.41
CA TYR A 293 41.58 20.50 -66.08
C TYR A 293 40.13 20.13 -65.86
N ALA A 294 39.21 20.92 -66.42
CA ALA A 294 37.82 20.51 -66.43
C ALA A 294 37.70 19.09 -66.98
N ALA A 295 38.33 18.82 -68.13
CA ALA A 295 38.32 17.47 -68.66
C ALA A 295 38.97 16.49 -67.69
N SER A 296 40.00 16.93 -66.97
CA SER A 296 40.68 16.02 -66.05
C SER A 296 39.73 15.53 -64.96
N ILE A 297 38.86 16.41 -64.47
CA ILE A 297 37.83 15.97 -63.52
C ILE A 297 36.75 15.15 -64.22
N ALA A 298 36.27 15.63 -65.37
CA ALA A 298 35.13 14.98 -66.02
C ALA A 298 35.46 13.54 -66.39
N ILE A 299 36.70 13.28 -66.77
CA ILE A 299 37.08 11.93 -67.19
C ILE A 299 36.86 10.96 -66.05
N ILE A 300 37.02 11.42 -64.81
CA ILE A 300 36.81 10.55 -63.66
C ILE A 300 35.32 10.19 -63.52
N SER A 301 34.45 11.16 -63.77
CA SER A 301 33.02 10.85 -63.79
C SER A 301 32.71 9.84 -64.87
N LEU A 302 33.36 9.97 -66.02
CA LEU A 302 33.18 8.96 -67.07
C LEU A 302 33.65 7.59 -66.61
N ILE A 303 34.79 7.52 -65.94
CA ILE A 303 35.28 6.25 -65.42
C ILE A 303 34.25 5.63 -64.50
N VAL A 304 33.72 6.42 -63.57
CA VAL A 304 32.75 5.89 -62.63
C VAL A 304 31.51 5.40 -63.38
N GLU A 305 31.03 6.17 -64.34
CA GLU A 305 29.81 5.79 -65.05
C GLU A 305 30.02 4.49 -65.81
N PHE A 306 31.16 4.35 -66.48
CA PHE A 306 31.40 3.11 -67.21
C PHE A 306 31.56 1.93 -66.26
N ASP A 307 32.16 2.13 -65.09
CA ASP A 307 32.24 1.03 -64.14
C ASP A 307 30.85 0.62 -63.67
N ILE A 308 29.99 1.60 -63.39
CA ILE A 308 28.63 1.29 -62.97
C ILE A 308 27.90 0.54 -64.06
N LYS A 309 28.07 0.95 -65.31
CA LYS A 309 27.42 0.21 -66.40
C LYS A 309 27.97 -1.20 -66.52
N ARG A 310 29.30 -1.36 -66.39
CA ARG A 310 29.88 -2.70 -66.36
C ARG A 310 29.18 -3.54 -65.30
N ARG A 311 28.95 -2.98 -64.12
CA ARG A 311 28.23 -3.72 -63.09
C ARG A 311 26.81 -4.05 -63.55
N GLN A 312 26.09 -3.06 -64.07
CA GLN A 312 24.72 -3.29 -64.51
C GLN A 312 24.67 -4.16 -65.75
N ALA A 313 25.74 -4.19 -66.52
CA ALA A 313 25.72 -4.87 -67.82
C ALA A 313 25.22 -6.31 -67.66
N GLU A 314 24.69 -6.85 -68.75
CA GLU A 314 24.04 -8.16 -68.72
C GLU A 314 24.42 -9.05 -69.90
N THR A 315 25.54 -8.77 -70.57
CA THR A 315 25.96 -9.62 -71.68
C THR A 315 27.45 -9.41 -71.92
N LEU A 316 28.12 -10.48 -72.34
CA LEU A 316 29.57 -10.41 -72.50
C LEU A 316 29.96 -9.40 -73.56
N SER A 317 29.21 -9.31 -74.65
CA SER A 317 29.54 -8.34 -75.69
C SER A 317 29.45 -6.91 -75.16
N VAL A 318 28.31 -6.57 -74.55
CA VAL A 318 28.13 -5.21 -74.04
C VAL A 318 29.14 -4.93 -72.94
N LYS A 319 29.40 -5.93 -72.09
CA LYS A 319 30.39 -5.75 -71.04
C LYS A 319 31.75 -5.44 -71.65
N LEU A 320 32.13 -6.17 -72.69
CA LEU A 320 33.43 -5.94 -73.31
C LEU A 320 33.49 -4.54 -73.90
N MET A 321 32.41 -4.11 -74.54
CA MET A 321 32.36 -2.74 -75.04
C MET A 321 32.61 -1.74 -73.92
N HIS A 322 31.91 -1.90 -72.81
CA HIS A 322 32.04 -0.94 -71.72
C HIS A 322 33.44 -0.97 -71.11
N ARG A 323 34.02 -2.17 -70.97
CA ARG A 323 35.37 -2.27 -70.40
C ARG A 323 36.39 -1.58 -71.29
N THR A 324 36.28 -1.78 -72.61
CA THR A 324 37.17 -1.08 -73.53
C THR A 324 36.97 0.42 -73.47
N ALA A 325 35.72 0.87 -73.35
CA ALA A 325 35.47 2.29 -73.19
C ALA A 325 36.15 2.81 -71.94
N LEU A 326 36.08 2.05 -70.85
CA LEU A 326 36.78 2.42 -69.63
C LEU A 326 38.27 2.52 -69.87
N THR A 327 38.83 1.57 -70.61
CA THR A 327 40.27 1.61 -70.90
C THR A 327 40.64 2.88 -71.63
N LEU A 328 39.87 3.24 -72.67
CA LEU A 328 40.19 4.46 -73.41
C LEU A 328 39.99 5.69 -72.55
N CYS A 329 38.98 5.70 -71.70
CA CYS A 329 38.80 6.83 -70.80
C CYS A 329 39.99 6.99 -69.86
N GLU A 330 40.53 5.88 -69.35
CA GLU A 330 41.69 6.00 -68.49
C GLU A 330 42.92 6.45 -69.26
N LYS A 331 43.07 6.01 -70.51
CA LYS A 331 44.16 6.52 -71.32
C LYS A 331 44.03 8.04 -71.50
N ILE A 332 42.80 8.51 -71.72
CA ILE A 332 42.55 9.94 -71.81
C ILE A 332 42.92 10.63 -70.50
N ARG A 333 42.57 10.00 -69.37
CA ARG A 333 42.92 10.55 -68.07
C ARG A 333 44.43 10.73 -67.96
N HIS A 334 45.18 9.71 -68.34
CA HIS A 334 46.64 9.82 -68.26
C HIS A 334 47.14 10.91 -69.20
N LEU A 335 46.53 11.03 -70.38
CA LEU A 335 46.89 12.11 -71.29
C LEU A 335 46.71 13.46 -70.62
N LEU A 336 45.53 13.68 -70.03
CA LEU A 336 45.25 14.97 -69.40
C LEU A 336 46.25 15.25 -68.29
N VAL A 337 46.49 14.26 -67.43
CA VAL A 337 47.41 14.46 -66.33
C VAL A 337 48.82 14.70 -66.86
N GLN A 338 49.12 14.17 -68.04
CA GLN A 338 50.45 14.37 -68.62
C GLN A 338 50.68 15.84 -68.95
N LYS A 339 49.72 16.46 -69.63
CA LYS A 339 49.89 17.86 -70.01
C LYS A 339 49.71 18.77 -68.81
N LEU A 340 48.97 18.32 -67.79
CA LEU A 340 48.94 19.07 -66.54
C LEU A 340 50.27 18.98 -65.82
N GLN A 341 50.98 17.86 -65.97
CA GLN A 341 52.27 17.67 -65.32
C GLN A 341 53.38 18.42 -66.03
N ASP A 342 53.30 18.58 -67.35
CA ASP A 342 54.38 19.23 -68.08
C ASP A 342 54.25 20.75 -67.97
N MET A 343 54.03 21.24 -66.75
CA MET A 343 54.16 22.66 -66.45
C MET A 343 54.76 22.91 -65.08
N THR A 344 55.08 21.88 -64.31
CA THR A 344 55.61 22.03 -62.96
C THR A 344 56.99 22.70 -62.98
N TYR A 345 57.57 22.83 -64.17
CA TYR A 345 58.85 23.55 -64.28
C TYR A 345 58.72 24.98 -63.78
N ASP A 346 57.51 25.53 -63.75
CA ASP A 346 57.31 26.88 -63.24
C ASP A 346 57.70 26.95 -61.76
N ASP A 347 57.29 25.97 -60.98
CA ASP A 347 57.57 25.97 -59.55
C ASP A 347 57.17 24.62 -58.97
N ASP A 348 57.53 24.40 -57.71
CA ASP A 348 57.31 23.13 -57.04
C ASP A 348 56.16 23.16 -56.04
N ASP A 349 55.71 24.33 -55.61
CA ASP A 349 54.64 24.42 -54.62
C ASP A 349 53.31 24.03 -55.24
N ASP A 350 52.86 22.79 -55.00
CA ASP A 350 51.71 22.25 -55.72
C ASP A 350 50.42 22.97 -55.41
N ASN A 351 50.33 23.71 -54.30
CA ASN A 351 49.10 24.44 -53.99
C ASN A 351 48.98 25.68 -54.86
N VAL A 352 49.93 26.60 -54.73
CA VAL A 352 49.98 27.73 -55.63
C VAL A 352 50.18 27.29 -57.07
N ASN A 353 50.87 26.16 -57.30
CA ASN A 353 50.94 25.63 -58.65
C ASN A 353 49.57 25.21 -59.16
N THR A 354 48.75 24.62 -58.29
CA THR A 354 47.39 24.27 -58.68
C THR A 354 46.62 25.52 -59.05
N GLU A 355 46.71 26.54 -58.21
CA GLU A 355 46.08 27.82 -58.53
C GLU A 355 46.56 28.33 -59.89
N GLU A 356 47.87 28.28 -60.12
CA GLU A 356 48.46 28.87 -61.31
C GLU A 356 48.05 28.10 -62.56
N VAL A 357 48.07 26.78 -62.50
CA VAL A 357 47.68 25.96 -63.65
C VAL A 357 46.18 26.12 -63.93
N ILE A 358 45.38 26.21 -62.87
CA ILE A 358 43.96 26.45 -63.06
C ILE A 358 43.75 27.77 -63.79
N MET A 359 44.46 28.81 -63.36
CA MET A 359 44.41 30.08 -64.06
C MET A 359 44.93 29.98 -65.50
N ASN A 360 45.84 29.05 -65.77
CA ASN A 360 46.51 28.97 -67.07
C ASN A 360 45.94 27.92 -67.99
N PHE A 361 45.48 26.79 -67.44
CA PHE A 361 44.93 25.70 -68.24
C PHE A 361 43.42 25.75 -68.32
N SER A 362 42.85 26.95 -68.37
CA SER A 362 41.41 27.12 -68.44
C SER A 362 41.09 28.21 -69.45
N THR A 363 39.89 28.13 -70.01
CA THR A 363 39.43 29.15 -70.93
C THR A 363 39.23 30.47 -70.19
N PRO A 364 39.30 31.59 -70.91
CA PRO A 364 39.09 32.88 -70.23
C PRO A 364 37.80 32.93 -69.47
N LYS A 365 36.77 32.22 -69.93
CA LYS A 365 35.51 32.17 -69.20
C LYS A 365 35.71 31.56 -67.81
N VAL A 366 36.39 30.42 -67.73
CA VAL A 366 36.60 29.77 -66.46
C VAL A 366 37.48 30.64 -65.55
N GLN A 367 38.57 31.17 -66.11
CA GLN A 367 39.44 32.04 -65.35
C GLN A 367 38.65 33.22 -64.78
N ARG A 368 37.84 33.85 -65.61
CA ARG A 368 37.07 35.02 -65.17
C ARG A 368 36.07 34.64 -64.09
N PHE A 369 35.35 33.53 -64.28
CA PHE A 369 34.37 33.15 -63.27
C PHE A 369 35.04 32.89 -61.94
N LEU A 370 36.14 32.13 -61.94
CA LEU A 370 36.79 31.79 -60.67
C LEU A 370 37.44 33.03 -60.05
N MET A 371 37.90 33.94 -60.89
CA MET A 371 38.38 35.24 -60.43
C MET A 371 37.30 35.98 -59.66
N SER A 372 36.12 36.13 -60.28
CA SER A 372 35.02 36.81 -59.62
C SER A 372 34.63 36.10 -58.34
N LEU A 373 34.66 34.78 -58.36
CA LEU A 373 34.34 34.00 -57.17
C LEU A 373 35.33 34.32 -56.05
N LYS A 374 36.63 34.37 -56.36
CA LYS A 374 37.62 34.69 -55.34
C LYS A 374 37.42 36.08 -54.79
N VAL A 375 37.28 37.08 -55.67
CA VAL A 375 37.19 38.46 -55.21
C VAL A 375 35.91 38.73 -54.45
N SER A 376 34.82 38.04 -54.77
CA SER A 376 33.56 38.32 -54.11
C SER A 376 33.52 37.81 -52.68
N PHE A 377 34.30 36.78 -52.36
CA PHE A 377 34.26 36.11 -51.06
C PHE A 377 35.66 35.87 -50.53
N ALA A 378 36.50 36.90 -50.57
CA ALA A 378 37.91 36.74 -50.22
C ALA A 378 38.08 36.16 -48.82
N ASP A 379 37.64 36.89 -47.79
CA ASP A 379 37.80 36.48 -46.41
C ASP A 379 36.57 36.84 -45.58
N LYS A 380 35.40 36.48 -46.09
CA LYS A 380 34.17 36.66 -45.34
C LYS A 380 33.84 35.39 -44.56
N ASP A 381 32.97 35.54 -43.57
CA ASP A 381 32.55 34.40 -42.77
C ASP A 381 31.75 33.45 -43.65
N PRO A 382 32.06 32.15 -43.66
CA PRO A 382 31.23 31.22 -44.44
C PRO A 382 29.76 31.33 -44.10
N LYS A 383 29.43 31.61 -42.84
CA LYS A 383 28.03 31.76 -42.44
C LYS A 383 27.37 32.92 -43.18
N ASP A 384 28.07 34.05 -43.31
CA ASP A 384 27.46 35.25 -43.87
C ASP A 384 27.13 35.13 -45.36
N ILE A 385 27.69 34.16 -46.05
CA ILE A 385 27.53 34.07 -47.50
C ILE A 385 26.62 32.91 -47.84
N CYS A 386 25.79 33.11 -48.86
CA CYS A 386 24.90 32.06 -49.36
C CYS A 386 24.71 32.33 -50.85
N CYS A 387 25.33 31.50 -51.68
CA CYS A 387 25.36 31.75 -53.11
C CYS A 387 25.05 30.47 -53.88
N LEU A 388 24.55 30.68 -55.11
CA LEU A 388 24.26 29.60 -56.05
C LEU A 388 25.03 29.88 -57.34
N VAL A 389 25.39 28.82 -58.05
CA VAL A 389 25.93 28.94 -59.40
C VAL A 389 25.15 28.01 -60.32
N PHE A 390 24.71 28.55 -61.45
CA PHE A 390 23.92 27.81 -62.42
C PHE A 390 24.76 27.49 -63.65
N VAL A 391 24.66 26.25 -64.13
CA VAL A 391 25.33 25.81 -65.34
C VAL A 391 24.34 25.00 -66.17
N GLU A 392 24.64 24.88 -67.46
CA GLU A 392 23.68 24.28 -68.38
C GLU A 392 23.74 22.75 -68.35
N ARG A 393 24.88 22.18 -68.73
CA ARG A 393 24.95 20.76 -69.03
C ARG A 393 25.16 19.93 -67.76
N ARG A 394 24.70 18.68 -67.81
CA ARG A 394 24.61 17.83 -66.63
C ARG A 394 25.96 17.60 -65.95
N TYR A 395 26.84 16.88 -66.63
CA TYR A 395 28.13 16.54 -66.03
C TYR A 395 29.00 17.76 -65.82
N THR A 396 28.65 18.89 -66.44
CA THR A 396 29.38 20.12 -66.16
C THR A 396 29.30 20.48 -64.69
N CYS A 397 28.15 20.21 -64.06
CA CYS A 397 28.02 20.46 -62.63
C CYS A 397 29.09 19.73 -61.85
N LYS A 398 29.21 18.41 -62.06
CA LYS A 398 30.16 17.63 -61.31
C LYS A 398 31.59 18.01 -61.65
N CYS A 399 31.86 18.25 -62.94
CA CYS A 399 33.19 18.66 -63.36
C CYS A 399 33.62 19.94 -62.67
N ILE A 400 32.80 20.98 -62.78
CA ILE A 400 33.14 22.27 -62.22
C ILE A 400 33.17 22.19 -60.70
N TYR A 401 32.33 21.33 -60.12
CA TYR A 401 32.34 21.12 -58.69
C TYR A 401 33.69 20.58 -58.23
N GLY A 402 34.21 19.59 -58.95
CA GLY A 402 35.54 19.11 -58.64
C GLY A 402 36.59 20.19 -58.82
N LEU A 403 36.45 21.01 -59.86
CA LEU A 403 37.42 22.09 -60.07
C LEU A 403 37.41 23.05 -58.89
N LEU A 404 36.21 23.44 -58.42
CA LEU A 404 36.12 24.29 -57.25
C LEU A 404 36.69 23.62 -56.01
N LEU A 405 36.48 22.32 -55.86
CA LEU A 405 37.09 21.65 -54.72
C LEU A 405 38.61 21.78 -54.76
N ASN A 406 39.20 21.56 -55.94
CA ASN A 406 40.64 21.74 -56.08
C ASN A 406 41.06 23.17 -55.74
N TYR A 407 40.36 24.16 -56.31
CA TYR A 407 40.75 25.55 -56.06
C TYR A 407 40.60 25.91 -54.59
N ILE A 408 39.49 25.48 -53.97
CA ILE A 408 39.30 25.74 -52.55
C ILE A 408 40.45 25.15 -51.75
N GLN A 409 40.85 23.94 -52.08
CA GLN A 409 42.10 23.43 -51.51
C GLN A 409 43.27 23.74 -52.43
N SER A 410 43.30 24.99 -52.88
CA SER A 410 44.47 25.56 -53.54
C SER A 410 44.82 26.97 -53.07
N THR A 411 43.88 27.71 -52.48
CA THR A 411 44.12 29.07 -52.04
C THR A 411 43.99 29.17 -50.52
N PRO A 412 44.74 30.07 -49.89
CA PRO A 412 44.63 30.21 -48.43
C PRO A 412 43.43 31.04 -48.01
N GLU A 413 43.07 32.05 -48.80
CA GLU A 413 42.04 32.99 -48.38
C GLU A 413 40.63 32.43 -48.55
N LEU A 414 40.42 31.53 -49.51
CA LEU A 414 39.12 30.92 -49.74
C LEU A 414 38.99 29.55 -49.10
N ARG A 415 40.04 29.07 -48.43
CA ARG A 415 40.08 27.67 -48.04
C ARG A 415 38.93 27.31 -47.10
N ASN A 416 38.64 28.15 -46.12
CA ASN A 416 37.72 27.79 -45.05
C ASN A 416 36.47 28.66 -45.05
N VAL A 417 36.11 29.22 -46.21
CA VAL A 417 34.94 30.08 -46.33
C VAL A 417 33.89 29.49 -47.26
N LEU A 418 34.32 28.79 -48.30
CA LEU A 418 33.43 28.29 -49.35
C LEU A 418 33.26 26.78 -49.21
N THR A 419 32.02 26.32 -49.32
CA THR A 419 31.68 24.90 -49.22
C THR A 419 30.90 24.51 -50.47
N PRO A 420 31.58 24.00 -51.51
CA PRO A 420 30.86 23.66 -52.74
C PRO A 420 30.03 22.40 -52.57
N GLN A 421 28.82 22.43 -53.13
CA GLN A 421 27.96 21.27 -53.18
C GLN A 421 27.17 21.32 -54.47
N PHE A 422 26.99 20.16 -55.09
CA PHE A 422 26.36 20.08 -56.40
C PHE A 422 25.25 19.05 -56.38
N MET A 423 24.19 19.32 -57.12
CA MET A 423 23.09 18.38 -57.25
C MET A 423 22.45 18.60 -58.62
N VAL A 424 22.00 17.51 -59.23
CA VAL A 424 21.43 17.54 -60.56
C VAL A 424 20.05 16.88 -60.52
N GLY A 425 19.40 16.84 -61.67
CA GLY A 425 18.06 16.32 -61.79
C GLY A 425 18.02 14.80 -61.82
N ARG A 426 17.17 14.28 -62.70
CA ARG A 426 17.00 12.84 -62.80
C ARG A 426 18.19 12.22 -63.55
N ASN A 427 18.13 10.91 -63.71
CA ASN A 427 19.29 10.15 -64.17
C ASN A 427 20.49 10.56 -63.32
N ASN A 428 20.31 10.39 -62.02
CA ASN A 428 21.20 11.00 -61.03
C ASN A 428 22.63 10.53 -61.21
N ILE A 429 23.50 11.44 -61.64
CA ILE A 429 24.91 11.11 -61.79
C ILE A 429 25.45 10.67 -60.43
N SER A 430 26.50 9.84 -60.48
CA SER A 430 27.09 9.35 -59.24
C SER A 430 27.57 10.53 -58.40
N PRO A 431 27.44 10.44 -57.07
CA PRO A 431 27.87 11.57 -56.23
C PRO A 431 29.35 11.54 -55.87
N ASP A 432 30.05 10.44 -56.11
CA ASP A 432 31.40 10.26 -55.59
C ASP A 432 32.43 10.28 -56.71
N PHE A 433 33.69 10.11 -56.30
CA PHE A 433 34.81 9.90 -57.20
C PHE A 433 35.67 8.76 -56.66
N GLU A 434 35.03 7.66 -56.28
CA GLU A 434 35.74 6.57 -55.63
C GLU A 434 35.49 5.19 -56.23
N SER A 435 34.36 4.95 -56.88
CA SER A 435 34.08 3.66 -57.51
C SER A 435 33.83 2.55 -56.50
N VAL A 436 33.83 2.86 -55.21
CA VAL A 436 33.39 1.90 -54.21
C VAL A 436 31.87 1.90 -54.22
N LEU A 437 31.27 0.73 -54.41
CA LEU A 437 29.85 0.63 -54.75
C LEU A 437 28.93 1.29 -53.73
N GLU A 438 29.35 1.40 -52.47
CA GLU A 438 28.51 2.01 -51.45
C GLU A 438 29.32 3.04 -50.68
N ARG A 439 28.64 4.09 -50.24
CA ARG A 439 29.27 5.14 -49.45
C ARG A 439 28.59 5.29 -48.10
N LYS A 440 29.38 5.82 -47.17
CA LYS A 440 29.00 5.93 -45.77
C LYS A 440 28.25 7.23 -45.48
N TRP A 441 28.57 8.30 -46.21
CA TRP A 441 27.85 9.55 -46.05
C TRP A 441 26.44 9.41 -46.61
N GLN A 442 25.45 9.90 -45.86
CA GLN A 442 24.06 9.72 -46.25
C GLN A 442 23.32 11.04 -46.47
N LYS A 443 23.73 12.10 -45.79
CA LYS A 443 22.99 13.35 -45.84
C LYS A 443 22.94 13.90 -47.26
N SER A 444 21.80 14.52 -47.60
CA SER A 444 21.55 14.99 -48.95
C SER A 444 22.02 16.44 -49.13
N ALA A 445 22.28 16.80 -50.39
CA ALA A 445 22.84 18.11 -50.68
C ALA A 445 21.82 19.22 -50.43
N ILE A 446 20.59 19.06 -50.91
CA ILE A 446 19.58 20.11 -50.74
C ILE A 446 19.34 20.33 -49.25
N GLN A 447 19.24 19.24 -48.48
CA GLN A 447 19.07 19.39 -47.04
C GLN A 447 20.29 20.04 -46.40
N GLN A 448 21.48 19.80 -46.94
CA GLN A 448 22.67 20.47 -46.44
C GLN A 448 22.58 21.97 -46.62
N PHE A 449 22.25 22.40 -47.84
CA PHE A 449 22.15 23.82 -48.13
C PHE A 449 21.05 24.46 -47.29
N ARG A 450 19.92 23.77 -47.15
CA ARG A 450 18.86 24.27 -46.28
C ARG A 450 19.34 24.35 -44.83
N ASP A 451 20.21 23.42 -44.43
CA ASP A 451 20.74 23.39 -43.07
C ASP A 451 22.00 24.23 -42.91
N GLY A 452 22.50 24.82 -43.99
CA GLY A 452 23.66 25.68 -43.93
C GLY A 452 24.98 24.95 -43.96
N ASN A 453 24.97 23.62 -43.97
CA ASN A 453 26.22 22.87 -44.00
C ASN A 453 27.01 23.19 -45.25
N ALA A 454 26.34 23.32 -46.39
CA ALA A 454 26.95 23.72 -47.63
C ALA A 454 26.47 25.13 -47.98
N ASN A 455 27.38 25.94 -48.51
CA ASN A 455 27.07 27.32 -48.85
C ASN A 455 27.21 27.63 -50.33
N LEU A 456 27.91 26.79 -51.09
CA LEU A 456 28.16 27.02 -52.50
C LEU A 456 27.50 25.90 -53.29
N MET A 457 26.51 26.26 -54.11
CA MET A 457 25.64 25.31 -54.78
C MET A 457 25.91 25.30 -56.28
N ILE A 458 26.14 24.12 -56.84
CA ILE A 458 26.38 23.93 -58.26
C ILE A 458 25.22 23.08 -58.80
N CYS A 459 24.22 23.74 -59.38
CA CYS A 459 23.07 23.06 -59.98
C CYS A 459 22.92 23.48 -61.44
N SER A 460 22.03 22.80 -62.15
CA SER A 460 21.74 23.09 -63.56
C SER A 460 20.24 23.11 -63.77
N SER A 461 19.65 24.30 -63.61
CA SER A 461 18.24 24.50 -63.92
C SER A 461 17.35 23.60 -63.09
N VAL A 462 17.91 22.98 -62.05
CA VAL A 462 17.10 22.14 -61.18
C VAL A 462 16.49 23.00 -60.06
N LEU A 463 17.34 23.70 -59.32
CA LEU A 463 16.89 24.49 -58.19
C LEU A 463 16.13 25.73 -58.62
N GLU A 464 16.16 26.08 -59.91
CA GLU A 464 15.55 27.34 -60.34
C GLU A 464 14.04 27.33 -60.14
N GLU A 465 13.40 26.16 -60.31
CA GLU A 465 11.97 26.05 -60.15
C GLU A 465 11.66 25.33 -58.84
N GLY A 466 10.70 25.85 -58.09
CA GLY A 466 10.09 25.09 -57.02
C GLY A 466 10.92 24.94 -55.76
N ILE A 467 12.10 24.33 -55.87
CA ILE A 467 12.82 23.89 -54.68
C ILE A 467 13.02 25.07 -53.74
N ASP A 468 12.39 25.00 -52.58
CA ASP A 468 12.52 26.06 -51.59
C ASP A 468 13.95 26.09 -51.05
N VAL A 469 14.50 27.29 -50.92
CA VAL A 469 15.82 27.49 -50.36
C VAL A 469 15.83 28.84 -49.65
N GLN A 470 16.65 28.93 -48.61
CA GLN A 470 16.79 30.20 -47.91
C GLN A 470 17.28 31.27 -48.89
N ALA A 471 16.96 32.53 -48.57
CA ALA A 471 17.40 33.62 -49.42
C ALA A 471 18.92 33.56 -49.57
N CYS A 472 19.38 33.70 -50.81
CA CYS A 472 20.79 33.51 -51.13
C CYS A 472 21.45 34.84 -51.47
N ASN A 473 22.68 35.01 -51.00
CA ASN A 473 23.38 36.29 -51.15
C ASN A 473 23.73 36.57 -52.61
N HIS A 474 24.27 35.59 -53.32
CA HIS A 474 24.75 35.79 -54.67
C HIS A 474 24.28 34.67 -55.58
N VAL A 475 24.11 35.01 -56.86
CA VAL A 475 23.73 34.04 -57.89
C VAL A 475 24.66 34.26 -59.07
N PHE A 476 25.30 33.18 -59.53
CA PHE A 476 26.22 33.23 -60.64
C PHE A 476 25.70 32.34 -61.74
N ILE A 477 25.38 32.92 -62.89
CA ILE A 477 24.87 32.14 -64.01
C ILE A 477 26.06 31.87 -64.94
N LEU A 478 26.74 30.76 -64.70
CA LEU A 478 28.00 30.51 -65.41
C LEU A 478 27.75 30.39 -66.91
N ASP A 479 26.69 29.68 -67.31
CA ASP A 479 26.41 29.55 -68.73
C ASP A 479 25.40 30.61 -69.16
N PRO A 480 25.47 31.07 -70.40
CA PRO A 480 24.68 32.24 -70.81
C PRO A 480 23.19 32.04 -70.56
N VAL A 481 22.50 33.14 -70.25
CA VAL A 481 21.05 33.12 -70.10
C VAL A 481 20.40 32.78 -71.43
N LYS A 482 19.35 32.00 -71.37
CA LYS A 482 18.67 31.60 -72.60
C LYS A 482 17.18 31.89 -72.58
N THR A 483 16.49 31.63 -71.47
CA THR A 483 15.04 31.75 -71.41
C THR A 483 14.63 32.85 -70.46
N PHE A 484 13.62 33.63 -70.89
CA PHE A 484 13.06 34.67 -70.05
C PHE A 484 12.58 34.13 -68.72
N ASN A 485 11.75 33.09 -68.74
CA ASN A 485 11.19 32.59 -67.49
C ASN A 485 12.30 32.14 -66.55
N MET A 486 13.31 31.42 -67.09
CA MET A 486 14.41 30.97 -66.25
C MET A 486 15.20 32.16 -65.71
N TYR A 487 15.40 33.18 -66.54
CA TYR A 487 16.04 34.40 -66.03
C TYR A 487 15.27 34.96 -64.85
N VAL A 488 13.95 35.09 -65.00
CA VAL A 488 13.14 35.66 -63.93
C VAL A 488 13.28 34.83 -62.67
N GLN A 489 13.23 33.51 -62.80
CA GLN A 489 13.25 32.65 -61.62
C GLN A 489 14.62 32.65 -60.96
N SER A 490 15.69 32.62 -61.76
CA SER A 490 17.03 32.66 -61.19
C SER A 490 17.27 33.98 -60.47
N LYS A 491 16.82 35.08 -61.05
CA LYS A 491 16.92 36.36 -60.35
C LYS A 491 16.13 36.31 -59.04
N GLY A 492 14.92 35.77 -59.09
CA GLY A 492 14.12 35.66 -57.88
C GLY A 492 14.75 34.80 -56.81
N ARG A 493 15.58 33.84 -57.20
CA ARG A 493 16.26 33.00 -56.22
C ARG A 493 17.13 33.85 -55.30
N ALA A 494 17.74 34.90 -55.83
CA ALA A 494 18.48 35.84 -55.00
C ALA A 494 17.48 36.69 -54.22
N ARG A 495 16.76 36.06 -53.31
CA ARG A 495 15.61 36.67 -52.65
C ARG A 495 15.98 37.52 -51.45
N THR A 496 17.25 37.59 -51.09
CA THR A 496 17.67 38.42 -49.98
C THR A 496 17.87 39.86 -50.41
N THR A 497 17.83 40.76 -49.45
CA THR A 497 18.16 42.16 -49.70
C THR A 497 19.63 42.26 -50.09
N GLU A 498 19.98 43.36 -50.77
CA GLU A 498 21.31 43.59 -51.30
C GLU A 498 21.88 42.38 -52.04
N ALA A 499 21.01 41.54 -52.58
CA ALA A 499 21.46 40.37 -53.31
C ALA A 499 22.17 40.77 -54.60
N LYS A 500 23.25 40.06 -54.92
CA LYS A 500 24.04 40.32 -56.11
C LYS A 500 23.79 39.23 -57.14
N PHE A 501 23.56 39.64 -58.39
CA PHE A 501 23.35 38.73 -59.51
C PHE A 501 24.46 38.90 -60.52
N VAL A 502 25.00 37.79 -61.00
CA VAL A 502 26.18 37.79 -61.87
C VAL A 502 25.86 37.02 -63.14
N LEU A 503 26.40 37.50 -64.26
CA LEU A 503 26.23 36.86 -65.56
C LEU A 503 27.57 36.81 -66.28
N PHE A 504 27.77 35.76 -67.08
CA PHE A 504 29.00 35.59 -67.85
C PHE A 504 28.63 35.36 -69.30
N THR A 505 29.15 36.20 -70.19
CA THR A 505 28.96 36.06 -71.63
C THR A 505 30.25 36.45 -72.34
N ALA A 506 30.40 35.94 -73.55
CA ALA A 506 31.56 36.26 -74.35
C ALA A 506 31.52 37.72 -74.80
N ASP A 507 32.69 38.28 -75.04
CA ASP A 507 32.77 39.64 -75.55
C ASP A 507 32.00 39.79 -76.86
N LYS A 508 32.16 38.85 -77.79
CA LYS A 508 31.48 38.92 -79.06
C LYS A 508 29.96 38.88 -78.90
N GLU A 509 29.47 38.25 -77.84
CA GLU A 509 28.05 38.13 -77.60
C GLU A 509 27.49 39.26 -76.75
N ARG A 510 28.30 40.28 -76.45
CA ARG A 510 27.84 41.30 -75.52
C ARG A 510 26.65 42.08 -76.06
N GLU A 511 26.74 42.57 -77.30
CA GLU A 511 25.62 43.33 -77.83
C GLU A 511 24.38 42.47 -77.93
N LYS A 512 24.52 41.23 -78.40
CA LYS A 512 23.36 40.37 -78.56
C LYS A 512 22.72 40.07 -77.21
N THR A 513 23.53 39.71 -76.21
CA THR A 513 23.00 39.38 -74.91
C THR A 513 22.40 40.59 -74.20
N ILE A 514 23.01 41.77 -74.33
CA ILE A 514 22.45 42.94 -73.68
C ILE A 514 21.15 43.35 -74.36
N GLN A 515 21.07 43.25 -75.69
CA GLN A 515 19.80 43.52 -76.35
C GLN A 515 18.74 42.52 -75.92
N GLN A 516 19.13 41.25 -75.76
CA GLN A 516 18.18 40.24 -75.29
C GLN A 516 17.70 40.55 -73.89
N ILE A 517 18.60 40.97 -73.01
CA ILE A 517 18.20 41.30 -71.66
C ILE A 517 17.32 42.53 -71.63
N TYR A 518 17.57 43.51 -72.50
CA TYR A 518 16.63 44.62 -72.61
C TYR A 518 15.28 44.15 -73.11
N GLN A 519 15.26 43.21 -74.06
CA GLN A 519 13.99 42.61 -74.47
C GLN A 519 13.28 42.02 -73.28
N TYR A 520 14.02 41.31 -72.43
CA TYR A 520 13.42 40.67 -71.27
C TYR A 520 12.89 41.70 -70.28
N ARG A 521 13.68 42.72 -69.97
CA ARG A 521 13.25 43.73 -69.01
C ARG A 521 12.04 44.49 -69.54
N LYS A 522 12.06 44.87 -70.81
CA LYS A 522 10.92 45.54 -71.41
C LYS A 522 9.70 44.62 -71.46
N ALA A 523 9.92 43.32 -71.61
CA ALA A 523 8.81 42.38 -71.56
C ALA A 523 8.21 42.32 -70.16
N HIS A 524 9.07 42.37 -69.14
CA HIS A 524 8.58 42.44 -67.78
C HIS A 524 7.77 43.72 -67.57
N ASN A 525 8.30 44.84 -68.02
CA ASN A 525 7.56 46.10 -67.91
C ASN A 525 6.25 46.01 -68.67
N ASP A 526 6.26 45.42 -69.86
CA ASP A 526 5.07 45.32 -70.67
C ASP A 526 4.01 44.47 -69.99
N ILE A 527 4.40 43.29 -69.50
CA ILE A 527 3.44 42.44 -68.82
C ILE A 527 2.89 43.15 -67.61
N ALA A 528 3.75 43.80 -66.82
CA ALA A 528 3.28 44.49 -65.63
C ALA A 528 2.27 45.57 -65.99
N GLU A 529 2.64 46.47 -66.90
CA GLU A 529 1.77 47.61 -67.19
C GLU A 529 0.51 47.18 -67.91
N TYR A 530 0.61 46.20 -68.81
CA TYR A 530 -0.57 45.72 -69.52
C TYR A 530 -1.53 45.02 -68.56
N LEU A 531 -1.01 44.28 -67.59
CA LEU A 531 -1.87 43.70 -66.58
C LEU A 531 -2.51 44.78 -65.73
N LYS A 532 -1.74 45.81 -65.37
CA LYS A 532 -2.27 46.88 -64.53
C LYS A 532 -3.40 47.64 -65.23
N ASP A 533 -3.13 48.13 -66.44
CA ASP A 533 -4.09 48.97 -67.14
C ASP A 533 -5.25 48.15 -67.71
N ARG A 534 -4.96 46.98 -68.28
CA ARG A 534 -6.03 46.16 -68.81
C ARG A 534 -7.02 45.85 -67.71
N VAL A 535 -8.26 46.26 -67.90
CA VAL A 535 -9.34 46.02 -66.96
C VAL A 535 -10.42 45.24 -67.69
N LEU A 536 -10.78 44.08 -67.16
CA LEU A 536 -11.83 43.26 -67.73
C LEU A 536 -12.86 42.97 -66.65
N GLU A 537 -14.13 43.23 -66.98
CA GLU A 537 -15.21 43.07 -66.01
C GLU A 537 -15.59 41.60 -65.82
N LYS A 538 -15.52 40.80 -66.89
CA LYS A 538 -16.01 39.43 -66.81
C LYS A 538 -15.10 38.57 -65.93
N THR A 539 -13.80 38.84 -65.93
CA THR A 539 -12.82 38.13 -65.10
C THR A 539 -12.94 36.62 -65.25
N GLU A 540 -13.47 36.15 -66.37
CA GLU A 540 -13.65 34.72 -66.61
C GLU A 540 -13.74 34.45 -68.10
N PRO A 541 -13.03 33.45 -68.62
CA PRO A 541 -13.20 33.10 -70.04
C PRO A 541 -14.58 32.52 -70.31
N GLU A 542 -15.02 32.65 -71.57
CA GLU A 542 -16.37 32.26 -71.94
C GLU A 542 -16.39 30.84 -72.52
N LEU A 543 -17.60 30.28 -72.61
CA LEU A 543 -17.75 28.90 -73.06
C LEU A 543 -17.32 28.73 -74.52
N TYR A 544 -17.73 29.65 -75.39
CA TYR A 544 -17.42 29.51 -76.80
C TYR A 544 -15.91 29.48 -77.03
N GLU A 545 -15.20 30.45 -76.45
CA GLU A 545 -13.76 30.48 -76.62
C GLU A 545 -13.11 29.28 -75.94
N ILE A 546 -13.69 28.80 -74.85
CA ILE A 546 -13.19 27.59 -74.20
C ILE A 546 -13.24 26.42 -75.16
N LYS A 547 -14.41 26.19 -75.76
CA LYS A 547 -14.57 25.08 -76.69
C LYS A 547 -13.63 25.24 -77.89
N GLY A 548 -13.54 26.45 -78.44
CA GLY A 548 -12.62 26.67 -79.53
C GLY A 548 -11.19 26.38 -79.15
N HIS A 549 -10.82 26.70 -77.91
CA HIS A 549 -9.48 26.39 -77.43
C HIS A 549 -9.23 24.90 -77.35
N PHE A 550 -10.20 24.12 -76.85
CA PHE A 550 -9.98 22.70 -76.66
C PHE A 550 -10.47 21.83 -77.80
N GLN A 551 -11.38 22.32 -78.64
CA GLN A 551 -11.84 21.51 -79.77
C GLN A 551 -10.71 21.20 -80.73
N ASP A 552 -9.60 21.94 -80.65
CA ASP A 552 -8.51 21.77 -81.61
C ASP A 552 -7.96 20.35 -81.60
N ASP A 553 -7.76 19.77 -80.41
CA ASP A 553 -7.11 18.48 -80.30
C ASP A 553 -8.15 17.36 -80.40
N ILE A 554 -7.66 16.13 -80.52
CA ILE A 554 -8.56 14.98 -80.61
C ILE A 554 -9.39 14.88 -79.35
N ASP A 555 -10.70 14.73 -79.52
CA ASP A 555 -11.58 14.60 -78.37
C ASP A 555 -11.24 13.35 -77.58
N PRO A 556 -11.40 13.38 -76.26
CA PRO A 556 -11.12 12.19 -75.45
C PRO A 556 -12.17 11.11 -75.67
N PHE A 557 -12.03 10.03 -74.92
CA PHE A 557 -12.97 8.92 -74.95
C PHE A 557 -13.42 8.58 -73.53
N THR A 558 -14.70 8.28 -73.39
CA THR A 558 -15.29 7.92 -72.12
C THR A 558 -16.18 6.69 -72.31
N ASN A 559 -16.25 5.86 -71.28
CA ASN A 559 -17.16 4.72 -71.28
C ASN A 559 -18.33 4.99 -70.33
N GLU A 560 -19.27 4.05 -70.30
CA GLU A 560 -20.43 4.20 -69.42
C GLU A 560 -20.03 4.27 -67.95
N ASN A 561 -18.88 3.71 -67.59
CA ASN A 561 -18.39 3.77 -66.23
C ASN A 561 -17.85 5.14 -65.85
N GLY A 562 -17.66 6.03 -66.82
CA GLY A 562 -17.11 7.35 -66.57
C GLY A 562 -15.61 7.46 -66.70
N ALA A 563 -14.91 6.34 -66.90
CA ALA A 563 -13.47 6.41 -67.11
C ALA A 563 -13.16 7.17 -68.38
N VAL A 564 -12.12 8.00 -68.34
CA VAL A 564 -11.74 8.87 -69.44
C VAL A 564 -10.39 8.43 -69.97
N LEU A 565 -10.32 8.20 -71.29
CA LEU A 565 -9.08 7.86 -71.96
C LEU A 565 -8.54 9.12 -72.62
N LEU A 566 -7.50 9.70 -72.05
CA LEU A 566 -6.90 10.89 -72.63
C LEU A 566 -6.00 10.50 -73.79
N PRO A 567 -6.16 11.11 -74.97
CA PRO A 567 -5.30 10.72 -76.10
C PRO A 567 -3.83 10.82 -75.78
N ASN A 568 -3.42 11.77 -74.95
CA ASN A 568 -2.03 11.83 -74.51
C ASN A 568 -1.69 10.69 -73.56
N ASN A 569 -2.68 9.95 -73.08
CA ASN A 569 -2.45 8.79 -72.23
C ASN A 569 -2.46 7.48 -73.00
N ALA A 570 -2.81 7.50 -74.30
CA ALA A 570 -3.04 6.25 -75.01
C ALA A 570 -1.76 5.44 -75.12
N LEU A 571 -0.67 6.05 -75.58
CA LEU A 571 0.58 5.31 -75.76
C LEU A 571 1.09 4.80 -74.43
N ALA A 572 0.96 5.61 -73.38
CA ALA A 572 1.38 5.16 -72.06
C ALA A 572 0.59 3.94 -71.62
N ILE A 573 -0.72 3.96 -71.83
CA ILE A 573 -1.54 2.81 -71.47
C ILE A 573 -1.11 1.58 -72.25
N LEU A 574 -0.86 1.75 -73.55
CA LEU A 574 -0.45 0.60 -74.37
C LEU A 574 0.87 0.02 -73.88
N HIS A 575 1.85 0.88 -73.62
CA HIS A 575 3.13 0.37 -73.16
C HIS A 575 3.00 -0.31 -71.80
N ARG A 576 2.23 0.27 -70.90
CA ARG A 576 2.01 -0.39 -69.61
C ARG A 576 1.38 -1.76 -69.79
N TYR A 577 0.35 -1.85 -70.63
CA TYR A 577 -0.31 -3.13 -70.85
C TYR A 577 0.64 -4.14 -71.42
N CYS A 578 1.45 -3.73 -72.40
CA CYS A 578 2.33 -4.68 -73.07
C CYS A 578 3.32 -5.32 -72.13
N GLN A 579 3.64 -4.67 -71.02
CA GLN A 579 4.64 -5.20 -70.10
C GLN A 579 4.05 -6.15 -69.07
N THR A 580 2.74 -6.40 -69.12
CA THR A 580 2.13 -7.45 -68.31
C THR A 580 1.95 -8.75 -69.08
N ILE A 581 1.88 -8.67 -70.41
CA ILE A 581 1.76 -9.89 -71.21
C ILE A 581 2.96 -10.81 -71.02
N PRO A 582 4.20 -10.36 -71.20
CA PRO A 582 5.33 -11.30 -71.13
C PRO A 582 5.42 -11.97 -69.77
N THR A 583 5.82 -13.23 -69.79
CA THR A 583 5.90 -14.06 -68.60
C THR A 583 7.33 -14.55 -68.38
N ASP A 584 8.31 -13.81 -68.87
CA ASP A 584 9.70 -14.22 -68.77
C ASP A 584 10.58 -12.98 -68.59
N ALA A 585 11.79 -13.22 -68.11
CA ALA A 585 12.79 -12.17 -68.03
C ALA A 585 13.17 -11.64 -69.39
N PHE A 586 13.21 -12.50 -70.41
CA PHE A 586 13.65 -12.12 -71.74
C PHE A 586 12.51 -11.80 -72.69
N GLY A 587 11.26 -11.91 -72.23
CA GLY A 587 10.12 -11.80 -73.12
C GLY A 587 9.56 -10.41 -73.35
N PHE A 588 10.22 -9.36 -72.86
CA PHE A 588 9.68 -8.02 -73.00
C PHE A 588 9.91 -7.50 -74.41
N VAL A 589 8.83 -7.10 -75.07
CA VAL A 589 8.87 -6.51 -76.40
C VAL A 589 7.89 -5.34 -76.41
N ILE A 590 8.00 -4.50 -77.44
CA ILE A 590 7.18 -3.29 -77.53
C ILE A 590 6.52 -3.26 -78.90
N PRO A 591 5.34 -2.66 -79.05
CA PRO A 591 4.74 -2.55 -80.38
C PRO A 591 5.68 -1.85 -81.34
N TRP A 592 5.70 -2.34 -82.58
CA TRP A 592 6.54 -1.77 -83.62
C TRP A 592 5.72 -0.71 -84.36
N PHE A 593 6.26 0.51 -84.40
CA PHE A 593 5.57 1.63 -85.03
C PHE A 593 6.10 1.83 -86.43
N HIS A 594 5.22 1.74 -87.42
CA HIS A 594 5.61 1.86 -88.82
C HIS A 594 4.73 2.91 -89.48
N VAL A 595 5.36 3.88 -90.12
CA VAL A 595 4.66 4.91 -90.87
C VAL A 595 4.54 4.45 -92.31
N LEU A 596 3.33 4.51 -92.86
CA LEU A 596 3.12 4.09 -94.23
C LEU A 596 3.87 4.99 -95.19
N GLN A 597 4.54 4.39 -96.17
CA GLN A 597 5.17 5.16 -97.22
C GLN A 597 4.11 5.79 -98.14
N GLU A 598 4.57 6.67 -99.02
CA GLU A 598 3.63 7.34 -99.91
C GLU A 598 2.86 6.33 -100.76
N ASP A 599 3.57 5.42 -101.43
CA ASP A 599 2.88 4.45 -102.28
C ASP A 599 2.00 3.52 -101.47
N GLU A 600 2.50 3.01 -100.34
CA GLU A 600 1.67 2.14 -99.51
C GLU A 600 0.50 2.89 -98.92
N ARG A 601 0.74 4.12 -98.43
CA ARG A 601 -0.36 4.92 -97.90
C ARG A 601 -1.43 5.12 -98.95
N ASP A 602 -1.03 5.44 -100.18
CA ASP A 602 -2.01 5.61 -101.25
C ASP A 602 -2.74 4.32 -101.51
N ARG A 603 -2.01 3.22 -101.73
CA ARG A 603 -2.65 1.96 -102.04
C ARG A 603 -3.62 1.53 -100.95
N ILE A 604 -3.40 1.97 -99.71
CA ILE A 604 -4.27 1.56 -98.61
C ILE A 604 -5.45 2.52 -98.46
N PHE A 605 -5.24 3.82 -98.63
CA PHE A 605 -6.24 4.82 -98.27
C PHE A 605 -6.74 5.65 -99.45
N GLY A 606 -6.56 5.18 -100.68
CA GLY A 606 -7.06 5.96 -101.79
C GLY A 606 -6.38 7.32 -101.84
N VAL A 607 -7.13 8.29 -102.36
CA VAL A 607 -6.68 9.67 -102.38
C VAL A 607 -7.09 10.43 -101.13
N SER A 608 -7.88 9.83 -100.25
CA SER A 608 -8.29 10.49 -99.02
C SER A 608 -7.12 10.77 -98.09
N ALA A 609 -6.00 10.08 -98.26
CA ALA A 609 -4.82 10.25 -97.42
C ALA A 609 -3.68 10.87 -98.22
N LYS A 610 -3.99 11.83 -99.08
CA LYS A 610 -2.99 12.55 -99.83
C LYS A 610 -2.55 13.77 -99.03
N GLY A 611 -1.24 13.93 -98.86
CA GLY A 611 -0.73 15.04 -98.09
C GLY A 611 -0.97 14.96 -96.61
N LYS A 612 -1.18 13.76 -96.08
CA LYS A 612 -1.44 13.56 -94.66
C LYS A 612 -0.60 12.39 -94.17
N HIS A 613 -0.41 12.34 -92.84
CA HIS A 613 0.44 11.34 -92.22
C HIS A 613 -0.40 10.28 -91.53
N VAL A 614 -0.03 9.02 -91.75
CA VAL A 614 -0.66 7.89 -91.08
C VAL A 614 0.44 6.94 -90.63
N ILE A 615 0.32 6.45 -89.40
CA ILE A 615 1.30 5.54 -88.82
C ILE A 615 0.58 4.30 -88.31
N SER A 616 1.15 3.14 -88.61
CA SER A 616 0.59 1.85 -88.22
C SER A 616 1.36 1.31 -87.03
N ILE A 617 0.62 0.74 -86.08
CA ILE A 617 1.20 0.13 -84.89
C ILE A 617 1.09 -1.38 -85.03
N ASN A 618 2.20 -2.06 -84.86
CA ASN A 618 2.27 -3.51 -85.04
C ASN A 618 2.40 -4.14 -83.65
N MET A 619 1.30 -4.68 -83.17
CA MET A 619 1.26 -5.24 -81.82
C MET A 619 2.14 -6.49 -81.78
N PRO A 620 2.83 -6.78 -80.66
CA PRO A 620 3.61 -8.01 -80.59
C PRO A 620 2.73 -9.25 -80.69
N VAL A 621 3.39 -10.37 -80.99
CA VAL A 621 2.67 -11.60 -81.30
C VAL A 621 1.85 -12.06 -80.10
N ASN A 622 2.38 -11.89 -78.89
CA ASN A 622 1.72 -12.46 -77.72
C ASN A 622 0.30 -11.94 -77.57
N CYS A 623 0.08 -10.64 -77.76
CA CYS A 623 -1.25 -10.08 -77.65
C CYS A 623 -2.13 -10.58 -78.79
N MET A 624 -3.42 -10.76 -78.48
CA MET A 624 -4.36 -11.27 -79.47
C MET A 624 -4.65 -10.27 -80.58
N LEU A 625 -4.20 -9.03 -80.46
CA LEU A 625 -4.41 -8.03 -81.51
C LEU A 625 -3.33 -8.20 -82.56
N ARG A 626 -3.74 -8.59 -83.77
CA ARG A 626 -2.81 -8.75 -84.89
C ARG A 626 -3.41 -8.15 -86.15
N ASP A 627 -4.12 -7.04 -86.01
CA ASP A 627 -4.72 -6.36 -87.14
C ASP A 627 -3.96 -5.11 -87.56
N THR A 628 -2.90 -4.74 -86.86
CA THR A 628 -2.06 -3.60 -87.21
C THR A 628 -2.92 -2.34 -87.34
N ILE A 629 -3.49 -1.94 -86.20
CA ILE A 629 -4.36 -0.78 -86.17
C ILE A 629 -3.70 0.38 -86.90
N TYR A 630 -4.49 1.09 -87.70
CA TYR A 630 -3.99 2.16 -88.55
C TYR A 630 -4.44 3.51 -88.03
N SER A 631 -3.50 4.43 -87.90
CA SER A 631 -3.81 5.78 -87.44
C SER A 631 -4.58 6.54 -88.52
N ASP A 632 -5.43 7.45 -88.09
CA ASP A 632 -6.16 8.29 -89.03
C ASP A 632 -5.21 9.29 -89.68
N PRO A 633 -5.58 9.85 -90.84
CA PRO A 633 -4.69 10.81 -91.49
C PRO A 633 -4.55 12.08 -90.69
N MET A 634 -3.45 12.22 -89.98
CA MET A 634 -3.20 13.36 -89.12
C MET A 634 -2.18 14.29 -89.77
N ASP A 635 -2.13 15.52 -89.27
CA ASP A 635 -1.32 16.55 -89.89
C ASP A 635 0.17 16.20 -89.81
N ASN A 636 0.65 15.83 -88.63
CA ASN A 636 2.06 15.50 -88.44
C ASN A 636 2.18 14.10 -87.91
N VAL A 637 3.43 13.68 -87.71
CA VAL A 637 3.71 12.32 -87.26
C VAL A 637 3.26 12.14 -85.81
N LYS A 638 3.48 13.15 -84.97
CA LYS A 638 3.14 13.01 -83.56
C LYS A 638 1.63 12.81 -83.37
N THR A 639 0.83 13.65 -84.03
CA THR A 639 -0.61 13.49 -83.93
C THR A 639 -1.07 12.15 -84.49
N ALA A 640 -0.45 11.70 -85.58
CA ALA A 640 -0.79 10.39 -86.12
C ALA A 640 -0.48 9.29 -85.12
N LYS A 641 0.65 9.40 -84.43
CA LYS A 641 1.01 8.40 -83.41
C LYS A 641 -0.01 8.41 -82.28
N ILE A 642 -0.43 9.60 -81.86
CA ILE A 642 -1.45 9.69 -80.81
C ILE A 642 -2.74 9.05 -81.28
N SER A 643 -3.14 9.32 -82.53
CA SER A 643 -4.36 8.71 -83.05
C SER A 643 -4.26 7.20 -83.09
N ALA A 644 -3.09 6.69 -83.52
CA ALA A 644 -2.89 5.24 -83.54
C ALA A 644 -3.01 4.65 -82.16
N ALA A 645 -2.40 5.30 -81.17
CA ALA A 645 -2.48 4.80 -79.80
C ALA A 645 -3.92 4.82 -79.31
N PHE A 646 -4.65 5.88 -79.61
CA PHE A 646 -6.03 5.98 -79.15
C PHE A 646 -6.89 4.90 -79.79
N LYS A 647 -6.71 4.66 -81.09
CA LYS A 647 -7.43 3.59 -81.75
C LYS A 647 -7.08 2.23 -81.15
N ALA A 648 -5.80 2.02 -80.90
CA ALA A 648 -5.36 0.75 -80.29
C ALA A 648 -6.00 0.55 -78.93
N CYS A 649 -6.02 1.60 -78.11
CA CYS A 649 -6.62 1.47 -76.79
C CYS A 649 -8.12 1.21 -76.89
N LYS A 650 -8.80 1.91 -77.80
CA LYS A 650 -10.24 1.70 -77.93
C LYS A 650 -10.54 0.27 -78.35
N VAL A 651 -9.80 -0.26 -79.31
CA VAL A 651 -10.03 -1.64 -79.74
C VAL A 651 -9.68 -2.61 -78.60
N LEU A 652 -8.60 -2.32 -77.87
CA LEU A 652 -8.22 -3.19 -76.77
C LEU A 652 -9.33 -3.27 -75.73
N TYR A 653 -9.84 -2.11 -75.32
CA TYR A 653 -10.94 -2.10 -74.35
C TYR A 653 -12.16 -2.80 -74.92
N SER A 654 -12.49 -2.54 -76.18
CA SER A 654 -13.65 -3.18 -76.80
C SER A 654 -13.49 -4.70 -76.81
N LEU A 655 -12.26 -5.18 -76.95
CA LEU A 655 -11.99 -6.61 -76.87
C LEU A 655 -11.79 -7.09 -75.44
N GLY A 656 -11.89 -6.19 -74.47
CA GLY A 656 -11.91 -6.58 -73.08
C GLY A 656 -10.56 -6.93 -72.48
N GLU A 657 -9.46 -6.41 -73.02
CA GLU A 657 -8.16 -6.60 -72.38
C GLU A 657 -7.88 -5.55 -71.33
N LEU A 658 -8.73 -4.54 -71.20
CA LEU A 658 -8.61 -3.50 -70.19
C LEU A 658 -9.78 -3.60 -69.23
N ASN A 659 -9.50 -3.46 -67.94
CA ASN A 659 -10.51 -3.70 -66.91
C ASN A 659 -11.46 -2.52 -66.77
N GLU A 660 -12.07 -2.10 -67.88
CA GLU A 660 -13.08 -1.04 -67.88
C GLU A 660 -12.63 0.16 -67.04
N ARG A 661 -11.32 0.30 -66.87
CA ARG A 661 -10.74 1.48 -66.23
C ARG A 661 -9.50 1.95 -66.99
N PHE A 662 -9.28 1.43 -68.20
CA PHE A 662 -8.15 1.82 -69.02
C PHE A 662 -6.82 1.56 -68.31
N VAL A 663 -6.76 0.43 -67.61
CA VAL A 663 -5.51 -0.08 -67.07
C VAL A 663 -5.48 -1.58 -67.32
N PRO A 664 -4.30 -2.19 -67.46
CA PRO A 664 -4.24 -3.60 -67.84
C PRO A 664 -4.94 -4.47 -66.81
N LYS A 665 -5.65 -5.48 -67.30
CA LYS A 665 -6.31 -6.44 -66.42
C LYS A 665 -5.26 -7.26 -65.68
N THR A 666 -5.41 -7.34 -64.36
CA THR A 666 -4.54 -8.23 -63.60
C THR A 666 -5.19 -9.62 -63.49
N LEU A 667 -4.35 -10.60 -63.19
CA LEU A 667 -4.80 -11.98 -63.16
C LEU A 667 -6.02 -12.15 -62.25
N LYS A 668 -6.08 -11.38 -61.17
CA LYS A 668 -7.17 -11.55 -60.22
C LYS A 668 -8.51 -11.26 -60.88
N GLU A 669 -8.59 -10.18 -61.66
CA GLU A 669 -9.85 -9.85 -62.32
C GLU A 669 -10.22 -10.91 -63.34
N ARG A 670 -9.23 -11.40 -64.08
CA ARG A 670 -9.50 -12.44 -65.06
C ARG A 670 -10.10 -13.67 -64.40
N VAL A 671 -9.50 -14.13 -63.30
CA VAL A 671 -10.03 -15.31 -62.63
C VAL A 671 -11.39 -15.01 -61.99
N ALA A 672 -11.59 -13.79 -61.50
CA ALA A 672 -12.89 -13.44 -60.94
C ALA A 672 -13.98 -13.51 -62.00
N SER A 673 -13.68 -13.03 -63.21
CA SER A 673 -14.67 -13.07 -64.28
C SER A 673 -15.14 -14.48 -64.59
N ILE A 674 -14.32 -15.48 -64.29
CA ILE A 674 -14.67 -16.86 -64.58
C ILE A 674 -15.16 -17.61 -63.36
N ALA A 675 -14.90 -17.12 -62.14
CA ALA A 675 -15.26 -17.86 -60.95
C ALA A 675 -16.70 -18.34 -60.98
N ASP A 676 -17.63 -17.46 -61.35
CA ASP A 676 -19.04 -17.83 -61.38
C ASP A 676 -19.36 -18.85 -62.45
N VAL A 677 -18.46 -19.07 -63.41
CA VAL A 677 -18.69 -20.03 -64.49
C VAL A 677 -18.06 -21.38 -64.18
N HIS A 678 -16.80 -21.37 -63.76
CA HIS A 678 -16.04 -22.60 -63.59
C HIS A 678 -15.84 -23.00 -62.12
N PHE A 679 -16.18 -22.14 -61.18
CA PHE A 679 -16.05 -22.47 -59.76
C PHE A 679 -17.27 -22.01 -59.00
N GLU A 680 -18.45 -22.11 -59.62
CA GLU A 680 -19.67 -21.71 -58.95
C GLU A 680 -19.99 -22.59 -57.76
N HIS A 681 -19.75 -23.90 -57.88
CA HIS A 681 -20.13 -24.84 -56.82
C HIS A 681 -19.40 -24.58 -55.53
N TRP A 682 -18.31 -23.80 -55.55
CA TRP A 682 -17.62 -23.46 -54.30
C TRP A 682 -18.51 -22.69 -53.34
N ASN A 683 -19.55 -22.02 -53.85
CA ASN A 683 -20.32 -21.11 -53.01
C ASN A 683 -21.00 -21.84 -51.86
N LYS A 684 -21.58 -23.00 -52.15
CA LYS A 684 -22.41 -23.69 -51.15
C LYS A 684 -21.63 -24.06 -49.90
N TYR A 685 -20.30 -24.10 -49.96
CA TYR A 685 -19.48 -24.46 -48.81
C TYR A 685 -18.84 -23.25 -48.15
N GLY A 686 -19.32 -22.05 -48.45
CA GLY A 686 -18.74 -20.86 -47.87
C GLY A 686 -17.32 -20.59 -48.28
N ASP A 687 -17.00 -20.78 -49.56
CA ASP A 687 -15.68 -20.50 -50.08
C ASP A 687 -15.79 -19.88 -51.46
N SER A 688 -14.76 -19.12 -51.84
CA SER A 688 -14.69 -18.51 -53.16
C SER A 688 -13.25 -18.52 -53.62
N VAL A 689 -13.06 -18.84 -54.91
CA VAL A 689 -11.72 -18.89 -55.47
C VAL A 689 -11.07 -17.52 -55.42
N THR A 690 -11.84 -16.46 -55.63
CA THR A 690 -11.27 -15.12 -55.66
C THR A 690 -10.60 -14.78 -54.34
N ALA A 691 -11.24 -15.11 -53.23
CA ALA A 691 -10.69 -14.79 -51.93
C ALA A 691 -9.31 -15.41 -51.75
N THR A 692 -8.39 -14.64 -51.20
CA THR A 692 -7.01 -15.08 -50.99
C THR A 692 -6.80 -15.68 -49.61
N VAL A 693 -7.81 -15.69 -48.75
CA VAL A 693 -7.62 -16.05 -47.35
C VAL A 693 -7.27 -17.53 -47.20
N ASN A 694 -7.93 -18.40 -47.95
CA ASN A 694 -7.87 -19.83 -47.70
C ASN A 694 -6.62 -20.48 -48.27
N LYS A 695 -5.77 -19.74 -48.98
CA LYS A 695 -4.49 -20.29 -49.40
C LYS A 695 -3.46 -20.25 -48.28
N ALA A 696 -3.88 -20.08 -47.02
CA ALA A 696 -2.98 -20.19 -45.89
C ALA A 696 -3.02 -21.58 -45.26
N ASP A 697 -4.21 -22.14 -45.04
CA ASP A 697 -4.36 -23.44 -44.39
C ASP A 697 -4.40 -24.52 -45.46
N LYS A 698 -3.29 -25.25 -45.59
CA LYS A 698 -3.17 -26.27 -46.62
C LYS A 698 -3.51 -27.67 -46.14
N SER A 699 -3.55 -27.91 -44.82
CA SER A 699 -3.66 -29.25 -44.27
C SER A 699 -4.91 -29.42 -43.41
N LYS A 700 -6.01 -28.79 -43.80
CA LYS A 700 -7.26 -28.94 -43.09
C LYS A 700 -7.85 -30.33 -43.34
N ASP A 701 -8.79 -30.72 -42.49
CA ASP A 701 -9.50 -31.97 -42.64
C ASP A 701 -10.98 -31.73 -42.32
N ARG A 702 -11.79 -32.75 -42.54
CA ARG A 702 -13.23 -32.63 -42.37
C ARG A 702 -13.78 -33.95 -41.85
N THR A 703 -14.97 -33.88 -41.26
CA THR A 703 -15.66 -35.04 -40.71
C THR A 703 -16.80 -35.44 -41.65
N TYR A 704 -17.08 -36.74 -41.70
CA TYR A 704 -18.00 -37.27 -42.70
C TYR A 704 -18.92 -38.33 -42.11
N LYS A 705 -20.16 -38.31 -42.56
CA LYS A 705 -21.17 -39.28 -42.16
C LYS A 705 -21.05 -40.51 -43.07
N THR A 706 -20.61 -41.63 -42.51
CA THR A 706 -20.46 -42.84 -43.30
C THR A 706 -21.81 -43.51 -43.51
N GLU A 707 -21.89 -44.32 -44.56
CA GLU A 707 -23.10 -45.06 -44.88
C GLU A 707 -22.72 -46.46 -45.34
N CYS A 708 -23.63 -47.40 -45.12
CA CYS A 708 -23.41 -48.77 -45.52
C CYS A 708 -23.83 -48.99 -46.96
N PRO A 709 -23.33 -50.04 -47.61
CA PRO A 709 -23.81 -50.37 -48.95
C PRO A 709 -25.31 -50.59 -48.92
N LEU A 710 -25.98 -50.23 -50.01
CA LEU A 710 -27.43 -50.37 -50.07
C LEU A 710 -27.86 -51.79 -49.73
N GLU A 711 -27.04 -52.78 -50.10
CA GLU A 711 -27.37 -54.17 -49.77
C GLU A 711 -27.43 -54.38 -48.26
N PHE A 712 -26.44 -53.84 -47.54
CA PHE A 712 -26.37 -54.04 -46.10
C PHE A 712 -27.45 -53.28 -45.36
N TYR A 713 -28.10 -52.32 -46.02
CA TYR A 713 -29.12 -51.52 -45.35
C TYR A 713 -30.43 -52.29 -45.24
N ASP A 714 -31.00 -52.34 -44.04
CA ASP A 714 -32.28 -52.99 -43.82
C ASP A 714 -32.27 -54.43 -44.30
N ALA A 715 -31.16 -55.12 -44.08
CA ALA A 715 -30.99 -56.49 -44.55
C ALA A 715 -31.42 -57.52 -43.51
N LEU A 716 -31.99 -57.08 -42.40
CA LEU A 716 -32.37 -57.99 -41.33
C LEU A 716 -33.39 -59.00 -41.84
N PRO A 717 -33.16 -60.30 -41.65
CA PRO A 717 -34.18 -61.27 -42.07
C PRO A 717 -35.45 -61.13 -41.25
N ARG A 718 -36.56 -61.57 -41.83
CA ARG A 718 -37.85 -61.49 -41.18
C ARG A 718 -38.59 -62.82 -41.32
N VAL A 719 -39.47 -63.09 -40.36
CA VAL A 719 -40.23 -64.33 -40.38
C VAL A 719 -41.23 -64.30 -41.52
N GLY A 720 -41.40 -65.43 -42.20
CA GLY A 720 -42.35 -65.51 -43.29
C GLY A 720 -41.87 -64.88 -44.58
N GLU A 721 -40.59 -64.54 -44.67
CA GLU A 721 -40.04 -63.91 -45.86
C GLU A 721 -38.77 -64.66 -46.28
N ILE A 722 -38.50 -64.60 -47.58
CA ILE A 722 -37.35 -65.29 -48.14
C ILE A 722 -36.08 -64.54 -47.73
N CYS A 723 -35.07 -65.28 -47.31
CA CYS A 723 -33.78 -64.72 -46.95
C CYS A 723 -32.69 -65.50 -47.66
N TYR A 724 -31.56 -64.84 -47.91
CA TYR A 724 -30.48 -65.39 -48.72
C TYR A 724 -29.22 -65.56 -47.88
N ALA A 725 -28.57 -66.70 -48.04
CA ALA A 725 -27.34 -67.02 -47.34
C ALA A 725 -26.24 -67.30 -48.36
N TYR A 726 -25.07 -66.72 -48.13
CA TYR A 726 -23.94 -66.83 -49.04
C TYR A 726 -22.81 -67.56 -48.32
N GLU A 727 -22.56 -68.80 -48.71
CA GLU A 727 -21.51 -69.59 -48.08
C GLU A 727 -20.15 -68.94 -48.33
N ILE A 728 -19.26 -69.09 -47.35
CA ILE A 728 -17.91 -68.54 -47.44
C ILE A 728 -16.94 -69.70 -47.53
N PHE A 729 -16.09 -69.69 -48.55
CA PHE A 729 -15.11 -70.74 -48.77
C PHE A 729 -13.72 -70.13 -48.65
N LEU A 730 -12.89 -70.74 -47.81
CA LEU A 730 -11.53 -70.28 -47.56
C LEU A 730 -10.56 -71.30 -48.13
N GLU A 731 -9.85 -70.91 -49.18
CA GLU A 731 -8.95 -71.82 -49.87
C GLU A 731 -7.51 -71.49 -49.49
N PRO A 732 -6.88 -72.26 -48.59
CA PRO A 732 -5.47 -72.01 -48.29
C PRO A 732 -4.61 -72.27 -49.51
N GLN A 733 -3.51 -71.53 -49.62
CA GLN A 733 -2.59 -71.70 -50.73
C GLN A 733 -1.26 -72.31 -50.32
N PHE A 734 -0.88 -72.19 -49.05
CA PHE A 734 0.37 -72.75 -48.59
C PHE A 734 0.35 -74.27 -48.68
N GLU A 735 1.53 -74.85 -48.91
CA GLU A 735 1.66 -76.29 -49.00
C GLU A 735 1.50 -76.93 -47.63
N SER A 736 0.97 -78.14 -47.60
CA SER A 736 0.83 -78.88 -46.36
C SER A 736 2.20 -79.25 -45.81
N CYS A 737 2.39 -79.09 -44.51
CA CYS A 737 3.59 -79.55 -43.82
C CYS A 737 3.21 -79.91 -42.39
N GLU A 738 4.20 -80.40 -41.65
CA GLU A 738 3.95 -80.80 -40.26
C GLU A 738 3.47 -79.61 -39.44
N TYR A 739 4.07 -78.43 -39.66
CA TYR A 739 3.77 -77.28 -38.83
C TYR A 739 2.37 -76.72 -39.13
N THR A 740 2.00 -76.66 -40.41
CA THR A 740 0.75 -76.03 -40.82
C THR A 740 -0.34 -77.05 -41.11
N GLU A 741 -0.13 -78.31 -40.71
CA GLU A 741 -1.06 -79.36 -41.08
C GLU A 741 -2.47 -79.05 -40.58
N HIS A 742 -2.58 -78.61 -39.33
CA HIS A 742 -3.91 -78.43 -38.73
C HIS A 742 -4.72 -77.41 -39.51
N MET A 743 -4.12 -76.26 -39.82
CA MET A 743 -4.87 -75.21 -40.49
C MET A 743 -5.33 -75.67 -41.87
N TYR A 744 -4.41 -76.24 -42.64
CA TYR A 744 -4.76 -76.74 -43.97
C TYR A 744 -5.91 -77.73 -43.89
N LEU A 745 -5.77 -78.75 -43.04
CA LEU A 745 -6.78 -79.80 -43.00
C LEU A 745 -8.12 -79.25 -42.55
N ASN A 746 -8.12 -78.37 -41.53
CA ASN A 746 -9.37 -77.91 -40.96
C ASN A 746 -10.08 -76.92 -41.87
N LEU A 747 -9.34 -75.98 -42.45
CA LEU A 747 -9.97 -74.94 -43.26
C LEU A 747 -10.66 -75.51 -44.50
N GLN A 748 -10.24 -76.69 -44.95
CA GLN A 748 -10.85 -77.30 -46.11
C GLN A 748 -12.07 -78.13 -45.77
N THR A 749 -12.44 -78.21 -44.50
CA THR A 749 -13.64 -78.94 -44.13
C THR A 749 -14.87 -78.24 -44.69
N PRO A 750 -15.92 -78.99 -45.00
CA PRO A 750 -17.13 -78.40 -45.59
C PRO A 750 -18.05 -77.72 -44.59
N ARG A 751 -17.63 -77.58 -43.33
CA ARG A 751 -18.45 -76.98 -42.29
C ARG A 751 -18.18 -75.49 -42.26
N ASN A 752 -18.83 -74.76 -43.15
CA ASN A 752 -18.66 -73.32 -43.30
C ASN A 752 -19.89 -72.59 -42.79
N TYR A 753 -19.82 -71.27 -42.85
CA TYR A 753 -20.92 -70.39 -42.49
C TYR A 753 -21.21 -69.45 -43.66
N ALA A 754 -22.19 -68.58 -43.46
CA ALA A 754 -22.64 -67.68 -44.52
C ALA A 754 -23.10 -66.38 -43.88
N ILE A 755 -23.65 -65.50 -44.73
CA ILE A 755 -24.20 -64.23 -44.30
C ILE A 755 -25.65 -64.18 -44.75
N LEU A 756 -26.55 -63.82 -43.84
CA LEU A 756 -27.97 -63.83 -44.10
C LEU A 756 -28.44 -62.40 -44.32
N LEU A 757 -29.21 -62.20 -45.38
CA LEU A 757 -29.69 -60.87 -45.75
C LEU A 757 -31.07 -60.96 -46.38
N ARG A 758 -31.78 -59.84 -46.35
CA ARG A 758 -33.03 -59.73 -47.09
C ARG A 758 -32.76 -59.44 -48.57
N ASN A 759 -31.62 -58.84 -48.88
CA ASN A 759 -31.31 -58.43 -50.24
C ASN A 759 -30.36 -59.43 -50.91
N LYS A 760 -30.47 -59.53 -52.23
CA LYS A 760 -29.59 -60.37 -53.02
C LYS A 760 -28.28 -59.64 -53.25
N LEU A 761 -27.20 -60.32 -53.01
CA LEU A 761 -25.90 -59.71 -53.21
C LEU A 761 -25.44 -59.88 -54.65
N PRO A 762 -24.60 -58.98 -55.14
CA PRO A 762 -23.99 -59.18 -56.46
C PRO A 762 -22.70 -60.00 -56.34
N ARG A 763 -22.27 -60.51 -57.50
CA ARG A 763 -21.05 -61.32 -57.53
C ARG A 763 -19.88 -60.53 -56.97
N LEU A 764 -19.03 -61.21 -56.21
CA LEU A 764 -17.93 -60.59 -55.51
C LEU A 764 -16.62 -61.28 -55.87
N ALA A 765 -15.57 -60.48 -56.02
CA ALA A 765 -14.30 -61.01 -56.49
C ALA A 765 -13.64 -61.87 -55.41
N GLU A 766 -12.82 -62.81 -55.87
CA GLU A 766 -12.02 -63.60 -54.95
C GLU A 766 -11.10 -62.68 -54.16
N MET A 767 -10.78 -63.08 -52.94
CA MET A 767 -10.21 -62.18 -51.98
C MET A 767 -8.98 -62.80 -51.30
N PRO A 768 -7.87 -62.08 -51.21
CA PRO A 768 -6.70 -62.63 -50.53
C PRO A 768 -6.62 -62.23 -49.06
N LEU A 769 -6.22 -63.17 -48.23
CA LEU A 769 -5.98 -62.93 -46.81
C LEU A 769 -4.67 -63.60 -46.41
N PHE A 770 -4.06 -63.09 -45.35
CA PHE A 770 -2.73 -63.51 -44.95
C PHE A 770 -2.73 -63.94 -43.48
N SER A 771 -2.77 -65.25 -43.27
CA SER A 771 -2.62 -65.80 -41.93
C SER A 771 -1.15 -66.08 -41.63
N ASN A 772 -0.90 -66.62 -40.44
CA ASN A 772 0.46 -66.97 -40.07
C ASN A 772 0.97 -68.16 -40.88
N GLN A 773 0.08 -69.06 -41.28
CA GLN A 773 0.49 -70.24 -42.03
C GLN A 773 0.76 -69.94 -43.49
N GLY A 774 0.31 -68.80 -43.99
CA GLY A 774 0.52 -68.43 -45.37
C GLY A 774 -0.66 -67.64 -45.89
N LYS A 775 -0.73 -67.51 -47.20
CA LYS A 775 -1.80 -66.76 -47.84
C LYS A 775 -3.09 -67.55 -47.84
N LEU A 776 -4.21 -66.83 -47.89
CA LEU A 776 -5.52 -67.43 -47.94
C LEU A 776 -6.34 -66.81 -49.06
N HIS A 777 -7.08 -67.66 -49.76
CA HIS A 777 -7.97 -67.24 -50.83
C HIS A 777 -9.40 -67.39 -50.33
N VAL A 778 -10.20 -66.35 -50.50
CA VAL A 778 -11.58 -66.32 -50.03
C VAL A 778 -12.49 -66.00 -51.19
N ARG A 779 -13.58 -66.76 -51.32
CA ARG A 779 -14.58 -66.50 -52.32
C ARG A 779 -15.96 -66.62 -51.68
N VAL A 780 -16.93 -65.91 -52.24
CA VAL A 780 -18.31 -65.93 -51.77
C VAL A 780 -19.16 -66.60 -52.84
N ALA A 781 -19.92 -67.61 -52.43
CA ALA A 781 -20.76 -68.32 -53.37
C ALA A 781 -21.66 -67.34 -54.11
N ASN A 782 -21.59 -67.38 -55.45
CA ASN A 782 -22.46 -66.54 -56.25
C ASN A 782 -23.90 -67.03 -56.18
N ALA A 783 -24.10 -68.32 -55.91
CA ALA A 783 -25.44 -68.88 -55.81
C ALA A 783 -25.92 -68.75 -54.38
N PRO A 784 -26.92 -67.92 -54.09
CA PRO A 784 -27.42 -67.83 -52.72
C PRO A 784 -28.18 -69.08 -52.32
N LEU A 785 -28.14 -69.38 -51.03
CA LEU A 785 -28.94 -70.46 -50.47
C LEU A 785 -30.24 -69.85 -49.96
N GLU A 786 -31.31 -70.08 -50.71
CA GLU A 786 -32.60 -69.44 -50.47
C GLU A 786 -33.33 -70.21 -49.37
N VAL A 787 -33.58 -69.54 -48.24
CA VAL A 787 -34.35 -70.12 -47.15
C VAL A 787 -35.32 -69.09 -46.62
N ILE A 788 -36.33 -69.57 -45.91
CA ILE A 788 -37.35 -68.73 -45.30
C ILE A 788 -37.51 -69.17 -43.86
N ILE A 789 -37.64 -68.20 -42.96
CA ILE A 789 -37.80 -68.46 -41.53
C ILE A 789 -39.28 -68.35 -41.19
N GLN A 790 -39.82 -69.39 -40.56
CA GLN A 790 -41.25 -69.48 -40.27
C GLN A 790 -41.56 -69.48 -38.78
N ASN A 791 -40.59 -69.16 -37.93
CA ASN A 791 -40.83 -69.13 -36.48
C ASN A 791 -39.99 -68.01 -35.87
N SER A 792 -40.62 -67.18 -35.06
CA SER A 792 -39.91 -66.06 -34.45
C SER A 792 -38.74 -66.55 -33.60
N GLU A 793 -38.95 -67.63 -32.83
CA GLU A 793 -37.89 -68.11 -31.97
C GLU A 793 -36.69 -68.58 -32.78
N GLN A 794 -36.91 -69.13 -33.98
CA GLN A 794 -35.79 -69.51 -34.81
C GLN A 794 -34.94 -68.30 -35.16
N LEU A 795 -35.60 -67.20 -35.54
CA LEU A 795 -34.87 -65.96 -35.81
C LEU A 795 -34.15 -65.48 -34.56
N GLU A 796 -34.80 -65.61 -33.41
CA GLU A 796 -34.16 -65.21 -32.17
C GLU A 796 -32.90 -66.01 -31.93
N LEU A 797 -32.95 -67.32 -32.15
CA LEU A 797 -31.77 -68.15 -31.96
C LEU A 797 -30.68 -67.76 -32.93
N LEU A 798 -31.04 -67.52 -34.19
CA LEU A 798 -30.06 -67.07 -35.17
C LEU A 798 -29.35 -65.82 -34.69
N HIS A 799 -30.13 -64.82 -34.28
CA HIS A 799 -29.53 -63.56 -33.85
C HIS A 799 -28.71 -63.75 -32.58
N GLN A 800 -29.18 -64.60 -31.67
CA GLN A 800 -28.43 -64.83 -30.44
C GLN A 800 -27.07 -65.43 -30.73
N PHE A 801 -27.01 -66.41 -31.64
CA PHE A 801 -25.71 -66.98 -32.00
C PHE A 801 -24.85 -65.93 -32.69
N HIS A 802 -25.45 -65.11 -33.54
CA HIS A 802 -24.69 -64.07 -34.21
C HIS A 802 -24.08 -63.12 -33.20
N GLY A 803 -24.82 -62.80 -32.15
CA GLY A 803 -24.25 -62.00 -31.08
C GLY A 803 -23.17 -62.75 -30.33
N MET A 804 -23.42 -64.03 -30.04
CA MET A 804 -22.49 -64.81 -29.21
C MET A 804 -21.12 -64.89 -29.84
N VAL A 805 -21.07 -65.13 -31.15
CA VAL A 805 -19.77 -65.31 -31.79
C VAL A 805 -18.90 -64.08 -31.55
N PHE A 806 -19.45 -62.90 -31.82
CA PHE A 806 -18.70 -61.67 -31.57
C PHE A 806 -18.41 -61.49 -30.09
N ARG A 807 -19.39 -61.76 -29.24
CA ARG A 807 -19.23 -61.42 -27.83
C ARG A 807 -18.17 -62.27 -27.17
N ASP A 808 -18.08 -63.56 -27.53
CA ASP A 808 -17.19 -64.48 -26.84
C ASP A 808 -16.12 -65.05 -27.75
N ILE A 809 -16.51 -65.64 -28.90
CA ILE A 809 -15.52 -66.35 -29.70
C ILE A 809 -14.46 -65.40 -30.22
N LEU A 810 -14.88 -64.24 -30.73
CA LEU A 810 -13.95 -63.26 -31.25
C LEU A 810 -13.61 -62.17 -30.25
N LYS A 811 -14.40 -62.04 -29.19
CA LYS A 811 -14.13 -61.07 -28.14
C LYS A 811 -14.05 -59.65 -28.71
N ILE A 812 -14.98 -59.35 -29.63
CA ILE A 812 -15.11 -57.98 -30.15
C ILE A 812 -16.06 -57.15 -29.31
N TRP A 813 -16.58 -57.68 -28.22
CA TRP A 813 -17.60 -56.99 -27.46
C TRP A 813 -17.05 -55.75 -26.77
N HIS A 814 -17.94 -54.81 -26.51
CA HIS A 814 -17.68 -53.69 -25.63
C HIS A 814 -18.83 -53.55 -24.64
N PRO A 815 -18.57 -52.99 -23.46
CA PRO A 815 -19.61 -52.98 -22.42
C PRO A 815 -20.89 -52.33 -22.87
N PHE A 816 -20.81 -51.34 -23.75
CA PHE A 816 -21.99 -50.58 -24.15
C PHE A 816 -22.66 -51.11 -25.41
N PHE A 817 -22.20 -52.22 -25.96
CA PHE A 817 -22.83 -52.78 -27.15
C PHE A 817 -24.17 -53.41 -26.81
N VAL A 818 -25.06 -53.42 -27.80
CA VAL A 818 -26.40 -53.98 -27.68
C VAL A 818 -26.76 -54.68 -28.97
N LEU A 819 -27.51 -55.78 -28.86
CA LEU A 819 -28.01 -56.48 -30.03
C LEU A 819 -29.00 -55.58 -30.77
N ASP A 820 -28.75 -55.36 -32.06
CA ASP A 820 -29.61 -54.49 -32.86
C ASP A 820 -30.77 -55.30 -33.42
N ARG A 821 -31.98 -54.76 -33.28
CA ARG A 821 -33.16 -55.33 -33.92
C ARG A 821 -33.93 -54.28 -34.71
N ARG A 822 -33.32 -53.14 -35.00
CA ARG A 822 -34.00 -52.07 -35.73
C ARG A 822 -34.09 -52.33 -37.22
N SER A 823 -33.32 -53.29 -37.75
CA SER A 823 -33.30 -53.57 -39.17
C SER A 823 -32.95 -52.32 -39.97
N LYS A 824 -31.73 -51.82 -39.71
CA LYS A 824 -31.30 -50.57 -40.30
C LYS A 824 -29.86 -50.76 -40.78
N GLU A 825 -29.20 -49.66 -41.13
CA GLU A 825 -27.89 -49.72 -41.76
C GLU A 825 -27.00 -50.75 -41.10
N ASN A 826 -26.34 -51.55 -41.93
CA ASN A 826 -25.42 -52.59 -41.47
C ASN A 826 -26.13 -53.54 -40.50
N SER A 827 -27.19 -54.17 -41.00
CA SER A 827 -27.97 -55.12 -40.24
C SER A 827 -28.06 -56.41 -41.05
N TYR A 828 -27.07 -57.28 -40.87
CA TYR A 828 -27.09 -58.61 -41.45
C TYR A 828 -26.56 -59.60 -40.42
N LEU A 829 -26.85 -60.86 -40.63
CA LEU A 829 -26.56 -61.91 -39.67
C LEU A 829 -25.55 -62.89 -40.24
N VAL A 830 -24.91 -63.63 -39.34
CA VAL A 830 -23.97 -64.69 -39.71
C VAL A 830 -24.47 -65.99 -39.12
N VAL A 831 -24.63 -67.00 -39.96
CA VAL A 831 -25.17 -68.29 -39.53
C VAL A 831 -24.24 -69.41 -39.98
N PRO A 832 -23.96 -70.39 -39.14
CA PRO A 832 -23.20 -71.55 -39.61
C PRO A 832 -24.07 -72.44 -40.48
N LEU A 833 -23.42 -73.21 -41.34
CA LEU A 833 -24.08 -74.13 -42.25
C LEU A 833 -23.58 -75.55 -42.04
N ILE A 834 -24.45 -76.52 -42.27
CA ILE A 834 -24.11 -77.92 -42.20
C ILE A 834 -24.78 -78.65 -43.35
N LEU A 835 -24.12 -79.69 -43.83
CA LEU A 835 -24.68 -80.47 -44.93
C LEU A 835 -26.02 -81.06 -44.52
N GLY A 836 -27.01 -80.90 -45.40
CA GLY A 836 -28.32 -81.46 -45.14
C GLY A 836 -28.58 -82.67 -46.02
N ALA A 837 -29.75 -82.71 -46.65
CA ALA A 837 -30.11 -83.80 -47.54
C ALA A 837 -29.39 -83.61 -48.86
N GLY A 838 -28.70 -84.64 -49.32
CA GLY A 838 -27.94 -84.49 -50.54
C GLY A 838 -26.84 -83.46 -50.38
N GLU A 839 -26.50 -82.80 -51.49
CA GLU A 839 -25.49 -81.75 -51.47
C GLU A 839 -26.01 -80.45 -50.88
N GLN A 840 -27.32 -80.32 -50.68
CA GLN A 840 -27.87 -79.09 -50.12
C GLN A 840 -27.40 -78.92 -48.68
N LYS A 841 -27.14 -77.68 -48.31
CA LYS A 841 -26.69 -77.34 -46.96
C LYS A 841 -27.79 -76.63 -46.20
N CYS A 842 -27.85 -76.88 -44.89
CA CYS A 842 -28.91 -76.35 -44.05
C CYS A 842 -28.30 -75.73 -42.80
N PHE A 843 -29.10 -74.92 -42.11
CA PHE A 843 -28.65 -74.23 -40.92
C PHE A 843 -28.33 -75.21 -39.81
N ASP A 844 -27.25 -74.94 -39.09
CA ASP A 844 -26.82 -75.79 -37.97
C ASP A 844 -27.64 -75.42 -36.73
N TRP A 845 -28.90 -75.87 -36.75
CA TRP A 845 -29.81 -75.54 -35.65
C TRP A 845 -29.30 -76.10 -34.33
N GLU A 846 -28.81 -77.34 -34.34
CA GLU A 846 -28.37 -77.96 -33.09
C GLU A 846 -27.19 -77.22 -32.49
N LEU A 847 -26.21 -76.84 -33.31
CA LEU A 847 -25.06 -76.13 -32.79
C LEU A 847 -25.47 -74.80 -32.18
N MET A 848 -26.39 -74.10 -32.85
CA MET A 848 -26.83 -72.81 -32.35
C MET A 848 -27.62 -72.93 -31.05
N THR A 849 -28.60 -73.85 -31.01
CA THR A 849 -29.40 -74.00 -29.79
C THR A 849 -28.56 -74.52 -28.64
N ASN A 850 -27.49 -75.26 -28.91
CA ASN A 850 -26.59 -75.67 -27.84
C ASN A 850 -25.72 -74.50 -27.38
N PHE A 851 -25.08 -73.82 -28.32
CA PHE A 851 -24.16 -72.73 -28.00
C PHE A 851 -24.85 -71.38 -28.17
N ARG A 852 -25.77 -71.08 -27.26
CA ARG A 852 -26.33 -69.74 -27.21
C ARG A 852 -25.32 -68.76 -26.61
N ARG A 853 -24.51 -69.24 -25.67
CA ARG A 853 -23.48 -68.46 -25.03
C ARG A 853 -22.40 -69.43 -24.58
N LEU A 854 -21.14 -69.09 -24.82
CA LEU A 854 -20.07 -70.02 -24.47
C LEU A 854 -20.11 -70.29 -22.97
N PRO A 855 -20.06 -71.55 -22.55
CA PRO A 855 -20.01 -71.83 -21.11
C PRO A 855 -18.73 -71.28 -20.50
N GLN A 856 -18.82 -70.90 -19.24
CA GLN A 856 -17.67 -70.35 -18.54
C GLN A 856 -16.75 -71.49 -18.11
N SER A 857 -15.47 -71.37 -18.46
CA SER A 857 -14.51 -72.42 -18.12
C SER A 857 -14.26 -72.43 -16.63
N HIS A 858 -14.52 -73.56 -15.98
CA HIS A 858 -14.33 -73.72 -14.55
C HIS A 858 -13.64 -75.03 -14.26
N GLY A 859 -12.83 -75.05 -13.20
CA GLY A 859 -12.14 -76.24 -12.79
C GLY A 859 -12.96 -77.10 -11.85
N SER A 860 -12.34 -78.18 -11.40
CA SER A 860 -12.97 -79.09 -10.46
C SER A 860 -11.91 -79.68 -9.54
N ASN A 861 -12.15 -79.61 -8.23
CA ASN A 861 -11.28 -80.26 -7.27
C ASN A 861 -11.41 -81.77 -7.40
N VAL A 862 -10.47 -82.47 -6.76
CA VAL A 862 -10.48 -83.93 -6.83
C VAL A 862 -11.80 -84.48 -6.33
N GLN A 863 -12.30 -83.94 -5.21
CA GLN A 863 -13.47 -84.51 -4.57
C GLN A 863 -14.67 -84.49 -5.49
N GLN A 864 -14.83 -83.43 -6.28
CA GLN A 864 -15.85 -83.45 -7.30
C GLN A 864 -15.39 -84.15 -8.57
N ARG A 865 -14.10 -84.49 -8.68
CA ARG A 865 -13.62 -85.17 -9.86
C ARG A 865 -13.80 -86.69 -9.82
N GLU A 866 -13.88 -87.31 -8.64
CA GLU A 866 -14.08 -88.76 -8.64
C GLU A 866 -15.37 -89.15 -9.35
N GLN A 867 -16.48 -88.56 -8.95
CA GLN A 867 -17.78 -88.99 -9.46
C GLN A 867 -18.12 -88.35 -10.79
N GLN A 868 -17.29 -87.43 -11.28
CA GLN A 868 -17.52 -86.86 -12.59
C GLN A 868 -17.25 -87.91 -13.66
N PRO A 869 -18.06 -87.97 -14.72
CA PRO A 869 -17.86 -89.01 -15.72
C PRO A 869 -16.48 -88.93 -16.36
N ALA A 870 -15.92 -90.10 -16.65
CA ALA A 870 -14.61 -90.15 -17.26
C ALA A 870 -14.67 -89.58 -18.68
N PRO A 871 -13.66 -88.84 -19.11
CA PRO A 871 -13.70 -88.27 -20.46
C PRO A 871 -13.59 -89.33 -21.53
N ARG A 872 -14.22 -89.08 -22.67
CA ARG A 872 -14.13 -89.99 -23.80
C ARG A 872 -13.34 -89.34 -24.93
N PRO A 873 -12.42 -90.07 -25.56
CA PRO A 873 -11.63 -89.46 -26.65
C PRO A 873 -12.51 -88.87 -27.74
N GLU A 874 -13.60 -89.55 -28.08
CA GLU A 874 -14.49 -89.05 -29.12
C GLU A 874 -15.08 -87.70 -28.75
N ASP A 875 -15.29 -87.46 -27.46
CA ASP A 875 -15.86 -86.20 -27.01
C ASP A 875 -14.91 -85.02 -27.20
N PHE A 876 -13.63 -85.28 -27.41
CA PHE A 876 -12.62 -84.24 -27.54
C PHE A 876 -12.16 -84.03 -28.98
N GLU A 877 -12.15 -85.08 -29.80
CA GLU A 877 -11.54 -85.00 -31.11
C GLU A 877 -12.22 -83.90 -31.92
N GLY A 878 -11.40 -83.06 -32.56
CA GLY A 878 -11.92 -81.99 -33.40
C GLY A 878 -12.72 -80.95 -32.66
N LYS A 879 -12.60 -80.89 -31.35
CA LYS A 879 -13.33 -79.94 -30.51
C LYS A 879 -12.41 -78.81 -30.08
N ILE A 880 -12.95 -77.90 -29.27
CA ILE A 880 -12.21 -76.76 -28.76
C ILE A 880 -12.10 -76.90 -27.25
N VAL A 881 -10.88 -76.79 -26.74
CA VAL A 881 -10.57 -77.06 -25.34
C VAL A 881 -9.71 -75.92 -24.82
N THR A 882 -9.82 -75.65 -23.53
CA THR A 882 -8.96 -74.70 -22.85
C THR A 882 -8.53 -75.28 -21.51
N GLN A 883 -7.32 -74.93 -21.09
CA GLN A 883 -6.76 -75.43 -19.85
C GLN A 883 -7.12 -74.47 -18.72
N TRP A 884 -8.00 -74.90 -17.83
CA TRP A 884 -8.47 -74.04 -16.76
C TRP A 884 -7.50 -73.96 -15.59
N TYR A 885 -6.62 -74.94 -15.42
CA TYR A 885 -5.69 -74.90 -14.31
C TYR A 885 -4.69 -73.75 -14.46
N ALA A 886 -4.17 -73.56 -15.66
CA ALA A 886 -3.25 -72.47 -15.89
C ALA A 886 -4.01 -71.15 -16.01
N ASN A 887 -3.26 -70.06 -15.92
CA ASN A 887 -3.84 -68.74 -16.16
C ASN A 887 -4.16 -68.51 -17.63
N TYR A 888 -3.76 -69.44 -18.50
CA TYR A 888 -4.06 -69.36 -19.93
C TYR A 888 -5.54 -69.58 -20.15
N ASP A 889 -6.31 -68.49 -20.18
CA ASP A 889 -7.75 -68.54 -20.38
C ASP A 889 -8.13 -68.42 -21.86
N LYS A 890 -7.17 -68.50 -22.76
CA LYS A 890 -7.45 -68.24 -24.16
C LYS A 890 -7.83 -69.55 -24.85
N PRO A 891 -8.83 -69.53 -25.71
CA PRO A 891 -9.24 -70.77 -26.39
C PRO A 891 -8.12 -71.31 -27.26
N MET A 892 -8.09 -72.62 -27.38
CA MET A 892 -7.08 -73.30 -28.18
C MET A 892 -7.65 -74.63 -28.63
N LEU A 893 -7.07 -75.18 -29.69
CA LEU A 893 -7.68 -76.27 -30.42
C LEU A 893 -6.91 -77.57 -30.21
N VAL A 894 -7.65 -78.67 -30.10
CA VAL A 894 -7.07 -80.00 -30.00
C VAL A 894 -7.01 -80.61 -31.40
N THR A 895 -5.81 -80.95 -31.84
CA THR A 895 -5.66 -81.48 -33.20
C THR A 895 -5.95 -82.97 -33.24
N LYS A 896 -5.18 -83.78 -32.51
CA LYS A 896 -5.39 -85.22 -32.49
C LYS A 896 -5.10 -85.74 -31.09
N VAL A 897 -5.73 -86.86 -30.77
CA VAL A 897 -5.61 -87.50 -29.47
C VAL A 897 -4.64 -88.65 -29.59
N HIS A 898 -3.70 -88.73 -28.66
CA HIS A 898 -2.70 -89.81 -28.65
C HIS A 898 -3.20 -90.87 -27.69
N ARG A 899 -4.00 -91.80 -28.22
CA ARG A 899 -4.49 -92.90 -27.40
C ARG A 899 -3.33 -93.70 -26.84
N GLU A 900 -2.33 -93.99 -27.67
CA GLU A 900 -1.18 -94.76 -27.21
C GLU A 900 -0.45 -94.04 -26.09
N LEU A 901 -0.44 -92.71 -26.12
CA LEU A 901 0.21 -91.96 -25.06
C LEU A 901 -0.62 -91.99 -23.78
N THR A 902 0.04 -91.78 -22.66
CA THR A 902 -0.60 -91.83 -21.35
C THR A 902 0.32 -91.15 -20.36
N PRO A 903 -0.23 -90.64 -19.25
CA PRO A 903 0.63 -90.06 -18.21
C PRO A 903 1.68 -91.07 -17.75
N LEU A 904 2.61 -90.59 -16.93
CA LEU A 904 3.74 -91.34 -16.40
C LEU A 904 4.76 -91.67 -17.47
N SER A 905 4.53 -91.31 -18.72
CA SER A 905 5.48 -91.60 -19.79
C SER A 905 6.51 -90.50 -19.87
N TYR A 906 7.75 -90.90 -20.17
CA TYR A 906 8.85 -89.96 -20.23
C TYR A 906 8.65 -88.95 -21.36
N MET A 907 9.28 -87.80 -21.22
CA MET A 907 9.30 -86.83 -22.31
C MET A 907 10.16 -87.37 -23.45
N GLU A 908 9.71 -87.13 -24.68
CA GLU A 908 10.47 -87.59 -25.84
C GLU A 908 11.70 -86.72 -26.10
N LYS A 909 11.76 -85.52 -25.53
CA LYS A 909 12.88 -84.62 -25.78
C LYS A 909 13.25 -83.86 -24.51
N ASN A 910 14.53 -83.89 -24.16
CA ASN A 910 15.09 -82.97 -23.19
C ASN A 910 14.65 -83.30 -21.77
N GLN A 911 13.78 -84.29 -21.62
CA GLN A 911 13.24 -84.66 -20.31
C GLN A 911 13.04 -86.16 -20.23
N GLN A 912 14.01 -86.93 -20.73
CA GLN A 912 13.92 -88.38 -20.70
C GLN A 912 13.93 -88.92 -19.28
N ASP A 913 14.26 -88.09 -18.28
CA ASP A 913 14.14 -88.46 -16.88
C ASP A 913 12.82 -87.98 -16.27
N LYS A 914 11.99 -87.29 -17.04
CA LYS A 914 10.79 -86.65 -16.51
C LYS A 914 9.56 -87.17 -17.24
N THR A 915 8.46 -87.29 -16.52
CA THR A 915 7.20 -87.78 -17.06
C THR A 915 6.14 -86.68 -17.01
N TYR A 916 5.03 -86.94 -17.71
CA TYR A 916 3.91 -86.00 -17.69
C TYR A 916 3.37 -85.83 -16.28
N TYR A 917 3.20 -86.94 -15.57
CA TYR A 917 2.66 -86.87 -14.21
C TYR A 917 3.49 -85.96 -13.32
N GLU A 918 4.74 -86.36 -13.06
CA GLU A 918 5.56 -85.64 -12.09
C GLU A 918 5.88 -84.23 -12.58
N PHE A 919 5.98 -84.03 -13.90
CA PHE A 919 6.26 -82.68 -14.39
C PHE A 919 5.07 -81.77 -14.20
N THR A 920 3.87 -82.25 -14.55
CA THR A 920 2.67 -81.46 -14.28
C THR A 920 2.56 -81.16 -12.79
N MET A 921 2.97 -82.11 -11.95
CA MET A 921 3.02 -81.84 -10.51
C MET A 921 3.97 -80.69 -10.23
N SER A 922 5.22 -80.82 -10.66
CA SER A 922 6.22 -79.79 -10.38
C SER A 922 5.73 -78.42 -10.83
N LYS A 923 4.93 -78.38 -11.89
CA LYS A 923 4.47 -77.10 -12.40
C LYS A 923 3.29 -76.55 -11.61
N TYR A 924 2.18 -77.28 -11.54
CA TYR A 924 0.94 -76.73 -10.96
C TYR A 924 0.26 -77.73 -10.04
N GLY A 925 1.04 -78.44 -9.21
CA GLY A 925 0.41 -79.34 -8.26
C GLY A 925 -0.41 -78.62 -7.22
N ASN A 926 0.09 -77.48 -6.75
CA ASN A 926 -0.67 -76.67 -5.81
C ASN A 926 -1.96 -76.14 -6.41
N ARG A 927 -2.10 -76.18 -7.74
CA ARG A 927 -3.29 -75.68 -8.40
C ARG A 927 -4.24 -76.81 -8.80
N ILE A 928 -3.71 -77.98 -9.11
CA ILE A 928 -4.56 -79.10 -9.54
C ILE A 928 -4.88 -80.05 -8.40
N GLY A 929 -3.95 -80.22 -7.46
CA GLY A 929 -4.12 -81.23 -6.43
C GLY A 929 -3.51 -82.56 -6.86
N ASP A 930 -4.15 -83.23 -7.81
CA ASP A 930 -3.63 -84.48 -8.35
C ASP A 930 -4.36 -84.78 -9.66
N VAL A 931 -4.04 -85.93 -10.23
CA VAL A 931 -4.56 -86.35 -11.54
C VAL A 931 -5.25 -87.70 -11.38
N VAL A 932 -6.47 -87.79 -11.89
CA VAL A 932 -7.20 -89.05 -11.91
C VAL A 932 -7.07 -89.64 -13.30
N HIS A 933 -7.43 -90.91 -13.42
CA HIS A 933 -7.33 -91.64 -14.68
C HIS A 933 -5.92 -91.51 -15.26
N LYS A 934 -4.94 -91.87 -14.43
CA LYS A 934 -3.55 -91.69 -14.79
C LYS A 934 -3.15 -92.49 -16.03
N ASP A 935 -3.96 -93.46 -16.44
CA ASP A 935 -3.60 -94.36 -17.52
C ASP A 935 -4.32 -94.04 -18.83
N LYS A 936 -5.24 -93.07 -18.82
CA LYS A 936 -6.11 -92.88 -19.96
C LYS A 936 -5.41 -92.08 -21.06
N PHE A 937 -6.13 -91.82 -22.14
CA PHE A 937 -5.54 -91.25 -23.34
C PHE A 937 -5.00 -89.85 -23.09
N MET A 938 -4.29 -89.34 -24.09
CA MET A 938 -3.64 -88.04 -24.04
C MET A 938 -4.12 -87.23 -25.24
N ILE A 939 -3.92 -85.91 -25.20
CA ILE A 939 -4.36 -85.05 -26.30
C ILE A 939 -3.23 -84.13 -26.72
N GLU A 940 -3.16 -83.88 -28.03
CA GLU A 940 -2.21 -82.97 -28.63
C GLU A 940 -2.96 -81.76 -29.15
N VAL A 941 -2.51 -80.57 -28.75
CA VAL A 941 -3.25 -79.34 -29.01
C VAL A 941 -2.32 -78.30 -29.62
N ARG A 942 -2.92 -77.35 -30.32
CA ARG A 942 -2.20 -76.22 -30.89
C ARG A 942 -2.96 -74.94 -30.56
N ASP A 943 -2.21 -73.91 -30.17
CA ASP A 943 -2.82 -72.64 -29.80
C ASP A 943 -3.41 -71.95 -31.02
N LEU A 944 -4.27 -70.97 -30.75
CA LEU A 944 -4.91 -70.18 -31.79
C LEU A 944 -4.36 -68.76 -31.76
N THR A 945 -4.02 -68.24 -32.94
CA THR A 945 -3.46 -66.90 -33.04
C THR A 945 -4.46 -65.86 -32.54
N GLU A 946 -3.94 -64.85 -31.85
CA GLU A 946 -4.77 -63.78 -31.32
C GLU A 946 -5.13 -62.73 -32.37
N GLN A 947 -4.41 -62.69 -33.49
CA GLN A 947 -4.61 -61.63 -34.47
C GLN A 947 -5.98 -61.76 -35.11
N LEU A 948 -6.55 -60.60 -35.45
CA LEU A 948 -7.78 -60.55 -36.23
C LEU A 948 -7.63 -59.87 -37.57
N THR A 949 -6.59 -59.08 -37.78
CA THR A 949 -6.35 -58.41 -39.05
C THR A 949 -5.32 -59.21 -39.83
N PHE A 950 -5.76 -59.78 -40.95
CA PHE A 950 -4.92 -60.63 -41.78
C PHE A 950 -4.68 -60.02 -43.15
N TYR A 951 -4.85 -58.71 -43.27
CA TYR A 951 -4.66 -58.04 -44.55
C TYR A 951 -3.19 -58.02 -44.96
N VAL A 952 -2.34 -57.62 -44.07
CA VAL A 952 -0.93 -57.44 -44.39
C VAL A 952 -0.18 -58.73 -44.08
N HIS A 953 0.72 -59.09 -44.98
CA HIS A 953 1.54 -60.28 -44.75
C HIS A 953 2.27 -60.16 -43.42
N ASN A 954 2.17 -61.22 -42.61
CA ASN A 954 2.86 -61.25 -41.32
C ASN A 954 4.33 -61.59 -41.57
N ARG A 955 5.00 -60.65 -42.22
CA ARG A 955 6.40 -60.83 -42.58
C ARG A 955 7.27 -60.82 -41.32
N GLY A 956 8.10 -61.83 -41.17
CA GLY A 956 8.96 -61.92 -40.01
C GLY A 956 9.56 -63.30 -39.89
N LYS A 957 10.54 -63.40 -39.01
CA LYS A 957 11.25 -64.66 -38.76
C LYS A 957 10.62 -65.33 -37.55
N PHE A 958 10.19 -66.58 -37.72
CA PHE A 958 9.47 -67.30 -36.68
C PHE A 958 10.25 -68.46 -36.09
N ASN A 959 11.26 -68.98 -36.79
CA ASN A 959 12.02 -70.14 -36.32
C ASN A 959 11.08 -71.33 -36.07
N ALA A 960 10.49 -71.80 -37.17
CA ALA A 960 9.44 -72.82 -37.07
C ALA A 960 9.87 -73.98 -36.21
N LYS A 961 11.13 -74.43 -36.36
CA LYS A 961 11.61 -75.53 -35.54
C LYS A 961 11.63 -75.16 -34.06
N SER A 962 12.09 -73.96 -33.73
CA SER A 962 12.15 -73.57 -32.31
C SER A 962 10.76 -73.39 -31.73
N LYS A 963 9.86 -72.71 -32.45
CA LYS A 963 8.51 -72.52 -31.92
C LYS A 963 7.78 -73.85 -31.78
N ALA A 964 8.01 -74.79 -32.70
CA ALA A 964 7.41 -76.11 -32.60
C ALA A 964 8.13 -77.01 -31.60
N LYS A 965 9.33 -76.62 -31.15
CA LYS A 965 10.06 -77.45 -30.19
C LYS A 965 9.26 -77.61 -28.90
N MET A 966 8.62 -76.55 -28.44
CA MET A 966 7.85 -76.60 -27.19
C MET A 966 6.53 -77.33 -27.44
N LYS A 967 6.66 -78.59 -27.85
CA LYS A 967 5.49 -79.43 -28.04
C LYS A 967 4.74 -79.57 -26.73
N VAL A 968 3.42 -79.51 -26.79
CA VAL A 968 2.57 -79.48 -25.61
C VAL A 968 1.58 -80.63 -25.70
N ILE A 969 1.56 -81.46 -24.65
CA ILE A 969 0.57 -82.52 -24.49
C ILE A 969 -0.09 -82.33 -23.15
N LEU A 970 -1.42 -82.28 -23.13
CA LEU A 970 -2.16 -81.83 -21.97
C LEU A 970 -3.07 -82.94 -21.45
N ILE A 971 -3.23 -82.98 -20.14
CA ILE A 971 -4.09 -83.99 -19.51
C ILE A 971 -5.54 -83.72 -19.90
N PRO A 972 -6.28 -84.69 -20.43
CA PRO A 972 -7.67 -84.41 -20.84
C PRO A 972 -8.53 -83.88 -19.70
N GLU A 973 -8.36 -84.40 -18.48
CA GLU A 973 -9.24 -84.03 -17.39
C GLU A 973 -9.05 -82.60 -16.93
N LEU A 974 -7.80 -82.11 -16.90
CA LEU A 974 -7.51 -80.82 -16.32
C LEU A 974 -7.84 -79.67 -17.26
N CYS A 975 -8.24 -79.94 -18.50
CA CYS A 975 -8.51 -78.91 -19.48
C CYS A 975 -10.01 -78.86 -19.77
N PHE A 976 -10.60 -77.69 -19.57
CA PHE A 976 -12.02 -77.52 -19.86
C PHE A 976 -12.28 -77.78 -21.33
N ASN A 977 -13.32 -78.55 -21.61
CA ASN A 977 -13.62 -79.01 -22.97
C ASN A 977 -14.95 -78.42 -23.42
N PHE A 978 -14.89 -77.47 -24.34
CA PHE A 978 -16.09 -77.02 -24.99
C PHE A 978 -16.58 -78.07 -25.97
N ASN A 979 -17.85 -77.96 -26.36
CA ASN A 979 -18.41 -78.81 -27.39
C ASN A 979 -18.32 -78.18 -28.77
N PHE A 980 -17.67 -77.04 -28.89
CA PHE A 980 -17.63 -76.32 -30.16
C PHE A 980 -16.70 -77.04 -31.13
N PRO A 981 -17.06 -77.11 -32.41
CA PRO A 981 -16.15 -77.73 -33.39
C PRO A 981 -14.99 -76.81 -33.72
N GLY A 982 -13.81 -77.41 -33.89
CA GLY A 982 -12.62 -76.62 -34.16
C GLY A 982 -12.68 -75.88 -35.49
N ASP A 983 -13.07 -76.59 -36.55
CA ASP A 983 -12.97 -76.01 -37.89
C ASP A 983 -13.82 -74.74 -38.01
N LEU A 984 -15.04 -74.77 -37.48
CA LEU A 984 -15.87 -73.58 -37.52
C LEU A 984 -15.24 -72.44 -36.74
N TRP A 985 -14.65 -72.74 -35.59
CA TRP A 985 -13.97 -71.69 -34.83
C TRP A 985 -12.87 -71.06 -35.67
N LEU A 986 -12.06 -71.89 -36.32
CA LEU A 986 -11.00 -71.35 -37.16
C LEU A 986 -11.58 -70.46 -38.25
N LYS A 987 -12.60 -70.95 -38.95
CA LYS A 987 -13.16 -70.17 -40.05
C LYS A 987 -13.86 -68.91 -39.55
N LEU A 988 -14.22 -68.86 -38.27
CA LEU A 988 -14.77 -67.64 -37.69
C LEU A 988 -13.69 -66.69 -37.20
N ILE A 989 -12.47 -67.17 -37.00
CA ILE A 989 -11.41 -66.25 -36.57
C ILE A 989 -11.29 -65.08 -37.55
N PHE A 990 -11.25 -65.38 -38.84
CA PHE A 990 -11.03 -64.36 -39.85
C PHE A 990 -12.27 -63.53 -40.15
N LEU A 991 -13.43 -63.91 -39.62
CA LEU A 991 -14.67 -63.32 -40.09
C LEU A 991 -14.64 -61.80 -40.14
N PRO A 992 -14.06 -61.08 -39.16
CA PRO A 992 -14.06 -59.63 -39.25
C PRO A 992 -13.40 -59.10 -40.51
N SER A 993 -12.27 -59.68 -40.91
CA SER A 993 -11.58 -59.19 -42.10
C SER A 993 -12.43 -59.40 -43.34
N ILE A 994 -13.03 -60.57 -43.48
CA ILE A 994 -13.88 -60.84 -44.64
C ILE A 994 -15.04 -59.86 -44.66
N LEU A 995 -15.67 -59.64 -43.51
CA LEU A 995 -16.81 -58.72 -43.46
C LEU A 995 -16.38 -57.31 -43.86
N ASN A 996 -15.25 -56.86 -43.34
CA ASN A 996 -14.77 -55.53 -43.68
C ASN A 996 -14.49 -55.40 -45.16
N ARG A 997 -13.70 -56.31 -45.71
CA ARG A 997 -13.41 -56.22 -47.14
C ARG A 997 -14.69 -56.28 -47.96
N MET A 998 -15.62 -57.16 -47.59
CA MET A 998 -16.89 -57.25 -48.28
C MET A 998 -17.62 -55.91 -48.28
N TYR A 999 -17.57 -55.19 -47.16
CA TYR A 999 -18.13 -53.84 -47.12
C TYR A 999 -17.70 -53.01 -48.32
N PHE A 1000 -16.39 -52.79 -48.44
CA PHE A 1000 -15.90 -51.92 -49.49
C PHE A 1000 -15.97 -52.57 -50.86
N LEU A 1001 -15.98 -53.90 -50.93
CA LEU A 1001 -16.23 -54.55 -52.20
C LEU A 1001 -17.62 -54.20 -52.72
N LEU A 1002 -18.62 -54.23 -51.83
CA LEU A 1002 -19.96 -53.81 -52.25
C LEU A 1002 -19.98 -52.35 -52.66
N HIS A 1003 -19.29 -51.50 -51.90
CA HIS A 1003 -19.22 -50.09 -52.31
C HIS A 1003 -18.62 -49.96 -53.71
N ALA A 1004 -17.52 -50.67 -53.96
CA ALA A 1004 -16.86 -50.58 -55.26
C ALA A 1004 -17.76 -51.11 -56.36
N GLU A 1005 -18.51 -52.19 -56.08
CA GLU A 1005 -19.44 -52.72 -57.08
C GLU A 1005 -20.52 -51.70 -57.40
N ALA A 1006 -21.04 -51.03 -56.38
CA ALA A 1006 -22.04 -50.01 -56.62
C ALA A 1006 -21.48 -48.91 -57.51
N LEU A 1007 -20.27 -48.46 -57.23
CA LEU A 1007 -19.65 -47.45 -58.08
C LEU A 1007 -19.43 -47.98 -59.50
N ARG A 1008 -18.99 -49.23 -59.62
CA ARG A 1008 -18.75 -49.81 -60.93
C ARG A 1008 -20.02 -49.81 -61.77
N LYS A 1009 -21.11 -50.32 -61.21
CA LYS A 1009 -22.37 -50.33 -61.94
C LYS A 1009 -22.84 -48.92 -62.25
N ARG A 1010 -22.70 -48.01 -61.29
CA ARG A 1010 -23.16 -46.64 -61.50
C ARG A 1010 -22.42 -45.98 -62.67
N PHE A 1011 -21.09 -46.09 -62.68
CA PHE A 1011 -20.33 -45.52 -63.78
C PHE A 1011 -20.66 -46.20 -65.10
N ASN A 1012 -20.65 -47.53 -65.13
CA ASN A 1012 -20.91 -48.23 -66.37
C ASN A 1012 -22.26 -47.84 -66.94
N THR A 1013 -23.25 -47.62 -66.07
CA THR A 1013 -24.53 -47.12 -66.52
C THR A 1013 -24.40 -45.71 -67.07
N TYR A 1014 -23.64 -44.86 -66.38
CA TYR A 1014 -23.54 -43.47 -66.81
C TYR A 1014 -22.92 -43.36 -68.19
N LEU A 1015 -21.85 -44.12 -68.45
CA LEU A 1015 -21.17 -44.08 -69.74
C LEU A 1015 -21.87 -44.92 -70.79
N ASN A 1016 -23.03 -45.49 -70.48
CA ASN A 1016 -23.77 -46.34 -71.41
C ASN A 1016 -22.95 -47.55 -71.84
N LEU A 1017 -21.94 -47.92 -71.06
CA LEU A 1017 -21.13 -49.09 -71.34
C LEU A 1017 -21.63 -50.33 -70.62
N HIS A 1018 -22.69 -50.22 -69.82
CA HIS A 1018 -23.19 -51.37 -69.08
C HIS A 1018 -23.66 -52.48 -70.00
N LEU A 1019 -24.33 -52.12 -71.09
CA LEU A 1019 -24.90 -53.12 -71.99
C LEU A 1019 -23.83 -54.00 -72.63
N LEU A 1020 -22.57 -53.59 -72.59
CA LEU A 1020 -21.53 -54.40 -73.20
C LEU A 1020 -21.49 -55.77 -72.53
N PRO A 1021 -21.22 -56.84 -73.28
CA PRO A 1021 -21.19 -58.17 -72.67
C PRO A 1021 -20.21 -58.27 -71.52
N PHE A 1022 -19.07 -57.58 -71.61
CA PHE A 1022 -18.09 -57.62 -70.52
C PHE A 1022 -18.70 -57.08 -69.23
N ASN A 1023 -19.45 -55.99 -69.33
CA ASN A 1023 -20.03 -55.33 -68.16
C ASN A 1023 -21.49 -55.69 -67.95
N GLY A 1024 -22.05 -56.58 -68.76
CA GLY A 1024 -23.45 -56.93 -68.62
C GLY A 1024 -23.75 -57.68 -67.34
N THR A 1025 -24.94 -58.26 -67.26
CA THR A 1025 -25.29 -59.07 -66.10
C THR A 1025 -24.35 -60.22 -65.89
N ASP A 1026 -23.68 -60.68 -66.94
CA ASP A 1026 -22.78 -61.83 -66.89
C ASP A 1026 -21.37 -61.46 -66.46
N TYR A 1027 -21.21 -60.35 -65.73
CA TYR A 1027 -19.88 -59.95 -65.30
C TYR A 1027 -19.26 -61.00 -64.40
N MET A 1028 -17.97 -61.27 -64.62
CA MET A 1028 -17.21 -62.18 -63.78
C MET A 1028 -16.06 -61.42 -63.13
N PRO A 1029 -16.21 -60.94 -61.91
CA PRO A 1029 -15.11 -60.20 -61.27
C PRO A 1029 -13.85 -61.04 -61.19
N ARG A 1030 -12.75 -60.40 -61.44
CA ARG A 1030 -11.47 -61.10 -61.36
C ARG A 1030 -10.93 -61.03 -59.95
N PRO A 1031 -10.03 -61.95 -59.58
CA PRO A 1031 -9.45 -61.91 -58.24
C PRO A 1031 -8.70 -60.62 -58.01
N LEU A 1032 -8.73 -60.14 -56.77
CA LEU A 1032 -7.90 -59.01 -56.39
C LEU A 1032 -6.44 -59.40 -56.50
N GLU A 1033 -5.61 -58.43 -56.86
CA GLU A 1033 -4.20 -58.67 -57.10
C GLU A 1033 -3.36 -57.99 -56.03
N ILE A 1034 -2.41 -58.73 -55.48
CA ILE A 1034 -1.48 -58.17 -54.52
C ILE A 1034 -0.60 -57.15 -55.22
N ASP A 1035 -0.49 -55.97 -54.63
CA ASP A 1035 0.38 -54.92 -55.16
C ASP A 1035 1.76 -55.11 -54.56
N TYR A 1036 2.48 -56.10 -55.08
CA TYR A 1036 3.77 -56.47 -54.51
C TYR A 1036 4.75 -55.30 -54.49
N SER A 1037 4.59 -54.35 -55.40
CA SER A 1037 5.53 -53.22 -55.44
C SER A 1037 5.50 -52.41 -54.15
N LEU A 1038 4.41 -52.47 -53.40
CA LEU A 1038 4.33 -51.71 -52.17
C LEU A 1038 5.36 -52.20 -51.15
N LYS A 1039 5.75 -51.30 -50.26
CA LYS A 1039 6.83 -51.59 -49.33
C LYS A 1039 6.48 -52.76 -48.40
N ARG A 1040 5.23 -52.82 -47.94
CA ARG A 1040 4.82 -53.85 -46.99
C ARG A 1040 4.30 -55.11 -47.66
N ASN A 1041 4.80 -55.45 -48.84
CA ASN A 1041 4.45 -56.71 -49.49
C ASN A 1041 5.70 -57.49 -49.85
N GLY A 1168 14.30 -49.76 -83.14
CA GLY A 1168 13.66 -50.01 -84.41
C GLY A 1168 12.17 -49.74 -84.39
N LYS A 1169 11.47 -50.31 -83.41
CA LYS A 1169 10.04 -50.15 -83.27
C LYS A 1169 9.71 -49.81 -81.83
N VAL A 1170 8.62 -49.07 -81.65
CA VAL A 1170 8.15 -48.64 -80.33
C VAL A 1170 6.89 -49.43 -80.00
N LYS A 1171 6.79 -49.89 -78.76
CA LYS A 1171 5.63 -50.66 -78.34
C LYS A 1171 4.42 -49.75 -78.26
N PRO A 1172 3.34 -50.01 -78.99
CA PRO A 1172 2.15 -49.17 -78.88
C PRO A 1172 1.62 -49.16 -77.46
N LEU A 1173 1.04 -48.04 -77.06
CA LEU A 1173 0.52 -47.89 -75.71
C LEU A 1173 -0.90 -48.45 -75.63
N LEU A 1174 -1.15 -49.25 -74.60
CA LEU A 1174 -2.45 -49.91 -74.49
C LEU A 1174 -3.57 -48.91 -74.37
N ILE A 1175 -3.38 -47.85 -73.57
CA ILE A 1175 -4.47 -46.90 -73.35
C ILE A 1175 -4.86 -46.24 -74.67
N LEU A 1176 -3.89 -45.73 -75.40
CA LEU A 1176 -4.19 -45.16 -76.71
C LEU A 1176 -4.74 -46.22 -77.66
N GLN A 1177 -4.14 -47.42 -77.63
CA GLN A 1177 -4.55 -48.47 -78.55
C GLN A 1177 -6.03 -48.78 -78.40
N LYS A 1178 -6.53 -48.80 -77.16
CA LYS A 1178 -7.96 -48.98 -76.95
C LYS A 1178 -8.74 -47.68 -77.14
N THR A 1179 -8.08 -46.53 -77.00
CA THR A 1179 -8.77 -45.28 -77.25
C THR A 1179 -9.21 -45.20 -78.71
N VAL A 1180 -8.34 -45.63 -79.63
CA VAL A 1180 -8.69 -45.57 -81.04
C VAL A 1180 -9.57 -46.75 -81.42
N SER A 1181 -9.22 -47.96 -80.98
CA SER A 1181 -9.92 -49.18 -81.37
C SER A 1181 -10.68 -49.73 -80.19
N LYS A 1182 -11.94 -50.08 -80.42
CA LYS A 1182 -12.81 -50.59 -79.37
C LYS A 1182 -12.57 -52.05 -79.05
N GLU A 1183 -11.88 -52.78 -79.94
CA GLU A 1183 -11.64 -54.19 -79.70
C GLU A 1183 -10.77 -54.42 -78.47
N HIS A 1184 -9.90 -53.46 -78.15
CA HIS A 1184 -9.02 -53.60 -77.00
C HIS A 1184 -9.65 -53.12 -75.70
N ILE A 1185 -10.92 -52.69 -75.74
CA ILE A 1185 -11.61 -52.28 -74.53
C ILE A 1185 -11.57 -53.42 -73.53
N THR A 1186 -11.44 -53.08 -72.25
CA THR A 1186 -11.47 -54.08 -71.21
C THR A 1186 -12.47 -53.68 -70.12
N PRO A 1187 -13.08 -54.64 -69.43
CA PRO A 1187 -14.01 -54.30 -68.36
C PRO A 1187 -13.30 -53.56 -67.23
N ALA A 1188 -14.02 -52.66 -66.60
CA ALA A 1188 -13.50 -51.92 -65.46
C ALA A 1188 -13.60 -52.80 -64.22
N GLU A 1189 -12.49 -53.42 -63.84
CA GLU A 1189 -12.52 -54.43 -62.79
C GLU A 1189 -12.94 -53.84 -61.46
N GLN A 1190 -13.76 -54.60 -60.73
CA GLN A 1190 -14.23 -54.18 -59.42
C GLN A 1190 -13.08 -54.01 -58.45
N GLY A 1191 -12.10 -54.91 -58.50
CA GLY A 1191 -10.94 -54.78 -57.64
C GLY A 1191 -10.21 -53.48 -57.88
N GLU A 1192 -10.18 -53.01 -59.13
CA GLU A 1192 -9.54 -51.74 -59.42
C GLU A 1192 -10.25 -50.59 -58.71
N PHE A 1193 -11.58 -50.56 -58.75
CA PHE A 1193 -12.29 -49.53 -58.01
C PHE A 1193 -12.06 -49.66 -56.52
N LEU A 1194 -11.97 -50.89 -56.02
CA LEU A 1194 -11.69 -51.07 -54.61
C LEU A 1194 -10.34 -50.48 -54.25
N ALA A 1195 -9.35 -50.67 -55.12
CA ALA A 1195 -8.06 -50.02 -54.90
C ALA A 1195 -8.19 -48.52 -54.93
N ALA A 1196 -9.02 -47.98 -55.82
CA ALA A 1196 -9.19 -46.54 -55.89
C ALA A 1196 -9.81 -45.99 -54.61
N ILE A 1197 -10.83 -46.66 -54.09
CA ILE A 1197 -11.56 -46.13 -52.94
C ILE A 1197 -10.70 -46.21 -51.69
N THR A 1198 -9.92 -47.28 -51.55
CA THR A 1198 -9.12 -47.47 -50.34
C THR A 1198 -7.92 -46.54 -50.35
N ALA A 1199 -7.68 -45.87 -49.23
CA ALA A 1199 -6.56 -44.96 -49.10
C ALA A 1199 -5.33 -45.69 -48.58
N SER A 1200 -4.26 -44.92 -48.36
CA SER A 1200 -3.05 -45.50 -47.79
C SER A 1200 -3.12 -45.57 -46.28
N SER A 1201 -3.96 -44.74 -45.65
CA SER A 1201 -4.08 -44.77 -44.20
C SER A 1201 -4.47 -46.16 -43.73
N ALA A 1202 -5.54 -46.71 -44.29
CA ALA A 1202 -5.93 -48.08 -44.00
C ALA A 1202 -4.84 -49.00 -44.53
N ALA A 1203 -4.11 -49.64 -43.62
CA ALA A 1203 -2.94 -50.44 -44.00
C ALA A 1203 -3.44 -51.70 -44.69
N ASP A 1204 -3.89 -51.54 -45.93
CA ASP A 1204 -4.29 -52.65 -46.77
C ASP A 1204 -3.15 -53.06 -47.68
N VAL A 1205 -3.24 -54.27 -48.23
CA VAL A 1205 -2.20 -54.77 -49.11
C VAL A 1205 -2.18 -54.02 -50.44
N PHE A 1206 -3.25 -53.31 -50.78
CA PHE A 1206 -3.31 -52.52 -52.00
C PHE A 1206 -3.87 -51.14 -51.66
N ASP A 1207 -3.48 -50.15 -52.47
CA ASP A 1207 -3.75 -48.76 -52.16
C ASP A 1207 -4.13 -48.05 -53.46
N MET A 1208 -4.06 -46.71 -53.44
CA MET A 1208 -4.60 -45.88 -54.51
C MET A 1208 -3.54 -45.13 -55.31
N GLU A 1209 -2.30 -45.09 -54.85
CA GLU A 1209 -1.34 -44.16 -55.45
C GLU A 1209 -1.07 -44.48 -56.91
N ARG A 1210 -0.86 -45.75 -57.26
CA ARG A 1210 -0.50 -46.05 -58.63
C ARG A 1210 -1.60 -45.64 -59.60
N LEU A 1211 -2.86 -45.92 -59.25
CA LEU A 1211 -3.96 -45.42 -60.07
C LEU A 1211 -4.04 -43.90 -59.99
N GLU A 1212 -3.71 -43.34 -58.83
CA GLU A 1212 -3.81 -41.90 -58.65
C GLU A 1212 -2.87 -41.13 -59.56
N ILE A 1213 -1.68 -41.66 -59.82
CA ILE A 1213 -0.73 -40.94 -60.68
C ILE A 1213 -1.29 -40.81 -62.09
N LEU A 1214 -1.74 -41.92 -62.66
CA LEU A 1214 -2.31 -41.88 -64.00
C LEU A 1214 -3.54 -40.98 -64.03
N GLY A 1215 -4.37 -41.05 -62.99
CA GLY A 1215 -5.52 -40.17 -62.93
C GLY A 1215 -5.13 -38.70 -62.89
N ASN A 1216 -4.08 -38.37 -62.14
CA ASN A 1216 -3.59 -37.00 -62.11
C ASN A 1216 -3.15 -36.53 -63.48
N SER A 1217 -2.38 -37.36 -64.17
CA SER A 1217 -1.96 -36.98 -65.51
C SER A 1217 -3.17 -36.75 -66.41
N PHE A 1218 -4.15 -37.66 -66.34
CA PHE A 1218 -5.34 -37.49 -67.16
C PHE A 1218 -6.08 -36.19 -66.82
N LEU A 1219 -6.22 -35.91 -65.53
CA LEU A 1219 -6.95 -34.70 -65.14
C LEU A 1219 -6.24 -33.47 -65.66
N LYS A 1220 -4.92 -33.41 -65.53
CA LYS A 1220 -4.18 -32.26 -66.06
C LYS A 1220 -4.39 -32.15 -67.56
N LEU A 1221 -4.27 -33.26 -68.27
CA LEU A 1221 -4.40 -33.23 -69.73
C LEU A 1221 -5.79 -32.73 -70.12
N SER A 1222 -6.82 -33.30 -69.52
CA SER A 1222 -8.19 -32.92 -69.87
C SER A 1222 -8.47 -31.47 -69.52
N ALA A 1223 -7.99 -31.00 -68.36
CA ALA A 1223 -8.18 -29.61 -68.01
C ALA A 1223 -7.53 -28.69 -69.04
N THR A 1224 -6.28 -29.00 -69.41
CA THR A 1224 -5.58 -28.17 -70.38
C THR A 1224 -6.34 -28.12 -71.69
N LEU A 1225 -6.72 -29.30 -72.22
CA LEU A 1225 -7.39 -29.33 -73.51
C LEU A 1225 -8.73 -28.61 -73.45
N TYR A 1226 -9.50 -28.83 -72.39
CA TYR A 1226 -10.79 -28.16 -72.26
C TYR A 1226 -10.61 -26.66 -72.25
N LEU A 1227 -9.71 -26.15 -71.41
CA LEU A 1227 -9.54 -24.71 -71.32
C LEU A 1227 -9.09 -24.14 -72.65
N ALA A 1228 -8.12 -24.77 -73.30
CA ALA A 1228 -7.63 -24.23 -74.57
C ALA A 1228 -8.74 -24.21 -75.60
N SER A 1229 -9.51 -25.29 -75.72
CA SER A 1229 -10.61 -25.31 -76.67
C SER A 1229 -11.64 -24.25 -76.34
N LYS A 1230 -11.81 -23.93 -75.06
CA LYS A 1230 -12.86 -22.99 -74.67
C LYS A 1230 -12.34 -21.56 -74.65
N TYR A 1231 -11.05 -21.36 -74.42
CA TYR A 1231 -10.47 -20.04 -74.25
C TYR A 1231 -9.22 -19.88 -75.11
N SER A 1232 -9.33 -20.24 -76.38
CA SER A 1232 -8.18 -20.15 -77.29
C SER A 1232 -7.71 -18.72 -77.49
N ASP A 1233 -8.36 -17.72 -76.91
CA ASP A 1233 -8.02 -16.32 -77.10
C ASP A 1233 -7.51 -15.69 -75.80
N TRP A 1234 -6.70 -16.43 -75.05
CA TRP A 1234 -6.15 -15.94 -73.80
C TRP A 1234 -4.64 -16.14 -73.81
N ASN A 1235 -3.95 -15.29 -73.05
CA ASN A 1235 -2.52 -15.44 -72.89
C ASN A 1235 -2.22 -16.66 -72.03
N GLU A 1236 -0.96 -17.07 -72.06
CA GLU A 1236 -0.56 -18.28 -71.34
C GLU A 1236 -0.73 -18.14 -69.83
N GLY A 1237 -0.45 -16.96 -69.28
CA GLY A 1237 -0.45 -16.83 -67.84
C GLY A 1237 -1.80 -17.14 -67.22
N THR A 1238 -2.86 -16.54 -67.76
CA THR A 1238 -4.18 -16.77 -67.19
C THR A 1238 -4.61 -18.22 -67.36
N LEU A 1239 -4.32 -18.82 -68.51
CA LEU A 1239 -4.68 -20.21 -68.73
C LEU A 1239 -3.96 -21.12 -67.73
N THR A 1240 -2.66 -20.88 -67.52
CA THR A 1240 -1.93 -21.68 -66.54
C THR A 1240 -2.52 -21.49 -65.15
N GLU A 1241 -2.86 -20.26 -64.79
CA GLU A 1241 -3.44 -20.02 -63.48
C GLU A 1241 -4.74 -20.79 -63.31
N VAL A 1242 -5.64 -20.68 -64.28
CA VAL A 1242 -6.94 -21.34 -64.15
C VAL A 1242 -6.75 -22.85 -64.15
N LYS A 1243 -5.78 -23.35 -64.91
CA LYS A 1243 -5.50 -24.78 -64.89
C LYS A 1243 -5.05 -25.22 -63.50
N SER A 1244 -4.13 -24.48 -62.90
CA SER A 1244 -3.71 -24.80 -61.54
C SER A 1244 -4.87 -24.73 -60.57
N LYS A 1245 -5.82 -23.81 -60.82
CA LYS A 1245 -6.98 -23.71 -59.95
C LYS A 1245 -7.89 -24.91 -60.10
N LEU A 1246 -8.14 -25.34 -61.33
CA LEU A 1246 -9.08 -26.44 -61.57
C LEU A 1246 -8.60 -27.72 -60.93
N VAL A 1247 -7.30 -28.00 -61.02
CA VAL A 1247 -6.73 -29.22 -60.46
C VAL A 1247 -6.34 -28.98 -59.01
N SER A 1248 -6.73 -27.85 -58.45
CA SER A 1248 -6.38 -27.53 -57.08
C SER A 1248 -7.09 -28.48 -56.12
N ASN A 1249 -6.45 -28.72 -54.97
CA ASN A 1249 -6.99 -29.67 -54.01
C ASN A 1249 -8.42 -29.33 -53.65
N ARG A 1250 -8.69 -28.08 -53.32
CA ARG A 1250 -10.00 -27.71 -52.82
C ARG A 1250 -11.07 -27.91 -53.87
N ASN A 1251 -10.79 -27.61 -55.13
CA ASN A 1251 -11.79 -27.76 -56.17
C ASN A 1251 -12.20 -29.22 -56.32
N LEU A 1252 -11.23 -30.11 -56.42
CA LEU A 1252 -11.54 -31.54 -56.50
C LEU A 1252 -12.27 -32.00 -55.27
N LEU A 1253 -11.84 -31.54 -54.10
CA LEU A 1253 -12.48 -31.93 -52.86
C LEU A 1253 -13.96 -31.57 -52.86
N PHE A 1254 -14.28 -30.34 -53.26
CA PHE A 1254 -15.68 -29.93 -53.30
C PHE A 1254 -16.46 -30.71 -54.33
N CYS A 1255 -15.89 -30.87 -55.53
CA CYS A 1255 -16.60 -31.56 -56.59
C CYS A 1255 -16.77 -33.04 -56.29
N LEU A 1256 -15.99 -33.58 -55.36
CA LEU A 1256 -16.21 -34.94 -54.91
C LEU A 1256 -17.19 -35.03 -53.76
N ILE A 1257 -17.14 -34.08 -52.82
CA ILE A 1257 -18.09 -34.10 -51.72
C ILE A 1257 -19.51 -33.94 -52.23
N ASP A 1258 -19.74 -32.97 -53.13
CA ASP A 1258 -21.07 -32.84 -53.68
C ASP A 1258 -21.50 -34.06 -54.47
N ALA A 1259 -20.56 -34.92 -54.86
CA ALA A 1259 -20.86 -36.13 -55.59
C ALA A 1259 -21.28 -37.28 -54.68
N ASP A 1260 -21.32 -37.05 -53.37
CA ASP A 1260 -21.77 -38.06 -52.41
C ASP A 1260 -20.81 -39.24 -52.32
N ILE A 1261 -19.57 -39.05 -52.76
CA ILE A 1261 -18.58 -40.13 -52.72
C ILE A 1261 -17.97 -40.29 -51.32
N PRO A 1262 -17.73 -39.22 -50.56
CA PRO A 1262 -16.87 -39.37 -49.37
C PRO A 1262 -17.42 -40.34 -48.34
N LYS A 1263 -18.74 -40.57 -48.31
CA LYS A 1263 -19.32 -41.42 -47.27
C LYS A 1263 -18.86 -42.86 -47.39
N THR A 1264 -18.25 -43.25 -48.52
CA THR A 1264 -17.86 -44.64 -48.76
C THR A 1264 -16.35 -44.79 -48.92
N LEU A 1265 -15.57 -44.00 -48.18
CA LEU A 1265 -14.12 -44.03 -48.32
C LEU A 1265 -13.49 -44.95 -47.30
N ASN A 1266 -12.70 -45.92 -47.78
CA ASN A 1266 -11.90 -46.79 -46.92
C ASN A 1266 -10.58 -46.09 -46.63
N THR A 1267 -10.45 -45.57 -45.41
CA THR A 1267 -9.24 -44.88 -45.01
C THR A 1267 -8.73 -45.39 -43.67
N ILE A 1268 -9.63 -45.90 -42.84
CA ILE A 1268 -9.33 -46.16 -41.45
C ILE A 1268 -8.55 -47.46 -41.36
N GLN A 1269 -7.44 -47.48 -40.63
CA GLN A 1269 -6.80 -48.74 -40.33
C GLN A 1269 -7.77 -49.63 -39.56
N PHE A 1270 -7.92 -50.87 -40.01
CA PHE A 1270 -8.83 -51.78 -39.35
C PHE A 1270 -8.20 -52.32 -38.07
N THR A 1271 -8.84 -52.05 -36.94
CA THR A 1271 -8.48 -52.59 -35.64
C THR A 1271 -9.75 -53.16 -35.03
N PRO A 1272 -10.16 -54.37 -35.40
CA PRO A 1272 -11.53 -54.80 -35.09
C PRO A 1272 -11.88 -54.68 -33.62
N ARG A 1273 -10.93 -54.97 -32.74
CA ARG A 1273 -11.24 -55.08 -31.33
C ARG A 1273 -11.49 -53.73 -30.68
N TYR A 1274 -10.91 -52.66 -31.22
CA TYR A 1274 -10.99 -51.36 -30.56
C TYR A 1274 -11.93 -50.38 -31.24
N THR A 1275 -11.99 -50.39 -32.56
CA THR A 1275 -12.69 -49.32 -33.28
C THR A 1275 -13.76 -49.81 -34.23
N TRP A 1276 -13.83 -51.10 -34.54
CA TRP A 1276 -14.81 -51.59 -35.49
C TRP A 1276 -16.17 -51.75 -34.81
N LEU A 1277 -17.22 -51.59 -35.60
CA LEU A 1277 -18.58 -51.80 -35.14
C LEU A 1277 -19.15 -53.05 -35.80
N PRO A 1278 -19.30 -54.15 -35.08
CA PRO A 1278 -19.80 -55.37 -35.71
C PRO A 1278 -21.18 -55.14 -36.31
N PRO A 1279 -21.52 -55.87 -37.36
CA PRO A 1279 -22.72 -55.54 -38.13
C PRO A 1279 -24.01 -55.66 -37.32
N GLY A 1280 -24.26 -56.82 -36.74
CA GLY A 1280 -25.50 -57.04 -36.03
C GLY A 1280 -25.56 -56.41 -34.66
N ILE A 1281 -24.52 -55.67 -34.27
CA ILE A 1281 -24.41 -55.08 -32.95
C ILE A 1281 -24.39 -53.57 -33.10
N SER A 1282 -25.06 -52.89 -32.18
CA SER A 1282 -25.14 -51.43 -32.26
C SER A 1282 -25.32 -50.87 -30.85
N LEU A 1283 -25.25 -49.54 -30.76
CA LEU A 1283 -25.39 -48.86 -29.49
C LEU A 1283 -26.83 -48.94 -29.00
N PRO A 1284 -27.05 -48.72 -27.71
CA PRO A 1284 -28.44 -48.67 -27.22
C PRO A 1284 -29.20 -47.53 -27.89
N HIS A 1285 -30.46 -47.80 -28.22
CA HIS A 1285 -31.18 -46.90 -29.12
C HIS A 1285 -31.53 -45.57 -28.46
N ASN A 1286 -31.87 -45.58 -27.17
CA ASN A 1286 -32.27 -44.32 -26.55
C ASN A 1286 -31.07 -43.39 -26.39
N VAL A 1287 -29.95 -43.92 -25.90
CA VAL A 1287 -28.75 -43.09 -25.80
C VAL A 1287 -28.28 -42.66 -27.18
N LEU A 1288 -28.39 -43.56 -28.17
CA LEU A 1288 -28.01 -43.19 -29.53
C LEU A 1288 -28.86 -42.04 -30.04
N ALA A 1289 -30.17 -42.11 -29.80
CA ALA A 1289 -31.05 -41.03 -30.21
C ALA A 1289 -30.67 -39.73 -29.53
N LEU A 1290 -30.38 -39.79 -28.23
CA LEU A 1290 -29.92 -38.59 -27.53
C LEU A 1290 -28.69 -38.01 -28.19
N TRP A 1291 -27.72 -38.87 -28.51
CA TRP A 1291 -26.48 -38.40 -29.12
C TRP A 1291 -26.75 -37.78 -30.48
N ARG A 1292 -27.29 -38.55 -31.42
CA ARG A 1292 -27.48 -38.06 -32.78
C ARG A 1292 -28.41 -36.87 -32.81
N GLU A 1293 -29.49 -36.91 -32.04
CA GLU A 1293 -30.54 -35.90 -32.10
C GLU A 1293 -30.22 -34.69 -31.22
N ASN A 1294 -29.00 -34.60 -30.71
CA ASN A 1294 -28.60 -33.48 -29.86
C ASN A 1294 -27.14 -33.13 -30.16
N PRO A 1295 -26.90 -32.36 -31.22
CA PRO A 1295 -25.50 -32.16 -31.66
C PRO A 1295 -24.61 -31.56 -30.58
N GLU A 1296 -25.12 -30.58 -29.83
CA GLU A 1296 -24.28 -29.93 -28.83
C GLU A 1296 -23.85 -30.93 -27.76
N PHE A 1297 -24.81 -31.64 -27.18
CA PHE A 1297 -24.49 -32.56 -26.10
C PHE A 1297 -23.52 -33.64 -26.55
N ALA A 1298 -23.46 -33.93 -27.84
CA ALA A 1298 -22.58 -34.98 -28.33
C ALA A 1298 -21.13 -34.71 -27.98
N LYS A 1299 -20.72 -33.45 -27.87
CA LYS A 1299 -19.31 -33.14 -27.75
C LYS A 1299 -18.73 -33.61 -26.43
N ILE A 1300 -19.49 -33.55 -25.34
CA ILE A 1300 -18.94 -33.86 -24.02
C ILE A 1300 -19.00 -35.35 -23.69
N ILE A 1301 -19.61 -36.17 -24.54
CA ILE A 1301 -19.73 -37.60 -24.25
C ILE A 1301 -18.34 -38.21 -24.33
N GLY A 1302 -17.78 -38.57 -23.18
CA GLY A 1302 -16.48 -39.19 -23.13
C GLY A 1302 -16.59 -40.69 -23.03
N PRO A 1303 -15.56 -41.42 -23.47
CA PRO A 1303 -15.65 -42.88 -23.44
C PRO A 1303 -15.94 -43.44 -22.05
N HIS A 1304 -15.34 -42.88 -21.00
CA HIS A 1304 -15.62 -43.41 -19.68
C HIS A 1304 -17.09 -43.27 -19.33
N ASN A 1305 -17.75 -42.23 -19.84
CA ASN A 1305 -19.20 -42.16 -19.70
C ASN A 1305 -19.89 -43.35 -20.32
N LEU A 1306 -19.24 -44.00 -21.28
CA LEU A 1306 -19.81 -45.18 -21.92
C LEU A 1306 -19.51 -46.46 -21.15
N ARG A 1307 -18.29 -46.60 -20.62
CA ARG A 1307 -17.99 -47.76 -19.80
C ARG A 1307 -18.98 -47.87 -18.63
N ASP A 1308 -19.43 -46.72 -18.12
CA ASP A 1308 -20.47 -46.74 -17.10
C ASP A 1308 -21.69 -47.51 -17.56
N LEU A 1309 -22.03 -47.41 -18.85
CA LEU A 1309 -23.18 -48.12 -19.38
C LEU A 1309 -22.85 -49.59 -19.59
N ALA A 1310 -22.56 -50.30 -18.50
CA ALA A 1310 -22.44 -51.75 -18.54
C ALA A 1310 -23.86 -52.30 -18.52
N LEU A 1311 -24.42 -52.45 -19.71
CA LEU A 1311 -25.85 -52.70 -19.82
C LEU A 1311 -26.23 -53.99 -19.12
N GLY A 1312 -27.41 -53.97 -18.49
CA GLY A 1312 -27.99 -55.19 -17.98
C GLY A 1312 -28.37 -56.12 -19.11
N ASP A 1313 -28.29 -57.42 -18.83
CA ASP A 1313 -28.47 -58.40 -19.90
C ASP A 1313 -29.81 -58.24 -20.58
N GLU A 1314 -30.87 -57.90 -19.84
CA GLU A 1314 -32.13 -57.60 -20.49
C GLU A 1314 -31.97 -56.49 -21.51
N GLU A 1315 -31.39 -55.36 -21.10
CA GLU A 1315 -31.15 -54.28 -22.04
C GLU A 1315 -30.26 -54.74 -23.19
N SER A 1316 -29.22 -55.52 -22.86
CA SER A 1316 -28.24 -55.88 -23.86
C SER A 1316 -28.83 -56.77 -24.94
N LEU A 1317 -29.78 -57.63 -24.58
CA LEU A 1317 -30.18 -58.71 -25.47
C LEU A 1317 -31.62 -58.64 -25.95
N VAL A 1318 -32.53 -58.04 -25.19
CA VAL A 1318 -33.95 -58.15 -25.49
C VAL A 1318 -34.53 -56.78 -25.81
N LYS A 1319 -34.48 -55.86 -24.85
CA LYS A 1319 -35.17 -54.59 -25.01
C LYS A 1319 -34.50 -53.71 -26.07
N GLY A 1320 -33.18 -53.76 -26.16
CA GLY A 1320 -32.45 -52.94 -27.11
C GLY A 1320 -32.17 -51.52 -26.65
N ASN A 1321 -32.58 -51.16 -25.45
CA ASN A 1321 -32.30 -49.83 -24.92
C ASN A 1321 -32.11 -49.94 -23.42
N CYS A 1322 -31.51 -48.91 -22.84
CA CYS A 1322 -31.16 -48.94 -21.42
C CYS A 1322 -32.28 -48.41 -20.55
N SER A 1323 -32.26 -48.82 -19.30
CA SER A 1323 -33.29 -48.40 -18.34
C SER A 1323 -33.07 -46.95 -17.91
N ASP A 1324 -34.09 -46.40 -17.26
CA ASP A 1324 -34.03 -45.00 -16.85
C ASP A 1324 -32.89 -44.76 -15.87
N ILE A 1325 -32.69 -45.68 -14.93
CA ILE A 1325 -31.62 -45.49 -13.94
C ILE A 1325 -30.28 -45.34 -14.66
N ASN A 1326 -29.98 -46.28 -15.56
CA ASN A 1326 -28.71 -46.23 -16.27
C ASN A 1326 -28.62 -44.97 -17.12
N TYR A 1327 -29.70 -44.63 -17.80
CA TYR A 1327 -29.68 -43.45 -18.67
C TYR A 1327 -29.39 -42.19 -17.87
N ASN A 1328 -30.00 -42.07 -16.69
CA ASN A 1328 -29.81 -40.88 -15.88
C ASN A 1328 -28.42 -40.84 -15.28
N ARG A 1329 -27.92 -41.98 -14.78
CA ARG A 1329 -26.55 -41.99 -14.29
C ARG A 1329 -25.58 -41.67 -15.43
N PHE A 1330 -25.92 -42.08 -16.65
CA PHE A 1330 -25.07 -41.81 -17.79
C PHE A 1330 -25.04 -40.32 -18.12
N VAL A 1331 -26.21 -39.67 -18.10
CA VAL A 1331 -26.21 -38.23 -18.37
C VAL A 1331 -25.49 -37.49 -17.26
N GLU A 1332 -25.61 -37.97 -16.02
CA GLU A 1332 -24.84 -37.38 -14.94
C GLU A 1332 -23.35 -37.48 -15.22
N GLY A 1333 -22.89 -38.67 -15.61
CA GLY A 1333 -21.49 -38.81 -15.97
C GLY A 1333 -21.09 -37.92 -17.12
N CYS A 1334 -21.99 -37.75 -18.08
CA CYS A 1334 -21.72 -36.86 -19.21
C CYS A 1334 -21.49 -35.44 -18.74
N ARG A 1335 -22.38 -34.93 -17.89
CA ARG A 1335 -22.21 -33.57 -17.39
C ARG A 1335 -20.94 -33.45 -16.57
N ALA A 1336 -20.63 -34.47 -15.75
CA ALA A 1336 -19.41 -34.43 -14.98
C ALA A 1336 -18.18 -34.35 -15.87
N ASN A 1337 -18.13 -35.18 -16.91
CA ASN A 1337 -17.02 -35.12 -17.85
C ASN A 1337 -16.95 -33.74 -18.50
N GLY A 1338 -18.08 -33.23 -18.97
CA GLY A 1338 -18.09 -31.88 -19.52
C GLY A 1338 -17.63 -30.86 -18.49
N GLN A 1339 -18.12 -30.99 -17.25
CA GLN A 1339 -17.72 -30.07 -16.21
C GLN A 1339 -16.21 -29.92 -16.15
N SER A 1340 -15.47 -30.97 -16.48
CA SER A 1340 -14.02 -30.87 -16.56
C SER A 1340 -13.60 -29.95 -17.69
N PHE A 1341 -14.19 -30.13 -18.87
CA PHE A 1341 -13.71 -29.44 -20.07
C PHE A 1341 -14.79 -29.51 -21.14
N TYR A 1342 -15.37 -28.36 -21.50
CA TYR A 1342 -16.37 -28.33 -22.56
C TYR A 1342 -15.80 -27.79 -23.87
N ALA A 1343 -15.22 -26.58 -23.82
CA ALA A 1343 -15.02 -25.77 -25.03
C ALA A 1343 -14.10 -26.40 -26.06
N GLY A 1344 -13.00 -27.01 -25.63
CA GLY A 1344 -11.96 -27.39 -26.58
C GLY A 1344 -12.15 -28.75 -27.22
N ALA A 1345 -11.14 -29.60 -27.06
CA ALA A 1345 -11.08 -30.86 -27.78
C ALA A 1345 -12.40 -31.63 -27.71
N ASP A 1346 -12.75 -32.26 -28.82
CA ASP A 1346 -13.94 -33.10 -28.89
C ASP A 1346 -13.65 -34.41 -28.16
N PHE A 1347 -14.43 -34.69 -27.12
CA PHE A 1347 -14.28 -35.94 -26.40
C PHE A 1347 -14.74 -37.15 -27.20
N SER A 1348 -15.50 -36.94 -28.27
CA SER A 1348 -15.92 -38.05 -29.11
C SER A 1348 -14.78 -38.60 -29.95
N SER A 1349 -13.64 -37.93 -29.97
CA SER A 1349 -12.61 -38.24 -30.96
C SER A 1349 -12.29 -39.72 -31.01
N GLU A 1350 -12.25 -40.38 -29.86
CA GLU A 1350 -11.89 -41.80 -29.80
C GLU A 1350 -13.08 -42.73 -29.98
N VAL A 1351 -14.30 -42.20 -30.14
CA VAL A 1351 -15.49 -43.04 -30.24
C VAL A 1351 -16.33 -42.59 -31.44
N ASN A 1352 -15.73 -41.80 -32.32
CA ASN A 1352 -16.47 -41.29 -33.47
C ASN A 1352 -17.16 -42.41 -34.22
N PHE A 1353 -16.48 -43.54 -34.39
CA PHE A 1353 -17.04 -44.63 -35.19
C PHE A 1353 -18.39 -45.07 -34.68
N CYS A 1354 -18.60 -45.02 -33.37
CA CYS A 1354 -19.85 -45.55 -32.82
C CYS A 1354 -21.06 -44.86 -33.43
N VAL A 1355 -20.91 -43.64 -33.92
CA VAL A 1355 -22.00 -42.90 -34.54
C VAL A 1355 -21.78 -42.78 -36.05
N GLY A 1356 -20.87 -43.57 -36.61
CA GLY A 1356 -20.68 -43.59 -38.05
C GLY A 1356 -19.96 -42.38 -38.62
N LEU A 1357 -19.30 -41.59 -37.79
CA LEU A 1357 -18.58 -40.41 -38.27
C LEU A 1357 -17.09 -40.71 -38.36
N VAL A 1358 -16.42 -40.04 -39.29
CA VAL A 1358 -14.98 -40.15 -39.45
C VAL A 1358 -14.45 -38.84 -40.00
N THR A 1359 -13.20 -38.54 -39.66
CA THR A 1359 -12.51 -37.38 -40.19
C THR A 1359 -11.46 -37.82 -41.19
N ILE A 1360 -11.40 -37.14 -42.33
CA ILE A 1360 -10.44 -37.49 -43.37
C ILE A 1360 -9.66 -36.26 -43.81
N PRO A 1361 -8.34 -36.36 -43.98
CA PRO A 1361 -7.59 -35.21 -44.52
C PRO A 1361 -8.05 -34.87 -45.92
N ASN A 1362 -8.02 -33.58 -46.24
CA ASN A 1362 -8.42 -33.13 -47.56
C ASN A 1362 -7.58 -33.79 -48.64
N LYS A 1363 -6.31 -34.07 -48.35
CA LYS A 1363 -5.43 -34.67 -49.34
C LYS A 1363 -6.00 -35.97 -49.85
N VAL A 1364 -6.48 -36.82 -48.94
CA VAL A 1364 -6.99 -38.13 -49.35
C VAL A 1364 -8.24 -37.96 -50.21
N ILE A 1365 -9.13 -37.04 -49.82
CA ILE A 1365 -10.35 -36.84 -50.60
C ILE A 1365 -10.01 -36.38 -52.00
N ALA A 1366 -9.05 -35.46 -52.13
CA ALA A 1366 -8.63 -35.03 -53.46
C ALA A 1366 -8.02 -36.20 -54.22
N ASP A 1367 -7.20 -37.00 -53.56
CA ASP A 1367 -6.51 -38.08 -54.26
C ASP A 1367 -7.49 -39.11 -54.80
N THR A 1368 -8.56 -39.40 -54.05
CA THR A 1368 -9.46 -40.47 -54.49
C THR A 1368 -10.16 -40.12 -55.79
N LEU A 1369 -10.55 -38.86 -55.99
CA LEU A 1369 -11.13 -38.47 -57.26
C LEU A 1369 -10.17 -38.77 -58.40
N GLU A 1370 -8.91 -38.38 -58.22
CA GLU A 1370 -7.92 -38.60 -59.26
C GLU A 1370 -7.71 -40.07 -59.51
N ALA A 1371 -7.72 -40.89 -58.45
CA ALA A 1371 -7.58 -42.32 -58.63
C ALA A 1371 -8.74 -42.88 -59.45
N LEU A 1372 -9.96 -42.45 -59.16
CA LEU A 1372 -11.10 -42.90 -59.96
C LEU A 1372 -10.94 -42.52 -61.42
N LEU A 1373 -10.52 -41.28 -61.67
CA LEU A 1373 -10.29 -40.90 -63.06
C LEU A 1373 -9.24 -41.80 -63.70
N GLY A 1374 -8.17 -42.10 -62.97
CA GLY A 1374 -7.12 -42.93 -63.52
C GLY A 1374 -7.62 -44.32 -63.88
N VAL A 1375 -8.39 -44.93 -63.00
CA VAL A 1375 -8.90 -46.27 -63.28
C VAL A 1375 -9.86 -46.23 -64.47
N ILE A 1376 -10.73 -45.23 -64.50
CA ILE A 1376 -11.64 -45.12 -65.64
C ILE A 1376 -10.86 -44.98 -66.93
N VAL A 1377 -9.78 -44.20 -66.90
CA VAL A 1377 -8.94 -44.07 -68.08
C VAL A 1377 -8.40 -45.42 -68.49
N LYS A 1378 -7.71 -46.09 -67.56
CA LYS A 1378 -7.06 -47.35 -67.86
C LYS A 1378 -8.05 -48.35 -68.42
N ASN A 1379 -9.32 -48.25 -68.04
CA ASN A 1379 -10.28 -49.26 -68.44
C ASN A 1379 -11.08 -48.89 -69.69
N TYR A 1380 -11.29 -47.60 -69.97
CA TYR A 1380 -12.18 -47.21 -71.06
C TYR A 1380 -11.62 -46.12 -71.96
N GLY A 1381 -10.31 -45.92 -71.99
CA GLY A 1381 -9.75 -45.01 -72.98
C GLY A 1381 -10.16 -43.56 -72.81
N LEU A 1382 -9.39 -42.66 -73.41
CA LEU A 1382 -9.59 -41.23 -73.19
C LEU A 1382 -10.97 -40.78 -73.65
N GLN A 1383 -11.41 -41.27 -74.82
CA GLN A 1383 -12.67 -40.79 -75.38
C GLN A 1383 -13.79 -40.91 -74.37
N HIS A 1384 -13.94 -42.10 -73.76
CA HIS A 1384 -14.95 -42.27 -72.72
C HIS A 1384 -14.56 -41.55 -71.44
N ALA A 1385 -13.29 -41.57 -71.07
CA ALA A 1385 -12.88 -41.01 -69.79
C ALA A 1385 -13.23 -39.54 -69.69
N PHE A 1386 -13.16 -38.80 -70.80
CA PHE A 1386 -13.48 -37.39 -70.75
C PHE A 1386 -14.89 -37.15 -70.21
N LYS A 1387 -15.84 -38.02 -70.54
CA LYS A 1387 -17.21 -37.84 -70.08
C LYS A 1387 -17.28 -37.78 -68.55
N MET A 1388 -16.34 -38.44 -67.86
CA MET A 1388 -16.41 -38.49 -66.40
C MET A 1388 -16.25 -37.10 -65.80
N LEU A 1389 -15.38 -36.27 -66.39
CA LEU A 1389 -15.29 -34.90 -65.92
C LEU A 1389 -16.64 -34.21 -66.00
N GLU A 1390 -17.33 -34.37 -67.14
CA GLU A 1390 -18.68 -33.85 -67.25
C GLU A 1390 -19.57 -34.40 -66.13
N TYR A 1391 -19.39 -35.68 -65.80
CA TYR A 1391 -20.15 -36.25 -64.69
C TYR A 1391 -19.83 -35.55 -63.39
N PHE A 1392 -18.57 -35.25 -63.15
CA PHE A 1392 -18.16 -34.60 -61.92
C PHE A 1392 -18.27 -33.09 -61.99
N LYS A 1393 -18.73 -32.55 -63.12
CA LYS A 1393 -18.99 -31.13 -63.27
C LYS A 1393 -17.73 -30.29 -63.19
N ILE A 1394 -16.56 -30.91 -63.37
CA ILE A 1394 -15.33 -30.12 -63.44
C ILE A 1394 -15.38 -29.17 -64.61
N CYS A 1395 -15.76 -29.68 -65.78
CA CYS A 1395 -15.87 -28.89 -66.99
C CYS A 1395 -17.33 -28.88 -67.42
N ARG A 1396 -17.81 -27.72 -67.85
CA ARG A 1396 -19.20 -27.55 -68.24
C ARG A 1396 -19.35 -27.80 -69.73
N ALA A 1397 -20.26 -28.69 -70.09
CA ALA A 1397 -20.44 -29.09 -71.48
C ALA A 1397 -21.13 -27.99 -72.28
N ASP A 1398 -21.17 -28.17 -73.60
CA ASP A 1398 -21.80 -27.21 -74.49
C ASP A 1398 -22.34 -27.96 -75.70
N ILE A 1399 -23.46 -27.46 -76.23
CA ILE A 1399 -24.10 -28.13 -77.36
C ILE A 1399 -23.15 -28.19 -78.55
N ASP A 1400 -22.41 -27.12 -78.81
CA ASP A 1400 -21.52 -27.11 -79.97
C ASP A 1400 -20.37 -28.09 -79.80
N LYS A 1401 -19.82 -28.20 -78.59
CA LYS A 1401 -18.60 -29.00 -78.35
C LYS A 1401 -18.85 -29.98 -77.20
N PRO A 1402 -19.45 -31.13 -77.55
CA PRO A 1402 -19.56 -32.15 -76.51
C PRO A 1402 -18.17 -32.50 -76.05
N LEU A 1403 -18.06 -33.23 -74.96
CA LEU A 1403 -16.75 -33.50 -74.38
C LEU A 1403 -16.01 -34.63 -75.07
N THR A 1404 -16.68 -35.39 -75.93
CA THR A 1404 -16.03 -36.55 -76.53
C THR A 1404 -15.05 -36.16 -77.64
N GLN A 1405 -14.94 -34.87 -77.98
CA GLN A 1405 -14.12 -34.43 -79.09
C GLN A 1405 -12.94 -33.56 -78.66
N LEU A 1406 -12.52 -33.65 -77.40
CA LEU A 1406 -11.35 -32.88 -77.00
C LEU A 1406 -10.12 -33.28 -77.82
N LEU A 1407 -10.09 -34.52 -78.31
CA LEU A 1407 -9.06 -34.90 -79.25
C LEU A 1407 -9.16 -34.11 -80.55
N ASN A 1408 -10.29 -33.48 -80.81
CA ASN A 1408 -10.51 -32.64 -81.99
C ASN A 1408 -10.29 -31.18 -81.66
N LEU A 1409 -9.30 -30.90 -80.81
CA LEU A 1409 -8.97 -29.52 -80.47
C LEU A 1409 -8.73 -28.71 -81.73
N GLU A 1410 -9.34 -27.53 -81.79
CA GLU A 1410 -9.17 -26.61 -82.89
C GLU A 1410 -8.38 -25.41 -82.39
N LEU A 1411 -7.26 -25.12 -83.04
CA LEU A 1411 -6.46 -23.95 -82.73
C LEU A 1411 -7.07 -22.73 -83.42
N GLY A 1412 -8.33 -22.47 -83.06
CA GLY A 1412 -9.14 -21.51 -83.78
C GLY A 1412 -8.84 -20.07 -83.42
N GLY A 1413 -9.74 -19.19 -83.83
CA GLY A 1413 -9.60 -17.77 -83.60
C GLY A 1413 -8.88 -17.07 -84.74
N LYS A 1414 -8.70 -15.77 -84.55
CA LYS A 1414 -7.99 -14.96 -85.52
C LYS A 1414 -6.50 -15.26 -85.58
N LYS A 1415 -5.96 -16.01 -84.61
CA LYS A 1415 -4.52 -16.24 -84.53
C LYS A 1415 -4.00 -17.05 -85.71
N MET A 1416 -4.86 -17.70 -86.48
CA MET A 1416 -4.43 -18.51 -87.61
C MET A 1416 -4.84 -17.84 -88.91
N ARG A 1417 -3.97 -17.97 -89.91
CA ARG A 1417 -4.21 -17.42 -91.25
C ARG A 1417 -3.92 -18.54 -92.24
N ALA A 1418 -4.97 -19.27 -92.63
CA ALA A 1418 -4.85 -20.37 -93.58
C ALA A 1418 -4.75 -19.91 -95.02
N ASN A 1419 -4.90 -18.61 -95.27
CA ASN A 1419 -4.86 -18.07 -96.62
C ASN A 1419 -3.46 -17.69 -97.08
N VAL A 1420 -2.48 -17.71 -96.18
CA VAL A 1420 -1.13 -17.27 -96.52
C VAL A 1420 -0.46 -18.33 -97.38
N ASN A 1421 0.13 -17.91 -98.49
CA ASN A 1421 0.84 -18.83 -99.35
C ASN A 1421 2.01 -19.45 -98.61
N THR A 1422 2.27 -20.72 -98.90
CA THR A 1422 3.30 -21.45 -98.17
C THR A 1422 4.70 -20.90 -98.38
N THR A 1423 4.91 -20.14 -99.47
CA THR A 1423 6.25 -19.65 -99.76
C THR A 1423 6.75 -18.75 -98.64
N GLU A 1424 5.86 -17.94 -98.05
CA GLU A 1424 6.29 -17.07 -96.95
C GLU A 1424 6.75 -17.89 -95.76
N ILE A 1425 6.00 -18.93 -95.40
CA ILE A 1425 6.38 -19.76 -94.26
C ILE A 1425 7.72 -20.42 -94.53
N ASP A 1426 7.90 -20.99 -95.73
CA ASP A 1426 9.20 -21.56 -96.06
C ASP A 1426 10.30 -20.49 -95.98
N GLY A 1427 9.98 -19.26 -96.38
CA GLY A 1427 10.95 -18.19 -96.22
C GLY A 1427 11.36 -18.04 -94.77
N PHE A 1428 10.40 -18.14 -93.86
CA PHE A 1428 10.75 -18.17 -92.44
C PHE A 1428 11.57 -19.42 -92.11
N LEU A 1429 11.26 -20.54 -92.75
CA LEU A 1429 11.88 -21.82 -92.41
C LEU A 1429 13.11 -22.05 -93.28
N ILE A 1430 14.27 -22.10 -92.66
CA ILE A 1430 15.49 -22.48 -93.34
C ILE A 1430 15.91 -23.84 -92.81
N ASN A 1431 16.56 -24.62 -93.66
CA ASN A 1431 16.96 -25.98 -93.33
C ASN A 1431 15.78 -26.75 -92.76
N HIS A 1432 14.62 -26.57 -93.39
CA HIS A 1432 13.41 -27.24 -92.96
C HIS A 1432 13.58 -28.75 -92.95
N TYR A 1433 14.15 -29.30 -94.03
CA TYR A 1433 14.35 -30.73 -94.12
C TYR A 1433 15.27 -31.22 -93.00
N TYR A 1434 16.33 -30.47 -92.70
CA TYR A 1434 17.22 -30.84 -91.62
C TYR A 1434 16.44 -30.95 -90.31
N LEU A 1435 15.57 -29.97 -90.05
CA LEU A 1435 14.78 -30.00 -88.82
C LEU A 1435 13.86 -31.21 -88.79
N GLU A 1436 13.14 -31.48 -89.88
CA GLU A 1436 12.23 -32.61 -89.88
C GLU A 1436 12.99 -33.92 -89.64
N LYS A 1437 14.15 -34.07 -90.29
CA LYS A 1437 14.92 -35.30 -90.11
C LYS A 1437 15.37 -35.44 -88.66
N ASN A 1438 15.95 -34.39 -88.09
CA ASN A 1438 16.45 -34.49 -86.72
C ASN A 1438 15.31 -34.78 -85.75
N LEU A 1439 14.18 -34.09 -85.90
CA LEU A 1439 13.04 -34.34 -85.04
C LEU A 1439 12.54 -35.76 -85.22
N GLY A 1440 12.48 -36.24 -86.46
CA GLY A 1440 11.90 -37.53 -86.76
C GLY A 1440 10.48 -37.49 -87.25
N TYR A 1441 9.92 -36.30 -87.49
CA TYR A 1441 8.55 -36.16 -87.98
C TYR A 1441 8.56 -35.30 -89.23
N THR A 1442 7.75 -35.69 -90.21
CA THR A 1442 7.60 -34.97 -91.47
C THR A 1442 6.25 -34.26 -91.44
N PHE A 1443 6.28 -32.94 -91.56
CA PHE A 1443 5.07 -32.14 -91.43
C PHE A 1443 4.35 -32.00 -92.76
N LYS A 1444 3.01 -32.05 -92.70
CA LYS A 1444 2.18 -31.72 -93.85
C LYS A 1444 1.69 -30.29 -93.81
N ASP A 1445 1.40 -29.77 -92.62
CA ASP A 1445 1.08 -28.36 -92.43
C ASP A 1445 2.19 -27.73 -91.59
N ARG A 1446 2.91 -26.77 -92.16
CA ARG A 1446 4.10 -26.23 -91.52
C ARG A 1446 3.81 -25.07 -90.57
N ARG A 1447 2.68 -24.39 -90.73
CA ARG A 1447 2.42 -23.21 -89.91
C ARG A 1447 2.44 -23.54 -88.43
N TYR A 1448 2.05 -24.76 -88.06
CA TYR A 1448 2.20 -25.18 -86.67
C TYR A 1448 3.66 -25.21 -86.27
N LEU A 1449 4.53 -25.73 -87.13
CA LEU A 1449 5.94 -25.77 -86.81
C LEU A 1449 6.50 -24.37 -86.62
N LEU A 1450 6.16 -23.45 -87.51
CA LEU A 1450 6.61 -22.07 -87.37
C LEU A 1450 6.10 -21.47 -86.06
N GLN A 1451 4.80 -21.56 -85.82
CA GLN A 1451 4.24 -21.02 -84.58
C GLN A 1451 4.90 -21.64 -83.36
N ALA A 1452 5.41 -22.86 -83.50
CA ALA A 1452 6.16 -23.45 -82.40
C ALA A 1452 7.53 -22.82 -82.25
N LEU A 1453 8.24 -22.64 -83.36
CA LEU A 1453 9.61 -22.17 -83.31
C LEU A 1453 9.73 -20.67 -83.08
N THR A 1454 8.62 -19.94 -83.09
CA THR A 1454 8.66 -18.48 -82.98
C THR A 1454 8.66 -18.06 -81.52
N HIS A 1455 9.78 -17.53 -81.06
CA HIS A 1455 9.86 -16.94 -79.74
C HIS A 1455 8.99 -15.68 -79.68
N PRO A 1456 8.48 -15.33 -78.50
CA PRO A 1456 7.69 -14.10 -78.42
C PRO A 1456 8.45 -12.83 -78.79
N SER A 1457 9.78 -12.86 -78.79
CA SER A 1457 10.57 -11.67 -79.07
C SER A 1457 10.94 -11.53 -80.54
N TYR A 1458 10.44 -12.41 -81.41
CA TYR A 1458 10.73 -12.29 -82.84
C TYR A 1458 9.66 -11.41 -83.47
N PRO A 1459 10.01 -10.23 -83.98
CA PRO A 1459 8.97 -9.30 -84.44
C PRO A 1459 8.53 -9.54 -85.87
N THR A 1460 9.43 -10.05 -86.71
CA THR A 1460 9.12 -10.17 -88.13
C THR A 1460 7.97 -11.14 -88.39
N ASN A 1461 7.75 -12.12 -87.52
CA ASN A 1461 6.68 -13.08 -87.72
C ASN A 1461 5.37 -12.34 -87.49
N ARG A 1462 4.49 -12.38 -88.49
CA ARG A 1462 3.21 -11.69 -88.44
C ARG A 1462 2.10 -12.54 -89.04
N ILE A 1463 2.30 -13.86 -89.08
CA ILE A 1463 1.32 -14.74 -89.72
C ILE A 1463 0.86 -15.80 -88.72
N THR A 1464 1.61 -15.98 -87.64
CA THR A 1464 1.21 -16.89 -86.58
C THR A 1464 1.49 -16.25 -85.23
N GLY A 1465 0.82 -16.76 -84.20
CA GLY A 1465 1.05 -16.31 -82.85
C GLY A 1465 2.32 -16.89 -82.28
N SER A 1466 2.51 -16.67 -80.98
CA SER A 1466 3.68 -17.18 -80.28
C SER A 1466 3.53 -18.68 -80.04
N TYR A 1467 4.55 -19.27 -79.43
CA TYR A 1467 4.51 -20.69 -79.11
C TYR A 1467 3.89 -20.96 -77.75
N GLN A 1468 3.66 -19.93 -76.93
CA GLN A 1468 3.16 -20.17 -75.59
C GLN A 1468 1.88 -20.99 -75.62
N GLU A 1469 0.98 -20.67 -76.55
CA GLU A 1469 -0.25 -21.46 -76.68
C GLU A 1469 0.07 -22.90 -77.05
N LEU A 1470 1.03 -23.11 -77.95
CA LEU A 1470 1.35 -24.47 -78.37
C LEU A 1470 2.05 -25.25 -77.26
N GLU A 1471 3.07 -24.67 -76.63
CA GLU A 1471 3.77 -25.39 -75.59
C GLU A 1471 2.87 -25.61 -74.39
N PHE A 1472 1.87 -24.75 -74.20
CA PHE A 1472 0.91 -24.95 -73.11
C PHE A 1472 0.21 -26.30 -73.26
N ILE A 1473 -0.25 -26.61 -74.46
CA ILE A 1473 -0.82 -27.93 -74.71
C ILE A 1473 0.27 -28.98 -74.60
N GLY A 1474 1.43 -28.72 -75.20
CA GLY A 1474 2.48 -29.73 -75.26
C GLY A 1474 2.93 -30.20 -73.90
N ASN A 1475 2.97 -29.31 -72.92
CA ASN A 1475 3.34 -29.72 -71.58
C ASN A 1475 2.42 -30.82 -71.08
N ALA A 1476 1.11 -30.58 -71.15
CA ALA A 1476 0.16 -31.58 -70.67
C ALA A 1476 0.22 -32.85 -71.51
N ILE A 1477 0.37 -32.70 -72.83
CA ILE A 1477 0.43 -33.88 -73.69
C ILE A 1477 1.60 -34.76 -73.30
N LEU A 1478 2.79 -34.16 -73.17
CA LEU A 1478 3.96 -34.93 -72.77
C LEU A 1478 3.77 -35.52 -71.38
N ASP A 1479 3.23 -34.75 -70.45
CA ASP A 1479 3.03 -35.26 -69.10
C ASP A 1479 2.17 -36.51 -69.13
N PHE A 1480 1.02 -36.43 -69.80
CA PHE A 1480 0.12 -37.57 -69.83
C PHE A 1480 0.75 -38.77 -70.50
N LEU A 1481 1.39 -38.55 -71.66
CA LEU A 1481 1.97 -39.68 -72.36
C LEU A 1481 3.07 -40.35 -71.54
N ILE A 1482 3.96 -39.55 -70.93
CA ILE A 1482 5.05 -40.14 -70.18
C ILE A 1482 4.52 -40.86 -68.95
N SER A 1483 3.51 -40.28 -68.29
CA SER A 1483 2.91 -40.95 -67.16
C SER A 1483 2.30 -42.27 -67.58
N ALA A 1484 1.58 -42.30 -68.70
CA ALA A 1484 0.97 -43.54 -69.15
C ALA A 1484 2.03 -44.58 -69.46
N TYR A 1485 3.11 -44.18 -70.13
CA TYR A 1485 4.16 -45.14 -70.46
C TYR A 1485 4.78 -45.72 -69.20
N ILE A 1486 5.18 -44.86 -68.27
CA ILE A 1486 5.86 -45.36 -67.09
C ILE A 1486 4.90 -46.22 -66.27
N PHE A 1487 3.63 -45.85 -66.21
CA PHE A 1487 2.65 -46.66 -65.50
C PHE A 1487 2.50 -48.04 -66.14
N GLU A 1488 2.41 -48.08 -67.47
CA GLU A 1488 2.19 -49.34 -68.17
C GLU A 1488 3.40 -50.26 -68.01
N ASN A 1489 4.60 -49.74 -68.27
CA ASN A 1489 5.78 -50.58 -68.42
C ASN A 1489 6.55 -50.78 -67.12
N ASN A 1490 6.79 -49.71 -66.36
CA ASN A 1490 7.65 -49.78 -65.18
C ASN A 1490 6.77 -49.92 -63.93
N THR A 1491 6.23 -51.12 -63.76
CA THR A 1491 5.34 -51.43 -62.64
C THR A 1491 6.09 -51.81 -61.37
N LYS A 1492 7.39 -52.11 -61.45
CA LYS A 1492 8.09 -52.70 -60.31
C LYS A 1492 8.14 -51.78 -59.11
N MET A 1493 8.47 -50.50 -59.30
CA MET A 1493 8.75 -49.62 -58.17
C MET A 1493 7.47 -49.17 -57.49
N ASN A 1494 7.61 -48.72 -56.24
CA ASN A 1494 6.48 -48.25 -55.47
C ASN A 1494 6.02 -46.90 -55.98
N PRO A 1495 4.81 -46.48 -55.61
CA PRO A 1495 4.26 -45.23 -56.15
C PRO A 1495 5.13 -44.01 -55.89
N GLY A 1496 5.80 -43.93 -54.75
CA GLY A 1496 6.65 -42.78 -54.51
C GLY A 1496 7.73 -42.65 -55.56
N ALA A 1497 8.42 -43.76 -55.84
CA ALA A 1497 9.43 -43.74 -56.89
C ALA A 1497 8.81 -43.44 -58.24
N LEU A 1498 7.61 -43.97 -58.50
CA LEU A 1498 6.96 -43.73 -59.77
C LEU A 1498 6.70 -42.24 -59.97
N THR A 1499 6.13 -41.58 -58.96
CA THR A 1499 5.85 -40.15 -59.09
C THR A 1499 7.13 -39.33 -59.16
N ASP A 1500 8.16 -39.73 -58.42
CA ASP A 1500 9.42 -39.00 -58.50
C ASP A 1500 10.02 -39.10 -59.90
N LEU A 1501 10.00 -40.29 -60.49
CA LEU A 1501 10.50 -40.45 -61.85
C LEU A 1501 9.65 -39.64 -62.82
N ARG A 1502 8.34 -39.62 -62.61
CA ARG A 1502 7.47 -38.78 -63.43
C ARG A 1502 7.95 -37.34 -63.39
N SER A 1503 8.12 -36.81 -62.18
CA SER A 1503 8.55 -35.42 -62.06
C SER A 1503 9.89 -35.20 -62.74
N ALA A 1504 10.84 -36.11 -62.54
CA ALA A 1504 12.15 -35.94 -63.16
C ALA A 1504 12.05 -35.91 -64.67
N LEU A 1505 11.26 -36.81 -65.26
CA LEU A 1505 11.18 -36.89 -66.70
C LEU A 1505 10.54 -35.64 -67.29
N VAL A 1506 9.41 -35.21 -66.73
CA VAL A 1506 8.71 -34.05 -67.26
C VAL A 1506 9.32 -32.74 -66.82
N ASN A 1507 10.42 -32.77 -66.09
CA ASN A 1507 11.05 -31.54 -65.64
C ASN A 1507 11.52 -30.71 -66.83
N ASN A 1508 11.41 -29.39 -66.69
CA ASN A 1508 11.77 -28.50 -67.78
C ASN A 1508 13.24 -28.65 -68.15
N THR A 1509 14.11 -28.83 -67.15
CA THR A 1509 15.53 -28.93 -67.43
C THR A 1509 15.82 -30.12 -68.34
N THR A 1510 15.19 -31.27 -68.08
CA THR A 1510 15.38 -32.42 -68.95
C THR A 1510 14.92 -32.11 -70.37
N LEU A 1511 13.81 -31.38 -70.50
CA LEU A 1511 13.33 -31.01 -71.83
C LEU A 1511 14.37 -30.16 -72.55
N ALA A 1512 14.98 -29.22 -71.83
CA ALA A 1512 16.04 -28.42 -72.45
C ALA A 1512 17.19 -29.30 -72.90
N CYS A 1513 17.59 -30.26 -72.06
CA CYS A 1513 18.68 -31.15 -72.45
C CYS A 1513 18.34 -31.92 -73.71
N ILE A 1514 17.11 -32.43 -73.78
CA ILE A 1514 16.67 -33.12 -74.99
C ILE A 1514 16.77 -32.20 -76.19
N CYS A 1515 16.20 -31.00 -76.08
CA CYS A 1515 16.22 -30.07 -77.21
C CYS A 1515 17.64 -29.81 -77.67
N VAL A 1516 18.57 -29.68 -76.73
CA VAL A 1516 19.95 -29.41 -77.11
C VAL A 1516 20.57 -30.61 -77.81
N ARG A 1517 20.40 -31.81 -77.25
CA ARG A 1517 21.08 -32.97 -77.81
C ARG A 1517 20.68 -33.22 -79.26
N HIS A 1518 19.44 -32.88 -79.63
CA HIS A 1518 18.98 -33.07 -80.99
C HIS A 1518 19.21 -31.83 -81.84
N ARG A 1519 19.96 -30.86 -81.34
CA ARG A 1519 20.38 -29.71 -82.15
C ARG A 1519 19.17 -28.93 -82.64
N LEU A 1520 18.10 -28.91 -81.85
CA LEU A 1520 16.93 -28.12 -82.20
C LEU A 1520 17.13 -26.63 -81.96
N HIS A 1521 18.06 -26.25 -81.08
CA HIS A 1521 18.28 -24.84 -80.79
C HIS A 1521 18.65 -24.04 -82.03
N PHE A 1522 19.25 -24.68 -83.04
CA PHE A 1522 19.60 -23.95 -84.25
C PHE A 1522 18.38 -23.32 -84.89
N PHE A 1523 17.19 -23.88 -84.66
CA PHE A 1523 15.99 -23.48 -85.37
C PHE A 1523 15.06 -22.61 -84.53
N ILE A 1524 15.52 -22.11 -83.40
CA ILE A 1524 14.70 -21.24 -82.58
C ILE A 1524 14.73 -19.82 -83.14
N LEU A 1525 13.55 -19.25 -83.35
CA LEU A 1525 13.42 -17.89 -83.86
C LEU A 1525 13.28 -16.94 -82.67
N ALA A 1526 14.39 -16.31 -82.30
CA ALA A 1526 14.42 -15.37 -81.19
C ALA A 1526 15.29 -14.19 -81.56
N GLU A 1527 15.09 -13.07 -80.84
CA GLU A 1527 15.82 -11.84 -81.11
C GLU A 1527 16.52 -11.26 -79.89
N ASN A 1528 16.09 -11.59 -78.68
CA ASN A 1528 16.75 -11.07 -77.48
C ASN A 1528 18.20 -11.53 -77.43
N ALA A 1529 19.09 -10.62 -77.02
CA ALA A 1529 20.51 -10.96 -76.95
C ALA A 1529 20.81 -11.87 -75.77
N LYS A 1530 20.24 -11.55 -74.60
CA LYS A 1530 20.51 -12.35 -73.41
C LYS A 1530 20.21 -13.82 -73.66
N LEU A 1531 19.04 -14.08 -74.26
CA LEU A 1531 18.64 -15.46 -74.52
C LEU A 1531 19.64 -16.15 -75.42
N SER A 1532 20.08 -15.47 -76.48
CA SER A 1532 21.03 -16.08 -77.39
C SER A 1532 22.33 -16.41 -76.69
N GLU A 1533 22.84 -15.48 -75.89
CA GLU A 1533 24.10 -15.73 -75.19
C GLU A 1533 23.96 -16.90 -74.23
N ILE A 1534 22.87 -16.92 -73.46
CA ILE A 1534 22.69 -18.01 -72.50
C ILE A 1534 22.59 -19.33 -73.23
N ILE A 1535 21.86 -19.38 -74.34
CA ILE A 1535 21.75 -20.61 -75.10
C ILE A 1535 23.11 -21.06 -75.58
N SER A 1536 23.90 -20.13 -76.10
CA SER A 1536 25.21 -20.48 -76.65
C SER A 1536 26.11 -21.08 -75.56
N LYS A 1537 26.18 -20.42 -74.41
CA LYS A 1537 27.05 -20.94 -73.36
C LYS A 1537 26.51 -22.26 -72.81
N PHE A 1538 25.18 -22.39 -72.72
CA PHE A 1538 24.60 -23.63 -72.24
C PHE A 1538 24.92 -24.78 -73.18
N VAL A 1539 24.84 -24.55 -74.49
CA VAL A 1539 25.16 -25.63 -75.42
C VAL A 1539 26.65 -25.95 -75.38
N ASN A 1540 27.50 -24.94 -75.19
CA ASN A 1540 28.92 -25.23 -75.01
C ASN A 1540 29.12 -26.14 -73.80
N PHE A 1541 28.44 -25.82 -72.69
CA PHE A 1541 28.55 -26.67 -71.51
C PHE A 1541 28.05 -28.08 -71.79
N GLN A 1542 26.92 -28.19 -72.49
CA GLN A 1542 26.40 -29.51 -72.83
C GLN A 1542 27.42 -30.31 -73.62
N GLU A 1543 27.94 -29.74 -74.70
CA GLU A 1543 28.96 -30.43 -75.48
C GLU A 1543 30.13 -30.83 -74.60
N SER A 1544 30.51 -29.98 -73.66
CA SER A 1544 31.53 -30.37 -72.69
C SER A 1544 31.10 -31.60 -71.92
N GLN A 1545 29.80 -31.73 -71.66
CA GLN A 1545 29.25 -32.87 -70.94
C GLN A 1545 28.71 -33.95 -71.87
N GLY A 1546 29.00 -33.87 -73.17
CA GLY A 1546 28.58 -34.92 -74.08
C GLY A 1546 27.08 -35.08 -74.14
N HIS A 1547 26.33 -33.99 -74.00
CA HIS A 1547 24.88 -34.02 -74.08
C HIS A 1547 24.27 -34.99 -73.08
N ARG A 1548 25.01 -35.32 -72.04
CA ARG A 1548 24.57 -36.28 -71.03
C ARG A 1548 23.90 -35.52 -69.89
N VAL A 1549 22.71 -35.97 -69.51
CA VAL A 1549 21.99 -35.32 -68.41
C VAL A 1549 22.80 -35.54 -67.14
N THR A 1550 23.33 -34.45 -66.58
CA THR A 1550 24.15 -34.51 -65.38
C THR A 1550 23.72 -33.37 -64.46
N ASN A 1551 24.34 -33.32 -63.29
CA ASN A 1551 24.15 -32.18 -62.41
C ASN A 1551 24.74 -30.94 -63.05
N TYR A 1552 23.94 -29.88 -63.13
CA TYR A 1552 24.33 -28.68 -63.86
C TYR A 1552 25.05 -27.73 -62.92
N VAL A 1553 26.37 -27.87 -62.89
CA VAL A 1553 27.26 -27.09 -62.05
C VAL A 1553 28.39 -26.57 -62.91
N ARG A 1554 28.97 -25.45 -62.50
CA ARG A 1554 30.26 -25.02 -63.02
C ARG A 1554 31.24 -25.03 -61.86
N ILE A 1555 32.22 -25.93 -61.92
CA ILE A 1555 33.20 -26.05 -60.85
C ILE A 1555 34.20 -24.92 -61.00
N LEU A 1556 33.93 -23.80 -60.35
CA LEU A 1556 34.73 -22.60 -60.57
C LEU A 1556 36.17 -22.83 -60.12
N LEU A 1557 36.36 -23.33 -58.91
CA LEU A 1557 37.69 -23.35 -58.31
C LEU A 1557 37.84 -24.58 -57.43
N GLU A 1558 39.08 -25.08 -57.36
CA GLU A 1558 39.43 -26.21 -56.51
C GLU A 1558 38.38 -27.30 -56.57
N VAL A 1593 39.69 -28.63 -67.43
CA VAL A 1593 39.85 -28.95 -66.01
C VAL A 1593 39.82 -27.66 -65.19
N PRO A 1594 38.94 -27.60 -64.18
CA PRO A 1594 38.91 -26.42 -63.31
C PRO A 1594 40.25 -26.20 -62.64
N PRO A 1595 40.69 -24.95 -62.47
CA PRO A 1595 41.99 -24.71 -61.86
C PRO A 1595 42.03 -25.09 -60.38
N LYS A 1596 43.23 -25.10 -59.82
CA LYS A 1596 43.43 -25.35 -58.40
C LYS A 1596 43.25 -24.04 -57.64
N GLY A 1597 42.80 -24.15 -56.41
CA GLY A 1597 42.61 -22.98 -55.57
C GLY A 1597 42.54 -23.35 -54.12
N GLU A 1598 41.84 -22.51 -53.34
CA GLU A 1598 41.66 -22.75 -51.92
C GLU A 1598 40.22 -23.10 -51.61
N PHE A 1599 39.26 -22.30 -52.05
CA PHE A 1599 37.86 -22.55 -51.76
C PHE A 1599 37.21 -23.35 -52.87
N ASN A 1600 36.61 -24.48 -52.52
CA ASN A 1600 35.84 -25.25 -53.50
C ASN A 1600 34.54 -24.51 -53.74
N MET A 1601 34.52 -23.70 -54.79
CA MET A 1601 33.37 -22.87 -55.12
C MET A 1601 32.65 -23.42 -56.32
N SER A 1602 31.37 -23.08 -56.44
CA SER A 1602 30.56 -23.49 -57.57
C SER A 1602 29.39 -22.54 -57.71
N THR A 1603 28.78 -22.58 -58.88
CA THR A 1603 27.57 -21.82 -59.15
C THR A 1603 26.65 -22.68 -60.00
N ASN A 1604 25.51 -22.11 -60.38
CA ASN A 1604 24.49 -22.82 -61.11
C ASN A 1604 24.63 -22.54 -62.60
N VAL A 1605 24.80 -23.60 -63.40
CA VAL A 1605 24.74 -23.44 -64.84
C VAL A 1605 23.30 -23.16 -65.22
N ASP A 1606 23.00 -21.91 -65.50
CA ASP A 1606 21.62 -21.49 -65.74
C ASP A 1606 21.10 -22.20 -66.97
N VAL A 1607 19.90 -22.75 -66.87
CA VAL A 1607 19.26 -23.45 -67.99
C VAL A 1607 18.12 -22.57 -68.50
N PRO A 1608 18.21 -22.04 -69.71
CA PRO A 1608 17.11 -21.21 -70.22
C PRO A 1608 15.84 -22.02 -70.35
N LYS A 1609 14.72 -21.41 -70.00
CA LYS A 1609 13.43 -22.08 -70.10
C LYS A 1609 12.93 -22.14 -71.54
N ALA A 1610 13.45 -21.28 -72.42
CA ALA A 1610 12.98 -21.29 -73.80
C ALA A 1610 13.19 -22.64 -74.46
N LEU A 1611 14.28 -23.33 -74.15
CA LEU A 1611 14.56 -24.61 -74.78
C LEU A 1611 13.45 -25.62 -74.48
N GLY A 1612 13.16 -25.80 -73.20
CA GLY A 1612 12.11 -26.75 -72.83
C GLY A 1612 10.76 -26.33 -73.39
N ASP A 1613 10.46 -25.04 -73.30
CA ASP A 1613 9.16 -24.59 -73.81
C ASP A 1613 9.03 -24.86 -75.30
N VAL A 1614 10.09 -24.61 -76.07
CA VAL A 1614 10.00 -24.83 -77.50
C VAL A 1614 9.90 -26.32 -77.80
N LEU A 1615 10.58 -27.16 -77.03
CA LEU A 1615 10.43 -28.59 -77.27
C LEU A 1615 8.98 -29.03 -77.04
N GLU A 1616 8.37 -28.53 -75.97
CA GLU A 1616 6.96 -28.82 -75.75
C GLU A 1616 6.10 -28.27 -76.89
N ALA A 1617 6.44 -27.09 -77.39
CA ALA A 1617 5.69 -26.53 -78.50
C ALA A 1617 5.77 -27.41 -79.73
N LEU A 1618 6.97 -27.90 -80.06
CA LEU A 1618 7.09 -28.82 -81.18
C LEU A 1618 6.28 -30.09 -80.95
N ILE A 1619 6.26 -30.61 -79.71
CA ILE A 1619 5.44 -31.79 -79.47
C ILE A 1619 3.97 -31.48 -79.74
N ALA A 1620 3.49 -30.35 -79.24
CA ALA A 1620 2.09 -30.00 -79.45
C ALA A 1620 1.80 -29.86 -80.94
N ALA A 1621 2.71 -29.21 -81.67
CA ALA A 1621 2.51 -29.03 -83.10
C ALA A 1621 2.50 -30.35 -83.83
N VAL A 1622 3.38 -31.28 -83.44
CA VAL A 1622 3.38 -32.59 -84.08
C VAL A 1622 2.05 -33.27 -83.86
N TYR A 1623 1.55 -33.21 -82.62
CA TYR A 1623 0.26 -33.83 -82.34
C TYR A 1623 -0.83 -33.20 -83.20
N LEU A 1624 -0.88 -31.87 -83.23
CA LEU A 1624 -1.96 -31.21 -83.97
C LEU A 1624 -1.88 -31.52 -85.46
N ASP A 1625 -0.68 -31.52 -86.03
CA ASP A 1625 -0.52 -31.86 -87.44
C ASP A 1625 -0.99 -33.28 -87.71
N CYS A 1626 -0.50 -34.24 -86.91
CA CYS A 1626 -0.87 -35.63 -87.14
C CYS A 1626 -2.26 -35.95 -86.59
N ARG A 1627 -2.65 -35.32 -85.49
CA ARG A 1627 -3.89 -35.68 -84.79
C ARG A 1627 -3.88 -37.14 -84.37
N ASP A 1628 -2.69 -37.71 -84.21
CA ASP A 1628 -2.52 -39.12 -83.86
C ASP A 1628 -1.66 -39.20 -82.61
N LEU A 1629 -2.29 -39.50 -81.47
CA LEU A 1629 -1.51 -39.65 -80.24
C LEU A 1629 -0.59 -40.84 -80.34
N GLN A 1630 -0.90 -41.82 -81.19
CA GLN A 1630 0.03 -42.92 -81.41
C GLN A 1630 1.31 -42.41 -82.07
N ARG A 1631 1.18 -41.66 -83.16
CA ARG A 1631 2.36 -41.09 -83.81
C ARG A 1631 3.08 -40.13 -82.88
N THR A 1632 2.31 -39.35 -82.12
CA THR A 1632 2.92 -38.43 -81.15
C THR A 1632 3.76 -39.19 -80.15
N TRP A 1633 3.23 -40.29 -79.62
CA TRP A 1633 3.99 -41.11 -78.70
C TRP A 1633 5.21 -41.71 -79.38
N GLU A 1634 5.06 -42.13 -80.63
CA GLU A 1634 6.21 -42.65 -81.37
C GLU A 1634 7.35 -41.65 -81.37
N VAL A 1635 7.05 -40.41 -81.77
CA VAL A 1635 8.11 -39.41 -81.85
C VAL A 1635 8.65 -39.08 -80.46
N ILE A 1636 7.76 -38.97 -79.48
CA ILE A 1636 8.20 -38.63 -78.13
C ILE A 1636 9.18 -39.67 -77.62
N PHE A 1637 8.84 -40.95 -77.80
CA PHE A 1637 9.72 -42.00 -77.33
C PHE A 1637 11.01 -42.03 -78.15
N ASN A 1638 10.93 -41.80 -79.46
CA ASN A 1638 12.14 -41.72 -80.26
C ASN A 1638 13.06 -40.64 -79.69
N LEU A 1639 12.48 -39.56 -79.18
CA LEU A 1639 13.28 -38.50 -78.57
C LEU A 1639 13.84 -38.94 -77.21
N PHE A 1640 13.01 -39.59 -76.40
CA PHE A 1640 13.29 -39.78 -75.00
C PHE A 1640 13.97 -41.11 -74.68
N GLU A 1641 14.18 -41.98 -75.66
CA GLU A 1641 14.67 -43.32 -75.38
C GLU A 1641 15.90 -43.34 -74.49
N PRO A 1642 16.95 -42.56 -74.73
CA PRO A 1642 18.14 -42.65 -73.86
C PRO A 1642 17.83 -42.30 -72.43
N GLU A 1643 17.07 -41.23 -72.20
CA GLU A 1643 16.79 -40.79 -70.85
C GLU A 1643 15.80 -41.72 -70.16
N LEU A 1644 14.84 -42.26 -70.90
CA LEU A 1644 13.95 -43.25 -70.31
C LEU A 1644 14.75 -44.47 -69.88
N GLN A 1645 15.68 -44.92 -70.70
CA GLN A 1645 16.51 -46.06 -70.33
C GLN A 1645 17.35 -45.75 -69.11
N GLU A 1646 17.95 -44.55 -69.07
CA GLU A 1646 18.88 -44.22 -67.99
C GLU A 1646 18.14 -44.04 -66.67
N PHE A 1647 17.04 -43.29 -66.69
CA PHE A 1647 16.32 -42.97 -65.46
C PHE A 1647 15.77 -44.22 -64.77
N THR A 1648 15.39 -45.24 -65.53
CA THR A 1648 14.82 -46.44 -64.92
C THR A 1648 15.80 -47.05 -63.93
N ARG A 1649 17.07 -47.15 -64.31
CA ARG A 1649 18.08 -47.73 -63.44
C ARG A 1649 18.57 -46.74 -62.39
N LYS A 1650 18.16 -45.48 -62.46
CA LYS A 1650 18.50 -44.52 -61.43
C LYS A 1650 17.57 -43.33 -61.56
N VAL A 1651 16.81 -43.05 -60.51
CA VAL A 1651 15.84 -41.96 -60.49
C VAL A 1651 16.48 -40.77 -59.80
N PRO A 1652 16.70 -39.65 -60.48
CA PRO A 1652 17.25 -38.46 -59.80
C PRO A 1652 16.20 -37.76 -58.98
N ILE A 1653 16.34 -37.84 -57.65
CA ILE A 1653 15.49 -37.11 -56.74
C ILE A 1653 16.08 -35.71 -56.58
N ASN A 1654 15.28 -34.78 -56.05
CA ASN A 1654 15.76 -33.43 -55.82
C ASN A 1654 17.17 -33.45 -55.24
N HIS A 1655 18.03 -32.57 -55.75
CA HIS A 1655 19.44 -32.63 -55.41
C HIS A 1655 19.65 -32.47 -53.91
N ILE A 1656 18.95 -31.50 -53.30
CA ILE A 1656 19.07 -31.32 -51.85
C ILE A 1656 18.64 -32.59 -51.14
N ARG A 1657 17.55 -33.20 -51.59
CA ARG A 1657 17.11 -34.45 -50.99
C ARG A 1657 18.17 -35.53 -51.17
N GLN A 1658 18.75 -35.64 -52.36
CA GLN A 1658 19.82 -36.61 -52.56
C GLN A 1658 20.92 -36.42 -51.54
N LEU A 1659 21.38 -35.19 -51.35
CA LEU A 1659 22.47 -34.95 -50.43
C LEU A 1659 22.05 -35.31 -49.01
N VAL A 1660 20.85 -34.93 -48.62
CA VAL A 1660 20.40 -35.20 -47.25
C VAL A 1660 20.28 -36.70 -47.01
N GLU A 1661 19.61 -37.41 -47.93
CA GLU A 1661 19.34 -38.81 -47.73
C GLU A 1661 20.59 -39.67 -47.83
N HIS A 1662 21.70 -39.14 -48.33
CA HIS A 1662 22.90 -39.94 -48.44
C HIS A 1662 23.35 -40.41 -47.06
N LYS A 1663 23.86 -41.64 -47.02
CA LYS A 1663 24.20 -42.24 -45.74
C LYS A 1663 25.45 -41.61 -45.13
N HIS A 1664 26.50 -41.44 -45.92
CA HIS A 1664 27.79 -41.02 -45.41
C HIS A 1664 28.14 -39.56 -45.68
N ALA A 1665 27.18 -38.77 -46.17
CA ALA A 1665 27.48 -37.37 -46.44
C ALA A 1665 27.38 -36.54 -45.17
N LYS A 1666 26.20 -36.52 -44.54
CA LYS A 1666 25.97 -35.68 -43.38
C LYS A 1666 26.27 -34.23 -43.72
N PRO A 1667 25.45 -33.59 -44.55
CA PRO A 1667 25.71 -32.20 -44.93
C PRO A 1667 25.33 -31.23 -43.84
N VAL A 1668 25.99 -30.07 -43.85
CA VAL A 1668 25.65 -28.95 -42.99
C VAL A 1668 25.71 -27.68 -43.83
N PHE A 1669 24.70 -26.84 -43.69
CA PHE A 1669 24.53 -25.68 -44.55
C PHE A 1669 24.59 -24.39 -43.73
N SER A 1670 25.47 -23.50 -44.12
CA SER A 1670 25.63 -22.21 -43.45
C SER A 1670 24.48 -21.28 -43.80
N SER A 1671 24.39 -20.18 -43.07
CA SER A 1671 23.36 -19.20 -43.34
C SER A 1671 23.73 -18.40 -44.60
N PRO A 1672 22.74 -17.83 -45.28
CA PRO A 1672 23.04 -17.05 -46.48
C PRO A 1672 23.72 -15.74 -46.17
N ILE A 1673 24.52 -15.26 -47.10
CA ILE A 1673 25.21 -13.99 -46.98
C ILE A 1673 25.04 -13.23 -48.29
N VAL A 1674 24.80 -11.93 -48.20
CA VAL A 1674 24.54 -11.09 -49.37
C VAL A 1674 25.66 -10.05 -49.46
N GLU A 1675 26.26 -9.97 -50.64
CA GLU A 1675 27.20 -8.90 -50.97
C GLU A 1675 26.79 -8.35 -52.32
N GLY A 1676 26.21 -7.16 -52.31
CA GLY A 1676 25.65 -6.64 -53.56
C GLY A 1676 24.54 -7.55 -54.03
N GLU A 1677 24.70 -8.09 -55.24
CA GLU A 1677 23.70 -8.95 -55.84
C GLU A 1677 24.12 -10.42 -55.89
N THR A 1678 25.15 -10.80 -55.14
CA THR A 1678 25.56 -12.19 -55.05
C THR A 1678 25.16 -12.75 -53.69
N VAL A 1679 24.56 -13.93 -53.71
CA VAL A 1679 24.14 -14.62 -52.49
C VAL A 1679 24.99 -15.87 -52.36
N MET A 1680 25.54 -16.09 -51.16
CA MET A 1680 26.49 -17.15 -50.92
C MET A 1680 25.91 -18.16 -49.94
N VAL A 1681 26.30 -19.42 -50.10
CA VAL A 1681 25.97 -20.48 -49.15
C VAL A 1681 27.11 -21.48 -49.17
N SER A 1682 27.53 -21.93 -47.99
CA SER A 1682 28.61 -22.88 -47.84
C SER A 1682 28.05 -24.18 -47.28
N CYS A 1683 28.50 -25.30 -47.83
CA CYS A 1683 28.09 -26.61 -47.36
C CYS A 1683 29.26 -27.29 -46.68
N GLN A 1684 29.01 -27.88 -45.51
CA GLN A 1684 30.00 -28.66 -44.79
C GLN A 1684 29.53 -30.10 -44.75
N PHE A 1685 30.32 -31.00 -45.32
CA PHE A 1685 29.94 -32.41 -45.42
C PHE A 1685 31.18 -33.26 -45.20
N THR A 1686 30.93 -34.54 -44.91
CA THR A 1686 31.97 -35.50 -44.58
C THR A 1686 32.05 -36.58 -45.64
N CYS A 1687 33.27 -36.97 -45.98
CA CYS A 1687 33.52 -38.04 -46.92
C CYS A 1687 34.69 -38.88 -46.40
N MET A 1688 34.52 -40.20 -46.41
CA MET A 1688 35.59 -41.13 -46.07
C MET A 1688 36.38 -40.66 -44.85
N GLU A 1689 35.65 -40.21 -43.83
CA GLU A 1689 36.17 -39.74 -42.54
C GLU A 1689 36.89 -38.40 -42.64
N LYS A 1690 37.10 -37.86 -43.83
CA LYS A 1690 37.66 -36.52 -43.99
C LYS A 1690 36.52 -35.54 -44.25
N THR A 1691 36.46 -34.50 -43.43
CA THR A 1691 35.40 -33.50 -43.53
C THR A 1691 35.77 -32.48 -44.60
N ILE A 1692 34.89 -32.30 -45.58
CA ILE A 1692 35.14 -31.44 -46.72
C ILE A 1692 34.06 -30.36 -46.77
N LYS A 1693 34.49 -29.13 -47.00
CA LYS A 1693 33.61 -27.98 -47.10
C LYS A 1693 33.60 -27.48 -48.54
N VAL A 1694 32.40 -27.20 -49.05
CA VAL A 1694 32.24 -26.65 -50.40
C VAL A 1694 31.33 -25.44 -50.32
N TYR A 1695 31.52 -24.53 -51.28
CA TYR A 1695 30.83 -23.24 -51.27
C TYR A 1695 30.06 -23.08 -52.57
N GLY A 1696 28.84 -22.56 -52.47
CA GLY A 1696 28.01 -22.33 -53.63
C GLY A 1696 27.51 -20.90 -53.66
N PHE A 1697 27.19 -20.45 -54.86
CA PHE A 1697 26.75 -19.08 -55.08
C PHE A 1697 25.53 -19.07 -55.98
N GLY A 1698 24.71 -18.02 -55.86
CA GLY A 1698 23.54 -17.89 -56.69
C GLY A 1698 23.00 -16.48 -56.62
N SER A 1699 22.11 -16.17 -57.56
CA SER A 1699 21.51 -14.86 -57.59
C SER A 1699 20.72 -14.57 -56.31
N ASN A 1700 20.12 -15.61 -55.72
CA ASN A 1700 19.39 -15.47 -54.48
C ASN A 1700 19.75 -16.63 -53.57
N LYS A 1701 19.06 -16.72 -52.44
CA LYS A 1701 19.37 -17.74 -51.45
C LYS A 1701 19.18 -19.14 -52.01
N ASP A 1702 18.02 -19.40 -52.61
CA ASP A 1702 17.70 -20.76 -53.04
C ASP A 1702 18.68 -21.26 -54.09
N GLN A 1703 18.98 -20.42 -55.08
CA GLN A 1703 19.89 -20.85 -56.13
C GLN A 1703 21.28 -21.13 -55.58
N ALA A 1704 21.76 -20.28 -54.68
CA ALA A 1704 23.08 -20.51 -54.09
C ALA A 1704 23.09 -21.82 -53.32
N LYS A 1705 22.04 -22.06 -52.53
CA LYS A 1705 21.96 -23.32 -51.79
C LYS A 1705 21.94 -24.51 -52.72
N LEU A 1706 21.15 -24.44 -53.79
CA LEU A 1706 21.07 -25.56 -54.72
C LEU A 1706 22.41 -25.80 -55.39
N SER A 1707 23.12 -24.73 -55.76
CA SER A 1707 24.43 -24.89 -56.37
C SER A 1707 25.41 -25.51 -55.39
N ALA A 1708 25.35 -25.09 -54.13
CA ALA A 1708 26.24 -25.67 -53.13
C ALA A 1708 25.97 -27.17 -52.97
N ALA A 1709 24.69 -27.55 -52.87
CA ALA A 1709 24.36 -28.95 -52.75
C ALA A 1709 24.80 -29.72 -53.98
N LYS A 1710 24.61 -29.14 -55.16
CA LYS A 1710 25.01 -29.80 -56.39
C LYS A 1710 26.52 -30.03 -56.42
N HIS A 1711 27.29 -29.02 -56.02
CA HIS A 1711 28.75 -29.19 -55.98
C HIS A 1711 29.14 -30.26 -54.98
N ALA A 1712 28.48 -30.28 -53.83
CA ALA A 1712 28.76 -31.33 -52.86
C ALA A 1712 28.47 -32.69 -53.46
N LEU A 1713 27.38 -32.82 -54.21
CA LEU A 1713 27.05 -34.08 -54.84
C LEU A 1713 28.10 -34.47 -55.88
N GLN A 1714 28.58 -33.50 -56.65
CA GLN A 1714 29.60 -33.80 -57.65
C GLN A 1714 30.88 -34.29 -56.99
N GLN A 1715 31.32 -33.62 -55.93
CA GLN A 1715 32.51 -34.08 -55.21
C GLN A 1715 32.28 -35.44 -54.60
N LEU A 1716 31.08 -35.66 -54.04
CA LEU A 1716 30.74 -36.94 -53.44
C LEU A 1716 30.78 -38.06 -54.46
N SER A 1717 30.27 -37.81 -55.66
CA SER A 1717 30.32 -38.82 -56.72
C SER A 1717 31.76 -39.06 -57.16
N LYS A 1718 32.54 -38.00 -57.37
CA LYS A 1718 33.94 -38.16 -57.70
C LYS A 1718 34.67 -39.01 -56.69
N CYS A 1719 34.28 -38.92 -55.41
CA CYS A 1719 34.85 -39.81 -54.41
C CYS A 1719 34.23 -41.20 -54.50
N ASP A 1720 32.97 -41.29 -54.92
CA ASP A 1720 32.33 -42.58 -55.10
C ASP A 1720 32.81 -43.27 -56.36
N ALA A 1721 32.99 -42.51 -57.45
CA ALA A 1721 33.43 -43.07 -58.72
C ALA A 1721 34.84 -42.59 -59.04
N ILE B 1 50.64 25.70 -79.56
CA ILE B 1 50.71 26.98 -78.80
C ILE B 1 51.14 26.69 -77.35
N ASP B 2 50.54 25.65 -76.75
CA ASP B 2 50.88 25.25 -75.41
C ASP B 2 50.49 26.29 -74.38
N ARG B 3 49.68 27.27 -74.76
CA ARG B 3 49.39 28.42 -73.91
C ARG B 3 47.98 28.93 -74.17
N TYR B 4 47.21 29.09 -73.10
CA TYR B 4 45.99 29.91 -73.13
C TYR B 4 46.30 31.33 -72.71
N GLU B 5 45.46 32.26 -73.15
CA GLU B 5 45.63 33.65 -72.77
C GLU B 5 45.05 33.89 -71.37
N GLN B 6 45.70 34.77 -70.63
CA GLN B 6 45.25 35.17 -69.31
C GLN B 6 44.09 36.16 -69.44
N VAL B 7 43.74 36.79 -68.33
CA VAL B 7 42.80 37.90 -68.32
C VAL B 7 43.20 38.86 -67.22
N SER B 8 43.06 40.16 -67.49
CA SER B 8 43.59 41.18 -66.61
C SER B 8 42.97 41.08 -65.21
N LYS B 9 43.59 41.76 -64.25
CA LYS B 9 43.11 41.78 -62.87
C LYS B 9 42.04 42.84 -62.61
N ASP B 10 41.81 43.72 -63.58
CA ASP B 10 41.14 44.99 -63.33
C ASP B 10 39.65 44.98 -63.67
N PHE B 11 39.03 43.83 -63.95
CA PHE B 11 37.66 43.85 -64.42
C PHE B 11 36.77 44.44 -63.35
N GLU B 12 35.65 45.03 -63.76
CA GLU B 12 34.62 45.44 -62.83
C GLU B 12 33.28 44.89 -63.27
N PHE B 13 32.41 44.65 -62.28
CA PHE B 13 31.10 44.06 -62.51
C PHE B 13 30.21 45.10 -63.15
N ILE B 14 30.43 45.33 -64.44
CA ILE B 14 29.75 46.42 -65.13
C ILE B 14 28.24 46.22 -65.01
N LYS B 15 27.54 47.29 -64.67
CA LYS B 15 26.09 47.24 -64.52
C LYS B 15 25.47 46.87 -65.85
N ILE B 16 24.53 45.93 -65.82
CA ILE B 16 23.88 45.45 -67.03
C ILE B 16 22.39 45.74 -66.99
N MET C 1 45.83 -20.18 -29.05
CA MET C 1 44.55 -20.26 -29.80
C MET C 1 43.72 -19.04 -29.47
N GLU C 2 43.87 -18.00 -30.29
CA GLU C 2 43.04 -16.81 -30.21
C GLU C 2 42.66 -16.39 -31.63
N GLU C 3 41.46 -15.84 -31.76
CA GLU C 3 40.82 -15.68 -33.07
C GLU C 3 40.24 -14.27 -33.18
N SER C 4 40.97 -13.41 -33.87
CA SER C 4 40.62 -11.99 -33.93
C SER C 4 39.54 -11.72 -34.97
N MET C 5 38.91 -10.56 -34.83
CA MET C 5 37.79 -10.20 -35.69
C MET C 5 38.24 -9.85 -37.11
N GLU C 6 39.31 -9.04 -37.22
CA GLU C 6 39.64 -8.43 -38.50
C GLU C 6 39.95 -9.48 -39.56
N GLU C 7 40.75 -10.49 -39.22
CA GLU C 7 41.19 -11.46 -40.22
C GLU C 7 40.00 -12.18 -40.84
N LEU C 8 39.02 -12.55 -40.02
CA LEU C 8 37.86 -13.26 -40.55
C LEU C 8 37.08 -12.39 -41.51
N GLU C 9 36.96 -11.09 -41.22
CA GLU C 9 36.28 -10.19 -42.15
C GLU C 9 37.07 -10.04 -43.45
N ALA C 10 38.39 -9.97 -43.34
CA ALA C 10 39.23 -9.95 -44.53
C ALA C 10 38.92 -11.16 -45.41
N LEU C 11 38.85 -12.34 -44.78
CA LEU C 11 38.52 -13.54 -45.54
C LEU C 11 37.09 -13.49 -46.09
N ARG C 12 36.17 -12.90 -45.33
CA ARG C 12 34.79 -12.78 -45.80
C ARG C 12 34.76 -12.03 -47.12
N ARG C 13 35.42 -10.88 -47.17
CA ARG C 13 35.45 -10.14 -48.42
C ARG C 13 36.28 -10.86 -49.48
N LYS C 14 37.32 -11.59 -49.04
CA LYS C 14 38.17 -12.31 -49.98
C LYS C 14 37.37 -13.36 -50.75
N LYS C 15 36.48 -14.06 -50.07
CA LYS C 15 35.70 -15.10 -50.73
C LYS C 15 34.90 -14.52 -51.88
N PHE C 16 34.13 -13.46 -51.61
CA PHE C 16 33.36 -12.83 -52.67
C PHE C 16 34.26 -12.27 -53.75
N THR C 17 35.41 -11.72 -53.36
CA THR C 17 36.35 -11.23 -54.37
C THR C 17 36.73 -12.34 -55.34
N THR C 18 37.06 -13.51 -54.78
CA THR C 18 37.41 -14.64 -55.64
C THR C 18 36.25 -15.05 -56.52
N TYR C 19 35.04 -15.06 -55.96
CA TYR C 19 33.89 -15.49 -56.76
C TYR C 19 33.66 -14.54 -57.92
N TRP C 20 33.70 -13.24 -57.65
CA TRP C 20 33.58 -12.25 -58.72
C TRP C 20 34.65 -12.47 -59.77
N GLU C 21 35.90 -12.60 -59.34
CA GLU C 21 37.00 -12.77 -60.28
C GLU C 21 36.75 -13.97 -61.19
N LEU C 22 36.35 -15.10 -60.60
CA LEU C 22 36.14 -16.30 -61.39
C LEU C 22 35.00 -16.11 -62.37
N LYS C 23 33.84 -15.64 -61.89
CA LYS C 23 32.68 -15.60 -62.76
C LYS C 23 32.83 -14.58 -63.89
N GLU C 24 33.39 -13.41 -63.59
CA GLU C 24 33.53 -12.35 -64.59
C GLU C 24 34.90 -12.34 -65.24
N ALA C 25 35.72 -13.36 -64.99
CA ALA C 25 37.05 -13.46 -65.57
C ALA C 25 37.83 -12.15 -65.34
N GLY C 26 38.08 -11.89 -64.06
CA GLY C 26 38.74 -10.66 -63.71
C GLY C 26 37.78 -9.48 -63.84
N SER C 27 38.36 -8.30 -64.08
CA SER C 27 37.58 -7.07 -64.23
C SER C 27 37.07 -6.58 -62.87
N VAL C 28 37.42 -7.29 -61.80
CA VAL C 28 37.09 -6.80 -60.47
C VAL C 28 38.05 -5.68 -60.09
N ASP C 29 37.71 -4.96 -59.03
CA ASP C 29 38.57 -3.90 -58.54
C ASP C 29 39.78 -4.51 -57.83
N HIS C 30 40.54 -5.32 -58.54
CA HIS C 30 41.66 -6.02 -57.93
C HIS C 30 42.81 -5.06 -57.62
N THR C 31 43.08 -4.11 -58.51
CA THR C 31 44.15 -3.16 -58.28
C THR C 31 43.84 -2.31 -57.04
N GLY C 32 44.89 -1.97 -56.30
CA GLY C 32 44.70 -1.29 -55.03
C GLY C 32 44.62 0.21 -55.13
N MET C 33 45.13 0.78 -56.22
CA MET C 33 45.18 2.23 -56.34
C MET C 33 43.78 2.82 -56.48
N ARG C 34 43.66 4.09 -56.13
CA ARG C 34 42.40 4.80 -56.31
C ARG C 34 42.11 4.96 -57.80
N LEU C 35 40.82 4.90 -58.16
CA LEU C 35 40.45 4.87 -59.57
C LEU C 35 41.05 6.04 -60.33
N CYS C 36 40.98 7.24 -59.78
CA CYS C 36 41.51 8.40 -60.47
C CYS C 36 43.02 8.32 -60.66
N ASP C 37 43.74 7.78 -59.68
CA ASP C 37 45.18 7.61 -59.78
C ASP C 37 45.58 6.26 -60.34
N ARG C 38 44.63 5.32 -60.45
CA ARG C 38 44.96 3.99 -60.95
C ARG C 38 45.60 4.04 -62.32
N HIS C 39 45.30 5.10 -63.09
CA HIS C 39 45.87 5.22 -64.42
C HIS C 39 47.39 5.17 -64.40
N ASN C 40 48.00 5.60 -63.30
CA ASN C 40 49.46 5.60 -63.19
C ASN C 40 50.03 4.23 -62.91
N TYR C 41 49.21 3.18 -62.93
CA TYR C 41 49.66 1.84 -62.60
C TYR C 41 50.89 1.44 -63.40
N PHE C 42 50.85 1.64 -64.72
CA PHE C 42 51.87 1.09 -65.59
C PHE C 42 53.24 1.74 -65.42
N LYS C 43 53.35 2.86 -64.71
CA LYS C 43 54.66 3.42 -64.40
C LYS C 43 55.05 3.31 -62.95
N ASN C 44 54.11 3.07 -62.03
CA ASN C 44 54.49 2.51 -60.75
C ASN C 44 55.03 1.09 -60.91
N PHE C 45 54.82 0.52 -62.09
CA PHE C 45 55.31 -0.79 -62.50
C PHE C 45 56.83 -0.79 -62.38
N TYR C 46 57.46 -1.96 -62.33
CA TYR C 46 58.85 -2.07 -61.93
C TYR C 46 59.75 -1.17 -62.80
N PRO C 47 60.56 -0.29 -62.21
CA PRO C 47 61.40 0.60 -63.03
C PRO C 47 62.36 -0.12 -63.94
N THR C 48 62.95 -1.24 -63.52
CA THR C 48 63.87 -1.96 -64.39
C THR C 48 63.17 -2.39 -65.67
N LEU C 49 62.02 -3.04 -65.51
CA LEU C 49 61.21 -3.40 -66.68
C LEU C 49 60.76 -2.15 -67.42
N LYS C 50 60.52 -1.05 -66.71
CA LYS C 50 60.13 0.17 -67.38
C LYS C 50 61.20 0.60 -68.38
N LYS C 51 62.44 0.72 -67.93
CA LYS C 51 63.49 1.17 -68.83
C LYS C 51 63.77 0.13 -69.91
N GLU C 52 63.60 -1.16 -69.59
CA GLU C 52 63.72 -2.18 -70.62
C GLU C 52 62.68 -1.98 -71.72
N ALA C 53 61.43 -1.68 -71.33
CA ALA C 53 60.38 -1.45 -72.30
C ALA C 53 60.61 -0.16 -73.07
N ILE C 54 61.16 0.86 -72.42
CA ILE C 54 61.54 2.07 -73.15
C ILE C 54 62.55 1.72 -74.23
N GLU C 55 63.57 0.93 -73.89
CA GLU C 55 64.55 0.54 -74.89
C GLU C 55 63.89 -0.25 -76.01
N ALA C 56 63.00 -1.18 -75.65
CA ALA C 56 62.35 -2.01 -76.67
C ALA C 56 61.47 -1.18 -77.61
N ILE C 57 60.66 -0.29 -77.05
CA ILE C 57 59.77 0.53 -77.88
C ILE C 57 60.57 1.50 -78.72
N ASN C 58 61.68 2.03 -78.20
CA ASN C 58 62.56 2.89 -78.97
C ASN C 58 63.48 2.12 -79.89
N SER C 59 63.47 0.79 -79.83
CA SER C 59 64.25 -0.02 -80.74
C SER C 59 63.57 -0.09 -82.11
N ASP C 60 64.37 -0.40 -83.14
CA ASP C 60 63.88 -0.56 -84.49
C ASP C 60 64.46 -1.79 -85.15
N GLU C 61 64.88 -2.79 -84.37
CA GLU C 61 65.45 -4.01 -84.89
C GLU C 61 64.40 -5.05 -85.25
N TYR C 62 63.12 -4.73 -85.08
CA TYR C 62 62.05 -5.69 -85.26
C TYR C 62 61.58 -5.67 -86.70
N GLU C 63 61.47 -6.85 -87.30
CA GLU C 63 61.05 -6.93 -88.69
C GLU C 63 59.61 -6.48 -88.87
N SER C 64 58.74 -6.82 -87.93
CA SER C 64 57.31 -6.57 -88.05
C SER C 64 56.77 -5.92 -86.78
N SER C 65 55.70 -5.14 -86.95
CA SER C 65 55.02 -4.56 -85.81
C SER C 65 54.57 -5.64 -84.84
N LYS C 66 54.22 -6.81 -85.37
CA LYS C 66 53.93 -7.97 -84.53
C LYS C 66 55.12 -8.30 -83.62
N ASP C 67 56.23 -8.68 -84.25
CA ASP C 67 57.48 -8.93 -83.54
C ASP C 67 57.67 -7.93 -82.40
N LYS C 68 57.65 -6.63 -82.73
CA LYS C 68 57.88 -5.61 -81.72
C LYS C 68 56.82 -5.65 -80.64
N ALA C 69 55.56 -5.88 -81.03
CA ALA C 69 54.48 -5.90 -80.05
C ALA C 69 54.73 -6.93 -78.97
N MET C 70 54.96 -8.18 -79.36
CA MET C 70 55.10 -9.18 -78.30
C MET C 70 56.50 -9.16 -77.69
N ASP C 71 57.49 -8.58 -78.36
CA ASP C 71 58.77 -8.36 -77.69
C ASP C 71 58.63 -7.36 -76.56
N VAL C 72 57.87 -6.28 -76.78
CA VAL C 72 57.54 -5.35 -75.71
C VAL C 72 56.76 -6.07 -74.61
N MET C 73 55.79 -6.90 -74.99
CA MET C 73 55.03 -7.63 -73.98
C MET C 73 55.93 -8.49 -73.12
N SER C 74 56.84 -9.24 -73.74
CA SER C 74 57.78 -10.05 -72.97
C SER C 74 58.68 -9.19 -72.09
N SER C 75 59.21 -8.10 -72.62
CA SER C 75 60.01 -7.20 -71.81
C SER C 75 59.23 -6.75 -70.59
N LEU C 76 57.94 -6.52 -70.75
CA LEU C 76 57.08 -6.13 -69.64
C LEU C 76 56.58 -7.31 -68.83
N LYS C 77 56.94 -8.53 -69.22
CA LYS C 77 56.54 -9.73 -68.47
C LYS C 77 55.02 -9.81 -68.36
N ILE C 78 54.34 -9.71 -69.49
CA ILE C 78 52.89 -9.83 -69.55
C ILE C 78 52.52 -10.60 -70.80
N THR C 79 51.36 -11.26 -70.76
CA THR C 79 50.90 -12.11 -71.85
C THR C 79 49.49 -11.71 -72.25
N PRO C 80 49.35 -10.72 -73.13
CA PRO C 80 48.01 -10.29 -73.53
C PRO C 80 47.25 -11.41 -74.23
N LYS C 81 45.94 -11.45 -74.00
CA LYS C 81 45.07 -12.40 -74.67
C LYS C 81 44.43 -11.70 -75.87
N ILE C 82 44.69 -12.19 -77.06
CA ILE C 82 44.14 -11.62 -78.28
C ILE C 82 43.01 -12.50 -78.78
N SER C 83 41.86 -11.89 -79.03
CA SER C 83 40.68 -12.60 -79.51
C SER C 83 39.94 -11.72 -80.51
N GLU C 84 39.26 -12.38 -81.45
CA GLU C 84 38.53 -11.65 -82.48
C GLU C 84 37.12 -11.33 -81.98
N VAL C 85 36.58 -10.23 -82.48
CA VAL C 85 35.24 -9.77 -82.12
C VAL C 85 34.40 -9.70 -83.38
N GLU C 86 33.21 -10.27 -83.32
CA GLU C 86 32.28 -10.21 -84.45
C GLU C 86 32.04 -8.77 -84.87
N SER C 87 32.07 -8.53 -86.17
CA SER C 87 31.91 -7.18 -86.69
C SER C 87 31.42 -7.25 -88.13
N SER C 88 30.88 -6.13 -88.59
CA SER C 88 30.52 -6.00 -90.00
C SER C 88 31.73 -5.69 -90.87
N SER C 89 32.87 -5.39 -90.28
CA SER C 89 34.04 -5.02 -91.05
C SER C 89 34.54 -6.19 -91.89
N LEU C 90 34.91 -5.88 -93.14
CA LEU C 90 35.58 -6.88 -93.96
C LEU C 90 36.91 -7.29 -93.34
N VAL C 91 37.66 -6.34 -92.81
CA VAL C 91 38.86 -6.66 -92.04
C VAL C 91 38.44 -7.19 -90.68
N PRO C 92 39.03 -8.29 -90.19
CA PRO C 92 38.66 -8.79 -88.87
C PRO C 92 38.90 -7.74 -87.80
N LEU C 93 37.90 -7.53 -86.95
CA LEU C 93 38.04 -6.62 -85.83
C LEU C 93 38.53 -7.39 -84.61
N LEU C 94 39.73 -7.07 -84.15
CA LEU C 94 40.38 -7.83 -83.10
C LEU C 94 40.19 -7.16 -81.75
N SER C 95 40.30 -7.97 -80.70
CA SER C 95 40.29 -7.50 -79.33
C SER C 95 41.43 -8.15 -78.56
N VAL C 96 42.04 -7.38 -77.66
CA VAL C 96 43.18 -7.83 -76.88
C VAL C 96 42.94 -7.46 -75.43
N GLU C 97 43.26 -8.38 -74.53
CA GLU C 97 43.22 -8.14 -73.09
C GLU C 97 44.61 -8.38 -72.52
N LEU C 98 45.11 -7.41 -71.76
CA LEU C 98 46.48 -7.48 -71.26
C LEU C 98 46.62 -8.43 -70.07
N ASN C 99 45.50 -8.95 -69.55
CA ASN C 99 45.46 -10.01 -68.55
C ASN C 99 46.09 -9.59 -67.22
N CYS C 100 46.49 -8.32 -67.10
CA CYS C 100 47.16 -7.87 -65.90
C CYS C 100 46.14 -7.54 -64.81
N ALA C 101 46.66 -7.28 -63.60
CA ALA C 101 45.81 -7.02 -62.46
C ALA C 101 44.90 -5.81 -62.68
N PHE C 102 45.26 -4.91 -63.59
CA PHE C 102 44.40 -3.80 -63.99
C PHE C 102 43.74 -4.20 -65.30
N ASP C 103 42.41 -4.29 -65.29
CA ASP C 103 41.67 -4.81 -66.43
C ASP C 103 41.69 -3.78 -67.54
N VAL C 104 42.66 -3.93 -68.45
CA VAL C 104 42.82 -3.06 -69.60
C VAL C 104 42.55 -3.87 -70.86
N VAL C 105 41.58 -3.42 -71.64
CA VAL C 105 41.10 -4.15 -72.82
C VAL C 105 40.90 -3.19 -73.98
N LEU C 106 41.26 -3.63 -75.17
CA LEU C 106 41.24 -2.79 -76.37
C LEU C 106 40.68 -3.59 -77.54
N MET C 107 40.27 -2.87 -78.58
CA MET C 107 40.00 -3.50 -79.87
C MET C 107 40.61 -2.64 -80.95
N ALA C 108 40.86 -3.25 -82.11
CA ALA C 108 41.23 -2.52 -83.31
C ALA C 108 41.32 -3.53 -84.45
N LYS C 109 41.21 -3.02 -85.67
CA LYS C 109 41.30 -3.90 -86.82
C LYS C 109 42.69 -4.51 -86.90
N GLU C 110 42.76 -5.69 -87.50
CA GLU C 110 44.00 -6.46 -87.49
C GLU C 110 45.19 -5.63 -87.93
N THR C 111 45.02 -4.80 -88.97
CA THR C 111 46.15 -4.06 -89.51
C THR C 111 46.70 -3.07 -88.50
N ASP C 112 45.82 -2.30 -87.86
CA ASP C 112 46.24 -1.22 -86.98
C ASP C 112 46.31 -1.60 -85.52
N ILE C 113 45.72 -2.74 -85.13
CA ILE C 113 45.64 -3.08 -83.71
C ILE C 113 47.02 -3.21 -83.10
N TYR C 114 47.97 -3.77 -83.84
CA TYR C 114 49.33 -3.83 -83.34
C TYR C 114 49.93 -2.43 -83.24
N ASP C 115 49.76 -1.62 -84.28
CA ASP C 115 50.13 -0.21 -84.17
C ASP C 115 49.32 0.49 -83.08
N HIS C 116 48.07 0.08 -82.89
CA HIS C 116 47.24 0.70 -81.87
C HIS C 116 47.82 0.48 -80.48
N ILE C 117 48.17 -0.76 -80.15
CA ILE C 117 48.79 -1.04 -78.85
C ILE C 117 50.17 -0.41 -78.77
N ILE C 118 50.89 -0.36 -79.89
CA ILE C 118 52.20 0.29 -79.89
C ILE C 118 52.05 1.74 -79.43
N ASP C 119 51.11 2.47 -80.03
CA ASP C 119 50.84 3.84 -79.60
C ASP C 119 50.33 3.88 -78.16
N TYR C 120 49.45 2.95 -77.81
CA TYR C 120 48.92 2.91 -76.45
C TYR C 120 50.05 2.86 -75.44
N PHE C 121 51.10 2.10 -75.75
CA PHE C 121 52.20 1.97 -74.80
C PHE C 121 53.21 3.10 -74.95
N ARG C 122 53.36 3.66 -76.15
CA ARG C 122 54.12 4.90 -76.27
C ARG C 122 53.55 5.96 -75.34
N THR C 123 52.23 5.95 -75.17
CA THR C 123 51.58 6.89 -74.26
C THR C 123 51.70 6.42 -72.81
N MET C 124 51.37 5.16 -72.56
CA MET C 124 51.26 4.62 -71.21
C MET C 124 52.59 4.59 -70.46
N LEU C 125 53.68 4.23 -71.13
CA LEU C 125 54.96 4.14 -70.43
C LEU C 125 55.33 5.44 -69.75
N ILE C 126 54.91 6.58 -70.32
CA ILE C 126 55.21 7.87 -69.74
C ILE C 126 54.62 7.93 -68.35
N GLU D 1 38.99 18.36 -7.58
CA GLU D 1 39.22 17.83 -6.20
C GLU D 1 38.05 18.14 -5.28
N ASP D 2 36.95 17.38 -5.43
CA ASP D 2 35.80 17.52 -4.55
C ASP D 2 35.13 16.16 -4.42
N VAL D 3 34.69 15.83 -3.19
CA VAL D 3 34.04 14.55 -2.96
C VAL D 3 32.81 14.43 -3.85
N GLU D 4 32.00 15.48 -3.91
CA GLU D 4 30.90 15.54 -4.86
C GLU D 4 31.52 15.74 -6.24
N ILE D 5 31.54 14.69 -7.05
CA ILE D 5 32.20 14.78 -8.35
C ILE D 5 31.58 15.92 -9.13
N LYS D 6 32.38 16.94 -9.43
CA LYS D 6 31.87 18.10 -10.12
C LYS D 6 31.38 17.70 -11.51
N PRO D 7 30.28 18.27 -11.98
CA PRO D 7 29.83 17.96 -13.34
C PRO D 7 30.95 18.17 -14.34
N ARG D 8 31.43 17.08 -14.94
CA ARG D 8 32.51 17.20 -15.90
C ARG D 8 32.14 18.19 -16.99
N GLY D 9 33.17 18.74 -17.64
CA GLY D 9 32.93 19.78 -18.63
C GLY D 9 31.89 19.36 -19.65
N TYR D 10 32.02 18.15 -20.18
CA TYR D 10 30.98 17.64 -21.06
C TYR D 10 29.67 17.42 -20.30
N GLN D 11 29.74 16.89 -19.08
CA GLN D 11 28.54 16.74 -18.28
C GLN D 11 27.88 18.08 -18.04
N LEU D 12 28.68 19.08 -17.70
CA LEU D 12 28.12 20.40 -17.42
C LEU D 12 27.51 21.01 -18.66
N ARG D 13 28.16 20.85 -19.82
CA ARG D 13 27.60 21.35 -21.06
C ARG D 13 26.28 20.67 -21.38
N LEU D 14 26.22 19.35 -21.19
CA LEU D 14 24.97 18.63 -21.43
C LEU D 14 23.87 19.14 -20.51
N VAL D 15 24.19 19.32 -19.23
CA VAL D 15 23.22 19.83 -18.29
C VAL D 15 22.76 21.22 -18.71
N ASP D 16 23.70 22.05 -19.14
CA ASP D 16 23.38 23.42 -19.55
C ASP D 16 22.41 23.40 -20.72
N HIS D 17 22.67 22.53 -21.70
CA HIS D 17 21.78 22.45 -22.85
C HIS D 17 20.41 21.94 -22.43
N LEU D 18 20.39 20.91 -21.59
CA LEU D 18 19.11 20.31 -21.20
C LEU D 18 18.26 21.28 -20.42
N THR D 19 18.86 22.01 -19.47
CA THR D 19 18.08 22.86 -18.60
C THR D 19 17.27 23.89 -19.38
N LYS D 20 17.73 24.26 -20.58
CA LYS D 20 17.00 25.20 -21.42
C LYS D 20 16.06 24.48 -22.39
N SER D 21 16.42 23.29 -22.85
CA SER D 21 15.60 22.56 -23.80
C SER D 21 15.57 21.08 -23.43
N ASN D 22 14.38 20.49 -23.46
CA ASN D 22 14.26 19.06 -23.27
C ASN D 22 14.93 18.33 -24.41
N GLY D 23 15.42 17.13 -24.13
CA GLY D 23 16.10 16.36 -25.14
C GLY D 23 16.56 15.02 -24.60
N ILE D 24 17.32 14.31 -25.44
CA ILE D 24 17.81 12.98 -25.13
C ILE D 24 19.33 13.02 -25.13
N VAL D 25 19.94 12.38 -24.15
CA VAL D 25 21.39 12.25 -24.08
C VAL D 25 21.77 10.86 -24.52
N TYR D 26 22.79 10.76 -25.36
CA TYR D 26 23.31 9.49 -25.84
C TYR D 26 24.76 9.38 -25.42
N LEU D 27 25.01 8.70 -24.31
CA LEU D 27 26.35 8.52 -23.79
C LEU D 27 26.54 7.06 -23.41
N PRO D 28 27.76 6.53 -23.51
CA PRO D 28 27.98 5.16 -23.07
C PRO D 28 27.60 4.99 -21.60
N THR D 29 27.03 3.84 -21.30
CA THR D 29 26.43 3.62 -19.99
C THR D 29 27.47 3.74 -18.88
N GLY D 30 27.00 4.15 -17.71
CA GLY D 30 27.87 4.25 -16.55
C GLY D 30 27.26 5.15 -15.50
N SER D 31 28.09 5.52 -14.53
CA SER D 31 27.67 6.48 -13.52
C SER D 31 27.51 7.88 -14.09
N GLY D 32 28.19 8.19 -15.20
CA GLY D 32 28.11 9.53 -15.76
C GLY D 32 26.72 9.86 -16.25
N LYS D 33 26.07 8.92 -16.90
CA LYS D 33 24.73 9.16 -17.44
C LYS D 33 23.74 9.45 -16.31
N THR D 34 23.67 8.57 -15.32
CA THR D 34 22.78 8.80 -14.20
C THR D 34 23.18 10.05 -13.42
N PHE D 35 24.47 10.36 -13.36
CA PHE D 35 24.91 11.57 -12.68
C PHE D 35 24.44 12.82 -13.41
N VAL D 36 24.45 12.81 -14.74
CA VAL D 36 23.89 13.94 -15.48
C VAL D 36 22.40 14.06 -15.19
N ALA D 37 21.71 12.92 -15.11
CA ALA D 37 20.32 12.97 -14.68
C ALA D 37 20.21 13.64 -13.32
N ILE D 38 21.10 13.31 -12.41
CA ILE D 38 21.09 13.89 -11.08
C ILE D 38 21.26 15.40 -11.15
N LEU D 39 22.22 15.85 -11.94
CA LEU D 39 22.48 17.28 -12.06
C LEU D 39 21.27 18.01 -12.61
N VAL D 40 20.66 17.47 -13.67
CA VAL D 40 19.49 18.16 -14.22
C VAL D 40 18.37 18.18 -13.19
N LEU D 41 18.21 17.10 -12.43
CA LEU D 41 17.20 17.09 -11.38
C LEU D 41 17.45 18.22 -10.40
N LYS D 42 18.70 18.34 -9.95
CA LYS D 42 19.05 19.42 -9.03
C LYS D 42 18.71 20.77 -9.63
N ARG D 43 18.97 20.94 -10.93
CA ARG D 43 18.79 22.24 -11.54
C ARG D 43 17.33 22.67 -11.49
N PHE D 44 16.40 21.73 -11.66
CA PHE D 44 14.97 22.02 -11.65
C PHE D 44 14.34 21.80 -10.29
N SER D 45 15.12 21.89 -9.21
CA SER D 45 14.59 21.76 -7.86
C SER D 45 14.05 23.07 -7.31
N GLN D 46 13.73 24.03 -8.18
CA GLN D 46 13.34 25.35 -7.71
C GLN D 46 12.08 25.29 -6.87
N ASP D 47 11.09 24.52 -7.31
CA ASP D 47 9.78 24.49 -6.68
C ASP D 47 9.49 23.16 -6.02
N PHE D 48 10.53 22.46 -5.59
CA PHE D 48 10.34 21.17 -4.94
C PHE D 48 9.67 21.34 -3.58
N ASP D 49 10.19 22.26 -2.76
CA ASP D 49 9.69 22.40 -1.40
C ASP D 49 8.23 22.85 -1.38
N LYS D 50 7.87 23.78 -2.25
CA LYS D 50 6.52 24.33 -2.23
C LYS D 50 5.51 23.23 -2.53
N PRO D 51 4.38 23.20 -1.84
CA PRO D 51 3.36 22.19 -2.14
C PRO D 51 2.70 22.46 -3.49
N ILE D 52 2.17 21.39 -4.07
CA ILE D 52 1.55 21.48 -5.39
C ILE D 52 0.45 22.52 -5.40
N GLU D 53 -0.47 22.45 -4.43
CA GLU D 53 -1.57 23.40 -4.39
C GLU D 53 -1.08 24.84 -4.37
N SER D 54 0.11 25.08 -3.82
CA SER D 54 0.72 26.39 -3.81
C SER D 54 1.57 26.64 -5.05
N GLY D 55 1.27 25.95 -6.15
CA GLY D 55 2.08 26.06 -7.35
C GLY D 55 3.35 25.26 -7.31
N GLY D 56 3.50 24.36 -6.34
CA GLY D 56 4.70 23.54 -6.27
C GLY D 56 4.78 22.56 -7.42
N LYS D 57 5.90 21.85 -7.47
CA LYS D 57 6.14 20.88 -8.52
C LYS D 57 6.99 19.74 -7.97
N ARG D 58 6.96 18.62 -8.68
CA ARG D 58 7.66 17.42 -8.27
C ARG D 58 8.45 16.87 -9.46
N ALA D 59 9.35 15.94 -9.16
CA ALA D 59 10.14 15.26 -10.16
C ALA D 59 9.57 13.88 -10.41
N LEU D 60 10.02 13.25 -11.49
CA LEU D 60 9.55 11.93 -11.87
C LEU D 60 10.68 11.16 -12.55
N PHE D 61 11.31 10.27 -11.80
CA PHE D 61 12.41 9.45 -12.31
C PHE D 61 11.81 8.10 -12.69
N MET D 62 11.29 8.02 -13.90
CA MET D 62 10.65 6.81 -14.40
C MET D 62 11.70 5.91 -15.04
N CYS D 63 11.74 4.65 -14.63
CA CYS D 63 12.69 3.67 -15.14
C CYS D 63 11.94 2.52 -15.82
N ASN D 64 12.70 1.57 -16.35
CA ASN D 64 12.14 0.45 -17.10
C ASN D 64 11.83 -0.74 -16.21
N THR D 65 12.77 -1.15 -15.37
CA THR D 65 12.63 -2.33 -14.55
C THR D 65 12.64 -1.97 -13.07
N VAL D 66 11.98 -2.79 -12.27
CA VAL D 66 11.81 -2.47 -10.86
C VAL D 66 13.16 -2.37 -10.16
N GLU D 67 14.07 -3.33 -10.40
CA GLU D 67 15.35 -3.28 -9.73
C GLU D 67 16.22 -2.15 -10.26
N LEU D 68 16.11 -1.83 -11.56
CA LEU D 68 16.80 -0.65 -12.06
C LEU D 68 16.24 0.61 -11.43
N ALA D 69 14.92 0.67 -11.25
CA ALA D 69 14.34 1.79 -10.53
C ALA D 69 14.89 1.86 -9.11
N ARG D 70 15.08 0.70 -8.48
CA ARG D 70 15.68 0.68 -7.15
C ARG D 70 17.08 1.27 -7.18
N GLN D 71 17.90 0.82 -8.12
CA GLN D 71 19.28 1.32 -8.20
C GLN D 71 19.29 2.82 -8.42
N GLN D 72 18.44 3.31 -9.32
CA GLN D 72 18.45 4.74 -9.61
C GLN D 72 17.93 5.55 -8.43
N ALA D 73 16.90 5.07 -7.74
CA ALA D 73 16.41 5.80 -6.58
C ALA D 73 17.46 5.85 -5.49
N MET D 74 18.15 4.74 -5.26
CA MET D 74 19.22 4.69 -4.26
C MET D 74 20.37 5.63 -4.63
N ALA D 75 20.78 5.64 -5.89
CA ALA D 75 21.79 6.60 -6.33
C ALA D 75 21.32 8.02 -6.11
N VAL D 76 20.07 8.32 -6.48
CA VAL D 76 19.53 9.64 -6.26
C VAL D 76 19.61 10.00 -4.79
N ARG D 77 19.23 9.06 -3.93
CA ARG D 77 19.22 9.34 -2.50
C ARG D 77 20.63 9.65 -2.02
N ARG D 78 21.63 8.91 -2.47
CA ARG D 78 22.97 9.21 -1.97
C ARG D 78 23.57 10.46 -2.60
N CYS D 79 23.12 10.87 -3.78
CA CYS D 79 23.71 12.01 -4.47
C CYS D 79 22.93 13.31 -4.29
N THR D 80 21.74 13.26 -3.71
CA THR D 80 20.90 14.46 -3.60
C THR D 80 20.36 14.61 -2.19
N ASN D 81 20.14 15.86 -1.80
CA ASN D 81 19.54 16.18 -0.51
C ASN D 81 18.03 16.06 -0.53
N PHE D 82 17.43 15.88 -1.70
CA PHE D 82 15.99 15.69 -1.77
C PHE D 82 15.61 14.36 -1.12
N LYS D 83 14.36 14.27 -0.69
CA LYS D 83 13.81 13.03 -0.16
C LYS D 83 12.92 12.42 -1.22
N VAL D 84 13.21 11.17 -1.57
CA VAL D 84 12.64 10.50 -2.73
C VAL D 84 11.76 9.36 -2.27
N GLY D 85 10.70 9.11 -3.03
CA GLY D 85 9.77 8.03 -2.73
C GLY D 85 9.80 6.98 -3.83
N PHE D 86 9.88 5.72 -3.42
CA PHE D 86 10.00 4.60 -4.33
C PHE D 86 8.65 3.91 -4.44
N TYR D 87 8.16 3.74 -5.66
CA TYR D 87 6.80 3.25 -5.90
C TYR D 87 6.81 2.17 -6.98
N VAL D 88 6.59 0.94 -6.56
CA VAL D 88 6.41 -0.20 -7.46
C VAL D 88 5.24 -1.03 -6.94
N GLY D 89 4.81 -1.98 -7.76
CA GLY D 89 3.66 -2.79 -7.39
C GLY D 89 3.84 -3.61 -6.13
N GLU D 90 5.08 -3.84 -5.70
CA GLU D 90 5.32 -4.67 -4.53
C GLU D 90 4.95 -3.98 -3.23
N GLN D 91 5.22 -2.68 -3.12
CA GLN D 91 4.78 -1.91 -1.95
C GLN D 91 3.27 -1.71 -1.94
N GLY D 92 2.54 -2.31 -2.88
CA GLY D 92 1.11 -2.12 -2.94
C GLY D 92 0.72 -0.76 -3.46
N VAL D 93 1.44 -0.25 -4.47
CA VAL D 93 1.18 1.10 -4.96
C VAL D 93 -0.25 1.24 -5.43
N ASP D 94 -0.88 0.15 -5.84
CA ASP D 94 -2.25 0.24 -6.35
C ASP D 94 -3.22 0.74 -5.30
N ASP D 95 -3.10 0.26 -4.06
CA ASP D 95 -4.14 0.43 -3.06
C ASP D 95 -4.07 1.76 -2.32
N TRP D 96 -3.01 2.55 -2.49
CA TRP D 96 -2.92 3.83 -1.79
C TRP D 96 -4.12 4.69 -2.15
N THR D 97 -4.62 5.43 -1.16
CA THR D 97 -5.81 6.25 -1.33
C THR D 97 -5.40 7.68 -1.64
N ARG D 98 -6.41 8.52 -1.92
CA ARG D 98 -6.14 9.90 -2.27
C ARG D 98 -5.39 10.61 -1.16
N GLY D 99 -5.82 10.42 0.09
CA GLY D 99 -5.12 11.03 1.19
C GLY D 99 -3.67 10.60 1.27
N MET D 100 -3.42 9.30 1.12
CA MET D 100 -2.06 8.81 1.22
C MET D 100 -1.21 9.14 0.00
N TRP D 101 -1.79 9.16 -1.21
CA TRP D 101 -1.03 9.67 -2.35
C TRP D 101 -0.64 11.12 -2.13
N SER D 102 -1.59 11.92 -1.61
CA SER D 102 -1.30 13.32 -1.37
C SER D 102 -0.19 13.49 -0.34
N ASP D 103 -0.25 12.73 0.77
CA ASP D 103 0.83 12.87 1.74
C ASP D 103 2.14 12.33 1.19
N GLU D 104 2.08 11.34 0.29
CA GLU D 104 3.30 10.86 -0.35
C GLU D 104 3.96 11.97 -1.15
N ILE D 105 3.18 12.66 -1.97
CA ILE D 105 3.76 13.72 -2.80
C ILE D 105 4.21 14.89 -1.92
N LYS D 106 3.45 15.22 -0.88
CA LYS D 106 3.91 16.24 0.06
C LYS D 106 5.22 15.83 0.70
N LYS D 107 5.40 14.53 0.94
CA LYS D 107 6.61 14.05 1.59
C LYS D 107 7.77 14.00 0.60
N ASN D 108 7.64 13.21 -0.46
CA ASN D 108 8.72 13.02 -1.41
C ASN D 108 8.67 14.09 -2.49
N GLN D 109 9.80 14.77 -2.69
CA GLN D 109 9.90 15.69 -3.81
C GLN D 109 10.11 14.96 -5.12
N VAL D 110 10.81 13.83 -5.09
CA VAL D 110 11.16 13.05 -6.27
C VAL D 110 10.44 11.71 -6.18
N LEU D 111 9.80 11.31 -7.27
CA LEU D 111 9.07 10.05 -7.35
C LEU D 111 9.81 9.12 -8.30
N VAL D 112 10.17 7.93 -7.81
CA VAL D 112 10.83 6.91 -8.61
C VAL D 112 9.94 5.69 -8.63
N GLY D 113 9.68 5.17 -9.83
CA GLY D 113 8.82 4.01 -9.96
C GLY D 113 8.75 3.57 -11.40
N THR D 114 8.17 2.39 -11.60
CA THR D 114 8.08 1.83 -12.93
C THR D 114 7.09 2.61 -13.79
N ALA D 115 7.24 2.48 -15.10
CA ALA D 115 6.50 3.33 -16.02
C ALA D 115 4.99 3.15 -15.86
N GLN D 116 4.54 1.90 -15.74
CA GLN D 116 3.10 1.66 -15.69
C GLN D 116 2.47 2.33 -14.48
N VAL D 117 3.17 2.32 -13.35
CA VAL D 117 2.61 2.90 -12.13
C VAL D 117 2.31 4.37 -12.34
N PHE D 118 3.30 5.13 -12.82
CA PHE D 118 3.10 6.55 -13.04
C PHE D 118 2.11 6.79 -14.16
N LEU D 119 2.09 5.91 -15.16
CA LEU D 119 1.13 6.05 -16.24
C LEU D 119 -0.30 5.98 -15.69
N ASP D 120 -0.58 4.98 -14.87
CA ASP D 120 -1.88 4.89 -14.23
C ASP D 120 -2.12 6.09 -13.35
N MET D 121 -1.10 6.53 -12.62
CA MET D 121 -1.28 7.62 -11.68
C MET D 121 -1.68 8.90 -12.39
N VAL D 122 -1.02 9.23 -13.50
CA VAL D 122 -1.35 10.43 -14.24
C VAL D 122 -2.70 10.28 -14.93
N THR D 123 -2.93 9.12 -15.56
CA THR D 123 -4.19 8.93 -16.29
C THR D 123 -5.39 9.09 -15.38
N GLN D 124 -5.29 8.60 -14.14
CA GLN D 124 -6.39 8.66 -13.19
C GLN D 124 -6.50 10.02 -12.52
N THR D 125 -5.66 10.98 -12.89
CA THR D 125 -5.75 12.34 -12.38
C THR D 125 -5.26 12.47 -10.94
N TYR D 126 -4.39 11.55 -10.51
CA TYR D 126 -3.76 11.73 -9.20
C TYR D 126 -2.98 13.03 -9.17
N VAL D 127 -2.24 13.32 -10.23
CA VAL D 127 -1.66 14.63 -10.46
C VAL D 127 -2.06 15.06 -11.86
N ALA D 128 -1.50 16.18 -12.30
CA ALA D 128 -1.56 16.59 -13.69
C ALA D 128 -0.13 16.90 -14.15
N LEU D 129 0.08 16.79 -15.46
CA LEU D 129 1.39 17.11 -16.00
C LEU D 129 1.83 18.48 -15.55
N SER D 130 0.90 19.42 -15.41
CA SER D 130 1.22 20.75 -14.92
C SER D 130 1.85 20.71 -13.54
N SER D 131 1.63 19.63 -12.79
CA SER D 131 2.18 19.51 -11.44
C SER D 131 3.59 18.94 -11.43
N LEU D 132 4.14 18.58 -12.58
CA LEU D 132 5.48 18.05 -12.68
C LEU D 132 6.38 19.05 -13.38
N SER D 133 7.57 19.25 -12.81
CA SER D 133 8.56 20.13 -13.44
C SER D 133 9.32 19.41 -14.53
N VAL D 134 9.86 18.24 -14.22
CA VAL D 134 10.74 17.52 -15.14
C VAL D 134 10.44 16.04 -15.06
N VAL D 135 10.59 15.36 -16.19
CA VAL D 135 10.46 13.91 -16.28
C VAL D 135 11.78 13.35 -16.79
N ILE D 136 12.33 12.37 -16.07
CA ILE D 136 13.57 11.72 -16.45
C ILE D 136 13.26 10.26 -16.73
N ILE D 137 13.65 9.80 -17.92
CA ILE D 137 13.41 8.44 -18.37
C ILE D 137 14.75 7.80 -18.67
N ASP D 138 15.04 6.69 -18.01
CA ASP D 138 16.27 5.95 -18.28
C ASP D 138 15.99 4.88 -19.31
N GLU D 139 17.01 4.56 -20.10
CA GLU D 139 16.86 3.56 -21.16
C GLU D 139 15.71 3.93 -22.08
N CYS D 140 15.72 5.17 -22.54
CA CYS D 140 14.62 5.70 -23.35
C CYS D 140 14.46 4.94 -24.66
N HIS D 141 15.47 4.21 -25.10
CA HIS D 141 15.37 3.50 -26.37
C HIS D 141 14.23 2.49 -26.37
N HIS D 142 13.83 1.98 -25.20
CA HIS D 142 12.69 1.08 -25.14
C HIS D 142 11.39 1.74 -25.52
N GLY D 143 11.35 3.07 -25.60
CA GLY D 143 10.10 3.77 -25.88
C GLY D 143 9.68 3.69 -27.32
N THR D 144 9.27 2.51 -27.77
CA THR D 144 8.82 2.31 -29.13
C THR D 144 7.51 1.53 -29.13
N GLY D 145 6.75 1.68 -30.20
CA GLY D 145 5.49 0.97 -30.32
C GLY D 145 4.52 1.35 -29.21
N HIS D 146 4.07 0.35 -28.45
CA HIS D 146 3.19 0.59 -27.31
C HIS D 146 3.89 0.37 -25.97
N HIS D 147 5.21 0.51 -25.94
CA HIS D 147 5.91 0.47 -24.66
C HIS D 147 5.37 1.59 -23.78
N PRO D 148 5.28 1.36 -22.47
CA PRO D 148 4.65 2.38 -21.60
C PRO D 148 5.26 3.76 -21.73
N PHE D 149 6.57 3.86 -22.00
CA PHE D 149 7.17 5.16 -22.22
C PHE D 149 6.41 5.93 -23.29
N ARG D 150 6.14 5.26 -24.41
CA ARG D 150 5.48 5.93 -25.52
C ARG D 150 4.05 6.33 -25.15
N GLU D 151 3.35 5.49 -24.38
CA GLU D 151 2.01 5.88 -23.94
C GLU D 151 2.06 7.10 -23.06
N PHE D 152 3.00 7.11 -22.10
CA PHE D 152 3.19 8.29 -21.27
C PHE D 152 3.40 9.52 -22.13
N MET D 153 4.28 9.43 -23.11
CA MET D 153 4.57 10.61 -23.91
C MET D 153 3.36 11.01 -24.74
N ARG D 154 2.61 10.02 -25.24
CA ARG D 154 1.35 10.31 -25.92
C ARG D 154 0.45 11.15 -25.04
N LEU D 155 0.45 10.87 -23.73
CA LEU D 155 -0.40 11.64 -22.83
C LEU D 155 -0.13 13.14 -22.96
N PHE D 156 1.10 13.51 -23.30
CA PHE D 156 1.44 14.92 -23.42
C PHE D 156 0.53 15.62 -24.41
N THR D 157 0.24 14.99 -25.53
CA THR D 157 -0.48 15.62 -26.62
C THR D 157 -1.90 16.00 -26.26
N ILE D 158 -2.43 15.50 -25.15
CA ILE D 158 -3.80 15.73 -24.77
C ILE D 158 -3.93 16.87 -23.77
N ALA D 159 -3.07 16.88 -22.75
CA ALA D 159 -3.18 17.86 -21.68
C ALA D 159 -2.76 19.24 -22.18
N ASN D 160 -2.75 20.22 -21.28
CA ASN D 160 -2.30 21.55 -21.64
C ASN D 160 -0.87 21.52 -22.14
N GLN D 161 -0.63 22.18 -23.28
CA GLN D 161 0.71 22.24 -23.83
C GLN D 161 1.59 23.22 -23.09
N THR D 162 1.02 24.27 -22.52
CA THR D 162 1.82 25.30 -21.86
C THR D 162 2.43 24.81 -20.56
N LYS D 163 1.87 23.75 -19.96
CA LYS D 163 2.31 23.29 -18.65
C LYS D 163 3.12 21.99 -18.74
N LEU D 164 3.53 21.60 -19.95
CA LEU D 164 4.25 20.35 -20.09
C LEU D 164 5.57 20.41 -19.32
N PRO D 165 6.00 19.32 -18.68
CA PRO D 165 7.28 19.35 -17.98
C PRO D 165 8.46 19.22 -18.93
N ARG D 166 9.67 19.25 -18.38
CA ARG D 166 10.87 18.96 -19.16
C ARG D 166 11.06 17.45 -19.21
N VAL D 167 11.25 16.92 -20.42
CA VAL D 167 11.39 15.48 -20.64
C VAL D 167 12.84 15.21 -20.99
N VAL D 168 13.49 14.35 -20.21
CA VAL D 168 14.88 13.99 -20.42
C VAL D 168 14.96 12.47 -20.51
N GLY D 169 15.63 11.99 -21.54
CA GLY D 169 15.80 10.55 -21.76
C GLY D 169 17.27 10.18 -21.66
N LEU D 170 17.53 8.99 -21.13
CA LEU D 170 18.87 8.44 -21.06
C LEU D 170 18.92 7.15 -21.87
N THR D 171 20.10 6.85 -22.40
CA THR D 171 20.27 5.62 -23.17
C THR D 171 21.73 5.47 -23.55
N GLY D 172 22.18 4.22 -23.65
CA GLY D 172 23.49 3.91 -24.15
C GLY D 172 23.45 3.48 -25.60
N VAL D 173 22.24 3.31 -26.13
CA VAL D 173 22.03 2.94 -27.52
C VAL D 173 20.63 3.34 -27.91
N LEU D 174 20.49 3.89 -29.12
CA LEU D 174 19.24 4.47 -29.57
C LEU D 174 18.33 3.48 -30.27
N ILE D 175 18.90 2.53 -31.00
CA ILE D 175 18.16 1.59 -31.82
C ILE D 175 17.85 0.37 -30.98
N LYS D 176 16.65 -0.19 -31.16
CA LYS D 176 16.19 -1.29 -30.33
C LYS D 176 16.42 -2.66 -30.97
N GLY D 177 15.89 -2.88 -32.16
CA GLY D 177 15.95 -4.17 -32.81
C GLY D 177 17.19 -4.35 -33.66
N ASN D 178 17.02 -4.98 -34.81
CA ASN D 178 18.08 -5.13 -35.80
C ASN D 178 17.93 -4.17 -36.97
N GLU D 179 17.04 -3.19 -36.86
CA GLU D 179 16.78 -2.26 -37.96
C GLU D 179 17.91 -1.23 -38.05
N ILE D 180 19.12 -1.76 -38.22
CA ILE D 180 20.31 -0.90 -38.33
C ILE D 180 20.34 -0.13 -39.64
N THR D 181 19.56 -0.53 -40.63
CA THR D 181 19.50 0.17 -41.89
C THR D 181 18.58 1.37 -41.78
N ASN D 182 18.92 2.45 -42.48
CA ASN D 182 18.11 3.66 -42.49
C ASN D 182 17.91 4.18 -41.07
N VAL D 183 19.04 4.35 -40.38
CA VAL D 183 18.99 4.79 -38.99
C VAL D 183 18.41 6.19 -38.85
N ALA D 184 18.55 7.03 -39.88
CA ALA D 184 18.06 8.39 -39.77
C ALA D 184 16.56 8.41 -39.49
N THR D 185 15.80 7.60 -40.22
CA THR D 185 14.36 7.55 -39.99
C THR D 185 14.05 7.10 -38.58
N LYS D 186 14.74 6.07 -38.09
CA LYS D 186 14.46 5.57 -36.74
C LYS D 186 14.78 6.63 -35.70
N LEU D 187 15.92 7.30 -35.82
CA LEU D 187 16.28 8.32 -34.84
C LEU D 187 15.32 9.49 -34.88
N LYS D 188 14.93 9.92 -36.08
CA LYS D 188 13.96 11.00 -36.18
C LYS D 188 12.63 10.57 -35.56
N GLU D 189 12.24 9.31 -35.79
CA GLU D 189 11.01 8.80 -35.24
C GLU D 189 11.05 8.82 -33.71
N LEU D 190 12.18 8.41 -33.13
CA LEU D 190 12.35 8.46 -31.69
C LEU D 190 12.31 9.89 -31.17
N GLU D 191 13.10 10.78 -31.76
CA GLU D 191 13.10 12.16 -31.29
C GLU D 191 11.72 12.76 -31.35
N ILE D 192 10.95 12.44 -32.40
CA ILE D 192 9.57 12.88 -32.46
C ILE D 192 8.75 12.21 -31.36
N THR D 193 9.08 10.96 -31.02
CA THR D 193 8.38 10.31 -29.91
C THR D 193 8.48 11.16 -28.65
N TYR D 194 9.67 11.67 -28.36
CA TYR D 194 9.84 12.70 -27.34
C TYR D 194 9.69 14.07 -27.98
N ARG D 195 9.98 15.11 -27.22
CA ARG D 195 9.78 16.48 -27.65
C ARG D 195 11.10 17.24 -27.63
N GLY D 196 12.15 16.59 -28.10
CA GLY D 196 13.47 17.19 -28.13
C GLY D 196 14.33 16.44 -29.13
N ASN D 197 15.58 16.87 -29.23
CA ASN D 197 16.54 16.27 -30.14
C ASN D 197 17.72 15.72 -29.36
N ILE D 198 18.25 14.61 -29.86
CA ILE D 198 19.39 13.96 -29.21
C ILE D 198 20.57 14.92 -29.15
N ILE D 199 21.34 14.83 -28.08
CA ILE D 199 22.57 15.61 -27.91
C ILE D 199 23.64 14.68 -27.38
N THR D 200 24.89 14.99 -27.69
CA THR D 200 26.00 14.12 -27.33
C THR D 200 27.31 14.89 -27.43
N VAL D 201 28.34 14.32 -26.81
CA VAL D 201 29.68 14.90 -26.89
C VAL D 201 30.21 14.79 -28.32
N SER D 202 30.89 15.84 -28.78
CA SER D 202 31.47 15.85 -30.12
C SER D 202 32.92 16.28 -30.10
N ASP D 203 33.29 17.16 -29.17
CA ASP D 203 34.64 17.70 -29.16
C ASP D 203 35.66 16.61 -28.80
N THR D 204 36.80 16.64 -29.49
CA THR D 204 37.84 15.66 -29.24
C THR D 204 38.30 15.73 -27.78
N LYS D 205 38.39 16.93 -27.22
CA LYS D 205 38.65 17.04 -25.79
C LYS D 205 37.56 16.33 -25.00
N GLU D 206 36.30 16.54 -25.39
CA GLU D 206 35.21 15.80 -24.78
C GLU D 206 35.34 14.30 -25.03
N MET D 207 35.73 13.92 -26.25
CA MET D 207 35.92 12.50 -26.54
C MET D 207 36.88 11.87 -25.56
N GLU D 208 38.08 12.45 -25.44
CA GLU D 208 39.11 11.87 -24.59
C GLU D 208 38.74 11.97 -23.13
N ASN D 209 38.03 13.03 -22.73
CA ASN D 209 37.48 13.07 -21.38
C ASN D 209 36.55 11.88 -21.13
N VAL D 210 35.76 11.51 -22.13
CA VAL D 210 34.82 10.41 -21.97
C VAL D 210 35.53 9.07 -21.90
N MET D 211 36.55 8.86 -22.73
CA MET D 211 37.21 7.55 -22.67
C MET D 211 37.87 7.29 -21.33
N LEU D 212 38.05 8.32 -20.48
CA LEU D 212 38.52 8.06 -19.13
C LEU D 212 37.64 7.04 -18.42
N TYR D 213 36.33 7.09 -18.66
CA TYR D 213 35.39 6.20 -17.99
C TYR D 213 34.94 5.04 -18.86
N ALA D 214 34.69 5.27 -20.15
CA ALA D 214 34.31 4.21 -21.07
C ALA D 214 35.54 3.74 -21.83
N THR D 215 35.58 2.44 -22.12
CA THR D 215 36.74 1.81 -22.76
C THR D 215 36.30 1.04 -24.00
N LYS D 216 37.21 0.92 -24.95
CA LYS D 216 37.00 0.10 -26.13
C LYS D 216 37.63 -1.26 -25.91
N PRO D 217 36.86 -2.27 -25.50
CA PRO D 217 37.47 -3.55 -25.15
C PRO D 217 37.91 -4.31 -26.40
N THR D 218 39.15 -4.78 -26.36
CA THR D 218 39.62 -5.66 -27.43
C THR D 218 38.69 -6.86 -27.50
N GLU D 219 38.16 -7.13 -28.69
CA GLU D 219 37.13 -8.13 -28.87
C GLU D 219 37.56 -9.15 -29.90
N VAL D 220 37.59 -10.42 -29.49
CA VAL D 220 38.00 -11.52 -30.35
C VAL D 220 36.84 -12.49 -30.45
N MET D 221 37.02 -13.50 -31.30
CA MET D 221 35.94 -14.38 -31.74
C MET D 221 36.38 -15.84 -31.78
N VAL D 222 36.24 -16.56 -30.68
CA VAL D 222 36.59 -17.97 -30.70
C VAL D 222 35.46 -18.76 -31.35
N SER D 223 35.84 -19.69 -32.21
CA SER D 223 34.90 -20.61 -32.84
C SER D 223 35.26 -22.03 -32.43
N PHE D 224 34.39 -22.97 -32.81
CA PHE D 224 34.53 -24.34 -32.41
C PHE D 224 34.04 -25.25 -33.52
N PRO D 225 34.71 -26.38 -33.77
CA PRO D 225 34.19 -27.31 -34.77
C PRO D 225 32.81 -27.78 -34.38
N HIS D 226 31.92 -27.85 -35.37
CA HIS D 226 30.54 -28.27 -35.15
C HIS D 226 30.40 -29.72 -35.58
N GLN D 227 29.81 -30.53 -34.71
CA GLN D 227 29.54 -31.93 -35.02
C GLN D 227 28.08 -32.22 -34.79
N GLU D 228 27.52 -33.07 -35.65
CA GLU D 228 26.11 -33.46 -35.56
C GLU D 228 25.92 -34.89 -35.07
N GLN D 229 26.98 -35.70 -35.01
CA GLN D 229 26.84 -37.05 -34.51
C GLN D 229 26.30 -37.03 -33.09
N VAL D 230 25.30 -37.87 -32.84
CA VAL D 230 24.61 -37.90 -31.56
C VAL D 230 24.63 -39.33 -31.06
N LEU D 231 24.53 -39.47 -29.73
CA LEU D 231 24.63 -40.77 -29.10
C LEU D 231 23.26 -41.44 -29.00
N THR D 232 23.30 -42.76 -28.81
CA THR D 232 22.07 -43.53 -28.75
C THR D 232 21.20 -43.10 -27.59
N VAL D 233 21.80 -42.83 -26.43
CA VAL D 233 21.02 -42.47 -25.25
C VAL D 233 20.14 -41.27 -25.54
N THR D 234 20.59 -40.37 -26.40
CA THR D 234 19.73 -39.28 -26.82
C THR D 234 18.50 -39.81 -27.52
N ARG D 235 18.67 -40.79 -28.38
CA ARG D 235 17.52 -41.42 -29.02
C ARG D 235 16.60 -42.06 -28.00
N LEU D 236 17.18 -42.73 -27.01
CA LEU D 236 16.36 -43.37 -25.99
C LEU D 236 15.53 -42.34 -25.24
N ILE D 237 16.17 -41.28 -24.77
CA ILE D 237 15.48 -40.23 -24.04
C ILE D 237 14.40 -39.62 -24.91
N SER D 238 14.72 -39.38 -26.17
CA SER D 238 13.70 -38.95 -27.11
C SER D 238 12.50 -39.87 -27.05
N ALA D 239 12.69 -41.13 -27.45
CA ALA D 239 11.58 -42.07 -27.51
C ALA D 239 10.74 -42.01 -26.24
N GLU D 240 11.41 -41.96 -25.08
CA GLU D 240 10.65 -41.89 -23.84
C GLU D 240 9.79 -40.64 -23.79
N ILE D 241 10.36 -39.50 -24.18
CA ILE D 241 9.61 -38.26 -24.04
C ILE D 241 8.44 -38.24 -25.04
N GLU D 242 8.63 -38.77 -26.24
CA GLU D 242 7.51 -38.78 -27.17
C GLU D 242 6.42 -39.73 -26.69
N LYS D 243 6.80 -40.87 -26.12
CA LYS D 243 5.80 -41.74 -25.53
C LYS D 243 5.03 -40.99 -24.45
N PHE D 244 5.73 -40.27 -23.60
CA PHE D 244 5.05 -39.51 -22.56
C PHE D 244 4.14 -38.44 -23.16
N TYR D 245 4.57 -37.80 -24.25
CA TYR D 245 3.74 -36.77 -24.86
C TYR D 245 2.45 -37.36 -25.40
N VAL D 246 2.55 -38.49 -26.12
CA VAL D 246 1.36 -39.09 -26.68
C VAL D 246 0.44 -39.55 -25.57
N SER D 247 0.99 -40.07 -24.48
CA SER D 247 0.14 -40.42 -23.34
C SER D 247 -0.50 -39.16 -22.74
N LEU D 248 0.28 -38.10 -22.60
CA LEU D 248 -0.17 -36.90 -21.91
C LEU D 248 -1.32 -36.24 -22.65
N ASP D 249 -1.21 -36.15 -23.97
CA ASP D 249 -2.29 -35.53 -24.75
C ASP D 249 -3.61 -36.19 -24.45
N LEU D 250 -3.59 -37.47 -24.11
CA LEU D 250 -4.81 -38.20 -23.79
C LEU D 250 -5.35 -37.87 -22.41
N MET D 251 -4.59 -37.15 -21.59
CA MET D 251 -4.98 -36.94 -20.20
C MET D 251 -6.35 -36.28 -20.09
N ASN D 252 -6.51 -35.15 -20.75
CA ASN D 252 -7.53 -34.14 -20.45
C ASN D 252 -7.39 -33.75 -18.99
N ILE D 253 -7.76 -32.51 -18.66
CA ILE D 253 -7.64 -32.01 -17.29
C ILE D 253 -8.78 -31.06 -17.02
N GLY D 254 -8.81 -30.57 -15.78
CA GLY D 254 -9.72 -29.52 -15.42
C GLY D 254 -9.54 -28.35 -16.37
N VAL D 255 -10.65 -27.72 -16.77
CA VAL D 255 -10.57 -26.67 -17.77
C VAL D 255 -10.17 -25.35 -17.12
N GLN D 256 -9.29 -24.64 -17.79
CA GLN D 256 -8.92 -23.27 -17.49
C GLN D 256 -9.00 -22.52 -18.81
N PRO D 257 -9.10 -21.19 -18.78
CA PRO D 257 -9.44 -20.44 -20.00
C PRO D 257 -8.74 -20.98 -21.23
N ILE D 258 -9.50 -21.07 -22.33
CA ILE D 258 -8.98 -21.61 -23.57
C ILE D 258 -7.81 -20.75 -24.04
N ARG D 259 -6.77 -21.40 -24.54
CA ARG D 259 -5.56 -20.73 -25.01
C ARG D 259 -5.55 -20.71 -26.53
N ARG D 260 -5.26 -19.54 -27.10
CA ARG D 260 -5.28 -19.36 -28.55
C ARG D 260 -4.09 -18.50 -28.95
N SER D 261 -3.82 -18.48 -30.25
CA SER D 261 -2.68 -17.74 -30.77
C SER D 261 -2.82 -16.26 -30.46
N LYS D 262 -1.71 -15.54 -30.65
CA LYS D 262 -1.76 -14.09 -30.54
C LYS D 262 -2.73 -13.49 -31.55
N SER D 263 -2.92 -14.15 -32.68
CA SER D 263 -3.85 -13.71 -33.71
C SER D 263 -5.22 -14.37 -33.58
N LEU D 264 -5.42 -15.20 -32.56
CA LEU D 264 -6.70 -15.89 -32.34
C LEU D 264 -7.14 -16.67 -33.57
N GLN D 265 -6.18 -17.11 -34.39
CA GLN D 265 -6.45 -17.91 -35.57
C GLN D 265 -6.43 -19.41 -35.26
N CYS D 266 -5.56 -19.83 -34.35
CA CYS D 266 -5.33 -21.23 -34.07
C CYS D 266 -5.45 -21.51 -32.57
N LEU D 267 -5.85 -22.73 -32.24
CA LEU D 267 -5.95 -23.16 -30.85
C LEU D 267 -4.60 -23.63 -30.33
N ARG D 268 -4.54 -23.83 -29.02
CA ARG D 268 -3.33 -24.27 -28.35
C ARG D 268 -3.69 -25.30 -27.27
N ASP D 269 -2.66 -25.85 -26.64
CA ASP D 269 -2.86 -26.77 -25.53
C ASP D 269 -3.27 -26.02 -24.27
N PRO D 270 -3.85 -26.71 -23.29
CA PRO D 270 -4.09 -26.07 -22.00
C PRO D 270 -2.78 -25.58 -21.39
N SER D 271 -2.87 -24.45 -20.69
CA SER D 271 -1.66 -23.78 -20.22
C SER D 271 -0.78 -24.71 -19.41
N LYS D 272 -1.37 -25.65 -18.68
CA LYS D 272 -0.57 -26.59 -17.90
C LYS D 272 0.15 -27.58 -18.81
N LYS D 273 -0.59 -28.18 -19.74
CA LYS D 273 0.04 -29.05 -20.72
C LYS D 273 1.11 -28.29 -21.49
N SER D 274 0.83 -27.03 -21.80
CA SER D 274 1.81 -26.21 -22.49
C SER D 274 3.05 -26.02 -21.63
N PHE D 275 2.87 -25.80 -20.34
CA PHE D 275 4.02 -25.69 -19.45
C PHE D 275 4.88 -26.94 -19.52
N VAL D 276 4.23 -28.10 -19.43
CA VAL D 276 4.99 -29.35 -19.43
C VAL D 276 5.75 -29.51 -20.73
N LYS D 277 5.07 -29.29 -21.85
CA LYS D 277 5.71 -29.45 -23.15
C LYS D 277 6.87 -28.47 -23.29
N GLN D 278 6.67 -27.22 -22.89
CA GLN D 278 7.73 -26.24 -23.00
C GLN D 278 8.94 -26.64 -22.16
N LEU D 279 8.69 -27.08 -20.93
CA LEU D 279 9.81 -27.49 -20.09
C LEU D 279 10.59 -28.61 -20.74
N PHE D 280 9.90 -29.64 -21.22
CA PHE D 280 10.61 -30.79 -21.75
C PHE D 280 11.31 -30.45 -23.06
N ASN D 281 10.68 -29.63 -23.90
CA ASN D 281 11.33 -29.19 -25.12
C ASN D 281 12.58 -28.39 -24.79
N ASP D 282 12.51 -27.55 -23.77
CA ASP D 282 13.70 -26.81 -23.34
C ASP D 282 14.79 -27.77 -22.92
N PHE D 283 14.44 -28.80 -22.16
CA PHE D 283 15.44 -29.76 -21.74
C PHE D 283 16.08 -30.45 -22.94
N LEU D 284 15.27 -30.85 -23.92
CA LEU D 284 15.81 -31.47 -25.12
C LEU D 284 16.74 -30.53 -25.85
N TYR D 285 16.34 -29.26 -25.96
CA TYR D 285 17.16 -28.27 -26.64
C TYR D 285 18.52 -28.15 -25.96
N GLN D 286 18.52 -28.08 -24.63
CA GLN D 286 19.78 -27.98 -23.91
C GLN D 286 20.63 -29.21 -24.11
N MET D 287 20.01 -30.40 -24.02
CA MET D 287 20.76 -31.63 -24.27
C MET D 287 21.43 -31.58 -25.63
N LYS D 288 20.67 -31.22 -26.66
CA LYS D 288 21.20 -31.22 -28.01
C LYS D 288 22.37 -30.23 -28.13
N GLU D 289 22.21 -29.04 -27.57
CA GLU D 289 23.24 -28.02 -27.79
C GLU D 289 24.50 -28.29 -26.97
N TYR D 290 24.36 -28.68 -25.71
CA TYR D 290 25.49 -28.70 -24.80
C TYR D 290 26.03 -30.09 -24.49
N GLY D 291 25.26 -31.14 -24.76
CA GLY D 291 25.76 -32.48 -24.63
C GLY D 291 25.01 -33.24 -23.57
N ILE D 292 25.72 -34.14 -22.90
CA ILE D 292 25.08 -35.06 -21.97
C ILE D 292 25.13 -34.51 -20.55
N TYR D 293 26.31 -34.10 -20.09
CA TYR D 293 26.43 -33.65 -18.70
C TYR D 293 25.55 -32.43 -18.46
N ALA D 294 25.51 -31.52 -19.41
CA ALA D 294 24.59 -30.40 -19.32
C ALA D 294 23.17 -30.89 -19.13
N ALA D 295 22.79 -31.94 -19.85
CA ALA D 295 21.45 -32.51 -19.66
C ALA D 295 21.31 -33.10 -18.28
N SER D 296 22.37 -33.71 -17.76
CA SER D 296 22.32 -34.29 -16.42
C SER D 296 22.04 -33.23 -15.37
N ILE D 297 22.54 -32.02 -15.59
CA ILE D 297 22.23 -30.93 -14.66
C ILE D 297 20.83 -30.38 -14.91
N ALA D 298 20.49 -30.18 -16.19
CA ALA D 298 19.20 -29.60 -16.50
C ALA D 298 18.06 -30.48 -16.02
N ILE D 299 18.26 -31.79 -16.04
CA ILE D 299 17.20 -32.69 -15.60
C ILE D 299 16.96 -32.53 -14.11
N ILE D 300 18.03 -32.34 -13.33
CA ILE D 300 17.85 -32.04 -11.92
C ILE D 300 17.06 -30.75 -11.75
N SER D 301 17.40 -29.74 -12.54
CA SER D 301 16.66 -28.49 -12.48
C SER D 301 15.18 -28.74 -12.75
N LEU D 302 14.87 -29.53 -13.76
CA LEU D 302 13.48 -29.83 -14.08
C LEU D 302 12.81 -30.59 -12.94
N ILE D 303 13.55 -31.49 -12.30
CA ILE D 303 13.00 -32.22 -11.16
C ILE D 303 12.53 -31.22 -10.11
N VAL D 304 13.41 -30.27 -9.77
CA VAL D 304 13.05 -29.28 -8.75
C VAL D 304 11.83 -28.48 -9.20
N GLU D 305 11.84 -28.05 -10.46
CA GLU D 305 10.75 -27.22 -10.95
C GLU D 305 9.43 -27.96 -10.88
N PHE D 306 9.41 -29.21 -11.31
CA PHE D 306 8.17 -29.99 -11.27
C PHE D 306 7.74 -30.24 -9.84
N ASP D 307 8.68 -30.48 -8.92
CA ASP D 307 8.30 -30.66 -7.53
C ASP D 307 7.56 -29.44 -7.01
N ILE D 308 8.14 -28.26 -7.22
CA ILE D 308 7.50 -27.05 -6.69
C ILE D 308 6.17 -26.80 -7.40
N LYS D 309 6.11 -27.09 -8.70
CA LYS D 309 4.84 -26.93 -9.41
C LYS D 309 3.77 -27.83 -8.83
N ARG D 310 4.13 -29.08 -8.54
CA ARG D 310 3.18 -29.99 -7.91
C ARG D 310 2.71 -29.43 -6.57
N ARG D 311 3.65 -28.97 -5.75
CA ARG D 311 3.26 -28.35 -4.49
C ARG D 311 2.26 -27.24 -4.72
N GLN D 312 2.42 -26.48 -5.80
CA GLN D 312 1.51 -25.39 -6.10
C GLN D 312 0.25 -25.86 -6.79
N ALA D 313 0.14 -27.14 -7.13
CA ALA D 313 -0.94 -27.62 -7.97
C ALA D 313 -2.31 -27.34 -7.33
N GLU D 314 -3.27 -26.93 -8.17
CA GLU D 314 -4.64 -26.72 -7.72
C GLU D 314 -5.41 -28.02 -7.55
N THR D 315 -5.21 -28.99 -8.45
CA THR D 315 -6.21 -30.02 -8.66
C THR D 315 -5.51 -31.38 -8.74
N LEU D 316 -6.27 -32.43 -8.43
CA LEU D 316 -5.67 -33.77 -8.38
C LEU D 316 -5.07 -34.15 -9.72
N SER D 317 -5.79 -33.89 -10.82
CA SER D 317 -5.31 -34.34 -12.12
C SER D 317 -4.00 -33.65 -12.49
N VAL D 318 -3.89 -32.35 -12.21
CA VAL D 318 -2.63 -31.66 -12.45
C VAL D 318 -1.53 -32.28 -11.61
N LYS D 319 -1.85 -32.65 -10.38
CA LYS D 319 -0.86 -33.27 -9.51
C LYS D 319 -0.40 -34.60 -10.09
N LEU D 320 -1.34 -35.40 -10.61
CA LEU D 320 -0.96 -36.66 -11.23
C LEU D 320 -0.09 -36.43 -12.45
N MET D 321 -0.44 -35.43 -13.26
CA MET D 321 0.40 -35.06 -14.39
C MET D 321 1.82 -34.78 -13.93
N HIS D 322 1.96 -33.95 -12.89
CA HIS D 322 3.29 -33.59 -12.43
C HIS D 322 4.01 -34.76 -11.81
N ARG D 323 3.28 -35.66 -11.15
CA ARG D 323 3.91 -36.86 -10.61
C ARG D 323 4.48 -37.71 -11.73
N THR D 324 3.71 -37.92 -12.78
CA THR D 324 4.20 -38.68 -13.93
C THR D 324 5.40 -37.99 -14.54
N ALA D 325 5.34 -36.66 -14.68
CA ALA D 325 6.47 -35.93 -15.23
C ALA D 325 7.69 -36.10 -14.35
N LEU D 326 7.52 -36.06 -13.04
CA LEU D 326 8.64 -36.22 -12.13
C LEU D 326 9.25 -37.61 -12.27
N THR D 327 8.40 -38.63 -12.38
CA THR D 327 8.92 -39.98 -12.54
C THR D 327 9.69 -40.10 -13.84
N LEU D 328 9.17 -39.53 -14.91
CA LEU D 328 9.88 -39.54 -16.18
C LEU D 328 11.23 -38.84 -16.05
N CYS D 329 11.24 -37.67 -15.41
CA CYS D 329 12.49 -36.94 -15.23
C CYS D 329 13.48 -37.77 -14.44
N GLU D 330 12.99 -38.48 -13.43
CA GLU D 330 13.88 -39.31 -12.63
C GLU D 330 14.48 -40.41 -13.49
N LYS D 331 13.65 -41.02 -14.34
CA LYS D 331 14.17 -42.04 -15.25
C LYS D 331 15.25 -41.46 -16.16
N ILE D 332 15.00 -40.27 -16.70
CA ILE D 332 15.97 -39.64 -17.58
C ILE D 332 17.28 -39.40 -16.84
N ARG D 333 17.19 -38.88 -15.62
CA ARG D 333 18.39 -38.65 -14.84
C ARG D 333 19.14 -39.95 -14.61
N HIS D 334 18.42 -41.01 -14.29
CA HIS D 334 19.06 -42.30 -14.07
C HIS D 334 19.76 -42.76 -15.33
N LEU D 335 19.11 -42.64 -16.49
CA LEU D 335 19.73 -43.07 -17.73
C LEU D 335 20.99 -42.28 -18.01
N LEU D 336 20.94 -40.97 -17.82
CA LEU D 336 22.12 -40.14 -18.08
C LEU D 336 23.24 -40.50 -17.13
N VAL D 337 22.93 -40.67 -15.85
CA VAL D 337 23.97 -41.03 -14.88
C VAL D 337 24.55 -42.39 -15.23
N GLN D 338 23.70 -43.30 -15.70
CA GLN D 338 24.18 -44.61 -16.11
C GLN D 338 25.18 -44.49 -17.25
N LYS D 339 24.81 -43.76 -18.29
CA LYS D 339 25.72 -43.60 -19.42
C LYS D 339 27.01 -42.93 -19.00
N LEU D 340 26.92 -41.88 -18.19
CA LEU D 340 28.14 -41.24 -17.70
C LEU D 340 29.01 -42.22 -16.96
N GLN D 341 28.44 -42.94 -15.99
CA GLN D 341 29.19 -43.94 -15.26
C GLN D 341 29.74 -45.02 -16.16
N ASP D 342 29.16 -45.20 -17.34
CA ASP D 342 29.75 -46.10 -18.33
C ASP D 342 30.86 -45.45 -19.12
N MET D 343 31.75 -44.73 -18.42
CA MET D 343 33.09 -44.43 -18.92
C MET D 343 34.15 -44.53 -17.83
N THR D 344 33.77 -44.57 -16.56
CA THR D 344 34.72 -44.49 -15.46
C THR D 344 35.69 -45.66 -15.41
N TYR D 345 35.57 -46.59 -16.36
CA TYR D 345 36.54 -47.67 -16.47
C TYR D 345 37.96 -47.15 -16.69
N ASP D 346 38.11 -45.92 -17.18
CA ASP D 346 39.44 -45.38 -17.43
C ASP D 346 40.24 -45.25 -16.15
N ASP D 347 39.63 -44.72 -15.09
CA ASP D 347 40.35 -44.44 -13.85
C ASP D 347 39.38 -44.50 -12.69
N ASP D 348 39.90 -44.22 -11.49
CA ASP D 348 39.10 -44.19 -10.28
C ASP D 348 39.19 -42.88 -9.52
N ASP D 349 40.10 -41.98 -9.90
CA ASP D 349 40.20 -40.66 -9.27
C ASP D 349 39.00 -39.84 -9.70
N ASP D 350 38.00 -39.73 -8.82
CA ASP D 350 36.73 -39.15 -9.22
C ASP D 350 36.86 -37.65 -9.52
N ASN D 351 37.79 -36.96 -8.87
CA ASN D 351 37.96 -35.54 -9.14
C ASN D 351 38.36 -35.29 -10.59
N VAL D 352 39.42 -35.96 -11.06
CA VAL D 352 39.79 -35.86 -12.46
C VAL D 352 38.80 -36.59 -13.35
N ASN D 353 38.09 -37.57 -12.79
CA ASN D 353 37.06 -38.27 -13.57
C ASN D 353 35.96 -37.31 -13.98
N THR D 354 35.58 -36.39 -13.08
CA THR D 354 34.58 -35.38 -13.44
C THR D 354 35.09 -34.50 -14.56
N GLU D 355 36.36 -34.09 -14.50
CA GLU D 355 36.96 -33.35 -15.61
C GLU D 355 36.84 -34.13 -16.91
N GLU D 356 37.24 -35.40 -16.89
CA GLU D 356 37.27 -36.21 -18.08
C GLU D 356 35.87 -36.38 -18.66
N VAL D 357 34.88 -36.64 -17.80
CA VAL D 357 33.52 -36.81 -18.30
C VAL D 357 33.03 -35.50 -18.90
N ILE D 358 33.30 -34.38 -18.24
CA ILE D 358 32.83 -33.10 -18.75
C ILE D 358 33.41 -32.84 -20.12
N MET D 359 34.71 -33.07 -20.29
CA MET D 359 35.32 -32.86 -21.61
C MET D 359 34.73 -33.82 -22.63
N ASN D 360 34.54 -35.08 -22.25
CA ASN D 360 34.13 -36.10 -23.21
C ASN D 360 32.65 -35.95 -23.60
N PHE D 361 31.79 -35.68 -22.63
CA PHE D 361 30.35 -35.75 -22.84
C PHE D 361 29.72 -34.37 -22.98
N SER D 362 30.37 -33.46 -23.69
CA SER D 362 29.83 -32.14 -23.97
C SER D 362 30.10 -31.76 -25.41
N THR D 363 29.21 -30.95 -25.98
CA THR D 363 29.36 -30.52 -27.35
C THR D 363 30.59 -29.63 -27.49
N PRO D 364 31.18 -29.58 -28.69
CA PRO D 364 32.41 -28.79 -28.85
C PRO D 364 32.26 -27.35 -28.43
N LYS D 365 31.05 -26.79 -28.53
CA LYS D 365 30.82 -25.45 -28.00
C LYS D 365 31.23 -25.38 -26.53
N VAL D 366 30.73 -26.30 -25.73
CA VAL D 366 31.03 -26.30 -24.31
C VAL D 366 32.50 -26.61 -24.07
N GLN D 367 33.08 -27.53 -24.86
CA GLN D 367 34.47 -27.87 -24.67
C GLN D 367 35.35 -26.65 -24.89
N ARG D 368 35.09 -25.91 -25.97
CA ARG D 368 35.84 -24.69 -26.25
C ARG D 368 35.63 -23.66 -25.14
N PHE D 369 34.38 -23.55 -24.67
CA PHE D 369 34.09 -22.62 -23.57
C PHE D 369 34.98 -22.92 -22.37
N LEU D 370 35.01 -24.19 -21.95
CA LEU D 370 35.80 -24.56 -20.78
C LEU D 370 37.28 -24.37 -21.02
N MET D 371 37.79 -24.73 -22.20
CA MET D 371 39.21 -24.52 -22.46
C MET D 371 39.55 -23.03 -22.37
N SER D 372 38.69 -22.18 -22.95
CA SER D 372 38.91 -20.75 -22.88
C SER D 372 38.90 -20.27 -21.43
N LEU D 373 37.95 -20.74 -20.64
CA LEU D 373 37.92 -20.34 -19.24
C LEU D 373 39.19 -20.76 -18.52
N LYS D 374 39.64 -21.99 -18.77
CA LYS D 374 40.84 -22.48 -18.08
C LYS D 374 42.06 -21.65 -18.43
N VAL D 375 42.26 -21.39 -19.73
CA VAL D 375 43.44 -20.62 -20.12
C VAL D 375 43.32 -19.15 -19.68
N SER D 376 42.11 -18.61 -19.60
CA SER D 376 41.95 -17.20 -19.24
C SER D 376 42.26 -16.94 -17.78
N PHE D 377 41.88 -17.85 -16.90
CA PHE D 377 42.04 -17.67 -15.45
C PHE D 377 42.81 -18.84 -14.86
N ALA D 378 43.92 -19.20 -15.52
CA ALA D 378 44.70 -20.34 -15.11
C ALA D 378 45.12 -20.23 -13.64
N ASP D 379 45.89 -19.20 -13.30
CA ASP D 379 46.43 -19.03 -11.96
C ASP D 379 46.37 -17.57 -11.54
N LYS D 380 45.24 -16.92 -11.82
CA LYS D 380 45.04 -15.54 -11.39
C LYS D 380 44.43 -15.51 -9.99
N ASP D 381 44.62 -14.39 -9.32
CA ASP D 381 44.01 -14.22 -8.01
C ASP D 381 42.50 -14.01 -8.18
N PRO D 382 41.68 -14.53 -7.27
CA PRO D 382 40.23 -14.36 -7.45
C PRO D 382 39.82 -12.90 -7.50
N LYS D 383 40.56 -12.00 -6.86
CA LYS D 383 40.14 -10.63 -6.72
C LYS D 383 40.45 -9.77 -7.95
N ASP D 384 41.34 -10.23 -8.84
CA ASP D 384 41.72 -9.44 -10.00
C ASP D 384 40.91 -9.79 -11.24
N ILE D 385 39.93 -10.68 -11.12
CA ILE D 385 39.14 -11.12 -12.26
C ILE D 385 37.67 -10.88 -11.96
N CYS D 386 36.96 -10.31 -12.91
CA CYS D 386 35.52 -10.07 -12.75
C CYS D 386 34.91 -10.12 -14.15
N CYS D 387 34.30 -11.26 -14.48
CA CYS D 387 33.82 -11.51 -15.83
C CYS D 387 32.41 -12.08 -15.78
N LEU D 388 31.63 -11.74 -16.80
CA LEU D 388 30.29 -12.28 -17.00
C LEU D 388 30.31 -13.35 -18.08
N VAL D 389 29.25 -14.14 -18.11
CA VAL D 389 28.97 -15.05 -19.21
C VAL D 389 27.50 -14.88 -19.58
N PHE D 390 27.22 -14.69 -20.86
CA PHE D 390 25.87 -14.47 -21.35
C PHE D 390 25.38 -15.72 -22.06
N VAL D 391 24.10 -16.04 -21.88
CA VAL D 391 23.47 -17.17 -22.55
C VAL D 391 22.05 -16.77 -22.92
N GLU D 392 21.44 -17.56 -23.80
CA GLU D 392 20.14 -17.21 -24.36
C GLU D 392 19.00 -17.63 -23.45
N ARG D 393 18.85 -18.93 -23.22
CA ARG D 393 17.65 -19.46 -22.60
C ARG D 393 17.74 -19.43 -21.08
N ARG D 394 16.58 -19.29 -20.44
CA ARG D 394 16.54 -19.16 -18.99
C ARG D 394 17.23 -20.35 -18.32
N TYR D 395 16.65 -21.54 -18.48
CA TYR D 395 17.19 -22.70 -17.78
C TYR D 395 18.61 -23.01 -18.22
N THR D 396 19.03 -22.51 -19.38
CA THR D 396 20.43 -22.66 -19.75
C THR D 396 21.32 -22.06 -18.69
N CYS D 397 20.90 -20.96 -18.08
CA CYS D 397 21.68 -20.37 -17.02
C CYS D 397 21.93 -21.37 -15.90
N LYS D 398 20.87 -22.00 -15.39
CA LYS D 398 21.04 -22.94 -14.29
C LYS D 398 21.87 -24.13 -14.71
N CYS D 399 21.62 -24.67 -15.90
CA CYS D 399 22.37 -25.82 -16.35
C CYS D 399 23.86 -25.51 -16.41
N ILE D 400 24.22 -24.43 -17.10
CA ILE D 400 25.62 -24.05 -17.21
C ILE D 400 26.18 -23.72 -15.84
N TYR D 401 25.35 -23.17 -14.95
CA TYR D 401 25.84 -22.87 -13.61
C TYR D 401 26.28 -24.13 -12.90
N GLY D 402 25.44 -25.16 -12.91
CA GLY D 402 25.84 -26.41 -12.29
C GLY D 402 27.06 -27.00 -12.96
N LEU D 403 27.12 -26.93 -14.28
CA LEU D 403 28.29 -27.41 -15.00
C LEU D 403 29.55 -26.74 -14.50
N LEU D 404 29.54 -25.41 -14.44
CA LEU D 404 30.72 -24.69 -13.99
C LEU D 404 31.01 -24.96 -12.53
N LEU D 405 29.99 -25.15 -11.70
CA LEU D 405 30.24 -25.50 -10.32
C LEU D 405 31.05 -26.78 -10.23
N ASN D 406 30.60 -27.82 -10.92
CA ASN D 406 31.32 -29.08 -10.88
C ASN D 406 32.72 -28.92 -11.47
N TYR D 407 32.82 -28.22 -12.61
CA TYR D 407 34.11 -28.04 -13.24
C TYR D 407 35.09 -27.35 -12.30
N ILE D 408 34.66 -26.24 -11.68
CA ILE D 408 35.53 -25.51 -10.78
C ILE D 408 35.95 -26.40 -9.63
N GLN D 409 35.00 -27.09 -9.01
CA GLN D 409 35.38 -28.09 -8.02
C GLN D 409 35.65 -29.43 -8.67
N SER D 410 36.42 -29.42 -9.76
CA SER D 410 36.99 -30.63 -10.33
C SER D 410 38.42 -30.48 -10.79
N THR D 411 38.95 -29.27 -10.92
CA THR D 411 40.29 -29.06 -11.45
C THR D 411 41.19 -28.42 -10.40
N PRO D 412 42.44 -28.87 -10.28
CA PRO D 412 43.30 -28.34 -9.22
C PRO D 412 43.57 -26.84 -9.34
N GLU D 413 43.66 -26.33 -10.56
CA GLU D 413 44.09 -24.95 -10.77
C GLU D 413 42.96 -23.94 -10.63
N LEU D 414 41.74 -24.29 -11.03
CA LEU D 414 40.63 -23.35 -10.96
C LEU D 414 39.82 -23.48 -9.67
N ARG D 415 40.21 -24.38 -8.77
CA ARG D 415 39.32 -24.74 -7.67
C ARG D 415 39.01 -23.54 -6.78
N ASN D 416 40.03 -22.75 -6.44
CA ASN D 416 39.88 -21.69 -5.46
C ASN D 416 39.84 -20.31 -6.08
N VAL D 417 39.85 -20.20 -7.40
CA VAL D 417 39.92 -18.91 -8.06
C VAL D 417 38.56 -18.44 -8.56
N LEU D 418 37.73 -19.33 -9.07
CA LEU D 418 36.43 -18.95 -9.64
C LEU D 418 35.32 -19.31 -8.68
N THR D 419 34.31 -18.45 -8.61
CA THR D 419 33.15 -18.63 -7.74
C THR D 419 31.90 -18.40 -8.57
N PRO D 420 31.45 -19.40 -9.32
CA PRO D 420 30.34 -19.19 -10.24
C PRO D 420 29.07 -18.79 -9.52
N GLN D 421 28.27 -17.97 -10.21
CA GLN D 421 26.97 -17.56 -9.71
C GLN D 421 26.11 -17.16 -10.91
N PHE D 422 24.80 -17.26 -10.74
CA PHE D 422 23.87 -17.01 -11.86
C PHE D 422 22.73 -16.14 -11.38
N MET D 423 22.05 -15.52 -12.35
CA MET D 423 20.79 -14.86 -12.08
C MET D 423 20.01 -14.76 -13.38
N VAL D 424 18.68 -14.70 -13.26
CA VAL D 424 17.79 -14.68 -14.40
C VAL D 424 16.71 -13.63 -14.16
N GLY D 425 15.78 -13.54 -15.09
CA GLY D 425 14.72 -12.56 -15.01
C GLY D 425 13.60 -12.98 -14.10
N ARG D 426 12.40 -12.44 -14.34
CA ARG D 426 11.27 -12.77 -13.50
C ARG D 426 10.88 -14.23 -13.68
N ASN D 427 9.92 -14.67 -12.87
CA ASN D 427 9.56 -16.09 -12.77
C ASN D 427 10.81 -16.90 -12.42
N ASN D 428 11.60 -16.35 -11.50
CA ASN D 428 12.91 -16.91 -11.20
C ASN D 428 12.81 -18.40 -10.91
N ILE D 429 13.62 -19.19 -11.61
CA ILE D 429 13.76 -20.60 -11.28
C ILE D 429 14.35 -20.71 -9.88
N SER D 430 13.99 -21.78 -9.19
CA SER D 430 14.48 -21.95 -7.83
C SER D 430 15.99 -22.13 -7.84
N PRO D 431 16.75 -21.28 -7.17
CA PRO D 431 18.22 -21.39 -7.26
C PRO D 431 18.75 -22.74 -6.85
N ASP D 432 18.11 -23.40 -5.90
CA ASP D 432 18.67 -24.60 -5.29
C ASP D 432 18.62 -25.77 -6.26
N PHE D 433 19.31 -26.85 -5.87
CA PHE D 433 19.22 -28.13 -6.55
C PHE D 433 18.72 -29.23 -5.65
N GLU D 434 18.77 -29.05 -4.33
CA GLU D 434 18.31 -30.06 -3.39
C GLU D 434 16.84 -29.94 -3.06
N SER D 435 16.19 -28.85 -3.47
CA SER D 435 14.77 -28.65 -3.22
C SER D 435 14.44 -28.74 -1.74
N VAL D 436 15.26 -28.09 -0.91
CA VAL D 436 14.93 -27.95 0.50
C VAL D 436 13.74 -27.01 0.62
N LEU D 437 12.77 -27.39 1.47
CA LEU D 437 11.58 -26.56 1.63
C LEU D 437 11.94 -25.13 1.99
N GLU D 438 13.05 -24.93 2.70
CA GLU D 438 13.56 -23.60 3.00
C GLU D 438 15.06 -23.68 3.16
N ARG D 439 15.77 -22.84 2.42
CA ARG D 439 17.23 -22.76 2.51
C ARG D 439 17.63 -21.55 3.35
N LYS D 440 18.93 -21.33 3.47
CA LYS D 440 19.49 -20.30 4.32
C LYS D 440 19.87 -19.03 3.57
N TRP D 441 20.45 -19.16 2.38
CA TRP D 441 21.12 -18.02 1.75
C TRP D 441 20.16 -16.86 1.58
N GLN D 442 20.62 -15.67 1.96
CA GLN D 442 19.85 -14.44 1.80
C GLN D 442 20.46 -13.48 0.80
N LYS D 443 21.79 -13.50 0.65
CA LYS D 443 22.47 -12.56 -0.24
C LYS D 443 22.10 -12.84 -1.69
N SER D 444 21.61 -11.82 -2.38
CA SER D 444 21.22 -11.98 -3.78
C SER D 444 22.46 -12.18 -4.65
N ALA D 445 22.24 -12.84 -5.79
CA ALA D 445 23.36 -13.10 -6.69
C ALA D 445 23.98 -11.80 -7.19
N ILE D 446 23.15 -10.83 -7.58
CA ILE D 446 23.69 -9.55 -8.02
C ILE D 446 24.47 -8.89 -6.90
N GLN D 447 23.95 -8.93 -5.68
CA GLN D 447 24.67 -8.36 -4.56
C GLN D 447 25.99 -9.09 -4.33
N GLN D 448 25.98 -10.42 -4.46
CA GLN D 448 27.22 -11.18 -4.31
C GLN D 448 28.25 -10.74 -5.33
N PHE D 449 27.83 -10.58 -6.59
CA PHE D 449 28.76 -10.11 -7.60
C PHE D 449 29.29 -8.72 -7.27
N ARG D 450 28.40 -7.81 -6.85
CA ARG D 450 28.84 -6.47 -6.53
C ARG D 450 29.86 -6.49 -5.40
N ASP D 451 29.64 -7.33 -4.39
CA ASP D 451 30.50 -7.36 -3.23
C ASP D 451 31.71 -8.28 -3.41
N GLY D 452 31.89 -8.85 -4.60
CA GLY D 452 33.05 -9.67 -4.88
C GLY D 452 32.98 -11.08 -4.34
N ASN D 453 31.87 -11.49 -3.74
CA ASN D 453 31.74 -12.86 -3.26
C ASN D 453 31.84 -13.85 -4.41
N ALA D 454 31.20 -13.54 -5.53
CA ALA D 454 31.30 -14.33 -6.75
C ALA D 454 31.89 -13.47 -7.85
N ASN D 455 32.84 -14.04 -8.59
CA ASN D 455 33.50 -13.34 -9.68
C ASN D 455 33.05 -13.78 -11.06
N LEU D 456 32.48 -14.97 -11.20
CA LEU D 456 31.92 -15.44 -12.45
C LEU D 456 30.40 -15.38 -12.36
N MET D 457 29.79 -14.56 -13.22
CA MET D 457 28.37 -14.28 -13.16
C MET D 457 27.72 -14.73 -14.46
N ILE D 458 26.86 -15.74 -14.37
CA ILE D 458 26.17 -16.28 -15.54
C ILE D 458 24.78 -15.65 -15.58
N CYS D 459 24.48 -14.99 -16.70
CA CYS D 459 23.25 -14.24 -16.86
C CYS D 459 22.67 -14.46 -18.24
N SER D 460 21.38 -14.16 -18.38
CA SER D 460 20.66 -14.33 -19.65
C SER D 460 19.89 -13.06 -19.96
N SER D 461 20.53 -12.12 -20.63
CA SER D 461 19.92 -10.89 -21.11
C SER D 461 19.25 -10.09 -19.99
N VAL D 462 19.60 -10.37 -18.74
CA VAL D 462 19.13 -9.53 -17.64
C VAL D 462 20.14 -8.42 -17.35
N LEU D 463 21.41 -8.78 -17.20
CA LEU D 463 22.46 -7.84 -16.88
C LEU D 463 22.90 -7.01 -18.09
N GLU D 464 22.60 -7.45 -19.30
CA GLU D 464 23.05 -6.74 -20.49
C GLU D 464 22.53 -5.31 -20.53
N GLU D 465 21.46 -5.01 -19.82
CA GLU D 465 20.83 -3.70 -19.86
C GLU D 465 20.51 -3.21 -18.47
N GLY D 466 20.99 -2.02 -18.15
CA GLY D 466 20.59 -1.32 -16.94
C GLY D 466 21.36 -1.65 -15.68
N ILE D 467 21.42 -2.92 -15.31
CA ILE D 467 21.96 -3.31 -14.02
C ILE D 467 23.39 -2.78 -13.89
N ASP D 468 23.68 -2.16 -12.75
CA ASP D 468 24.97 -1.52 -12.53
C ASP D 468 25.93 -2.50 -11.90
N VAL D 469 26.97 -2.86 -12.64
CA VAL D 469 27.99 -3.77 -12.16
C VAL D 469 29.36 -3.14 -12.40
N GLN D 470 30.30 -3.48 -11.53
CA GLN D 470 31.65 -2.99 -11.72
C GLN D 470 32.17 -3.38 -13.10
N ALA D 471 33.17 -2.65 -13.56
CA ALA D 471 33.77 -2.94 -14.84
C ALA D 471 34.29 -4.38 -14.86
N CYS D 472 34.07 -5.08 -15.96
CA CYS D 472 34.31 -6.51 -16.06
C CYS D 472 35.54 -6.78 -16.90
N ASN D 473 36.45 -7.60 -16.39
CA ASN D 473 37.67 -7.92 -17.13
C ASN D 473 37.37 -8.64 -18.43
N HIS D 474 36.48 -9.64 -18.37
CA HIS D 474 36.13 -10.45 -19.53
C HIS D 474 34.62 -10.58 -19.61
N VAL D 475 34.12 -10.74 -20.83
CA VAL D 475 32.68 -10.90 -21.07
C VAL D 475 32.50 -11.97 -22.13
N PHE D 476 32.22 -13.19 -21.71
CA PHE D 476 32.03 -14.30 -22.64
C PHE D 476 30.57 -14.36 -23.04
N ILE D 477 30.28 -14.01 -24.29
CA ILE D 477 28.95 -14.20 -24.86
C ILE D 477 28.94 -15.60 -25.45
N LEU D 478 28.32 -16.53 -24.74
CA LEU D 478 28.32 -17.92 -25.19
C LEU D 478 27.38 -18.12 -26.36
N ASP D 479 26.10 -17.82 -26.16
CA ASP D 479 25.13 -17.96 -27.23
C ASP D 479 25.34 -16.86 -28.26
N PRO D 480 25.03 -17.11 -29.53
CA PRO D 480 25.35 -16.12 -30.57
C PRO D 480 24.63 -14.81 -30.34
N VAL D 481 25.31 -13.71 -30.66
CA VAL D 481 24.70 -12.39 -30.57
C VAL D 481 23.51 -12.34 -31.51
N LYS D 482 22.48 -11.60 -31.11
CA LYS D 482 21.23 -11.64 -31.85
C LYS D 482 20.64 -10.27 -32.13
N THR D 483 21.05 -9.25 -31.39
CA THR D 483 20.51 -7.91 -31.58
C THR D 483 21.61 -6.87 -31.47
N PHE D 484 21.46 -5.80 -32.24
CA PHE D 484 22.44 -4.72 -32.22
C PHE D 484 22.55 -4.10 -30.84
N ASN D 485 21.41 -3.77 -30.24
CA ASN D 485 21.44 -3.17 -28.91
C ASN D 485 22.11 -4.10 -27.91
N MET D 486 21.78 -5.38 -27.98
CA MET D 486 22.40 -6.34 -27.08
C MET D 486 23.90 -6.38 -27.31
N TYR D 487 24.34 -6.38 -28.56
CA TYR D 487 25.76 -6.43 -28.84
C TYR D 487 26.48 -5.23 -28.25
N VAL D 488 25.95 -4.03 -28.50
CA VAL D 488 26.63 -2.82 -28.04
C VAL D 488 26.67 -2.80 -26.52
N GLN D 489 25.56 -3.15 -25.86
CA GLN D 489 25.54 -3.10 -24.41
C GLN D 489 26.46 -4.14 -23.80
N SER D 490 26.51 -5.34 -24.40
CA SER D 490 27.46 -6.34 -23.93
C SER D 490 28.89 -5.84 -24.07
N LYS D 491 29.21 -5.23 -25.21
CA LYS D 491 30.55 -4.68 -25.38
C LYS D 491 30.84 -3.64 -24.32
N GLY D 492 29.86 -2.77 -24.04
CA GLY D 492 30.03 -1.77 -23.01
C GLY D 492 30.21 -2.34 -21.62
N ARG D 493 29.65 -3.51 -21.35
CA ARG D 493 29.82 -4.13 -20.04
C ARG D 493 31.27 -4.48 -19.76
N ALA D 494 32.10 -4.60 -20.80
CA ALA D 494 33.54 -4.80 -20.62
C ALA D 494 34.21 -3.43 -20.45
N ARG D 495 33.71 -2.69 -19.47
CA ARG D 495 34.04 -1.29 -19.33
C ARG D 495 35.43 -1.03 -18.79
N THR D 496 36.09 -2.04 -18.24
CA THR D 496 37.40 -1.81 -17.63
C THR D 496 38.47 -1.64 -18.69
N THR D 497 39.61 -1.12 -18.26
CA THR D 497 40.74 -0.97 -19.14
C THR D 497 41.21 -2.33 -19.65
N GLU D 498 41.77 -2.34 -20.86
CA GLU D 498 42.27 -3.54 -21.51
C GLU D 498 41.33 -4.72 -21.31
N ALA D 499 40.03 -4.45 -21.24
CA ALA D 499 39.04 -5.51 -21.10
C ALA D 499 39.01 -6.38 -22.34
N LYS D 500 38.69 -7.66 -22.14
CA LYS D 500 38.69 -8.64 -23.22
C LYS D 500 37.26 -9.10 -23.49
N PHE D 501 36.92 -9.23 -24.77
CA PHE D 501 35.59 -9.56 -25.22
C PHE D 501 35.68 -10.74 -26.18
N VAL D 502 34.96 -11.82 -25.88
CA VAL D 502 35.13 -13.08 -26.60
C VAL D 502 33.77 -13.53 -27.12
N LEU D 503 33.73 -13.95 -28.38
CA LEU D 503 32.51 -14.45 -29.01
C LEU D 503 32.65 -15.93 -29.32
N PHE D 504 31.66 -16.71 -28.89
CA PHE D 504 31.59 -18.13 -29.18
C PHE D 504 30.59 -18.35 -30.30
N THR D 505 31.08 -18.85 -31.43
CA THR D 505 30.23 -19.06 -32.59
C THR D 505 30.61 -20.37 -33.26
N ALA D 506 29.59 -21.13 -33.68
CA ALA D 506 29.85 -22.33 -34.44
C ALA D 506 30.47 -21.99 -35.78
N ASP D 507 31.31 -22.89 -36.28
CA ASP D 507 32.06 -22.59 -37.49
C ASP D 507 31.12 -22.26 -38.65
N LYS D 508 30.04 -23.03 -38.81
CA LYS D 508 29.20 -22.85 -39.97
C LYS D 508 28.47 -21.51 -39.97
N GLU D 509 28.41 -20.83 -38.83
CA GLU D 509 27.85 -19.48 -38.77
C GLU D 509 28.92 -18.42 -38.69
N ARG D 510 30.20 -18.79 -38.82
CA ARG D 510 31.27 -17.84 -38.63
C ARG D 510 31.16 -16.68 -39.61
N GLU D 511 30.99 -16.96 -40.89
CA GLU D 511 30.92 -15.91 -41.88
C GLU D 511 29.70 -15.01 -41.66
N LYS D 512 28.55 -15.62 -41.41
CA LYS D 512 27.32 -14.84 -41.21
C LYS D 512 27.47 -13.90 -40.03
N THR D 513 27.98 -14.40 -38.91
CA THR D 513 28.05 -13.55 -37.74
C THR D 513 29.14 -12.50 -37.88
N ILE D 514 30.22 -12.79 -38.61
CA ILE D 514 31.16 -11.72 -38.96
C ILE D 514 30.44 -10.62 -39.72
N GLN D 515 29.64 -11.01 -40.71
CA GLN D 515 28.87 -10.04 -41.46
C GLN D 515 28.03 -9.18 -40.52
N GLN D 516 27.34 -9.83 -39.59
CA GLN D 516 26.45 -9.11 -38.68
C GLN D 516 27.24 -8.16 -37.78
N ILE D 517 28.39 -8.60 -37.30
CA ILE D 517 29.20 -7.75 -36.42
C ILE D 517 29.65 -6.51 -37.15
N TYR D 518 30.18 -6.68 -38.37
CA TYR D 518 30.65 -5.51 -39.09
C TYR D 518 29.50 -4.62 -39.50
N GLN D 519 28.32 -5.20 -39.74
CA GLN D 519 27.13 -4.39 -39.92
C GLN D 519 26.87 -3.54 -38.69
N TYR D 520 27.04 -4.12 -37.50
CA TYR D 520 26.86 -3.35 -36.28
C TYR D 520 27.87 -2.22 -36.18
N ARG D 521 29.12 -2.48 -36.51
CA ARG D 521 30.12 -1.41 -36.49
C ARG D 521 29.70 -0.29 -37.42
N LYS D 522 29.28 -0.65 -38.63
CA LYS D 522 28.86 0.37 -39.60
C LYS D 522 27.72 1.20 -39.05
N ALA D 523 26.72 0.53 -38.48
CA ALA D 523 25.58 1.25 -37.93
C ALA D 523 26.02 2.19 -36.80
N HIS D 524 26.92 1.72 -35.94
CA HIS D 524 27.38 2.56 -34.84
C HIS D 524 28.07 3.81 -35.35
N ASN D 525 28.98 3.64 -36.31
CA ASN D 525 29.66 4.80 -36.88
C ASN D 525 28.65 5.74 -37.53
N ASP D 526 27.61 5.18 -38.15
CA ASP D 526 26.61 6.02 -38.78
C ASP D 526 25.86 6.85 -37.76
N ILE D 527 25.50 6.25 -36.62
CA ILE D 527 24.85 7.03 -35.57
C ILE D 527 25.77 8.13 -35.09
N ALA D 528 27.05 7.79 -34.89
CA ALA D 528 28.00 8.77 -34.38
C ALA D 528 28.08 9.97 -35.31
N GLU D 529 28.27 9.72 -36.61
CA GLU D 529 28.38 10.84 -37.54
C GLU D 529 27.07 11.59 -37.63
N TYR D 530 25.94 10.89 -37.68
CA TYR D 530 24.67 11.57 -37.84
C TYR D 530 24.42 12.51 -36.69
N LEU D 531 24.91 12.16 -35.50
CA LEU D 531 24.81 13.10 -34.38
C LEU D 531 25.84 14.21 -34.48
N LYS D 532 27.06 13.89 -34.91
CA LYS D 532 28.12 14.89 -34.91
C LYS D 532 27.86 15.96 -35.97
N ASP D 533 27.90 15.57 -37.25
CA ASP D 533 27.83 16.55 -38.32
C ASP D 533 26.51 17.30 -38.32
N ARG D 534 25.45 16.74 -37.75
CA ARG D 534 24.14 17.37 -37.82
C ARG D 534 24.13 18.64 -36.98
N VAL D 535 23.51 19.67 -37.55
CA VAL D 535 23.33 20.96 -36.90
C VAL D 535 21.91 21.43 -37.17
N LEU D 536 21.28 22.03 -36.17
CA LEU D 536 19.92 22.51 -36.33
C LEU D 536 19.71 23.70 -35.40
N GLU D 537 19.09 24.75 -35.94
CA GLU D 537 18.82 25.94 -35.15
C GLU D 537 17.66 25.73 -34.18
N LYS D 538 16.65 24.96 -34.57
CA LYS D 538 15.48 24.78 -33.72
C LYS D 538 15.75 23.84 -32.56
N THR D 539 16.60 22.83 -32.75
CA THR D 539 16.98 21.90 -31.69
C THR D 539 15.78 21.37 -30.93
N GLU D 540 14.61 21.32 -31.58
CA GLU D 540 13.42 20.68 -31.01
C GLU D 540 12.47 20.31 -32.14
N PRO D 541 11.91 19.10 -32.14
CA PRO D 541 10.91 18.77 -33.16
C PRO D 541 9.69 19.67 -33.06
N GLU D 542 9.10 19.95 -34.22
CA GLU D 542 7.99 20.89 -34.29
C GLU D 542 6.67 20.21 -33.98
N LEU D 543 5.63 21.02 -33.84
CA LEU D 543 4.33 20.51 -33.40
C LEU D 543 3.72 19.58 -34.43
N TYR D 544 3.84 19.90 -35.72
CA TYR D 544 3.17 19.11 -36.73
C TYR D 544 3.63 17.66 -36.70
N GLU D 545 4.94 17.44 -36.60
CA GLU D 545 5.45 16.06 -36.63
C GLU D 545 5.13 15.33 -35.34
N ILE D 546 5.18 16.02 -34.20
CA ILE D 546 4.76 15.39 -32.95
C ILE D 546 3.32 14.93 -33.07
N LYS D 547 2.44 15.79 -33.58
CA LYS D 547 1.03 15.42 -33.70
C LYS D 547 0.85 14.26 -34.65
N GLY D 548 1.52 14.30 -35.80
CA GLY D 548 1.41 13.21 -36.76
C GLY D 548 1.98 11.91 -36.27
N HIS D 549 2.88 11.96 -35.28
CA HIS D 549 3.48 10.75 -34.77
C HIS D 549 2.45 9.80 -34.18
N PHE D 550 1.56 10.32 -33.35
CA PHE D 550 0.65 9.50 -32.56
C PHE D 550 -0.74 9.39 -33.15
N GLN D 551 -1.04 10.12 -34.21
CA GLN D 551 -2.39 10.13 -34.75
C GLN D 551 -2.78 8.82 -35.42
N ASP D 552 -1.81 7.93 -35.66
CA ASP D 552 -2.12 6.67 -36.33
C ASP D 552 -3.03 5.80 -35.47
N ASP D 553 -2.74 5.69 -34.18
CA ASP D 553 -3.48 4.80 -33.29
C ASP D 553 -4.85 5.39 -33.00
N ILE D 554 -5.70 4.59 -32.36
CA ILE D 554 -7.05 5.04 -32.02
C ILE D 554 -6.96 6.18 -31.02
N ASP D 555 -7.79 7.20 -31.22
CA ASP D 555 -7.77 8.35 -30.33
C ASP D 555 -8.24 7.93 -28.94
N PRO D 556 -7.61 8.44 -27.88
CA PRO D 556 -8.05 8.10 -26.52
C PRO D 556 -9.37 8.80 -26.19
N PHE D 557 -9.94 8.38 -25.07
CA PHE D 557 -11.21 8.92 -24.59
C PHE D 557 -10.97 9.63 -23.27
N THR D 558 -11.50 10.84 -23.14
CA THR D 558 -11.39 11.64 -21.93
C THR D 558 -12.78 12.07 -21.50
N ASN D 559 -12.92 12.27 -20.20
CA ASN D 559 -14.18 12.73 -19.62
C ASN D 559 -14.05 14.20 -19.23
N GLU D 560 -15.17 14.78 -18.81
CA GLU D 560 -15.13 16.16 -18.33
C GLU D 560 -14.15 16.29 -17.17
N ASN D 561 -14.09 15.30 -16.29
CA ASN D 561 -13.23 15.39 -15.13
C ASN D 561 -11.76 15.47 -15.51
N GLY D 562 -11.41 15.13 -16.74
CA GLY D 562 -10.03 15.19 -17.19
C GLY D 562 -9.32 13.86 -17.21
N ALA D 563 -9.90 12.82 -16.63
CA ALA D 563 -9.30 11.50 -16.73
C ALA D 563 -9.35 11.04 -18.18
N VAL D 564 -8.30 10.33 -18.60
CA VAL D 564 -8.17 9.85 -19.97
C VAL D 564 -8.13 8.32 -19.94
N LEU D 565 -8.85 7.71 -20.87
CA LEU D 565 -8.89 6.25 -21.01
C LEU D 565 -8.03 5.87 -22.21
N LEU D 566 -6.79 5.51 -21.96
CA LEU D 566 -5.92 5.10 -23.05
C LEU D 566 -6.38 3.76 -23.59
N PRO D 567 -6.59 3.63 -24.91
CA PRO D 567 -7.03 2.34 -25.44
C PRO D 567 -6.08 1.21 -25.17
N ASN D 568 -4.76 1.46 -25.20
CA ASN D 568 -3.80 0.39 -24.99
C ASN D 568 -3.98 -0.30 -23.66
N ASN D 569 -4.57 0.38 -22.67
CA ASN D 569 -4.80 -0.19 -21.35
C ASN D 569 -6.23 -0.67 -21.18
N ALA D 570 -7.05 -0.65 -22.22
CA ALA D 570 -8.45 -1.04 -22.07
C ALA D 570 -8.56 -2.49 -21.63
N LEU D 571 -7.74 -3.37 -22.20
CA LEU D 571 -7.78 -4.77 -21.81
C LEU D 571 -7.39 -4.95 -20.36
N ALA D 572 -6.36 -4.25 -19.91
CA ALA D 572 -5.97 -4.34 -18.51
C ALA D 572 -7.10 -3.85 -17.62
N ILE D 573 -7.76 -2.76 -18.02
CA ILE D 573 -8.87 -2.25 -17.21
C ILE D 573 -9.98 -3.27 -17.13
N LEU D 574 -10.31 -3.90 -18.25
CA LEU D 574 -11.35 -4.93 -18.24
C LEU D 574 -10.98 -6.07 -17.29
N HIS D 575 -9.78 -6.61 -17.45
CA HIS D 575 -9.38 -7.75 -16.63
C HIS D 575 -9.35 -7.38 -15.16
N ARG D 576 -8.91 -6.16 -14.85
CA ARG D 576 -8.93 -5.72 -13.45
C ARG D 576 -10.36 -5.60 -12.94
N TYR D 577 -11.25 -5.03 -13.76
CA TYR D 577 -12.62 -4.82 -13.30
C TYR D 577 -13.32 -6.14 -13.03
N CYS D 578 -13.15 -7.11 -13.93
CA CYS D 578 -13.86 -8.38 -13.75
C CYS D 578 -13.45 -9.07 -12.46
N GLN D 579 -12.32 -8.69 -11.88
CA GLN D 579 -11.84 -9.29 -10.65
C GLN D 579 -12.57 -8.79 -9.41
N THR D 580 -13.61 -7.97 -9.57
CA THR D 580 -14.33 -7.41 -8.44
C THR D 580 -15.76 -7.91 -8.32
N ILE D 581 -16.43 -8.20 -9.42
CA ILE D 581 -17.81 -8.69 -9.37
C ILE D 581 -17.89 -10.04 -8.68
N PRO D 582 -17.02 -11.02 -8.96
CA PRO D 582 -17.25 -12.36 -8.42
C PRO D 582 -17.18 -12.38 -6.90
N THR D 583 -17.92 -13.30 -6.32
CA THR D 583 -17.99 -13.47 -4.88
C THR D 583 -17.67 -14.91 -4.50
N ASP D 584 -16.70 -15.50 -5.18
CA ASP D 584 -16.35 -16.89 -4.94
C ASP D 584 -14.87 -17.10 -5.24
N ALA D 585 -14.23 -17.97 -4.48
CA ALA D 585 -12.84 -18.32 -4.76
C ALA D 585 -12.71 -18.94 -6.13
N PHE D 586 -13.69 -19.75 -6.53
CA PHE D 586 -13.72 -20.35 -7.85
C PHE D 586 -14.41 -19.46 -8.88
N GLY D 587 -14.86 -18.28 -8.47
CA GLY D 587 -15.60 -17.38 -9.33
C GLY D 587 -14.74 -16.50 -10.21
N PHE D 588 -13.43 -16.68 -10.20
CA PHE D 588 -12.56 -15.91 -11.07
C PHE D 588 -12.96 -16.14 -12.52
N VAL D 589 -13.06 -15.06 -13.29
CA VAL D 589 -13.51 -15.12 -14.67
C VAL D 589 -12.85 -14.00 -15.47
N ILE D 590 -12.87 -14.15 -16.78
CA ILE D 590 -12.35 -13.13 -17.69
C ILE D 590 -13.24 -13.06 -18.92
N PRO D 591 -13.24 -11.93 -19.61
CA PRO D 591 -14.01 -11.83 -20.86
C PRO D 591 -13.44 -12.73 -21.92
N TRP D 592 -14.30 -13.11 -22.87
CA TRP D 592 -13.94 -14.03 -23.94
C TRP D 592 -13.98 -13.31 -25.28
N PHE D 593 -12.93 -13.51 -26.07
CA PHE D 593 -12.86 -12.94 -27.41
C PHE D 593 -13.18 -13.98 -28.46
N HIS D 594 -13.87 -13.57 -29.51
CA HIS D 594 -14.16 -14.44 -30.63
C HIS D 594 -14.18 -13.61 -31.92
N VAL D 595 -13.38 -14.03 -32.89
CA VAL D 595 -13.34 -13.34 -34.17
C VAL D 595 -14.57 -13.72 -34.99
N LEU D 596 -15.25 -12.71 -35.53
CA LEU D 596 -16.40 -12.97 -36.38
C LEU D 596 -15.94 -13.61 -37.69
N GLN D 597 -16.67 -14.63 -38.13
CA GLN D 597 -16.35 -15.28 -39.39
C GLN D 597 -17.00 -14.52 -40.54
N GLU D 598 -16.72 -14.96 -41.77
CA GLU D 598 -17.09 -14.18 -42.94
C GLU D 598 -18.60 -14.01 -43.05
N ASP D 599 -19.35 -15.10 -42.86
CA ASP D 599 -20.80 -15.00 -42.98
C ASP D 599 -21.39 -14.18 -41.84
N GLU D 600 -20.93 -14.43 -40.61
CA GLU D 600 -21.38 -13.62 -39.48
C GLU D 600 -20.97 -12.17 -39.66
N ARG D 601 -19.72 -11.96 -40.05
CA ARG D 601 -19.22 -10.61 -40.28
C ARG D 601 -20.11 -9.87 -41.29
N ASP D 602 -20.45 -10.54 -42.39
CA ASP D 602 -21.29 -9.92 -43.39
C ASP D 602 -22.67 -9.62 -42.82
N ARG D 603 -23.32 -10.63 -42.25
CA ARG D 603 -24.70 -10.41 -41.80
C ARG D 603 -24.76 -9.30 -40.77
N ILE D 604 -23.67 -9.04 -40.06
CA ILE D 604 -23.69 -8.04 -39.00
C ILE D 604 -23.27 -6.67 -39.52
N PHE D 605 -22.29 -6.59 -40.42
CA PHE D 605 -21.67 -5.33 -40.78
C PHE D 605 -21.90 -4.94 -42.24
N GLY D 606 -22.76 -5.64 -42.96
CA GLY D 606 -22.85 -5.32 -44.36
C GLY D 606 -21.52 -5.63 -45.05
N VAL D 607 -21.28 -4.90 -46.15
CA VAL D 607 -20.03 -5.03 -46.88
C VAL D 607 -18.97 -4.07 -46.39
N SER D 608 -19.29 -3.21 -45.42
CA SER D 608 -18.33 -2.22 -44.95
C SER D 608 -17.15 -2.82 -44.23
N ALA D 609 -17.20 -4.10 -43.85
CA ALA D 609 -16.14 -4.74 -43.09
C ALA D 609 -15.36 -5.72 -43.95
N LYS D 610 -15.35 -5.49 -45.26
CA LYS D 610 -14.70 -6.40 -46.20
C LYS D 610 -13.19 -6.22 -46.13
N GLY D 611 -12.47 -7.33 -45.96
CA GLY D 611 -11.04 -7.31 -45.92
C GLY D 611 -10.44 -6.84 -44.61
N LYS D 612 -11.25 -6.63 -43.57
CA LYS D 612 -10.78 -6.14 -42.29
C LYS D 612 -11.30 -7.02 -41.17
N HIS D 613 -10.60 -6.98 -40.05
CA HIS D 613 -10.87 -7.86 -38.92
C HIS D 613 -11.77 -7.16 -37.91
N VAL D 614 -12.60 -7.96 -37.23
CA VAL D 614 -13.42 -7.51 -36.12
C VAL D 614 -13.42 -8.60 -35.06
N ILE D 615 -13.31 -8.19 -33.80
CA ILE D 615 -13.27 -9.11 -32.66
C ILE D 615 -14.49 -8.84 -31.79
N SER D 616 -15.20 -9.90 -31.44
CA SER D 616 -16.27 -9.82 -30.47
C SER D 616 -15.76 -10.23 -29.10
N ILE D 617 -16.28 -9.57 -28.06
CA ILE D 617 -15.85 -9.80 -26.68
C ILE D 617 -17.09 -10.13 -25.86
N ASN D 618 -17.02 -11.21 -25.08
CA ASN D 618 -18.12 -11.65 -24.24
C ASN D 618 -17.73 -11.48 -22.78
N MET D 619 -18.44 -10.59 -22.08
CA MET D 619 -18.21 -10.39 -20.67
C MET D 619 -18.70 -11.60 -19.89
N PRO D 620 -18.12 -11.87 -18.71
CA PRO D 620 -18.64 -12.97 -17.89
C PRO D 620 -20.10 -12.73 -17.54
N VAL D 621 -20.86 -13.82 -17.45
CA VAL D 621 -22.31 -13.71 -17.32
C VAL D 621 -22.75 -12.87 -16.13
N ASN D 622 -21.90 -12.72 -15.12
CA ASN D 622 -22.27 -11.89 -13.98
C ASN D 622 -22.40 -10.42 -14.35
N CYS D 623 -21.48 -9.91 -15.16
CA CYS D 623 -21.42 -8.48 -15.44
C CYS D 623 -22.72 -7.98 -16.04
N MET D 624 -22.89 -6.67 -15.99
CA MET D 624 -24.05 -6.05 -16.63
C MET D 624 -24.01 -6.28 -18.14
N LEU D 625 -22.83 -6.19 -18.74
CA LEU D 625 -22.71 -6.34 -20.18
C LEU D 625 -22.69 -7.81 -20.56
N ARG D 626 -23.50 -8.14 -21.56
CA ARG D 626 -23.50 -9.49 -22.14
C ARG D 626 -23.71 -9.41 -23.64
N ASP D 627 -23.64 -8.21 -24.20
CA ASP D 627 -24.13 -7.97 -25.55
C ASP D 627 -23.08 -8.31 -26.60
N THR D 628 -22.00 -8.99 -26.21
CA THR D 628 -20.98 -9.45 -27.15
C THR D 628 -20.52 -8.30 -28.04
N ILE D 629 -20.05 -7.22 -27.42
CA ILE D 629 -19.70 -6.03 -28.17
C ILE D 629 -18.70 -6.36 -29.27
N TYR D 630 -18.79 -5.64 -30.37
CA TYR D 630 -17.95 -5.86 -31.54
C TYR D 630 -16.96 -4.72 -31.71
N SER D 631 -15.72 -5.06 -32.03
CA SER D 631 -14.74 -4.04 -32.36
C SER D 631 -15.06 -3.42 -33.71
N ASP D 632 -14.37 -2.33 -34.02
CA ASP D 632 -14.48 -1.74 -35.34
C ASP D 632 -13.59 -2.50 -36.32
N PRO D 633 -13.93 -2.47 -37.62
CA PRO D 633 -13.16 -3.27 -38.57
C PRO D 633 -11.75 -2.74 -38.75
N MET D 634 -10.77 -3.40 -38.13
CA MET D 634 -9.37 -3.01 -38.18
C MET D 634 -8.62 -3.92 -39.15
N ASP D 635 -7.42 -3.47 -39.51
CA ASP D 635 -6.64 -4.20 -40.51
C ASP D 635 -6.22 -5.56 -40.00
N ASN D 636 -5.64 -5.63 -38.81
CA ASN D 636 -5.12 -6.87 -38.26
C ASN D 636 -5.83 -7.20 -36.96
N VAL D 637 -5.56 -8.40 -36.46
CA VAL D 637 -6.31 -8.90 -35.31
C VAL D 637 -5.96 -8.13 -34.04
N LYS D 638 -4.69 -7.75 -33.87
CA LYS D 638 -4.30 -7.06 -32.65
C LYS D 638 -5.06 -5.75 -32.50
N THR D 639 -5.11 -4.95 -33.56
CA THR D 639 -5.83 -3.69 -33.49
C THR D 639 -7.31 -3.91 -33.23
N ALA D 640 -7.89 -4.95 -33.84
CA ALA D 640 -9.29 -5.25 -33.58
C ALA D 640 -9.52 -5.60 -32.12
N LYS D 641 -8.60 -6.37 -31.53
CA LYS D 641 -8.71 -6.73 -30.12
C LYS D 641 -8.65 -5.49 -29.24
N ILE D 642 -7.70 -4.59 -29.52
CA ILE D 642 -7.60 -3.37 -28.74
C ILE D 642 -8.86 -2.52 -28.90
N SER D 643 -9.39 -2.45 -30.12
CA SER D 643 -10.62 -1.71 -30.35
C SER D 643 -11.77 -2.31 -29.56
N ALA D 644 -11.86 -3.65 -29.52
CA ALA D 644 -12.90 -4.30 -28.73
C ALA D 644 -12.78 -3.90 -27.27
N ALA D 645 -11.58 -3.99 -26.72
CA ALA D 645 -11.39 -3.64 -25.32
C ALA D 645 -11.78 -2.17 -25.09
N PHE D 646 -11.37 -1.29 -25.98
CA PHE D 646 -11.67 0.13 -25.82
C PHE D 646 -13.17 0.37 -25.84
N LYS D 647 -13.87 -0.23 -26.80
CA LYS D 647 -15.31 -0.02 -26.89
C LYS D 647 -16.01 -0.58 -25.66
N ALA D 648 -15.58 -1.75 -25.19
CA ALA D 648 -16.18 -2.32 -23.99
C ALA D 648 -15.97 -1.40 -22.79
N CYS D 649 -14.76 -0.87 -22.64
CA CYS D 649 -14.51 0.04 -21.53
C CYS D 649 -15.37 1.29 -21.64
N LYS D 650 -15.52 1.83 -22.84
CA LYS D 650 -16.36 3.00 -23.02
C LYS D 650 -17.79 2.70 -22.61
N VAL D 651 -18.30 1.55 -23.03
CA VAL D 651 -19.67 1.17 -22.64
C VAL D 651 -19.76 1.05 -21.13
N LEU D 652 -18.77 0.39 -20.52
CA LEU D 652 -18.78 0.20 -19.08
C LEU D 652 -18.85 1.55 -18.36
N TYR D 653 -18.01 2.49 -18.79
CA TYR D 653 -18.05 3.82 -18.21
C TYR D 653 -19.41 4.46 -18.41
N SER D 654 -19.99 4.28 -19.61
CA SER D 654 -21.32 4.82 -19.87
C SER D 654 -22.34 4.31 -18.88
N LEU D 655 -22.16 3.09 -18.38
CA LEU D 655 -23.07 2.50 -17.42
C LEU D 655 -22.67 2.77 -15.98
N GLY D 656 -21.62 3.54 -15.75
CA GLY D 656 -21.25 3.93 -14.40
C GLY D 656 -20.44 2.89 -13.65
N GLU D 657 -20.14 1.74 -14.27
CA GLU D 657 -19.35 0.74 -13.57
C GLU D 657 -17.98 1.27 -13.20
N LEU D 658 -17.49 2.28 -13.89
CA LEU D 658 -16.21 2.91 -13.59
C LEU D 658 -16.47 4.20 -12.84
N ASN D 659 -15.67 4.46 -11.81
CA ASN D 659 -15.88 5.62 -10.94
C ASN D 659 -15.35 6.90 -11.58
N GLU D 660 -15.87 7.24 -12.76
CA GLU D 660 -15.56 8.49 -13.44
C GLU D 660 -14.06 8.76 -13.48
N ARG D 661 -13.26 7.71 -13.30
CA ARG D 661 -11.82 7.79 -13.48
C ARG D 661 -11.28 6.55 -14.16
N PHE D 662 -12.15 5.74 -14.75
CA PHE D 662 -11.75 4.58 -15.53
C PHE D 662 -10.99 3.58 -14.67
N VAL D 663 -11.46 3.39 -13.45
CA VAL D 663 -11.03 2.28 -12.60
C VAL D 663 -12.29 1.64 -12.04
N PRO D 664 -12.28 0.34 -11.72
CA PRO D 664 -13.49 -0.30 -11.22
C PRO D 664 -13.98 0.37 -9.95
N LYS D 665 -15.30 0.52 -9.86
CA LYS D 665 -15.90 1.20 -8.72
C LYS D 665 -15.89 0.31 -7.49
N THR D 666 -15.34 0.81 -6.39
CA THR D 666 -15.42 0.08 -5.14
C THR D 666 -16.83 0.20 -4.56
N LEU D 667 -17.23 -0.82 -3.81
CA LEU D 667 -18.57 -0.83 -3.24
C LEU D 667 -18.84 0.39 -2.38
N LYS D 668 -17.81 0.98 -1.78
CA LYS D 668 -18.02 2.18 -0.97
C LYS D 668 -18.60 3.30 -1.79
N GLU D 669 -18.10 3.49 -3.01
CA GLU D 669 -18.70 4.47 -3.90
C GLU D 669 -20.15 4.12 -4.20
N ARG D 670 -20.42 2.83 -4.41
CA ARG D 670 -21.78 2.40 -4.70
C ARG D 670 -22.72 2.79 -3.57
N VAL D 671 -22.36 2.41 -2.35
CA VAL D 671 -23.23 2.71 -1.21
C VAL D 671 -23.33 4.22 -1.00
N ALA D 672 -22.26 4.97 -1.26
CA ALA D 672 -22.35 6.42 -1.17
C ALA D 672 -23.38 6.95 -2.16
N SER D 673 -23.40 6.41 -3.37
CA SER D 673 -24.31 6.90 -4.39
C SER D 673 -25.78 6.73 -4.00
N ILE D 674 -26.08 5.82 -3.09
CA ILE D 674 -27.45 5.58 -2.65
C ILE D 674 -27.72 6.13 -1.27
N ALA D 675 -26.69 6.46 -0.50
CA ALA D 675 -26.88 6.89 0.88
C ALA D 675 -27.93 7.99 0.99
N ASP D 676 -27.79 9.04 0.17
CA ASP D 676 -28.69 10.17 0.28
C ASP D 676 -30.12 9.83 -0.12
N VAL D 677 -30.35 8.67 -0.72
CA VAL D 677 -31.68 8.24 -1.13
C VAL D 677 -32.30 7.32 -0.09
N HIS D 678 -31.51 6.39 0.46
CA HIS D 678 -32.04 5.36 1.34
C HIS D 678 -31.60 5.51 2.78
N PHE D 679 -30.60 6.33 3.07
CA PHE D 679 -30.11 6.56 4.43
C PHE D 679 -30.11 8.03 4.76
N GLU D 680 -31.07 8.77 4.20
CA GLU D 680 -31.10 10.21 4.41
C GLU D 680 -31.33 10.56 5.88
N HIS D 681 -32.20 9.81 6.57
CA HIS D 681 -32.51 10.14 7.94
C HIS D 681 -31.32 9.97 8.88
N TRP D 682 -30.29 9.23 8.47
CA TRP D 682 -29.11 9.10 9.32
C TRP D 682 -28.51 10.46 9.64
N ASN D 683 -28.68 11.43 8.75
CA ASN D 683 -28.00 12.72 8.92
C ASN D 683 -28.45 13.42 10.19
N LYS D 684 -29.76 13.44 10.46
CA LYS D 684 -30.28 14.23 11.57
C LYS D 684 -29.71 13.79 12.91
N TYR D 685 -29.24 12.54 13.02
CA TYR D 685 -28.61 12.06 14.24
C TYR D 685 -27.10 12.15 14.19
N GLY D 686 -26.55 12.98 13.31
CA GLY D 686 -25.12 13.14 13.24
C GLY D 686 -24.38 11.90 12.80
N ASP D 687 -24.93 11.17 11.83
CA ASP D 687 -24.29 9.97 11.32
C ASP D 687 -24.63 9.79 9.85
N SER D 688 -23.77 9.06 9.15
CA SER D 688 -23.99 8.72 7.75
C SER D 688 -23.49 7.31 7.49
N VAL D 689 -24.27 6.55 6.73
CA VAL D 689 -23.95 5.15 6.48
C VAL D 689 -22.58 5.01 5.82
N THR D 690 -22.20 5.97 4.98
CA THR D 690 -20.89 5.90 4.35
C THR D 690 -19.78 5.94 5.40
N ALA D 691 -20.04 6.51 6.56
CA ALA D 691 -19.03 6.58 7.61
C ALA D 691 -18.75 5.20 8.18
N THR D 692 -17.47 4.94 8.46
CA THR D 692 -17.04 3.68 9.04
C THR D 692 -16.49 3.84 10.45
N VAL D 693 -16.40 5.06 10.97
CA VAL D 693 -15.87 5.27 12.31
C VAL D 693 -16.83 4.71 13.36
N ASN D 694 -18.13 4.84 13.13
CA ASN D 694 -19.14 4.40 14.09
C ASN D 694 -19.38 2.91 14.05
N LYS D 695 -18.65 2.17 13.23
CA LYS D 695 -18.81 0.72 13.14
C LYS D 695 -18.05 -0.03 14.21
N ALA D 696 -17.29 0.66 15.07
CA ALA D 696 -16.52 0.01 16.12
C ALA D 696 -17.34 -0.15 17.40
N ASP D 697 -17.98 0.94 17.87
CA ASP D 697 -18.74 0.92 19.13
C ASP D 697 -20.13 0.37 18.84
N LYS D 698 -20.25 -0.95 18.89
CA LYS D 698 -21.51 -1.64 18.60
C LYS D 698 -22.36 -1.87 19.85
N SER D 699 -21.86 -1.56 21.03
CA SER D 699 -22.57 -1.80 22.28
C SER D 699 -23.02 -0.49 22.92
N LYS D 700 -23.16 0.56 22.12
CA LYS D 700 -23.55 1.85 22.65
C LYS D 700 -24.94 1.81 23.24
N ASP D 701 -25.17 2.66 24.23
CA ASP D 701 -26.45 2.80 24.89
C ASP D 701 -26.87 4.25 24.82
N ARG D 702 -28.18 4.49 24.81
CA ARG D 702 -28.71 5.82 24.62
C ARG D 702 -29.82 6.08 25.63
N THR D 703 -29.92 7.32 26.08
CA THR D 703 -30.92 7.73 27.03
C THR D 703 -32.10 8.35 26.30
N TYR D 704 -33.30 8.16 26.84
CA TYR D 704 -34.51 8.63 26.18
C TYR D 704 -35.52 9.10 27.23
N LYS D 705 -36.29 10.12 26.86
CA LYS D 705 -37.43 10.53 27.66
C LYS D 705 -38.54 9.49 27.55
N THR D 706 -39.46 9.54 28.50
CA THR D 706 -40.62 8.66 28.51
C THR D 706 -41.87 9.49 28.71
N GLU D 707 -42.98 9.02 28.12
CA GLU D 707 -44.23 9.73 28.18
C GLU D 707 -45.36 8.78 28.55
N CYS D 708 -46.26 9.26 29.38
CA CYS D 708 -47.44 8.48 29.74
C CYS D 708 -48.39 8.39 28.55
N PRO D 709 -49.31 7.44 28.58
CA PRO D 709 -50.31 7.37 27.52
C PRO D 709 -51.23 8.59 27.58
N LEU D 710 -51.81 8.91 26.42
CA LEU D 710 -52.63 10.12 26.33
C LEU D 710 -53.71 10.16 27.40
N GLU D 711 -54.29 9.01 27.74
CA GLU D 711 -55.37 9.00 28.72
C GLU D 711 -54.90 9.49 30.08
N PHE D 712 -53.71 9.08 30.50
CA PHE D 712 -53.19 9.51 31.79
C PHE D 712 -52.82 10.99 31.80
N TYR D 713 -52.46 11.56 30.66
CA TYR D 713 -52.06 12.95 30.60
C TYR D 713 -53.22 13.85 30.97
N ASP D 714 -53.01 14.72 31.95
CA ASP D 714 -54.06 15.63 32.42
C ASP D 714 -55.31 14.86 32.84
N ALA D 715 -55.12 13.74 33.51
CA ALA D 715 -56.22 12.90 33.95
C ALA D 715 -56.73 13.26 35.34
N LEU D 716 -56.18 14.31 35.96
CA LEU D 716 -56.62 14.69 37.29
C LEU D 716 -58.07 15.16 37.26
N PRO D 717 -58.95 14.63 38.11
CA PRO D 717 -60.33 15.11 38.13
C PRO D 717 -60.40 16.56 38.59
N ARG D 718 -61.47 17.24 38.19
CA ARG D 718 -61.67 18.64 38.51
C ARG D 718 -63.11 18.87 38.96
N VAL D 719 -63.26 19.75 39.94
CA VAL D 719 -64.58 20.02 40.51
C VAL D 719 -65.51 20.48 39.40
N GLY D 720 -66.75 20.00 39.43
CA GLY D 720 -67.74 20.39 38.45
C GLY D 720 -67.59 19.71 37.10
N GLU D 721 -66.71 18.72 36.98
CA GLU D 721 -66.51 18.01 35.73
C GLU D 721 -66.93 16.55 35.90
N ILE D 722 -67.39 15.96 34.80
CA ILE D 722 -67.75 14.55 34.79
C ILE D 722 -66.47 13.73 34.75
N CYS D 723 -66.34 12.77 35.66
CA CYS D 723 -65.16 11.94 35.74
C CYS D 723 -65.56 10.47 35.73
N TYR D 724 -64.66 9.63 35.21
CA TYR D 724 -64.96 8.23 34.92
C TYR D 724 -64.15 7.33 35.84
N ALA D 725 -64.83 6.41 36.51
CA ALA D 725 -64.21 5.44 37.41
C ALA D 725 -64.38 4.04 36.83
N TYR D 726 -63.32 3.24 36.90
CA TYR D 726 -63.32 1.89 36.36
C TYR D 726 -63.05 0.91 37.49
N GLU D 727 -64.09 0.21 37.92
CA GLU D 727 -63.96 -0.72 39.03
C GLU D 727 -63.11 -1.91 38.61
N ILE D 728 -62.08 -2.20 39.40
CA ILE D 728 -61.12 -3.26 39.10
C ILE D 728 -61.59 -4.52 39.80
N PHE D 729 -61.65 -5.62 39.06
CA PHE D 729 -62.15 -6.88 39.58
C PHE D 729 -61.03 -7.90 39.67
N LEU D 730 -60.91 -8.56 40.81
CA LEU D 730 -59.91 -9.58 41.07
C LEU D 730 -60.59 -10.93 41.07
N GLU D 731 -60.24 -11.76 40.09
CA GLU D 731 -60.86 -13.07 39.94
C GLU D 731 -59.84 -14.15 40.27
N PRO D 732 -59.91 -14.78 41.45
CA PRO D 732 -58.95 -15.84 41.76
C PRO D 732 -59.18 -17.04 40.86
N GLN D 733 -58.08 -17.71 40.51
CA GLN D 733 -58.15 -18.93 39.71
C GLN D 733 -57.80 -20.17 40.52
N PHE D 734 -57.24 -19.99 41.71
CA PHE D 734 -56.88 -21.12 42.55
C PHE D 734 -58.12 -21.61 43.28
N GLU D 735 -58.26 -22.93 43.44
CA GLU D 735 -59.39 -23.48 44.17
C GLU D 735 -59.30 -23.05 45.64
N SER D 736 -60.46 -23.05 46.30
CA SER D 736 -60.52 -22.69 47.72
C SER D 736 -60.01 -23.84 48.57
N CYS D 737 -59.00 -23.56 49.39
CA CYS D 737 -58.44 -24.54 50.29
C CYS D 737 -58.14 -23.86 51.63
N GLU D 738 -57.99 -24.68 52.67
CA GLU D 738 -57.77 -24.15 54.01
C GLU D 738 -56.60 -23.18 54.04
N TYR D 739 -55.55 -23.47 53.28
CA TYR D 739 -54.34 -22.66 53.34
C TYR D 739 -54.57 -21.28 52.75
N THR D 740 -55.37 -21.19 51.69
CA THR D 740 -55.66 -19.92 51.03
C THR D 740 -57.11 -19.50 51.18
N GLU D 741 -57.86 -20.12 52.08
CA GLU D 741 -59.24 -19.72 52.28
C GLU D 741 -59.35 -18.21 52.50
N HIS D 742 -58.43 -17.65 53.28
CA HIS D 742 -58.45 -16.22 53.54
C HIS D 742 -58.32 -15.44 52.24
N MET D 743 -57.29 -15.75 51.44
CA MET D 743 -57.10 -15.04 50.18
C MET D 743 -58.32 -15.19 49.28
N TYR D 744 -58.79 -16.43 49.13
CA TYR D 744 -59.89 -16.71 48.22
C TYR D 744 -61.13 -15.94 48.63
N LEU D 745 -61.49 -15.99 49.91
CA LEU D 745 -62.71 -15.34 50.37
C LEU D 745 -62.58 -13.82 50.32
N ASN D 746 -61.43 -13.27 50.72
CA ASN D 746 -61.29 -11.82 50.68
C ASN D 746 -61.38 -11.30 49.26
N LEU D 747 -60.79 -12.02 48.30
CA LEU D 747 -60.74 -11.51 46.94
C LEU D 747 -62.12 -11.35 46.33
N GLN D 748 -63.07 -12.18 46.72
CA GLN D 748 -64.40 -12.16 46.12
C GLN D 748 -65.30 -11.08 46.70
N THR D 749 -64.89 -10.39 47.76
CA THR D 749 -65.75 -9.38 48.34
C THR D 749 -66.02 -8.27 47.33
N PRO D 750 -67.20 -7.66 47.35
CA PRO D 750 -67.51 -6.58 46.41
C PRO D 750 -66.95 -5.22 46.81
N ARG D 751 -66.19 -5.14 47.89
CA ARG D 751 -65.62 -3.87 48.34
C ARG D 751 -64.31 -3.65 47.59
N ASN D 752 -64.45 -3.31 46.31
CA ASN D 752 -63.31 -3.10 45.43
C ASN D 752 -63.04 -1.61 45.26
N TYR D 753 -61.98 -1.31 44.53
CA TYR D 753 -61.58 0.06 44.26
C TYR D 753 -61.47 0.26 42.75
N ALA D 754 -61.65 1.50 42.33
CA ALA D 754 -61.63 1.88 40.93
C ALA D 754 -60.49 2.85 40.69
N ILE D 755 -60.45 3.40 39.48
CA ILE D 755 -59.44 4.36 39.07
C ILE D 755 -60.16 5.57 38.48
N LEU D 756 -59.85 6.75 39.00
CA LEU D 756 -60.55 7.97 38.64
C LEU D 756 -59.74 8.76 37.62
N LEU D 757 -60.40 9.20 36.55
CA LEU D 757 -59.75 9.97 35.50
C LEU D 757 -60.75 10.93 34.88
N ARG D 758 -60.23 12.00 34.30
CA ARG D 758 -61.06 12.90 33.52
C ARG D 758 -61.40 12.30 32.16
N ASN D 759 -60.46 11.59 31.55
CA ASN D 759 -60.63 11.06 30.21
C ASN D 759 -61.41 9.76 30.24
N LYS D 760 -61.67 9.23 29.04
CA LYS D 760 -62.37 7.96 28.88
C LYS D 760 -61.36 6.87 28.58
N LEU D 761 -61.50 5.75 29.26
CA LEU D 761 -60.63 4.61 29.05
C LEU D 761 -61.19 3.73 27.94
N PRO D 762 -60.33 3.07 27.17
CA PRO D 762 -60.81 2.07 26.21
C PRO D 762 -60.97 0.71 26.87
N ARG D 763 -61.37 -0.27 26.08
CA ARG D 763 -61.43 -1.64 26.56
C ARG D 763 -60.03 -2.22 26.69
N LEU D 764 -59.81 -2.95 27.78
CA LEU D 764 -58.51 -3.51 28.11
C LEU D 764 -58.61 -5.01 28.26
N ALA D 765 -57.48 -5.68 28.08
CA ALA D 765 -57.44 -7.13 28.13
C ALA D 765 -57.25 -7.64 29.55
N GLU D 766 -57.93 -8.72 29.88
CA GLU D 766 -57.73 -9.38 31.15
C GLU D 766 -56.29 -9.85 31.25
N MET D 767 -55.68 -9.66 32.42
CA MET D 767 -54.27 -9.99 32.62
C MET D 767 -54.06 -10.90 33.82
N PRO D 768 -53.04 -11.74 33.79
CA PRO D 768 -52.78 -12.66 34.90
C PRO D 768 -51.74 -12.15 35.88
N LEU D 769 -51.87 -12.63 37.12
CA LEU D 769 -50.91 -12.36 38.17
C LEU D 769 -50.62 -13.65 38.92
N PHE D 770 -49.46 -13.70 39.59
CA PHE D 770 -49.03 -14.87 40.33
C PHE D 770 -48.75 -14.46 41.77
N SER D 771 -49.55 -14.99 42.70
CA SER D 771 -49.30 -14.82 44.12
C SER D 771 -48.77 -16.12 44.69
N ASN D 772 -48.25 -16.05 45.92
CA ASN D 772 -47.87 -17.27 46.61
C ASN D 772 -49.06 -18.22 46.72
N GLN D 773 -50.27 -17.68 46.83
CA GLN D 773 -51.45 -18.52 46.88
C GLN D 773 -51.73 -19.18 45.54
N GLY D 774 -51.38 -18.51 44.44
CA GLY D 774 -51.59 -19.07 43.13
C GLY D 774 -51.87 -17.96 42.12
N LYS D 775 -52.37 -18.39 40.97
CA LYS D 775 -52.57 -17.49 39.84
C LYS D 775 -53.87 -16.70 40.00
N LEU D 776 -53.86 -15.48 39.48
CA LEU D 776 -55.01 -14.59 39.56
C LEU D 776 -55.40 -14.08 38.19
N HIS D 777 -56.64 -13.61 38.09
CA HIS D 777 -57.13 -12.91 36.91
C HIS D 777 -57.61 -11.54 37.33
N VAL D 778 -57.28 -10.54 36.51
CA VAL D 778 -57.68 -9.16 36.74
C VAL D 778 -58.31 -8.62 35.47
N ARG D 779 -59.42 -7.92 35.61
CA ARG D 779 -60.08 -7.27 34.49
C ARG D 779 -60.59 -5.91 34.93
N VAL D 780 -60.79 -5.04 33.95
CA VAL D 780 -61.28 -3.68 34.19
C VAL D 780 -62.65 -3.54 33.56
N ALA D 781 -63.62 -3.08 34.33
CA ALA D 781 -64.97 -2.92 33.83
C ALA D 781 -64.98 -1.99 32.64
N ASN D 782 -65.47 -2.48 31.51
CA ASN D 782 -65.51 -1.66 30.30
C ASN D 782 -66.49 -0.51 30.46
N ALA D 783 -67.48 -0.65 31.33
CA ALA D 783 -68.45 0.41 31.56
C ALA D 783 -67.92 1.36 32.64
N PRO D 784 -67.63 2.61 32.32
CA PRO D 784 -67.18 3.54 33.37
C PRO D 784 -68.33 3.92 34.29
N LEU D 785 -67.95 4.29 35.52
CA LEU D 785 -68.90 4.83 36.49
C LEU D 785 -68.76 6.34 36.50
N GLU D 786 -69.86 7.04 36.23
CA GLU D 786 -69.86 8.50 36.14
C GLU D 786 -70.26 9.11 37.47
N VAL D 787 -69.44 10.04 37.94
CA VAL D 787 -69.69 10.78 39.17
C VAL D 787 -69.13 12.18 38.98
N ILE D 788 -69.71 13.14 39.68
CA ILE D 788 -69.32 14.53 39.57
C ILE D 788 -68.98 15.04 40.96
N ILE D 789 -67.81 15.64 41.09
CA ILE D 789 -67.33 16.17 42.37
C ILE D 789 -67.83 17.59 42.49
N GLN D 790 -68.41 17.91 43.65
CA GLN D 790 -69.02 19.21 43.87
C GLN D 790 -68.42 19.96 45.06
N ASN D 791 -67.24 19.56 45.51
CA ASN D 791 -66.59 20.24 46.63
C ASN D 791 -65.08 20.08 46.49
N SER D 792 -64.37 21.20 46.60
CA SER D 792 -62.90 21.14 46.52
C SER D 792 -62.33 20.29 47.65
N GLU D 793 -62.86 20.44 48.86
CA GLU D 793 -62.38 19.62 49.97
C GLU D 793 -62.61 18.15 49.71
N GLN D 794 -63.69 17.80 49.01
CA GLN D 794 -63.89 16.41 48.62
C GLN D 794 -62.75 15.91 47.75
N LEU D 795 -62.40 16.69 46.74
CA LEU D 795 -61.30 16.31 45.86
C LEU D 795 -59.99 16.21 46.64
N GLU D 796 -59.76 17.14 47.56
CA GLU D 796 -58.55 17.09 48.36
C GLU D 796 -58.53 15.82 49.22
N LEU D 797 -59.69 15.43 49.75
CA LEU D 797 -59.78 14.20 50.52
C LEU D 797 -59.47 13.00 49.64
N LEU D 798 -59.97 13.01 48.41
CA LEU D 798 -59.63 11.95 47.46
C LEU D 798 -58.13 11.85 47.27
N HIS D 799 -57.49 13.00 47.02
CA HIS D 799 -56.05 12.99 46.77
C HIS D 799 -55.30 12.55 48.01
N GLN D 800 -55.76 12.96 49.19
CA GLN D 800 -55.10 12.56 50.42
C GLN D 800 -55.17 11.06 50.61
N PHE D 801 -56.33 10.46 50.36
CA PHE D 801 -56.43 9.01 50.47
C PHE D 801 -55.50 8.34 49.49
N HIS D 802 -55.48 8.84 48.25
CA HIS D 802 -54.58 8.28 47.25
C HIS D 802 -53.14 8.33 47.72
N GLY D 803 -52.72 9.48 48.25
CA GLY D 803 -51.35 9.59 48.72
C GLY D 803 -51.06 8.64 49.86
N MET D 804 -51.89 8.67 50.90
CA MET D 804 -51.62 7.85 52.07
C MET D 804 -51.59 6.37 51.72
N VAL D 805 -52.33 5.98 50.67
CA VAL D 805 -52.28 4.58 50.24
C VAL D 805 -50.84 4.14 50.06
N PHE D 806 -50.15 4.77 49.11
CA PHE D 806 -48.74 4.45 48.89
C PHE D 806 -47.90 4.80 50.09
N ARG D 807 -48.23 5.90 50.78
CA ARG D 807 -47.35 6.39 51.84
C ARG D 807 -47.22 5.37 52.96
N ASP D 808 -48.33 4.75 53.36
CA ASP D 808 -48.34 3.86 54.50
C ASP D 808 -48.65 2.42 54.13
N ILE D 809 -49.76 2.18 53.43
CA ILE D 809 -50.20 0.81 53.22
C ILE D 809 -49.18 0.04 52.39
N LEU D 810 -48.70 0.64 51.32
CA LEU D 810 -47.71 0.00 50.45
C LEU D 810 -46.29 0.42 50.77
N LYS D 811 -46.10 1.54 51.46
CA LYS D 811 -44.76 2.00 51.81
C LYS D 811 -43.89 2.18 50.58
N ILE D 812 -44.45 2.80 49.54
CA ILE D 812 -43.69 3.19 48.37
C ILE D 812 -43.10 4.59 48.51
N TRP D 813 -43.57 5.37 49.47
CA TRP D 813 -43.13 6.75 49.61
C TRP D 813 -41.61 6.86 49.65
N HIS D 814 -41.13 8.04 49.32
CA HIS D 814 -39.73 8.40 49.46
C HIS D 814 -39.65 9.78 50.10
N PRO D 815 -38.51 10.12 50.71
CA PRO D 815 -38.43 11.39 51.43
C PRO D 815 -38.72 12.59 50.55
N PHE D 816 -38.63 12.44 49.24
CA PHE D 816 -38.70 13.57 48.31
C PHE D 816 -39.96 13.53 47.46
N PHE D 817 -41.01 12.86 47.93
CA PHE D 817 -42.22 12.71 47.16
C PHE D 817 -43.24 13.76 47.58
N VAL D 818 -44.01 14.22 46.59
CA VAL D 818 -45.01 15.27 46.81
C VAL D 818 -46.25 14.94 46.01
N LEU D 819 -47.40 15.03 46.68
CA LEU D 819 -48.67 14.94 45.98
C LEU D 819 -48.69 15.94 44.83
N ASP D 820 -48.82 15.44 43.61
CA ASP D 820 -48.85 16.30 42.44
C ASP D 820 -50.28 16.75 42.19
N ARG D 821 -50.48 18.07 42.09
CA ARG D 821 -51.75 18.64 41.66
C ARG D 821 -51.58 19.46 40.39
N ARG D 822 -50.54 19.16 39.61
CA ARG D 822 -50.29 19.88 38.37
C ARG D 822 -51.25 19.49 37.27
N SER D 823 -51.99 18.40 37.43
CA SER D 823 -52.90 17.90 36.40
C SER D 823 -52.16 17.74 35.06
N LYS D 824 -51.18 16.86 35.08
CA LYS D 824 -50.27 16.69 33.95
C LYS D 824 -50.03 15.20 33.78
N GLU D 825 -49.00 14.84 33.01
CA GLU D 825 -48.72 13.45 32.71
C GLU D 825 -48.74 12.60 33.97
N ASN D 826 -49.41 11.45 33.88
CA ASN D 826 -49.47 10.48 34.97
C ASN D 826 -50.12 11.10 36.21
N SER D 827 -51.38 11.49 36.05
CA SER D 827 -52.12 12.17 37.12
C SER D 827 -53.53 11.57 37.17
N TYR D 828 -53.72 10.59 38.05
CA TYR D 828 -55.04 10.03 38.27
C TYR D 828 -55.09 9.48 39.68
N LEU D 829 -56.30 9.24 40.16
CA LEU D 829 -56.55 8.87 41.54
C LEU D 829 -57.08 7.44 41.60
N VAL D 830 -56.96 6.84 42.78
CA VAL D 830 -57.51 5.53 43.07
C VAL D 830 -58.49 5.68 44.23
N VAL D 831 -59.72 5.20 44.02
CA VAL D 831 -60.77 5.39 45.01
C VAL D 831 -61.42 4.04 45.32
N PRO D 832 -61.74 3.75 46.58
CA PRO D 832 -62.51 2.55 46.90
C PRO D 832 -64.00 2.76 46.64
N LEU D 833 -64.70 1.64 46.48
CA LEU D 833 -66.14 1.66 46.25
C LEU D 833 -66.84 0.71 47.19
N ILE D 834 -68.04 1.11 47.61
CA ILE D 834 -68.92 0.30 48.42
C ILE D 834 -70.31 0.37 47.82
N LEU D 835 -71.08 -0.71 48.00
CA LEU D 835 -72.42 -0.75 47.45
C LEU D 835 -73.31 0.29 48.12
N GLY D 836 -74.03 1.05 47.30
CA GLY D 836 -74.94 2.05 47.83
C GLY D 836 -76.38 1.68 47.57
N ALA D 837 -77.09 2.52 46.82
CA ALA D 837 -78.49 2.25 46.49
C ALA D 837 -78.55 1.29 45.31
N GLY D 838 -79.29 0.19 45.49
CA GLY D 838 -79.36 -0.79 44.43
C GLY D 838 -77.99 -1.35 44.11
N GLU D 839 -77.86 -1.92 42.92
CA GLU D 839 -76.58 -2.43 42.46
C GLU D 839 -75.56 -1.33 42.24
N GLN D 840 -75.98 -0.07 42.15
CA GLN D 840 -75.07 1.01 41.85
C GLN D 840 -74.12 1.22 43.03
N LYS D 841 -72.83 1.34 42.73
CA LYS D 841 -71.80 1.56 43.75
C LYS D 841 -71.51 3.04 43.88
N CYS D 842 -70.85 3.40 44.98
CA CYS D 842 -70.52 4.78 45.28
C CYS D 842 -69.21 4.82 46.06
N PHE D 843 -68.74 6.04 46.30
CA PHE D 843 -67.50 6.23 47.03
C PHE D 843 -67.69 5.99 48.51
N ASP D 844 -66.65 5.45 49.16
CA ASP D 844 -66.67 5.16 50.59
C ASP D 844 -66.37 6.45 51.36
N TRP D 845 -67.35 7.34 51.36
CA TRP D 845 -67.13 8.64 52.00
C TRP D 845 -66.77 8.48 53.47
N GLU D 846 -67.50 7.64 54.21
CA GLU D 846 -67.28 7.56 55.64
C GLU D 846 -65.87 7.05 55.95
N LEU D 847 -65.44 6.00 55.24
CA LEU D 847 -64.10 5.49 55.46
C LEU D 847 -63.06 6.51 55.02
N MET D 848 -63.23 7.09 53.83
CA MET D 848 -62.20 7.96 53.28
C MET D 848 -62.00 9.20 54.13
N THR D 849 -63.10 9.84 54.54
CA THR D 849 -62.98 10.95 55.48
C THR D 849 -62.46 10.48 56.83
N ASN D 850 -62.76 9.24 57.22
CA ASN D 850 -62.20 8.72 58.45
C ASN D 850 -60.72 8.44 58.33
N PHE D 851 -60.30 7.83 57.21
CA PHE D 851 -58.90 7.45 57.02
C PHE D 851 -58.21 8.49 56.15
N ARG D 852 -57.95 9.64 56.76
CA ARG D 852 -57.10 10.65 56.12
C ARG D 852 -55.65 10.21 56.15
N ARG D 853 -55.24 9.55 57.23
CA ARG D 853 -53.91 8.99 57.39
C ARG D 853 -54.04 7.73 58.23
N LEU D 854 -53.08 6.84 58.10
CA LEU D 854 -53.08 5.66 58.95
C LEU D 854 -52.60 6.03 60.35
N PRO D 855 -53.38 5.78 61.39
CA PRO D 855 -52.91 6.10 62.74
C PRO D 855 -51.66 5.30 63.09
N GLN D 856 -50.78 5.93 63.85
CA GLN D 856 -49.57 5.25 64.30
C GLN D 856 -49.89 4.25 65.40
N SER D 857 -49.26 3.09 65.35
CA SER D 857 -49.50 2.05 66.33
C SER D 857 -48.75 2.37 67.62
N HIS D 858 -49.49 2.46 68.73
CA HIS D 858 -48.92 2.71 70.04
C HIS D 858 -49.46 1.69 71.02
N GLY D 859 -48.58 1.18 71.89
CA GLY D 859 -49.01 0.25 72.89
C GLY D 859 -49.71 0.91 74.06
N SER D 860 -50.45 0.10 74.81
CA SER D 860 -51.14 0.54 76.02
C SER D 860 -50.71 -0.35 77.17
N ASN D 861 -50.53 0.25 78.33
CA ASN D 861 -50.06 -0.46 79.51
C ASN D 861 -51.24 -0.77 80.43
N VAL D 862 -50.95 -1.37 81.58
CA VAL D 862 -52.00 -1.93 82.41
C VAL D 862 -52.92 -0.83 82.93
N GLN D 863 -52.35 0.22 83.53
CA GLN D 863 -53.19 1.20 84.21
C GLN D 863 -54.08 1.95 83.21
N GLN D 864 -53.55 2.30 82.05
CA GLN D 864 -54.39 2.89 81.02
C GLN D 864 -55.28 1.86 80.36
N ARG D 865 -54.92 0.57 80.48
CA ARG D 865 -55.76 -0.50 79.95
C ARG D 865 -56.98 -0.76 80.82
N GLU D 866 -56.89 -0.44 82.13
CA GLU D 866 -57.96 -0.82 83.05
C GLU D 866 -59.29 -0.21 82.65
N GLN D 867 -59.32 1.11 82.46
CA GLN D 867 -60.57 1.80 82.19
C GLN D 867 -60.95 1.79 80.73
N GLN D 868 -60.07 1.32 79.85
CA GLN D 868 -60.42 1.27 78.44
C GLN D 868 -61.62 0.36 78.23
N PRO D 869 -62.53 0.71 77.33
CA PRO D 869 -63.72 -0.13 77.14
C PRO D 869 -63.33 -1.54 76.71
N ALA D 870 -64.10 -2.50 77.19
CA ALA D 870 -63.83 -3.89 76.85
C ALA D 870 -63.95 -4.07 75.35
N PRO D 871 -62.98 -4.72 74.70
CA PRO D 871 -63.06 -4.87 73.24
C PRO D 871 -64.30 -5.66 72.85
N ARG D 872 -64.91 -5.28 71.74
CA ARG D 872 -66.08 -6.01 71.31
C ARG D 872 -65.74 -6.87 70.09
N PRO D 873 -66.26 -8.10 70.02
CA PRO D 873 -65.93 -8.95 68.88
C PRO D 873 -66.29 -8.35 67.54
N GLU D 874 -67.42 -7.64 67.45
CA GLU D 874 -67.82 -7.06 66.16
C GLU D 874 -66.82 -6.00 65.70
N ASP D 875 -66.13 -5.36 66.64
CA ASP D 875 -65.16 -4.33 66.30
C ASP D 875 -63.88 -4.90 65.69
N PHE D 876 -63.64 -6.21 65.83
CA PHE D 876 -62.47 -6.84 65.27
C PHE D 876 -62.78 -7.66 64.02
N GLU D 877 -64.03 -8.00 63.79
CA GLU D 877 -64.40 -8.88 62.70
C GLU D 877 -63.92 -8.30 61.37
N GLY D 878 -63.08 -9.06 60.67
CA GLY D 878 -62.64 -8.64 59.34
C GLY D 878 -61.92 -7.31 59.31
N LYS D 879 -60.99 -7.10 60.24
CA LYS D 879 -60.23 -5.85 60.33
C LYS D 879 -58.75 -6.15 60.15
N ILE D 880 -57.92 -5.15 60.42
CA ILE D 880 -56.46 -5.27 60.35
C ILE D 880 -55.89 -4.88 61.70
N VAL D 881 -55.00 -5.70 62.23
CA VAL D 881 -54.39 -5.48 63.52
C VAL D 881 -52.88 -5.64 63.37
N THR D 882 -52.17 -5.42 64.48
CA THR D 882 -50.73 -5.61 64.50
C THR D 882 -50.30 -5.80 65.95
N GLN D 883 -49.13 -6.41 66.12
CA GLN D 883 -48.58 -6.67 67.44
C GLN D 883 -47.65 -5.52 67.81
N TRP D 884 -48.23 -4.45 68.37
CA TRP D 884 -47.38 -3.38 68.86
C TRP D 884 -46.41 -3.88 69.91
N TYR D 885 -46.76 -4.95 70.61
CA TYR D 885 -45.91 -5.50 71.64
C TYR D 885 -44.73 -6.26 71.07
N ALA D 886 -44.78 -6.60 69.79
CA ALA D 886 -43.77 -7.42 69.16
C ALA D 886 -42.93 -6.58 68.21
N ASN D 887 -41.67 -7.02 68.06
CA ASN D 887 -40.81 -6.44 67.03
C ASN D 887 -41.41 -6.65 65.65
N TYR D 888 -42.34 -7.59 65.51
CA TYR D 888 -43.10 -7.81 64.29
C TYR D 888 -44.06 -6.65 64.14
N ASP D 889 -43.57 -5.57 63.56
CA ASP D 889 -44.32 -4.33 63.41
C ASP D 889 -45.15 -4.29 62.13
N LYS D 890 -45.03 -5.29 61.27
CA LYS D 890 -45.74 -5.25 60.00
C LYS D 890 -47.21 -5.62 60.19
N PRO D 891 -48.15 -4.90 59.60
CA PRO D 891 -49.56 -5.21 59.80
C PRO D 891 -49.98 -6.51 59.15
N MET D 892 -50.92 -7.19 59.80
CA MET D 892 -51.40 -8.49 59.37
C MET D 892 -52.89 -8.62 59.69
N LEU D 893 -53.54 -9.56 59.02
CA LEU D 893 -55.00 -9.56 58.88
C LEU D 893 -55.64 -10.65 59.72
N VAL D 894 -56.66 -10.28 60.48
CA VAL D 894 -57.45 -11.24 61.23
C VAL D 894 -58.31 -12.04 60.26
N THR D 895 -58.26 -13.37 60.38
CA THR D 895 -59.06 -14.22 59.52
C THR D 895 -60.41 -14.53 60.17
N LYS D 896 -60.39 -14.95 61.42
CA LYS D 896 -61.62 -15.29 62.13
C LYS D 896 -61.40 -15.11 63.63
N VAL D 897 -62.52 -14.93 64.33
CA VAL D 897 -62.52 -14.79 65.79
C VAL D 897 -63.00 -16.09 66.39
N HIS D 898 -62.18 -16.68 67.26
CA HIS D 898 -62.54 -17.92 67.93
C HIS D 898 -63.27 -17.57 69.22
N ARG D 899 -64.59 -17.40 69.11
CA ARG D 899 -65.39 -17.04 70.27
C ARG D 899 -65.27 -18.09 71.35
N GLU D 900 -65.34 -19.37 70.96
CA GLU D 900 -65.24 -20.44 71.94
C GLU D 900 -63.87 -20.48 72.59
N LEU D 901 -62.82 -20.12 71.87
CA LEU D 901 -61.49 -20.13 72.46
C LEU D 901 -61.38 -19.08 73.55
N THR D 902 -60.65 -19.44 74.59
CA THR D 902 -60.40 -18.57 75.72
C THR D 902 -59.04 -18.92 76.29
N PRO D 903 -58.22 -17.94 76.66
CA PRO D 903 -56.91 -18.24 77.21
C PRO D 903 -57.01 -19.07 78.48
N LEU D 904 -55.85 -19.36 79.05
CA LEU D 904 -55.66 -20.44 80.02
C LEU D 904 -55.89 -21.77 79.33
N SER D 905 -56.07 -21.74 78.00
CA SER D 905 -56.33 -22.93 77.24
C SER D 905 -55.04 -23.41 76.58
N TYR D 906 -54.79 -24.71 76.74
CA TYR D 906 -53.55 -25.29 76.24
C TYR D 906 -53.45 -25.11 74.73
N MET D 907 -52.23 -24.89 74.25
CA MET D 907 -52.00 -24.84 72.81
C MET D 907 -52.46 -26.15 72.18
N GLU D 908 -53.09 -26.02 71.01
CA GLU D 908 -53.61 -27.19 70.33
C GLU D 908 -52.49 -28.10 69.84
N LYS D 909 -51.26 -27.60 69.80
CA LYS D 909 -50.16 -28.31 69.16
C LYS D 909 -48.90 -28.25 70.01
N ASN D 910 -48.37 -29.43 70.35
CA ASN D 910 -46.99 -29.57 70.78
C ASN D 910 -46.68 -28.85 72.09
N GLN D 911 -47.66 -28.15 72.65
CA GLN D 911 -47.47 -27.38 73.87
C GLN D 911 -48.66 -27.59 74.79
N GLN D 912 -49.08 -28.85 74.90
CA GLN D 912 -50.26 -29.18 75.69
C GLN D 912 -50.07 -28.81 77.15
N ASP D 913 -48.83 -28.77 77.63
CA ASP D 913 -48.60 -28.33 79.00
C ASP D 913 -48.61 -26.81 79.13
N LYS D 914 -48.76 -26.09 78.02
CA LYS D 914 -48.60 -24.64 78.00
C LYS D 914 -49.92 -23.98 77.62
N THR D 915 -50.36 -23.04 78.44
CA THR D 915 -51.50 -22.19 78.13
C THR D 915 -51.06 -20.97 77.33
N TYR D 916 -52.05 -20.20 76.88
CA TYR D 916 -51.75 -19.02 76.09
C TYR D 916 -51.22 -17.89 76.97
N TYR D 917 -51.82 -17.67 78.14
CA TYR D 917 -51.31 -16.66 79.05
C TYR D 917 -49.94 -17.04 79.60
N GLU D 918 -49.75 -18.28 80.03
CA GLU D 918 -48.44 -18.64 80.55
C GLU D 918 -47.38 -18.47 79.47
N PHE D 919 -47.71 -18.90 78.25
CA PHE D 919 -46.80 -18.75 77.12
C PHE D 919 -46.48 -17.28 76.88
N THR D 920 -47.50 -16.44 76.90
CA THR D 920 -47.30 -15.02 76.63
C THR D 920 -46.41 -14.37 77.68
N MET D 921 -46.64 -14.67 78.96
CA MET D 921 -45.69 -14.18 79.96
C MET D 921 -44.30 -14.72 79.68
N SER D 922 -44.14 -16.05 79.72
CA SER D 922 -42.84 -16.66 79.54
C SER D 922 -42.08 -16.09 78.34
N LYS D 923 -42.78 -15.59 77.33
CA LYS D 923 -42.09 -15.04 76.18
C LYS D 923 -41.83 -13.53 76.33
N TYR D 924 -42.88 -12.74 76.51
CA TYR D 924 -42.80 -11.28 76.38
C TYR D 924 -43.40 -10.59 77.59
N GLY D 925 -43.28 -11.18 78.78
CA GLY D 925 -43.85 -10.57 79.97
C GLY D 925 -43.09 -9.36 80.44
N ASN D 926 -41.76 -9.39 80.29
CA ASN D 926 -40.95 -8.23 80.59
C ASN D 926 -41.37 -7.03 79.76
N ARG D 927 -42.05 -7.27 78.64
CA ARG D 927 -42.44 -6.22 77.71
C ARG D 927 -43.91 -5.84 77.84
N ILE D 928 -44.79 -6.78 78.17
CA ILE D 928 -46.22 -6.46 78.33
C ILE D 928 -46.63 -6.28 79.79
N GLY D 929 -45.91 -6.89 80.72
CA GLY D 929 -46.29 -6.81 82.12
C GLY D 929 -47.35 -7.82 82.48
N ASP D 930 -48.57 -7.63 81.97
CA ASP D 930 -49.65 -8.57 82.23
C ASP D 930 -50.72 -8.38 81.16
N VAL D 931 -51.71 -9.26 81.19
CA VAL D 931 -52.79 -9.29 80.21
C VAL D 931 -54.12 -9.13 80.95
N VAL D 932 -54.95 -8.21 80.47
CA VAL D 932 -56.25 -7.96 81.08
C VAL D 932 -57.32 -8.70 80.28
N HIS D 933 -58.52 -8.80 80.87
CA HIS D 933 -59.60 -9.60 80.32
C HIS D 933 -59.20 -11.08 80.30
N LYS D 934 -59.01 -11.60 81.51
CA LYS D 934 -58.46 -12.93 81.72
C LYS D 934 -59.27 -14.01 81.02
N ASP D 935 -60.55 -13.76 80.77
CA ASP D 935 -61.48 -14.78 80.31
C ASP D 935 -62.02 -14.56 78.91
N LYS D 936 -61.63 -13.47 78.24
CA LYS D 936 -62.32 -13.04 77.04
C LYS D 936 -61.89 -13.90 75.84
N PHE D 937 -62.32 -13.51 74.65
CA PHE D 937 -62.22 -14.37 73.47
C PHE D 937 -60.84 -14.28 72.85
N MET D 938 -60.69 -14.88 71.66
CA MET D 938 -59.44 -14.86 70.92
C MET D 938 -59.75 -14.65 69.44
N ILE D 939 -58.78 -14.09 68.73
CA ILE D 939 -58.87 -13.88 67.29
C ILE D 939 -57.76 -14.66 66.62
N GLU D 940 -58.09 -15.32 65.51
CA GLU D 940 -57.09 -15.99 64.70
C GLU D 940 -56.75 -15.14 63.48
N VAL D 941 -55.44 -14.99 63.25
CA VAL D 941 -54.90 -14.00 62.34
C VAL D 941 -53.89 -14.67 61.43
N ARG D 942 -53.72 -14.12 60.23
CA ARG D 942 -52.81 -14.66 59.23
C ARG D 942 -51.92 -13.56 58.66
N ASP D 943 -50.71 -13.98 58.30
CA ASP D 943 -49.69 -13.11 57.74
C ASP D 943 -50.07 -12.63 56.34
N LEU D 944 -49.49 -11.50 55.96
CA LEU D 944 -49.58 -10.97 54.61
C LEU D 944 -48.22 -11.01 53.94
N THR D 945 -48.24 -11.28 52.64
CA THR D 945 -47.00 -11.24 51.87
C THR D 945 -46.49 -9.81 51.78
N GLU D 946 -45.18 -9.66 51.81
CA GLU D 946 -44.54 -8.36 51.73
C GLU D 946 -44.22 -7.94 50.31
N GLN D 947 -44.41 -8.82 49.33
CA GLN D 947 -44.09 -8.49 47.96
C GLN D 947 -45.05 -7.44 47.40
N LEU D 948 -44.60 -6.73 46.38
CA LEU D 948 -45.44 -5.84 45.61
C LEU D 948 -45.39 -6.11 44.11
N THR D 949 -44.55 -7.04 43.66
CA THR D 949 -44.43 -7.40 42.26
C THR D 949 -44.89 -8.85 42.09
N PHE D 950 -45.75 -9.08 41.10
CA PHE D 950 -46.37 -10.38 40.93
C PHE D 950 -46.41 -10.84 39.48
N TYR D 951 -45.62 -10.24 38.59
CA TYR D 951 -45.67 -10.63 37.19
C TYR D 951 -45.14 -12.05 37.00
N VAL D 952 -43.98 -12.33 37.54
CA VAL D 952 -43.38 -13.65 37.39
C VAL D 952 -44.00 -14.59 38.42
N HIS D 953 -43.98 -15.88 38.10
CA HIS D 953 -44.39 -16.89 39.07
C HIS D 953 -43.37 -16.97 40.20
N ASN D 954 -43.86 -16.83 41.43
CA ASN D 954 -42.97 -16.95 42.59
C ASN D 954 -42.63 -18.41 42.81
N ARG D 955 -41.77 -18.96 41.94
CA ARG D 955 -41.51 -20.39 41.94
C ARG D 955 -40.50 -20.72 43.04
N GLY D 956 -40.89 -21.59 43.96
CA GLY D 956 -40.02 -21.98 45.05
C GLY D 956 -40.71 -23.02 45.92
N LYS D 957 -39.93 -23.60 46.83
CA LYS D 957 -40.42 -24.62 47.76
C LYS D 957 -40.69 -23.93 49.10
N PHE D 958 -41.87 -23.32 49.20
CA PHE D 958 -42.21 -22.55 50.39
C PHE D 958 -42.67 -23.41 51.54
N ASN D 959 -43.00 -24.67 51.30
CA ASN D 959 -43.56 -25.55 52.33
C ASN D 959 -44.77 -24.88 52.98
N ALA D 960 -45.79 -24.68 52.16
CA ALA D 960 -46.96 -23.92 52.58
C ALA D 960 -47.54 -24.47 53.88
N LYS D 961 -47.47 -25.78 54.09
CA LYS D 961 -47.96 -26.34 55.34
C LYS D 961 -47.14 -25.80 56.52
N SER D 962 -45.83 -25.68 56.35
CA SER D 962 -45.01 -25.12 57.43
C SER D 962 -45.36 -23.66 57.67
N LYS D 963 -45.55 -22.90 56.59
CA LYS D 963 -45.86 -21.48 56.74
C LYS D 963 -47.19 -21.29 57.47
N ALA D 964 -48.19 -22.11 57.13
CA ALA D 964 -49.47 -22.06 57.81
C ALA D 964 -49.42 -22.66 59.21
N LYS D 965 -48.40 -23.48 59.50
CA LYS D 965 -48.31 -24.12 60.81
C LYS D 965 -48.28 -23.08 61.92
N MET D 966 -47.71 -21.91 61.66
CA MET D 966 -47.68 -20.84 62.64
C MET D 966 -49.06 -20.18 62.62
N LYS D 967 -50.00 -20.87 63.27
CA LYS D 967 -51.31 -20.28 63.52
C LYS D 967 -51.20 -19.41 64.76
N VAL D 968 -51.32 -18.10 64.59
CA VAL D 968 -50.97 -17.15 65.62
C VAL D 968 -52.18 -16.96 66.53
N ILE D 969 -51.99 -17.23 67.81
CA ILE D 969 -53.00 -16.99 68.84
C ILE D 969 -52.66 -15.64 69.47
N LEU D 970 -53.59 -14.69 69.40
CA LEU D 970 -53.32 -13.32 69.78
C LEU D 970 -54.41 -12.80 70.71
N ILE D 971 -53.99 -12.18 71.80
CA ILE D 971 -54.94 -11.55 72.72
C ILE D 971 -55.53 -10.31 72.04
N PRO D 972 -56.86 -10.17 71.98
CA PRO D 972 -57.42 -9.00 71.30
C PRO D 972 -56.93 -7.68 71.86
N GLU D 973 -56.79 -7.60 73.19
CA GLU D 973 -56.35 -6.36 73.83
C GLU D 973 -54.88 -6.05 73.59
N LEU D 974 -54.06 -7.06 73.32
CA LEU D 974 -52.62 -6.88 73.29
C LEU D 974 -52.12 -6.49 71.90
N CYS D 975 -52.98 -6.51 70.90
CA CYS D 975 -52.61 -6.19 69.52
C CYS D 975 -53.32 -4.92 69.09
N PHE D 976 -52.59 -4.00 68.48
CA PHE D 976 -53.19 -2.76 68.01
C PHE D 976 -54.15 -3.07 66.87
N ASN D 977 -55.28 -2.37 66.87
CA ASN D 977 -56.33 -2.59 65.87
C ASN D 977 -56.51 -1.33 65.04
N PHE D 978 -56.50 -1.49 63.73
CA PHE D 978 -56.90 -0.43 62.83
C PHE D 978 -58.40 -0.48 62.59
N ASN D 979 -58.94 0.60 62.03
CA ASN D 979 -60.33 0.63 61.58
C ASN D 979 -60.43 0.31 60.09
N PHE D 980 -59.34 -0.13 59.47
CA PHE D 980 -59.31 -0.30 58.03
C PHE D 980 -59.72 -1.73 57.65
N PRO D 981 -60.68 -1.91 56.74
CA PRO D 981 -61.09 -3.27 56.39
C PRO D 981 -59.94 -4.05 55.77
N GLY D 982 -59.84 -5.33 56.15
CA GLY D 982 -58.75 -6.15 55.66
C GLY D 982 -58.85 -6.44 54.18
N ASP D 983 -60.07 -6.72 53.69
CA ASP D 983 -60.24 -7.12 52.30
C ASP D 983 -59.74 -6.03 51.36
N LEU D 984 -60.08 -4.78 51.65
CA LEU D 984 -59.64 -3.68 50.80
C LEU D 984 -58.12 -3.58 50.80
N TRP D 985 -57.49 -3.70 51.96
CA TRP D 985 -56.04 -3.73 52.04
C TRP D 985 -55.49 -4.80 51.13
N LEU D 986 -56.05 -6.01 51.24
CA LEU D 986 -55.55 -7.12 50.45
C LEU D 986 -55.69 -6.84 48.95
N LYS D 987 -56.83 -6.29 48.54
CA LYS D 987 -57.00 -5.95 47.13
C LYS D 987 -55.95 -4.95 46.69
N LEU D 988 -55.72 -3.91 47.51
CA LEU D 988 -54.72 -2.91 47.16
C LEU D 988 -53.32 -3.49 47.12
N ILE D 989 -53.07 -4.62 47.79
CA ILE D 989 -51.73 -5.20 47.75
C ILE D 989 -51.22 -5.31 46.32
N PHE D 990 -52.11 -5.49 45.35
CA PHE D 990 -51.74 -5.69 43.95
C PHE D 990 -51.84 -4.42 43.13
N LEU D 991 -52.20 -3.30 43.73
CA LEU D 991 -52.40 -2.08 42.96
C LEU D 991 -51.17 -1.70 42.14
N PRO D 992 -49.94 -1.80 42.65
CA PRO D 992 -48.80 -1.34 41.85
C PRO D 992 -48.63 -2.10 40.55
N SER D 993 -48.63 -3.43 40.59
CA SER D 993 -48.48 -4.20 39.37
C SER D 993 -49.62 -3.93 38.42
N ILE D 994 -50.85 -3.86 38.94
CA ILE D 994 -52.01 -3.59 38.10
C ILE D 994 -51.81 -2.27 37.36
N LEU D 995 -51.39 -1.23 38.07
CA LEU D 995 -51.23 0.08 37.45
C LEU D 995 -50.10 0.07 36.43
N ASN D 996 -48.98 -0.56 36.77
CA ASN D 996 -47.87 -0.62 35.84
C ASN D 996 -48.25 -1.39 34.57
N ARG D 997 -49.16 -2.34 34.69
CA ARG D 997 -49.65 -3.03 33.51
C ARG D 997 -50.62 -2.15 32.75
N MET D 998 -51.48 -1.41 33.46
CA MET D 998 -52.36 -0.46 32.80
C MET D 998 -51.57 0.46 31.89
N TYR D 999 -50.43 0.95 32.39
CA TYR D 999 -49.60 1.87 31.61
C TYR D 999 -49.32 1.33 30.22
N PHE D 1000 -48.64 0.18 30.16
CA PHE D 1000 -48.22 -0.35 28.89
C PHE D 1000 -49.36 -0.95 28.08
N LEU D 1001 -50.41 -1.42 28.73
CA LEU D 1001 -51.60 -1.81 27.96
C LEU D 1001 -52.18 -0.62 27.24
N LEU D 1002 -52.25 0.54 27.89
CA LEU D 1002 -52.77 1.72 27.22
C LEU D 1002 -51.86 2.14 26.08
N HIS D 1003 -50.54 2.08 26.30
CA HIS D 1003 -49.62 2.44 25.21
C HIS D 1003 -49.81 1.49 24.02
N ALA D 1004 -49.92 0.19 24.31
CA ALA D 1004 -50.12 -0.78 23.24
C ALA D 1004 -51.45 -0.56 22.53
N GLU D 1005 -52.50 -0.21 23.28
CA GLU D 1005 -53.78 0.08 22.67
C GLU D 1005 -53.67 1.28 21.73
N ALA D 1006 -52.97 2.32 22.15
CA ALA D 1006 -52.73 3.45 21.28
C ALA D 1006 -52.03 3.00 20.01
N LEU D 1007 -51.01 2.16 20.14
CA LEU D 1007 -50.30 1.67 18.97
C LEU D 1007 -51.24 0.87 18.06
N ARG D 1008 -52.09 0.04 18.63
CA ARG D 1008 -52.99 -0.77 17.84
C ARG D 1008 -53.93 0.09 17.03
N LYS D 1009 -54.57 1.06 17.69
CA LYS D 1009 -55.48 1.95 16.98
C LYS D 1009 -54.72 2.70 15.90
N ARG D 1010 -53.51 3.15 16.21
CA ARG D 1010 -52.72 3.91 15.23
C ARG D 1010 -52.42 3.09 13.99
N PHE D 1011 -51.86 1.89 14.17
CA PHE D 1011 -51.49 1.08 13.02
C PHE D 1011 -52.71 0.66 12.21
N ASN D 1012 -53.77 0.18 12.87
CA ASN D 1012 -54.95 -0.21 12.12
C ASN D 1012 -55.55 0.96 11.36
N THR D 1013 -55.47 2.17 11.95
CA THR D 1013 -55.88 3.35 11.20
C THR D 1013 -55.00 3.55 9.98
N TYR D 1014 -53.70 3.32 10.13
CA TYR D 1014 -52.76 3.55 9.02
C TYR D 1014 -53.07 2.63 7.85
N LEU D 1015 -53.39 1.37 8.11
CA LEU D 1015 -53.64 0.39 7.07
C LEU D 1015 -55.09 0.36 6.63
N ASN D 1016 -55.89 1.34 7.01
CA ASN D 1016 -57.30 1.43 6.65
C ASN D 1016 -58.11 0.24 7.15
N LEU D 1017 -57.53 -0.60 7.98
CA LEU D 1017 -58.23 -1.75 8.54
C LEU D 1017 -58.99 -1.39 9.80
N HIS D 1018 -58.89 -0.14 10.26
CA HIS D 1018 -59.62 0.29 11.44
C HIS D 1018 -61.12 0.15 11.27
N LEU D 1019 -61.62 0.14 10.04
CA LEU D 1019 -63.05 -0.04 9.81
C LEU D 1019 -63.45 -1.51 9.77
N LEU D 1020 -62.50 -2.43 9.90
CA LEU D 1020 -62.85 -3.83 9.97
C LEU D 1020 -63.70 -4.10 11.22
N PRO D 1021 -64.72 -4.95 11.12
CA PRO D 1021 -65.48 -5.29 12.32
C PRO D 1021 -64.61 -5.88 13.41
N PHE D 1022 -63.56 -6.60 13.03
CA PHE D 1022 -62.66 -7.16 14.03
C PHE D 1022 -61.98 -6.06 14.84
N ASN D 1023 -61.55 -4.99 14.17
CA ASN D 1023 -60.82 -3.92 14.82
C ASN D 1023 -61.70 -2.71 15.11
N GLY D 1024 -63.00 -2.80 14.89
CA GLY D 1024 -63.89 -1.67 15.06
C GLY D 1024 -64.14 -1.35 16.51
N THR D 1025 -65.21 -0.59 16.74
CA THR D 1025 -65.60 -0.22 18.09
C THR D 1025 -65.90 -1.45 18.94
N ASP D 1026 -66.37 -2.54 18.33
CA ASP D 1026 -66.75 -3.74 19.05
C ASP D 1026 -65.57 -4.67 19.29
N TYR D 1027 -64.35 -4.14 19.31
CA TYR D 1027 -63.17 -4.97 19.53
C TYR D 1027 -63.12 -5.41 20.99
N MET D 1028 -63.18 -6.72 21.22
CA MET D 1028 -62.97 -7.29 22.54
C MET D 1028 -61.50 -7.69 22.63
N PRO D 1029 -60.70 -7.09 23.50
CA PRO D 1029 -59.31 -7.54 23.63
C PRO D 1029 -59.24 -8.90 24.29
N ARG D 1030 -58.64 -9.85 23.58
CA ARG D 1030 -58.49 -11.19 24.13
C ARG D 1030 -57.49 -11.16 25.28
N PRO D 1031 -57.73 -11.95 26.34
CA PRO D 1031 -56.86 -11.86 27.51
C PRO D 1031 -55.42 -12.18 27.14
N LEU D 1032 -54.50 -11.53 27.85
CA LEU D 1032 -53.09 -11.83 27.67
C LEU D 1032 -52.85 -13.31 27.95
N GLU D 1033 -51.98 -13.92 27.17
CA GLU D 1033 -51.72 -15.34 27.25
C GLU D 1033 -50.31 -15.56 27.79
N ILE D 1034 -50.21 -16.35 28.87
CA ILE D 1034 -48.90 -16.75 29.38
C ILE D 1034 -48.17 -17.51 28.29
N ASP D 1035 -46.93 -17.13 28.03
CA ASP D 1035 -46.08 -17.86 27.10
C ASP D 1035 -45.24 -18.84 27.92
N TYR D 1036 -45.75 -20.06 28.07
CA TYR D 1036 -45.11 -21.06 28.90
C TYR D 1036 -43.73 -21.45 28.39
N SER D 1037 -43.43 -21.19 27.11
CA SER D 1037 -42.14 -21.56 26.57
C SER D 1037 -40.98 -20.85 27.28
N LEU D 1038 -41.23 -19.67 27.86
CA LEU D 1038 -40.19 -18.93 28.54
C LEU D 1038 -39.66 -19.72 29.73
N LYS D 1039 -38.35 -19.56 29.98
CA LYS D 1039 -37.68 -20.35 31.00
C LYS D 1039 -38.31 -20.14 32.37
N ARG D 1040 -38.51 -18.89 32.76
CA ARG D 1040 -39.10 -18.60 34.06
C ARG D 1040 -40.63 -18.72 34.06
N ASN D 1041 -41.18 -19.55 33.19
CA ASN D 1041 -42.60 -19.89 33.27
C ASN D 1041 -42.78 -21.41 33.34
N GLY D 1168 -47.41 -37.06 2.03
CA GLY D 1168 -48.80 -37.02 1.61
C GLY D 1168 -49.27 -35.61 1.32
N LYS D 1169 -49.82 -34.95 2.32
CA LYS D 1169 -50.32 -33.59 2.21
C LYS D 1169 -49.56 -32.69 3.17
N VAL D 1170 -49.25 -31.48 2.71
CA VAL D 1170 -48.51 -30.51 3.52
C VAL D 1170 -49.50 -29.51 4.10
N LYS D 1171 -49.40 -29.29 5.39
CA LYS D 1171 -50.32 -28.36 6.06
C LYS D 1171 -50.11 -26.97 5.48
N PRO D 1172 -51.15 -26.31 4.98
CA PRO D 1172 -50.96 -24.96 4.45
C PRO D 1172 -50.47 -24.03 5.55
N LEU D 1173 -49.69 -23.03 5.17
CA LEU D 1173 -49.09 -22.14 6.14
C LEU D 1173 -50.03 -20.97 6.42
N LEU D 1174 -50.41 -20.81 7.69
CA LEU D 1174 -51.47 -19.86 8.03
C LEU D 1174 -51.11 -18.45 7.59
N ILE D 1175 -49.85 -18.06 7.74
CA ILE D 1175 -49.45 -16.70 7.36
C ILE D 1175 -49.81 -16.44 5.91
N LEU D 1176 -49.40 -17.35 5.02
CA LEU D 1176 -49.75 -17.19 3.61
C LEU D 1176 -51.24 -17.38 3.38
N GLN D 1177 -51.86 -18.27 4.14
CA GLN D 1177 -53.30 -18.49 3.98
C GLN D 1177 -54.06 -17.20 4.15
N LYS D 1178 -53.73 -16.42 5.18
CA LYS D 1178 -54.35 -15.12 5.37
C LYS D 1178 -53.71 -14.05 4.49
N THR D 1179 -52.54 -14.32 3.93
CA THR D 1179 -51.95 -13.40 2.97
C THR D 1179 -52.80 -13.36 1.70
N VAL D 1180 -53.21 -14.52 1.21
CA VAL D 1180 -53.95 -14.56 -0.05
C VAL D 1180 -55.44 -14.31 0.18
N SER D 1181 -56.02 -14.85 1.26
CA SER D 1181 -57.44 -14.77 1.53
C SER D 1181 -57.68 -13.91 2.75
N LYS D 1182 -58.58 -12.94 2.63
CA LYS D 1182 -58.91 -12.09 3.75
C LYS D 1182 -59.76 -12.79 4.80
N GLU D 1183 -60.36 -13.94 4.46
CA GLU D 1183 -61.20 -14.64 5.42
C GLU D 1183 -60.42 -15.06 6.66
N HIS D 1184 -59.10 -15.22 6.53
CA HIS D 1184 -58.26 -15.65 7.65
C HIS D 1184 -57.51 -14.49 8.29
N ILE D 1185 -58.05 -13.28 8.19
CA ILE D 1185 -57.42 -12.12 8.81
C ILE D 1185 -57.92 -12.00 10.25
N THR D 1186 -56.99 -12.01 11.19
CA THR D 1186 -57.35 -11.91 12.59
C THR D 1186 -57.07 -10.50 13.10
N PRO D 1187 -57.89 -10.00 14.04
CA PRO D 1187 -57.57 -8.70 14.63
C PRO D 1187 -56.22 -8.73 15.31
N ALA D 1188 -55.53 -7.60 15.26
CA ALA D 1188 -54.23 -7.49 15.93
C ALA D 1188 -54.46 -7.31 17.43
N GLU D 1189 -54.20 -8.37 18.19
CA GLU D 1189 -54.55 -8.37 19.60
C GLU D 1189 -53.71 -7.36 20.38
N GLN D 1190 -54.38 -6.66 21.30
CA GLN D 1190 -53.68 -5.66 22.12
C GLN D 1190 -52.54 -6.29 22.90
N GLY D 1191 -52.82 -7.40 23.60
CA GLY D 1191 -51.78 -8.04 24.38
C GLY D 1191 -50.61 -8.48 23.52
N GLU D 1192 -50.89 -8.84 22.27
CA GLU D 1192 -49.82 -9.25 21.36
C GLU D 1192 -48.85 -8.09 21.14
N PHE D 1193 -49.39 -6.90 20.86
CA PHE D 1193 -48.55 -5.70 20.79
C PHE D 1193 -47.82 -5.46 22.09
N LEU D 1194 -48.49 -5.59 23.24
CA LEU D 1194 -47.76 -5.34 24.48
C LEU D 1194 -46.58 -6.29 24.60
N ALA D 1195 -46.80 -7.56 24.26
CA ALA D 1195 -45.68 -8.50 24.21
C ALA D 1195 -44.59 -7.99 23.29
N ALA D 1196 -44.98 -7.38 22.18
CA ALA D 1196 -43.97 -6.79 21.29
C ALA D 1196 -43.20 -5.68 22.00
N ILE D 1197 -43.91 -4.80 22.69
CA ILE D 1197 -43.26 -3.64 23.32
C ILE D 1197 -42.28 -4.10 24.39
N THR D 1198 -42.75 -4.95 25.29
CA THR D 1198 -41.95 -5.34 26.44
C THR D 1198 -40.74 -6.15 25.98
N ALA D 1199 -39.57 -5.78 26.49
CA ALA D 1199 -38.32 -6.41 26.12
C ALA D 1199 -37.93 -7.45 27.16
N SER D 1200 -36.77 -8.07 26.94
CA SER D 1200 -36.33 -9.13 27.84
C SER D 1200 -35.87 -8.60 29.18
N SER D 1201 -35.29 -7.38 29.20
CA SER D 1201 -34.77 -6.85 30.46
C SER D 1201 -35.83 -6.87 31.54
N ALA D 1202 -37.01 -6.33 31.26
CA ALA D 1202 -38.13 -6.44 32.19
C ALA D 1202 -38.56 -7.89 32.25
N ALA D 1203 -38.33 -8.54 33.39
CA ALA D 1203 -38.59 -9.97 33.53
C ALA D 1203 -40.09 -10.22 33.70
N ASP D 1204 -40.86 -9.80 32.71
CA ASP D 1204 -42.28 -10.07 32.72
C ASP D 1204 -42.54 -11.48 32.20
N VAL D 1205 -43.74 -11.99 32.51
CA VAL D 1205 -44.09 -13.36 32.15
C VAL D 1205 -44.06 -13.59 30.65
N PHE D 1206 -44.13 -12.53 29.84
CA PHE D 1206 -44.06 -12.65 28.40
C PHE D 1206 -43.15 -11.55 27.87
N ASP D 1207 -42.70 -11.71 26.62
CA ASP D 1207 -41.69 -10.83 26.06
C ASP D 1207 -41.93 -10.71 24.56
N MET D 1208 -40.88 -10.36 23.82
CA MET D 1208 -40.99 -9.91 22.44
C MET D 1208 -40.11 -10.69 21.47
N GLU D 1209 -39.45 -11.75 21.91
CA GLU D 1209 -38.45 -12.41 21.05
C GLU D 1209 -39.13 -13.30 20.02
N ARG D 1210 -40.16 -14.04 20.41
CA ARG D 1210 -40.84 -14.91 19.48
C ARG D 1210 -41.44 -14.12 18.33
N LEU D 1211 -42.06 -12.98 18.63
CA LEU D 1211 -42.46 -12.07 17.57
C LEU D 1211 -41.25 -11.56 16.80
N GLU D 1212 -40.14 -11.34 17.51
CA GLU D 1212 -38.98 -10.71 16.90
C GLU D 1212 -38.41 -11.55 15.77
N ILE D 1213 -38.35 -12.86 15.95
CA ILE D 1213 -37.74 -13.70 14.92
C ILE D 1213 -38.53 -13.61 13.62
N LEU D 1214 -39.85 -13.76 13.73
CA LEU D 1214 -40.70 -13.65 12.55
C LEU D 1214 -40.56 -12.27 11.92
N GLY D 1215 -40.56 -11.23 12.74
CA GLY D 1215 -40.43 -9.89 12.20
C GLY D 1215 -39.12 -9.69 11.46
N ASN D 1216 -38.03 -10.19 12.02
CA ASN D 1216 -36.72 -10.06 11.38
C ASN D 1216 -36.71 -10.77 10.04
N SER D 1217 -37.24 -11.99 10.00
CA SER D 1217 -37.26 -12.71 8.74
C SER D 1217 -38.10 -11.97 7.70
N PHE D 1218 -39.28 -11.48 8.10
CA PHE D 1218 -40.09 -10.72 7.17
C PHE D 1218 -39.37 -9.49 6.67
N LEU D 1219 -38.67 -8.78 7.57
CA LEU D 1219 -37.97 -7.58 7.15
C LEU D 1219 -36.87 -7.92 6.16
N LYS D 1220 -36.14 -9.00 6.40
CA LYS D 1220 -35.10 -9.40 5.46
C LYS D 1220 -35.70 -9.71 4.10
N LEU D 1221 -36.81 -10.46 4.08
CA LEU D 1221 -37.47 -10.74 2.81
C LEU D 1221 -37.89 -9.46 2.11
N SER D 1222 -38.53 -8.56 2.83
CA SER D 1222 -39.05 -7.35 2.20
C SER D 1222 -37.92 -6.50 1.67
N ALA D 1223 -36.82 -6.39 2.42
CA ALA D 1223 -35.67 -5.64 1.94
C ALA D 1223 -35.09 -6.26 0.68
N THR D 1224 -34.96 -7.59 0.66
CA THR D 1224 -34.42 -8.25 -0.53
C THR D 1224 -35.31 -7.99 -1.74
N LEU D 1225 -36.61 -8.19 -1.57
CA LEU D 1225 -37.54 -7.96 -2.69
C LEU D 1225 -37.47 -6.51 -3.15
N TYR D 1226 -37.45 -5.58 -2.21
CA TYR D 1226 -37.42 -4.17 -2.56
C TYR D 1226 -36.17 -3.82 -3.34
N LEU D 1227 -35.01 -4.26 -2.86
CA LEU D 1227 -33.77 -3.97 -3.57
C LEU D 1227 -33.77 -4.61 -4.94
N ALA D 1228 -34.21 -5.87 -5.04
CA ALA D 1228 -34.22 -6.52 -6.35
C ALA D 1228 -35.12 -5.78 -7.32
N SER D 1229 -36.30 -5.36 -6.87
CA SER D 1229 -37.23 -4.68 -7.76
C SER D 1229 -36.73 -3.29 -8.13
N LYS D 1230 -35.99 -2.64 -7.23
CA LYS D 1230 -35.60 -1.25 -7.48
C LYS D 1230 -34.30 -1.15 -8.26
N TYR D 1231 -33.39 -2.10 -8.07
CA TYR D 1231 -32.06 -2.04 -8.67
C TYR D 1231 -31.66 -3.38 -9.24
N SER D 1232 -32.57 -3.99 -10.00
CA SER D 1232 -32.34 -5.35 -10.49
C SER D 1232 -31.03 -5.45 -11.27
N ASP D 1233 -30.61 -4.38 -11.90
CA ASP D 1233 -29.38 -4.39 -12.68
C ASP D 1233 -28.15 -4.65 -11.83
N TRP D 1234 -28.10 -4.14 -10.61
CA TRP D 1234 -26.91 -4.28 -9.77
C TRP D 1234 -26.47 -5.73 -9.69
N ASN D 1235 -25.21 -5.93 -9.33
CA ASN D 1235 -24.72 -7.28 -9.11
C ASN D 1235 -25.11 -7.76 -7.71
N GLU D 1236 -24.74 -9.00 -7.41
CA GLU D 1236 -25.16 -9.62 -6.16
C GLU D 1236 -24.45 -8.99 -4.97
N GLY D 1237 -23.14 -8.74 -5.09
CA GLY D 1237 -22.38 -8.29 -3.94
C GLY D 1237 -22.87 -6.96 -3.39
N THR D 1238 -23.09 -5.99 -4.28
CA THR D 1238 -23.57 -4.70 -3.83
C THR D 1238 -24.96 -4.83 -3.23
N LEU D 1239 -25.80 -5.69 -3.80
CA LEU D 1239 -27.12 -5.91 -3.22
C LEU D 1239 -27.01 -6.44 -1.80
N THR D 1240 -26.11 -7.40 -1.58
CA THR D 1240 -25.91 -7.92 -0.23
C THR D 1240 -25.43 -6.82 0.71
N GLU D 1241 -24.48 -6.00 0.25
CA GLU D 1241 -23.96 -4.96 1.12
C GLU D 1241 -25.06 -3.99 1.52
N VAL D 1242 -25.85 -3.55 0.54
CA VAL D 1242 -26.92 -2.60 0.82
C VAL D 1242 -27.95 -3.24 1.74
N LYS D 1243 -28.30 -4.50 1.49
CA LYS D 1243 -29.25 -5.18 2.36
C LYS D 1243 -28.73 -5.23 3.80
N SER D 1244 -27.44 -5.55 3.96
CA SER D 1244 -26.86 -5.56 5.29
C SER D 1244 -26.99 -4.21 5.95
N LYS D 1245 -26.75 -3.15 5.20
CA LYS D 1245 -26.89 -1.82 5.77
C LYS D 1245 -28.33 -1.54 6.18
N LEU D 1246 -29.30 -1.89 5.32
CA LEU D 1246 -30.69 -1.62 5.64
C LEU D 1246 -31.12 -2.34 6.90
N VAL D 1247 -30.79 -3.63 7.02
CA VAL D 1247 -31.27 -4.43 8.14
C VAL D 1247 -30.29 -4.36 9.29
N SER D 1248 -29.24 -3.57 9.14
CA SER D 1248 -28.28 -3.41 10.22
C SER D 1248 -28.92 -2.66 11.38
N ASN D 1249 -28.37 -2.89 12.59
CA ASN D 1249 -29.01 -2.36 13.79
C ASN D 1249 -29.11 -0.85 13.77
N ARG D 1250 -28.05 -0.16 13.32
CA ARG D 1250 -28.06 1.28 13.37
C ARG D 1250 -29.22 1.86 12.58
N ASN D 1251 -29.43 1.37 11.36
CA ASN D 1251 -30.50 1.90 10.53
C ASN D 1251 -31.85 1.70 11.19
N LEU D 1252 -32.09 0.51 11.74
CA LEU D 1252 -33.36 0.25 12.40
C LEU D 1252 -33.53 1.17 13.59
N LEU D 1253 -32.47 1.35 14.37
CA LEU D 1253 -32.53 2.25 15.52
C LEU D 1253 -32.96 3.63 15.09
N PHE D 1254 -32.35 4.16 14.04
CA PHE D 1254 -32.68 5.52 13.63
C PHE D 1254 -34.10 5.60 13.08
N CYS D 1255 -34.49 4.63 12.24
CA CYS D 1255 -35.80 4.67 11.65
C CYS D 1255 -36.91 4.49 12.69
N LEU D 1256 -36.62 3.84 13.80
CA LEU D 1256 -37.60 3.76 14.87
C LEU D 1256 -37.56 4.97 15.78
N ILE D 1257 -36.37 5.55 15.98
CA ILE D 1257 -36.27 6.75 16.80
C ILE D 1257 -37.09 7.86 16.17
N ASP D 1258 -36.93 8.07 14.86
CA ASP D 1258 -37.67 9.16 14.24
C ASP D 1258 -39.17 8.92 14.26
N ALA D 1259 -39.61 7.70 14.55
CA ALA D 1259 -41.02 7.39 14.65
C ALA D 1259 -41.56 7.58 16.06
N ASP D 1260 -40.69 7.82 17.04
CA ASP D 1260 -41.09 8.24 18.38
C ASP D 1260 -41.77 7.13 19.18
N ILE D 1261 -41.48 5.88 18.87
CA ILE D 1261 -41.93 4.76 19.69
C ILE D 1261 -41.06 4.56 20.93
N PRO D 1262 -39.72 4.64 20.84
CA PRO D 1262 -38.90 4.25 21.99
C PRO D 1262 -39.28 4.92 23.29
N LYS D 1263 -39.99 6.04 23.24
CA LYS D 1263 -40.40 6.71 24.47
C LYS D 1263 -41.43 5.93 25.26
N THR D 1264 -42.01 4.87 24.68
CA THR D 1264 -43.04 4.09 25.33
C THR D 1264 -42.63 2.64 25.59
N LEU D 1265 -41.34 2.37 25.75
CA LEU D 1265 -40.89 0.99 25.87
C LEU D 1265 -40.94 0.51 27.31
N ASN D 1266 -41.34 -0.74 27.48
CA ASN D 1266 -41.26 -1.46 28.75
C ASN D 1266 -39.93 -2.22 28.73
N THR D 1267 -38.92 -1.64 29.38
CA THR D 1267 -37.59 -2.27 29.36
C THR D 1267 -36.88 -2.20 30.70
N ILE D 1268 -37.60 -1.97 31.79
CA ILE D 1268 -37.00 -1.87 33.11
C ILE D 1268 -37.82 -2.69 34.09
N GLN D 1269 -37.14 -3.54 34.86
CA GLN D 1269 -37.82 -4.41 35.79
C GLN D 1269 -38.63 -3.60 36.79
N PHE D 1270 -39.88 -4.00 37.00
CA PHE D 1270 -40.78 -3.29 37.88
C PHE D 1270 -40.37 -3.55 39.32
N THR D 1271 -39.87 -2.52 39.99
CA THR D 1271 -39.53 -2.57 41.41
C THR D 1271 -40.16 -1.35 42.06
N PRO D 1272 -41.47 -1.40 42.33
CA PRO D 1272 -42.17 -0.17 42.70
C PRO D 1272 -41.55 0.56 43.87
N ARG D 1273 -41.05 -0.18 44.86
CA ARG D 1273 -40.51 0.47 46.05
C ARG D 1273 -39.31 1.36 45.74
N TYR D 1274 -38.40 0.91 44.88
CA TYR D 1274 -37.20 1.69 44.63
C TYR D 1274 -37.32 2.55 43.39
N THR D 1275 -37.52 1.93 42.22
CA THR D 1275 -37.48 2.66 40.95
C THR D 1275 -38.86 2.67 40.31
N TRP D 1276 -39.64 3.67 40.70
CA TRP D 1276 -40.98 3.83 40.14
C TRP D 1276 -41.57 5.13 40.65
N LEU D 1277 -42.51 5.68 39.87
CA LEU D 1277 -43.18 6.91 40.22
C LEU D 1277 -44.68 6.66 40.28
N PRO D 1278 -45.28 6.59 41.46
CA PRO D 1278 -46.73 6.43 41.53
C PRO D 1278 -47.44 7.56 40.82
N PRO D 1279 -48.67 7.34 40.38
CA PRO D 1279 -49.34 8.34 39.55
C PRO D 1279 -49.54 9.68 40.23
N GLY D 1280 -50.18 9.68 41.39
CA GLY D 1280 -50.49 10.92 42.07
C GLY D 1280 -49.33 11.53 42.83
N ILE D 1281 -48.14 10.96 42.72
CA ILE D 1281 -46.98 11.39 43.48
C ILE D 1281 -45.89 11.82 42.52
N SER D 1282 -45.24 12.94 42.83
CA SER D 1282 -44.23 13.50 41.95
C SER D 1282 -43.19 14.23 42.78
N LEU D 1283 -42.09 14.60 42.13
CA LEU D 1283 -41.04 15.36 42.79
C LEU D 1283 -41.51 16.79 43.02
N PRO D 1284 -40.83 17.52 43.92
CA PRO D 1284 -41.19 18.94 44.11
C PRO D 1284 -41.05 19.71 42.81
N HIS D 1285 -42.02 20.59 42.55
CA HIS D 1285 -42.01 21.34 41.30
C HIS D 1285 -40.84 22.30 41.21
N ASN D 1286 -40.44 22.92 42.32
CA ASN D 1286 -39.33 23.86 42.24
C ASN D 1286 -38.05 23.14 41.84
N VAL D 1287 -37.70 22.07 42.55
CA VAL D 1287 -36.51 21.31 42.19
C VAL D 1287 -36.72 20.60 40.87
N LEU D 1288 -37.97 20.25 40.54
CA LEU D 1288 -38.22 19.64 39.24
C LEU D 1288 -37.89 20.59 38.11
N ALA D 1289 -38.43 21.81 38.17
CA ALA D 1289 -38.15 22.80 37.14
C ALA D 1289 -36.67 23.13 37.08
N LEU D 1290 -36.02 23.24 38.24
CA LEU D 1290 -34.57 23.44 38.24
C LEU D 1290 -33.88 22.29 37.51
N TRP D 1291 -34.32 21.07 37.78
CA TRP D 1291 -33.67 19.88 37.23
C TRP D 1291 -33.83 19.81 35.72
N ARG D 1292 -35.03 20.09 35.21
CA ARG D 1292 -35.25 20.06 33.78
C ARG D 1292 -34.67 21.29 33.11
N GLU D 1293 -34.90 22.47 33.70
CA GLU D 1293 -34.43 23.70 33.08
C GLU D 1293 -32.91 23.75 33.06
N ASN D 1294 -32.26 23.47 34.19
CA ASN D 1294 -30.82 23.62 34.30
C ASN D 1294 -30.15 22.26 34.14
N PRO D 1295 -29.63 21.92 32.97
CA PRO D 1295 -29.07 20.58 32.77
C PRO D 1295 -27.70 20.39 33.41
N GLU D 1296 -26.84 21.40 33.30
CA GLU D 1296 -25.53 21.30 33.91
C GLU D 1296 -25.65 21.02 35.40
N PHE D 1297 -26.54 21.75 36.08
CA PHE D 1297 -26.85 21.43 37.46
C PHE D 1297 -27.34 20.00 37.59
N ALA D 1298 -28.08 19.52 36.60
CA ALA D 1298 -28.65 18.18 36.69
C ALA D 1298 -27.56 17.12 36.77
N LYS D 1299 -26.50 17.26 35.96
CA LYS D 1299 -25.51 16.19 35.83
C LYS D 1299 -25.14 15.58 37.17
N ILE D 1300 -24.67 16.39 38.12
CA ILE D 1300 -24.03 15.88 39.33
C ILE D 1300 -25.03 15.60 40.45
N ILE D 1301 -26.32 15.77 40.20
CA ILE D 1301 -27.30 15.54 41.26
C ILE D 1301 -27.22 14.09 41.69
N GLY D 1302 -27.07 13.86 43.00
CA GLY D 1302 -26.98 12.53 43.55
C GLY D 1302 -28.18 12.20 44.42
N PRO D 1303 -28.52 10.91 44.51
CA PRO D 1303 -29.72 10.55 45.27
C PRO D 1303 -29.69 11.01 46.71
N HIS D 1304 -28.51 11.01 47.34
CA HIS D 1304 -28.44 11.47 48.73
C HIS D 1304 -28.99 12.88 48.87
N ASN D 1305 -28.74 13.75 47.90
CA ASN D 1305 -29.36 15.07 47.91
C ASN D 1305 -30.87 14.93 48.01
N LEU D 1306 -31.46 14.03 47.24
CA LEU D 1306 -32.88 13.75 47.38
C LEU D 1306 -33.17 13.18 48.76
N ARG D 1307 -32.33 12.25 49.23
CA ARG D 1307 -32.51 11.73 50.58
C ARG D 1307 -32.43 12.85 51.61
N ASP D 1308 -31.66 13.90 51.33
CA ASP D 1308 -31.56 15.01 52.26
C ASP D 1308 -32.85 15.84 52.25
N LEU D 1309 -33.63 15.77 51.19
CA LEU D 1309 -34.87 16.53 51.09
C LEU D 1309 -35.99 15.86 51.85
N ALA D 1310 -35.80 15.63 53.14
CA ALA D 1310 -36.81 14.96 53.97
C ALA D 1310 -37.93 15.97 54.22
N LEU D 1311 -38.83 16.07 53.25
CA LEU D 1311 -39.89 17.06 53.32
C LEU D 1311 -40.79 16.83 54.52
N GLY D 1312 -41.19 17.92 55.16
CA GLY D 1312 -42.22 17.83 56.17
C GLY D 1312 -43.58 17.55 55.54
N ASP D 1313 -44.50 17.06 56.37
CA ASP D 1313 -45.80 16.65 55.85
C ASP D 1313 -46.48 17.79 55.12
N GLU D 1314 -46.41 19.01 55.65
CA GLU D 1314 -47.04 20.13 54.97
C GLU D 1314 -46.50 20.28 53.55
N GLU D 1315 -45.19 20.21 53.38
CA GLU D 1315 -44.60 20.33 52.05
C GLU D 1315 -45.20 19.28 51.12
N SER D 1316 -44.91 18.01 51.40
CA SER D 1316 -45.26 16.94 50.48
C SER D 1316 -46.76 16.86 50.24
N LEU D 1317 -47.57 17.32 51.19
CA LEU D 1317 -49.01 17.21 51.02
C LEU D 1317 -49.61 18.39 50.26
N VAL D 1318 -49.25 19.63 50.61
CA VAL D 1318 -49.99 20.78 50.10
C VAL D 1318 -49.11 21.83 49.43
N LYS D 1319 -47.81 21.84 49.75
CA LYS D 1319 -46.97 22.93 49.26
C LYS D 1319 -46.59 22.75 47.79
N GLY D 1320 -46.39 21.51 47.34
CA GLY D 1320 -45.94 21.27 45.98
C GLY D 1320 -44.44 21.45 45.84
N ASN D 1321 -44.00 22.69 45.79
CA ASN D 1321 -42.58 22.96 45.86
C ASN D 1321 -42.09 22.88 47.30
N CYS D 1322 -40.81 22.58 47.46
CA CYS D 1322 -40.27 22.42 48.81
C CYS D 1322 -40.01 23.79 49.44
N SER D 1323 -39.82 23.78 50.75
CA SER D 1323 -39.56 25.02 51.47
C SER D 1323 -38.23 25.60 51.04
N ASP D 1324 -38.15 26.94 51.06
CA ASP D 1324 -36.96 27.61 50.58
C ASP D 1324 -35.70 27.12 51.30
N ILE D 1325 -35.80 26.86 52.59
CA ILE D 1325 -34.64 26.37 53.34
C ILE D 1325 -34.23 25.00 52.84
N ASN D 1326 -35.19 24.09 52.68
CA ASN D 1326 -34.88 22.78 52.13
C ASN D 1326 -34.33 22.91 50.72
N TYR D 1327 -34.98 23.75 49.90
CA TYR D 1327 -34.48 23.98 48.55
C TYR D 1327 -33.02 24.38 48.57
N ASN D 1328 -32.69 25.38 49.37
CA ASN D 1328 -31.31 25.80 49.51
C ASN D 1328 -30.44 24.62 49.90
N ARG D 1329 -30.60 24.13 51.13
CA ARG D 1329 -29.70 23.10 51.62
C ARG D 1329 -29.49 22.01 50.58
N PHE D 1330 -30.55 21.63 49.87
CA PHE D 1330 -30.41 20.62 48.83
C PHE D 1330 -29.51 21.09 47.71
N VAL D 1331 -29.67 22.35 47.28
CA VAL D 1331 -28.87 22.82 46.15
C VAL D 1331 -27.40 22.98 46.54
N GLU D 1332 -27.12 23.43 47.77
CA GLU D 1332 -25.72 23.41 48.20
C GLU D 1332 -25.20 21.99 48.33
N GLY D 1333 -26.05 21.05 48.74
CA GLY D 1333 -25.61 19.66 48.73
C GLY D 1333 -25.25 19.19 47.34
N CYS D 1334 -26.05 19.58 46.35
CA CYS D 1334 -25.75 19.23 44.97
C CYS D 1334 -24.43 19.85 44.54
N ARG D 1335 -24.19 21.10 44.94
CA ARG D 1335 -22.89 21.71 44.63
C ARG D 1335 -21.76 20.93 45.28
N ALA D 1336 -21.93 20.53 46.54
CA ALA D 1336 -20.92 19.74 47.22
C ALA D 1336 -20.69 18.40 46.54
N ASN D 1337 -21.71 17.87 45.87
CA ASN D 1337 -21.50 16.66 45.07
C ASN D 1337 -20.34 16.86 44.11
N GLY D 1338 -20.17 18.08 43.58
CA GLY D 1338 -19.04 18.36 42.74
C GLY D 1338 -17.72 18.09 43.42
N GLN D 1339 -17.69 18.14 44.74
CA GLN D 1339 -16.55 17.64 45.50
C GLN D 1339 -16.37 16.14 45.31
N SER D 1340 -17.27 15.51 44.56
CA SER D 1340 -17.08 14.17 44.05
C SER D 1340 -16.96 14.24 42.53
N PHE D 1341 -16.99 13.06 41.91
CA PHE D 1341 -16.59 12.87 40.51
C PHE D 1341 -17.57 13.54 39.57
N TYR D 1342 -17.11 14.58 38.85
CA TYR D 1342 -17.90 15.11 37.75
C TYR D 1342 -18.00 14.11 36.61
N ALA D 1343 -16.84 13.59 36.17
CA ALA D 1343 -16.79 12.82 34.93
C ALA D 1343 -17.15 11.35 35.14
N GLY D 1344 -16.38 10.65 35.96
CA GLY D 1344 -16.52 9.21 36.03
C GLY D 1344 -17.88 8.77 36.55
N ALA D 1345 -18.37 9.42 37.60
CA ALA D 1345 -19.60 9.00 38.25
C ALA D 1345 -20.78 9.72 37.62
N ASP D 1346 -21.68 8.94 37.02
CA ASP D 1346 -22.94 9.46 36.50
C ASP D 1346 -23.99 9.33 37.61
N PHE D 1347 -24.10 10.37 38.44
CA PHE D 1347 -25.01 10.31 39.57
C PHE D 1347 -26.46 10.20 39.13
N SER D 1348 -26.78 10.60 37.90
CA SER D 1348 -28.16 10.62 37.45
C SER D 1348 -28.71 9.23 37.19
N SER D 1349 -27.83 8.27 36.85
CA SER D 1349 -28.31 6.97 36.41
C SER D 1349 -29.24 6.33 37.44
N GLU D 1350 -28.80 6.27 38.70
CA GLU D 1350 -29.62 5.64 39.72
C GLU D 1350 -30.92 6.38 39.95
N VAL D 1351 -31.01 7.64 39.53
CA VAL D 1351 -32.15 8.49 39.83
C VAL D 1351 -32.92 8.90 38.59
N ASN D 1352 -32.43 8.56 37.40
CA ASN D 1352 -33.05 9.07 36.17
C ASN D 1352 -34.54 8.81 36.14
N PHE D 1353 -34.98 7.67 36.71
CA PHE D 1353 -36.40 7.36 36.67
C PHE D 1353 -37.24 8.44 37.31
N CYS D 1354 -36.68 9.15 38.29
CA CYS D 1354 -37.45 10.23 38.92
C CYS D 1354 -37.79 11.32 37.91
N VAL D 1355 -36.86 11.66 37.02
CA VAL D 1355 -37.12 12.66 36.01
C VAL D 1355 -37.71 12.05 34.74
N GLY D 1356 -37.86 10.73 34.68
CA GLY D 1356 -38.48 10.09 33.55
C GLY D 1356 -37.53 9.70 32.43
N LEU D 1357 -36.24 9.98 32.57
CA LEU D 1357 -35.28 9.55 31.57
C LEU D 1357 -34.91 8.09 31.77
N VAL D 1358 -34.76 7.37 30.67
CA VAL D 1358 -34.34 5.97 30.70
C VAL D 1358 -33.28 5.76 29.63
N THR D 1359 -32.43 4.76 29.85
CA THR D 1359 -31.38 4.39 28.92
C THR D 1359 -31.60 2.96 28.45
N ILE D 1360 -31.50 2.74 27.14
CA ILE D 1360 -31.83 1.44 26.56
C ILE D 1360 -30.75 1.03 25.58
N PRO D 1361 -30.31 -0.23 25.57
CA PRO D 1361 -29.37 -0.67 24.54
C PRO D 1361 -30.00 -0.62 23.17
N ASN D 1362 -29.15 -0.38 22.16
CA ASN D 1362 -29.66 -0.25 20.79
C ASN D 1362 -30.33 -1.55 20.33
N LYS D 1363 -29.71 -2.69 20.62
CA LYS D 1363 -30.25 -3.96 20.18
C LYS D 1363 -31.71 -4.08 20.58
N VAL D 1364 -32.05 -3.64 21.78
CA VAL D 1364 -33.44 -3.71 22.23
C VAL D 1364 -34.33 -2.89 21.31
N ILE D 1365 -33.88 -1.68 20.95
CA ILE D 1365 -34.70 -0.82 20.11
C ILE D 1365 -34.95 -1.50 18.76
N ALA D 1366 -33.87 -1.97 18.13
CA ALA D 1366 -34.04 -2.68 16.87
C ALA D 1366 -35.02 -3.83 17.04
N ASP D 1367 -34.82 -4.63 18.08
CA ASP D 1367 -35.64 -5.82 18.29
C ASP D 1367 -37.10 -5.45 18.44
N THR D 1368 -37.41 -4.36 19.13
CA THR D 1368 -38.79 -3.92 19.18
C THR D 1368 -39.30 -3.60 17.79
N LEU D 1369 -38.48 -3.00 16.93
CA LEU D 1369 -38.96 -2.74 15.58
C LEU D 1369 -39.33 -4.04 14.87
N GLU D 1370 -38.43 -5.04 14.92
CA GLU D 1370 -38.79 -6.30 14.29
C GLU D 1370 -40.03 -6.91 14.93
N ALA D 1371 -40.16 -6.79 16.25
CA ALA D 1371 -41.32 -7.40 16.90
C ALA D 1371 -42.61 -6.78 16.39
N LEU D 1372 -42.63 -5.45 16.26
CA LEU D 1372 -43.80 -4.80 15.69
C LEU D 1372 -44.08 -5.31 14.29
N LEU D 1373 -43.05 -5.37 13.45
CA LEU D 1373 -43.25 -5.88 12.11
C LEU D 1373 -43.80 -7.30 12.14
N GLY D 1374 -43.28 -8.13 13.04
CA GLY D 1374 -43.69 -9.51 13.08
C GLY D 1374 -45.14 -9.67 13.49
N VAL D 1375 -45.58 -8.91 14.48
CA VAL D 1375 -46.98 -9.00 14.87
C VAL D 1375 -47.87 -8.51 13.74
N ILE D 1376 -47.48 -7.43 13.07
CA ILE D 1376 -48.28 -6.96 11.94
C ILE D 1376 -48.38 -8.04 10.88
N VAL D 1377 -47.27 -8.71 10.59
CA VAL D 1377 -47.32 -9.83 9.65
C VAL D 1377 -48.31 -10.87 10.14
N LYS D 1378 -48.08 -11.40 11.33
CA LYS D 1378 -48.89 -12.50 11.83
C LYS D 1378 -50.37 -12.17 11.81
N ASN D 1379 -50.72 -10.91 11.97
CA ASN D 1379 -52.13 -10.55 12.07
C ASN D 1379 -52.76 -10.15 10.74
N TYR D 1380 -51.99 -9.59 9.81
CA TYR D 1380 -52.58 -9.01 8.61
C TYR D 1380 -51.89 -9.41 7.32
N GLY D 1381 -51.12 -10.49 7.31
CA GLY D 1381 -50.56 -10.98 6.06
C GLY D 1381 -49.53 -10.05 5.43
N LEU D 1382 -48.72 -10.62 4.55
CA LEU D 1382 -47.60 -9.87 3.98
C LEU D 1382 -48.07 -8.67 3.17
N GLN D 1383 -49.15 -8.85 2.41
CA GLN D 1383 -49.63 -7.76 1.56
C GLN D 1383 -49.79 -6.49 2.37
N HIS D 1384 -50.49 -6.57 3.50
CA HIS D 1384 -50.68 -5.40 4.33
C HIS D 1384 -49.42 -5.05 5.09
N ALA D 1385 -48.69 -6.06 5.58
CA ALA D 1385 -47.51 -5.79 6.39
C ALA D 1385 -46.47 -4.99 5.61
N PHE D 1386 -46.51 -5.05 4.28
CA PHE D 1386 -45.53 -4.32 3.50
C PHE D 1386 -45.63 -2.82 3.74
N LYS D 1387 -46.85 -2.29 3.81
CA LYS D 1387 -46.99 -0.84 3.98
C LYS D 1387 -46.33 -0.33 5.26
N MET D 1388 -46.12 -1.19 6.26
CA MET D 1388 -45.43 -0.74 7.46
C MET D 1388 -44.05 -0.22 7.13
N LEU D 1389 -43.36 -0.85 6.17
CA LEU D 1389 -42.06 -0.33 5.77
C LEU D 1389 -42.18 1.10 5.24
N GLU D 1390 -43.25 1.39 4.50
CA GLU D 1390 -43.50 2.78 4.14
C GLU D 1390 -43.69 3.62 5.38
N TYR D 1391 -44.46 3.11 6.36
CA TYR D 1391 -44.70 3.89 7.56
C TYR D 1391 -43.41 4.25 8.26
N PHE D 1392 -42.49 3.30 8.39
CA PHE D 1392 -41.23 3.54 9.06
C PHE D 1392 -40.20 4.17 8.13
N LYS D 1393 -40.54 4.40 6.87
CA LYS D 1393 -39.65 5.04 5.91
C LYS D 1393 -38.37 4.24 5.68
N ILE D 1394 -38.35 2.97 6.11
CA ILE D 1394 -37.18 2.14 5.87
C ILE D 1394 -36.99 1.90 4.38
N CYS D 1395 -38.09 1.65 3.66
CA CYS D 1395 -38.06 1.46 2.22
C CYS D 1395 -38.84 2.58 1.57
N ARG D 1396 -38.23 3.24 0.58
CA ARG D 1396 -38.86 4.38 -0.07
C ARG D 1396 -39.81 3.91 -1.16
N ALA D 1397 -41.02 4.46 -1.15
CA ALA D 1397 -42.04 4.11 -2.12
C ALA D 1397 -41.81 4.84 -3.43
N ASP D 1398 -42.62 4.49 -4.43
CA ASP D 1398 -42.59 5.15 -5.72
C ASP D 1398 -43.95 5.00 -6.38
N ILE D 1399 -44.27 5.94 -7.28
CA ILE D 1399 -45.54 5.87 -7.99
C ILE D 1399 -45.61 4.62 -8.85
N ASP D 1400 -44.50 4.24 -9.48
CA ASP D 1400 -44.51 3.11 -10.41
C ASP D 1400 -44.74 1.80 -9.69
N LYS D 1401 -44.10 1.60 -8.54
CA LYS D 1401 -44.06 0.31 -7.86
C LYS D 1401 -44.53 0.46 -6.41
N PRO D 1402 -45.83 0.47 -6.17
CA PRO D 1402 -46.31 0.53 -4.78
C PRO D 1402 -45.85 -0.68 -3.99
N LEU D 1403 -45.63 -0.47 -2.70
CA LEU D 1403 -45.05 -1.51 -1.87
C LEU D 1403 -45.92 -2.77 -1.83
N THR D 1404 -47.23 -2.60 -1.91
CA THR D 1404 -48.12 -3.76 -1.81
C THR D 1404 -47.88 -4.77 -2.92
N GLN D 1405 -47.21 -4.38 -4.00
CA GLN D 1405 -47.03 -5.24 -5.15
C GLN D 1405 -45.66 -5.91 -5.21
N LEU D 1406 -44.89 -5.85 -4.11
CA LEU D 1406 -43.63 -6.57 -4.10
C LEU D 1406 -43.80 -8.05 -4.36
N LEU D 1407 -44.93 -8.62 -3.94
CA LEU D 1407 -45.23 -10.01 -4.29
C LEU D 1407 -45.24 -10.20 -5.79
N ASN D 1408 -45.51 -9.16 -6.56
CA ASN D 1408 -45.52 -9.19 -8.02
C ASN D 1408 -44.17 -8.78 -8.58
N LEU D 1409 -43.09 -9.11 -7.87
CA LEU D 1409 -41.75 -8.77 -8.31
C LEU D 1409 -41.56 -9.10 -9.78
N GLU D 1410 -40.84 -8.25 -10.49
CA GLU D 1410 -40.46 -8.48 -11.87
C GLU D 1410 -38.95 -8.67 -11.92
N LEU D 1411 -38.52 -9.82 -12.42
CA LEU D 1411 -37.10 -10.02 -12.65
C LEU D 1411 -36.61 -9.01 -13.68
N GLY D 1412 -35.54 -8.30 -13.34
CA GLY D 1412 -35.16 -7.14 -14.11
C GLY D 1412 -33.79 -7.20 -14.75
N GLY D 1413 -33.35 -6.06 -15.27
CA GLY D 1413 -32.08 -5.96 -15.95
C GLY D 1413 -32.17 -6.48 -17.38
N LYS D 1414 -31.06 -6.29 -18.10
CA LYS D 1414 -30.92 -6.86 -19.43
C LYS D 1414 -30.49 -8.32 -19.37
N LYS D 1415 -30.09 -8.81 -18.20
CA LYS D 1415 -29.66 -10.19 -18.07
C LYS D 1415 -30.80 -11.15 -18.37
N MET D 1416 -32.04 -10.74 -18.07
CA MET D 1416 -33.19 -11.55 -18.43
C MET D 1416 -33.53 -11.35 -19.90
N ARG D 1417 -34.15 -12.37 -20.49
CA ARG D 1417 -34.64 -12.30 -21.86
C ARG D 1417 -36.02 -12.94 -21.90
N ALA D 1418 -36.86 -12.44 -22.81
CA ALA D 1418 -38.27 -12.76 -22.78
C ALA D 1418 -38.76 -13.58 -23.97
N ASN D 1419 -37.95 -13.75 -25.01
CA ASN D 1419 -38.47 -14.27 -26.27
C ASN D 1419 -37.64 -15.38 -26.91
N VAL D 1420 -36.58 -15.86 -26.27
CA VAL D 1420 -35.75 -16.89 -26.90
C VAL D 1420 -36.55 -18.17 -27.10
N ASN D 1421 -36.32 -18.83 -28.24
CA ASN D 1421 -37.02 -20.07 -28.54
C ASN D 1421 -36.62 -21.15 -27.54
N THR D 1422 -37.61 -21.91 -27.10
CA THR D 1422 -37.38 -22.88 -26.02
C THR D 1422 -36.42 -23.99 -26.43
N THR D 1423 -36.24 -24.23 -27.72
CA THR D 1423 -35.34 -25.30 -28.15
C THR D 1423 -33.90 -25.03 -27.68
N GLU D 1424 -33.45 -23.79 -27.83
CA GLU D 1424 -32.10 -23.45 -27.38
C GLU D 1424 -31.95 -23.71 -25.89
N ILE D 1425 -32.93 -23.32 -25.08
CA ILE D 1425 -32.87 -23.56 -23.65
C ILE D 1425 -32.83 -25.05 -23.37
N ASP D 1426 -33.73 -25.81 -23.99
CA ASP D 1426 -33.74 -27.25 -23.78
C ASP D 1426 -32.42 -27.88 -24.18
N GLY D 1427 -31.68 -27.24 -25.08
CA GLY D 1427 -30.32 -27.68 -25.38
C GLY D 1427 -29.46 -27.84 -24.14
N PHE D 1428 -29.85 -27.25 -23.02
CA PHE D 1428 -29.13 -27.40 -21.76
C PHE D 1428 -29.89 -28.21 -20.72
N LEU D 1429 -31.21 -28.29 -20.85
CA LEU D 1429 -32.04 -29.00 -19.87
C LEU D 1429 -32.22 -30.46 -20.27
N ILE D 1430 -31.09 -31.16 -20.40
CA ILE D 1430 -31.13 -32.58 -20.68
C ILE D 1430 -31.70 -33.31 -19.46
N ASN D 1431 -32.50 -34.34 -19.71
CA ASN D 1431 -33.23 -35.02 -18.65
C ASN D 1431 -34.04 -34.01 -17.83
N HIS D 1432 -34.63 -33.04 -18.54
CA HIS D 1432 -35.47 -32.04 -17.90
C HIS D 1432 -36.50 -32.70 -17.00
N TYR D 1433 -37.18 -33.73 -17.52
CA TYR D 1433 -38.18 -34.42 -16.74
C TYR D 1433 -37.58 -35.01 -15.47
N TYR D 1434 -36.40 -35.60 -15.58
CA TYR D 1434 -35.77 -36.19 -14.40
C TYR D 1434 -35.53 -35.15 -13.32
N LEU D 1435 -34.97 -34.01 -13.71
CA LEU D 1435 -34.69 -32.98 -12.73
C LEU D 1435 -35.97 -32.44 -12.10
N GLU D 1436 -37.01 -32.24 -12.90
CA GLU D 1436 -38.26 -31.78 -12.32
C GLU D 1436 -38.84 -32.81 -11.35
N LYS D 1437 -38.76 -34.09 -11.69
CA LYS D 1437 -39.27 -35.12 -10.80
C LYS D 1437 -38.50 -35.11 -9.49
N ASN D 1438 -37.18 -35.01 -9.55
CA ASN D 1438 -36.40 -34.97 -8.32
C ASN D 1438 -36.74 -33.74 -7.51
N LEU D 1439 -36.87 -32.59 -8.17
CA LEU D 1439 -37.24 -31.37 -7.47
C LEU D 1439 -38.66 -31.47 -6.92
N GLY D 1440 -39.58 -32.02 -7.70
CA GLY D 1440 -40.97 -32.08 -7.33
C GLY D 1440 -41.81 -30.96 -7.90
N TYR D 1441 -41.28 -30.19 -8.84
CA TYR D 1441 -42.03 -29.12 -9.49
C TYR D 1441 -41.88 -29.21 -10.99
N THR D 1442 -42.91 -28.77 -11.70
CA THR D 1442 -42.94 -28.78 -13.15
C THR D 1442 -42.90 -27.33 -13.64
N PHE D 1443 -41.93 -27.02 -14.49
CA PHE D 1443 -41.73 -25.65 -14.92
C PHE D 1443 -42.60 -25.33 -16.14
N LYS D 1444 -43.20 -24.14 -16.11
CA LYS D 1444 -43.88 -23.59 -17.29
C LYS D 1444 -42.92 -22.79 -18.16
N ASP D 1445 -42.12 -21.93 -17.55
CA ASP D 1445 -41.05 -21.23 -18.24
C ASP D 1445 -39.73 -21.76 -17.72
N ARG D 1446 -38.93 -22.33 -18.62
CA ARG D 1446 -37.71 -23.02 -18.21
C ARG D 1446 -36.51 -22.09 -18.10
N ARG D 1447 -36.58 -20.89 -18.65
CA ARG D 1447 -35.41 -20.02 -18.63
C ARG D 1447 -34.97 -19.72 -17.20
N TYR D 1448 -35.92 -19.63 -16.27
CA TYR D 1448 -35.57 -19.39 -14.89
C TYR D 1448 -34.70 -20.52 -14.35
N LEU D 1449 -35.07 -21.76 -14.63
CA LEU D 1449 -34.26 -22.88 -14.19
C LEU D 1449 -32.87 -22.85 -14.82
N LEU D 1450 -32.81 -22.53 -16.11
CA LEU D 1450 -31.52 -22.41 -16.77
C LEU D 1450 -30.64 -21.38 -16.07
N GLN D 1451 -31.19 -20.19 -15.80
CA GLN D 1451 -30.44 -19.20 -15.06
C GLN D 1451 -29.97 -19.76 -13.73
N ALA D 1452 -30.88 -20.42 -13.00
CA ALA D 1452 -30.54 -20.96 -11.70
C ALA D 1452 -29.34 -21.89 -11.79
N LEU D 1453 -29.29 -22.70 -12.84
CA LEU D 1453 -28.21 -23.67 -12.98
C LEU D 1453 -26.96 -23.09 -13.61
N THR D 1454 -26.94 -21.79 -13.89
CA THR D 1454 -25.83 -21.17 -14.61
C THR D 1454 -24.78 -20.68 -13.63
N HIS D 1455 -23.77 -21.48 -13.39
CA HIS D 1455 -22.63 -21.00 -12.62
C HIS D 1455 -21.88 -19.93 -13.42
N PRO D 1456 -21.35 -18.90 -12.75
CA PRO D 1456 -20.72 -17.80 -13.51
C PRO D 1456 -19.61 -18.25 -14.43
N SER D 1457 -18.84 -19.27 -14.06
CA SER D 1457 -17.71 -19.66 -14.89
C SER D 1457 -18.14 -20.19 -16.24
N TYR D 1458 -19.39 -20.62 -16.38
CA TYR D 1458 -19.81 -21.25 -17.62
C TYR D 1458 -19.85 -20.22 -18.73
N PRO D 1459 -19.08 -20.38 -19.81
CA PRO D 1459 -18.93 -19.30 -20.79
C PRO D 1459 -20.05 -19.22 -21.81
N THR D 1460 -20.56 -20.38 -22.25
CA THR D 1460 -21.38 -20.40 -23.45
C THR D 1460 -22.71 -19.70 -23.24
N ASN D 1461 -23.35 -19.90 -22.10
CA ASN D 1461 -24.71 -19.38 -21.91
C ASN D 1461 -24.70 -17.87 -22.06
N ARG D 1462 -25.39 -17.38 -23.08
CA ARG D 1462 -25.54 -15.94 -23.27
C ARG D 1462 -26.91 -15.45 -22.82
N ILE D 1463 -27.92 -16.32 -22.85
CA ILE D 1463 -29.31 -15.86 -22.76
C ILE D 1463 -29.78 -15.59 -21.34
N THR D 1464 -28.98 -15.90 -20.32
CA THR D 1464 -29.36 -15.63 -18.95
C THR D 1464 -28.14 -15.28 -18.12
N GLY D 1465 -28.37 -14.54 -17.05
CA GLY D 1465 -27.32 -14.23 -16.10
C GLY D 1465 -27.05 -15.40 -15.19
N SER D 1466 -26.05 -15.28 -14.32
CA SER D 1466 -25.70 -16.38 -13.44
C SER D 1466 -26.80 -16.61 -12.41
N TYR D 1467 -26.61 -17.66 -11.61
CA TYR D 1467 -27.57 -17.99 -10.57
C TYR D 1467 -27.63 -16.93 -9.47
N GLN D 1468 -26.60 -16.10 -9.35
CA GLN D 1468 -26.47 -15.27 -8.17
C GLN D 1468 -27.70 -14.40 -7.95
N GLU D 1469 -28.25 -13.82 -9.02
CA GLU D 1469 -29.44 -13.00 -8.88
C GLU D 1469 -30.57 -13.81 -8.25
N LEU D 1470 -30.86 -14.97 -8.83
CA LEU D 1470 -31.92 -15.81 -8.28
C LEU D 1470 -31.59 -16.26 -6.87
N GLU D 1471 -30.33 -16.63 -6.62
CA GLU D 1471 -29.94 -17.07 -5.29
C GLU D 1471 -30.20 -16.00 -4.25
N PHE D 1472 -29.99 -14.73 -4.61
CA PHE D 1472 -30.18 -13.66 -3.64
C PHE D 1472 -31.62 -13.65 -3.13
N ILE D 1473 -32.58 -13.74 -4.04
CA ILE D 1473 -33.98 -13.75 -3.63
C ILE D 1473 -34.32 -15.06 -2.92
N GLY D 1474 -33.76 -16.17 -3.42
CA GLY D 1474 -34.10 -17.46 -2.84
C GLY D 1474 -33.66 -17.58 -1.39
N ASN D 1475 -32.48 -17.05 -1.07
CA ASN D 1475 -32.03 -17.08 0.31
C ASN D 1475 -33.08 -16.48 1.23
N ALA D 1476 -33.52 -15.26 0.92
CA ALA D 1476 -34.49 -14.59 1.77
C ALA D 1476 -35.81 -15.34 1.80
N ILE D 1477 -36.28 -15.81 0.65
CA ILE D 1477 -37.59 -16.48 0.63
C ILE D 1477 -37.53 -17.73 1.50
N LEU D 1478 -36.47 -18.52 1.35
CA LEU D 1478 -36.32 -19.72 2.16
C LEU D 1478 -36.26 -19.37 3.64
N ASP D 1479 -35.45 -18.38 4.00
CA ASP D 1479 -35.34 -18.02 5.40
C ASP D 1479 -36.71 -17.66 5.96
N PHE D 1480 -37.44 -16.81 5.23
CA PHE D 1480 -38.74 -16.38 5.73
C PHE D 1480 -39.69 -17.55 5.87
N LEU D 1481 -39.75 -18.43 4.88
CA LEU D 1481 -40.71 -19.52 4.95
C LEU D 1481 -40.37 -20.48 6.08
N ILE D 1482 -39.09 -20.83 6.24
CA ILE D 1482 -38.71 -21.72 7.33
C ILE D 1482 -39.04 -21.08 8.67
N SER D 1483 -38.72 -19.80 8.82
CA SER D 1483 -39.01 -19.14 10.08
C SER D 1483 -40.51 -19.13 10.37
N ALA D 1484 -41.32 -18.86 9.36
CA ALA D 1484 -42.76 -18.83 9.58
C ALA D 1484 -43.28 -20.20 9.97
N TYR D 1485 -42.81 -21.24 9.29
CA TYR D 1485 -43.22 -22.59 9.66
C TYR D 1485 -42.86 -22.89 11.09
N ILE D 1486 -41.62 -22.57 11.48
CA ILE D 1486 -41.18 -22.85 12.84
C ILE D 1486 -42.05 -22.08 13.83
N PHE D 1487 -42.30 -20.81 13.54
CA PHE D 1487 -43.07 -19.99 14.46
C PHE D 1487 -44.46 -20.55 14.66
N GLU D 1488 -45.13 -20.94 13.57
CA GLU D 1488 -46.47 -21.50 13.71
C GLU D 1488 -46.42 -22.81 14.49
N ASN D 1489 -45.42 -23.65 14.25
CA ASN D 1489 -45.45 -25.00 14.79
C ASN D 1489 -44.73 -25.11 16.13
N ASN D 1490 -43.43 -24.80 16.16
CA ASN D 1490 -42.59 -25.11 17.32
C ASN D 1490 -42.80 -24.07 18.41
N THR D 1491 -44.03 -24.02 18.92
CA THR D 1491 -44.34 -23.09 19.99
C THR D 1491 -43.72 -23.49 21.31
N LYS D 1492 -43.46 -24.78 21.52
CA LYS D 1492 -42.98 -25.24 22.82
C LYS D 1492 -41.57 -24.72 23.09
N MET D 1493 -40.65 -24.90 22.15
CA MET D 1493 -39.25 -24.59 22.41
C MET D 1493 -39.05 -23.09 22.57
N ASN D 1494 -38.04 -22.73 23.37
CA ASN D 1494 -37.84 -21.34 23.75
C ASN D 1494 -37.29 -20.53 22.59
N PRO D 1495 -37.42 -19.20 22.65
CA PRO D 1495 -36.95 -18.37 21.53
C PRO D 1495 -35.48 -18.55 21.22
N GLY D 1496 -34.62 -18.74 22.21
CA GLY D 1496 -33.21 -18.98 21.90
C GLY D 1496 -33.02 -20.23 21.07
N ALA D 1497 -33.66 -21.33 21.50
CA ALA D 1497 -33.61 -22.55 20.70
C ALA D 1497 -34.27 -22.33 19.35
N LEU D 1498 -35.34 -21.54 19.30
CA LEU D 1498 -36.03 -21.30 18.05
C LEU D 1498 -35.11 -20.64 17.03
N THR D 1499 -34.39 -19.59 17.46
CA THR D 1499 -33.47 -18.94 16.55
C THR D 1499 -32.30 -19.83 16.21
N ASP D 1500 -31.82 -20.62 17.17
CA ASP D 1500 -30.75 -21.57 16.84
C ASP D 1500 -31.20 -22.52 15.74
N LEU D 1501 -32.40 -23.07 15.87
CA LEU D 1501 -32.92 -23.96 14.84
C LEU D 1501 -33.10 -23.24 13.51
N ARG D 1502 -33.63 -22.02 13.53
CA ARG D 1502 -33.80 -21.30 12.28
C ARG D 1502 -32.47 -21.14 11.58
N SER D 1503 -31.43 -20.78 12.32
CA SER D 1503 -30.10 -20.69 11.73
C SER D 1503 -29.65 -22.04 11.18
N ALA D 1504 -29.90 -23.10 11.94
CA ALA D 1504 -29.42 -24.42 11.52
C ALA D 1504 -30.06 -24.84 10.20
N LEU D 1505 -31.37 -24.68 10.07
CA LEU D 1505 -32.05 -25.11 8.85
C LEU D 1505 -31.60 -24.28 7.66
N VAL D 1506 -31.61 -22.95 7.80
CA VAL D 1506 -31.29 -22.06 6.70
C VAL D 1506 -29.77 -22.01 6.50
N ASN D 1507 -29.04 -22.74 7.33
CA ASN D 1507 -27.59 -22.76 7.19
C ASN D 1507 -27.20 -23.30 5.83
N ASN D 1508 -26.10 -22.78 5.29
CA ASN D 1508 -25.68 -23.18 3.95
C ASN D 1508 -25.40 -24.67 3.86
N THR D 1509 -24.72 -25.25 4.84
CA THR D 1509 -24.34 -26.65 4.76
C THR D 1509 -25.55 -27.56 4.70
N THR D 1510 -26.58 -27.24 5.48
CA THR D 1510 -27.80 -28.05 5.42
C THR D 1510 -28.41 -27.99 4.02
N LEU D 1511 -28.40 -26.82 3.40
CA LEU D 1511 -28.89 -26.72 2.03
C LEU D 1511 -28.04 -27.55 1.08
N ALA D 1512 -26.73 -27.57 1.28
CA ALA D 1512 -25.88 -28.40 0.44
C ALA D 1512 -26.24 -29.87 0.58
N CYS D 1513 -26.46 -30.31 1.82
CA CYS D 1513 -26.83 -31.71 2.04
C CYS D 1513 -28.16 -32.04 1.40
N ILE D 1514 -29.14 -31.15 1.53
CA ILE D 1514 -30.43 -31.39 0.89
C ILE D 1514 -30.25 -31.46 -0.63
N CYS D 1515 -29.40 -30.61 -1.18
CA CYS D 1515 -29.19 -30.61 -2.62
C CYS D 1515 -28.61 -31.94 -3.08
N VAL D 1516 -27.51 -32.36 -2.46
CA VAL D 1516 -26.86 -33.59 -2.91
C VAL D 1516 -27.78 -34.78 -2.69
N ARG D 1517 -28.45 -34.84 -1.53
CA ARG D 1517 -29.35 -35.96 -1.28
C ARG D 1517 -30.39 -36.09 -2.38
N HIS D 1518 -30.77 -34.98 -3.02
CA HIS D 1518 -31.70 -35.01 -4.13
C HIS D 1518 -31.00 -35.07 -5.47
N ARG D 1519 -29.68 -35.15 -5.49
CA ARG D 1519 -28.91 -35.34 -6.71
C ARG D 1519 -29.08 -34.19 -7.69
N LEU D 1520 -29.63 -33.05 -7.24
CA LEU D 1520 -29.80 -31.91 -8.12
C LEU D 1520 -28.47 -31.28 -8.50
N HIS D 1521 -27.40 -31.60 -7.79
CA HIS D 1521 -26.17 -30.83 -7.91
C HIS D 1521 -25.58 -30.90 -9.32
N PHE D 1522 -25.44 -32.12 -9.86
CA PHE D 1522 -24.63 -32.28 -11.06
C PHE D 1522 -25.29 -31.65 -12.28
N PHE D 1523 -26.55 -31.24 -12.19
CA PHE D 1523 -27.15 -30.48 -13.27
C PHE D 1523 -26.56 -29.09 -13.39
N ILE D 1524 -25.75 -28.66 -12.43
CA ILE D 1524 -25.18 -27.32 -12.47
C ILE D 1524 -24.37 -27.13 -13.75
N LEU D 1525 -24.61 -26.02 -14.42
CA LEU D 1525 -23.78 -25.61 -15.55
C LEU D 1525 -22.63 -24.76 -15.01
N ALA D 1526 -21.41 -25.29 -15.11
CA ALA D 1526 -20.25 -24.59 -14.59
C ALA D 1526 -19.04 -25.00 -15.41
N GLU D 1527 -17.96 -24.22 -15.28
CA GLU D 1527 -16.76 -24.44 -16.06
C GLU D 1527 -15.54 -24.72 -15.19
N ASN D 1528 -15.38 -23.98 -14.10
CA ASN D 1528 -14.15 -24.02 -13.33
C ASN D 1528 -13.89 -25.43 -12.80
N ALA D 1529 -12.65 -25.88 -12.93
CA ALA D 1529 -12.29 -27.24 -12.55
C ALA D 1529 -12.32 -27.43 -11.03
N LYS D 1530 -11.68 -26.52 -10.30
CA LYS D 1530 -11.58 -26.68 -8.85
C LYS D 1530 -12.94 -26.94 -8.24
N LEU D 1531 -13.96 -26.24 -8.71
CA LEU D 1531 -15.32 -26.48 -8.23
C LEU D 1531 -15.73 -27.92 -8.51
N SER D 1532 -15.40 -28.43 -9.69
CA SER D 1532 -15.75 -29.80 -10.02
C SER D 1532 -15.07 -30.77 -9.06
N GLU D 1533 -13.79 -30.59 -8.81
CA GLU D 1533 -13.07 -31.49 -7.90
C GLU D 1533 -13.71 -31.45 -6.53
N ILE D 1534 -13.99 -30.25 -6.01
CA ILE D 1534 -14.51 -30.13 -4.67
C ILE D 1534 -15.88 -30.77 -4.57
N ILE D 1535 -16.73 -30.54 -5.57
CA ILE D 1535 -18.06 -31.13 -5.53
C ILE D 1535 -17.96 -32.65 -5.60
N SER D 1536 -17.06 -33.18 -6.43
CA SER D 1536 -16.91 -34.62 -6.52
C SER D 1536 -16.48 -35.20 -5.18
N LYS D 1537 -15.49 -34.59 -4.54
CA LYS D 1537 -15.05 -35.10 -3.24
C LYS D 1537 -16.17 -35.01 -2.21
N PHE D 1538 -16.90 -33.89 -2.21
CA PHE D 1538 -17.97 -33.72 -1.24
C PHE D 1538 -19.06 -34.76 -1.43
N VAL D 1539 -19.44 -35.03 -2.69
CA VAL D 1539 -20.47 -36.02 -2.92
C VAL D 1539 -19.97 -37.40 -2.56
N ASN D 1540 -18.68 -37.68 -2.79
CA ASN D 1540 -18.12 -38.94 -2.32
C ASN D 1540 -18.32 -39.08 -0.81
N PHE D 1541 -17.96 -38.04 -0.07
CA PHE D 1541 -18.15 -38.10 1.38
C PHE D 1541 -19.62 -38.29 1.74
N GLN D 1542 -20.50 -37.57 1.07
CA GLN D 1542 -21.93 -37.66 1.40
C GLN D 1542 -22.45 -39.07 1.17
N GLU D 1543 -22.08 -39.69 0.06
CA GLU D 1543 -22.44 -41.08 -0.17
C GLU D 1543 -21.84 -41.97 0.90
N SER D 1544 -20.64 -41.64 1.38
CA SER D 1544 -20.07 -42.38 2.49
C SER D 1544 -20.95 -42.25 3.73
N GLN D 1545 -21.64 -41.12 3.88
CA GLN D 1545 -22.54 -40.90 5.01
C GLN D 1545 -23.99 -41.13 4.66
N GLY D 1546 -24.29 -41.62 3.46
CA GLY D 1546 -25.66 -41.93 3.10
C GLY D 1546 -26.58 -40.74 3.12
N HIS D 1547 -26.09 -39.57 2.71
CA HIS D 1547 -26.93 -38.38 2.59
C HIS D 1547 -27.65 -38.08 3.90
N ARG D 1548 -26.95 -38.26 5.01
CA ARG D 1548 -27.45 -37.93 6.33
C ARG D 1548 -26.72 -36.68 6.81
N VAL D 1549 -27.49 -35.68 7.23
CA VAL D 1549 -26.89 -34.45 7.73
C VAL D 1549 -26.14 -34.78 9.02
N THR D 1550 -24.84 -34.57 9.01
CA THR D 1550 -23.98 -34.97 10.12
C THR D 1550 -22.92 -33.90 10.34
N ASN D 1551 -21.96 -34.21 11.20
CA ASN D 1551 -20.78 -33.38 11.37
C ASN D 1551 -19.82 -33.66 10.24
N TYR D 1552 -19.24 -32.60 9.68
CA TYR D 1552 -18.51 -32.70 8.41
C TYR D 1552 -17.02 -32.79 8.70
N VAL D 1553 -16.58 -34.02 8.95
CA VAL D 1553 -15.18 -34.31 9.25
C VAL D 1553 -14.78 -35.57 8.52
N ARG D 1554 -13.55 -35.61 8.04
CA ARG D 1554 -12.96 -36.84 7.51
C ARG D 1554 -11.97 -37.37 8.54
N ILE D 1555 -12.31 -38.48 9.17
CA ILE D 1555 -11.52 -39.01 10.28
C ILE D 1555 -10.24 -39.57 9.67
N LEU D 1556 -9.17 -38.78 9.68
CA LEU D 1556 -7.97 -39.19 8.96
C LEU D 1556 -7.13 -40.19 9.73
N LEU D 1557 -7.44 -40.45 11.00
CA LEU D 1557 -6.72 -41.49 11.74
C LEU D 1557 -7.45 -41.78 13.04
N GLU D 1558 -7.67 -43.07 13.31
CA GLU D 1558 -8.27 -43.50 14.56
C GLU D 1558 -9.61 -42.81 14.78
N VAL D 1593 -13.89 -47.22 6.51
CA VAL D 1593 -13.35 -47.32 7.86
C VAL D 1593 -12.08 -46.49 7.97
N PRO D 1594 -12.04 -45.53 8.90
CA PRO D 1594 -10.82 -44.74 9.06
C PRO D 1594 -9.66 -45.62 9.42
N PRO D 1595 -8.46 -45.32 8.90
CA PRO D 1595 -7.29 -46.10 9.28
C PRO D 1595 -6.95 -45.89 10.76
N LYS D 1596 -6.25 -46.88 11.31
CA LYS D 1596 -5.65 -46.78 12.63
C LYS D 1596 -4.21 -46.31 12.48
N GLY D 1597 -3.66 -45.77 13.56
CA GLY D 1597 -2.28 -45.32 13.50
C GLY D 1597 -1.88 -44.53 14.73
N GLU D 1598 -0.88 -43.67 14.54
CA GLU D 1598 -0.17 -43.06 15.64
C GLU D 1598 -0.99 -41.98 16.35
N PHE D 1599 -2.03 -41.45 15.72
CA PHE D 1599 -2.69 -40.27 16.25
C PHE D 1599 -4.17 -40.31 15.93
N ASN D 1600 -4.86 -39.28 16.38
CA ASN D 1600 -6.28 -39.07 16.11
C ASN D 1600 -6.38 -37.75 15.37
N MET D 1601 -6.37 -37.81 14.04
CA MET D 1601 -6.26 -36.63 13.19
C MET D 1601 -7.54 -36.46 12.39
N SER D 1602 -7.86 -35.21 12.06
CA SER D 1602 -9.11 -34.89 11.41
C SER D 1602 -8.97 -33.58 10.66
N THR D 1603 -9.95 -33.31 9.80
CA THR D 1603 -10.00 -32.06 9.07
C THR D 1603 -11.43 -31.79 8.64
N ASN D 1604 -11.70 -30.54 8.30
CA ASN D 1604 -13.05 -30.14 7.93
C ASN D 1604 -13.32 -30.44 6.47
N VAL D 1605 -14.46 -31.08 6.20
CA VAL D 1605 -14.87 -31.33 4.82
C VAL D 1605 -15.12 -29.99 4.14
N ASP D 1606 -14.62 -29.83 2.93
CA ASP D 1606 -14.70 -28.55 2.23
C ASP D 1606 -16.04 -28.38 1.52
N VAL D 1607 -17.11 -28.21 2.29
CA VAL D 1607 -18.43 -28.00 1.71
C VAL D 1607 -18.39 -26.78 0.79
N PRO D 1608 -18.52 -26.94 -0.52
CA PRO D 1608 -18.50 -25.78 -1.41
C PRO D 1608 -19.84 -25.05 -1.38
N LYS D 1609 -19.78 -23.72 -1.29
CA LYS D 1609 -20.99 -22.93 -1.16
C LYS D 1609 -21.87 -23.02 -2.40
N ALA D 1610 -21.29 -23.41 -3.53
CA ALA D 1610 -22.05 -23.41 -4.78
C ALA D 1610 -23.31 -24.24 -4.66
N LEU D 1611 -23.26 -25.34 -3.91
CA LEU D 1611 -24.40 -26.24 -3.84
C LEU D 1611 -25.59 -25.54 -3.18
N GLY D 1612 -25.39 -24.98 -2.00
CA GLY D 1612 -26.46 -24.24 -1.36
C GLY D 1612 -26.92 -23.08 -2.20
N ASP D 1613 -25.97 -22.39 -2.83
CA ASP D 1613 -26.33 -21.30 -3.72
C ASP D 1613 -27.32 -21.76 -4.78
N VAL D 1614 -27.00 -22.85 -5.46
CA VAL D 1614 -27.85 -23.31 -6.55
C VAL D 1614 -29.19 -23.76 -6.01
N LEU D 1615 -29.20 -24.42 -4.84
CA LEU D 1615 -30.48 -24.88 -4.33
C LEU D 1615 -31.39 -23.69 -4.03
N GLU D 1616 -30.85 -22.66 -3.39
CA GLU D 1616 -31.65 -21.46 -3.16
C GLU D 1616 -32.10 -20.85 -4.48
N ALA D 1617 -31.23 -20.88 -5.49
CA ALA D 1617 -31.61 -20.34 -6.78
C ALA D 1617 -32.78 -21.10 -7.38
N LEU D 1618 -32.76 -22.42 -7.29
CA LEU D 1618 -33.89 -23.21 -7.76
C LEU D 1618 -35.16 -22.85 -7.00
N ILE D 1619 -35.06 -22.67 -5.69
CA ILE D 1619 -36.27 -22.32 -4.95
C ILE D 1619 -36.80 -20.98 -5.43
N ALA D 1620 -35.91 -20.01 -5.65
CA ALA D 1620 -36.35 -18.72 -6.15
C ALA D 1620 -37.01 -18.86 -7.52
N ALA D 1621 -36.43 -19.68 -8.39
CA ALA D 1621 -36.99 -19.87 -9.71
C ALA D 1621 -38.37 -20.52 -9.62
N VAL D 1622 -38.52 -21.49 -8.71
CA VAL D 1622 -39.82 -22.11 -8.53
C VAL D 1622 -40.84 -21.08 -8.11
N TYR D 1623 -40.47 -20.22 -7.16
CA TYR D 1623 -41.39 -19.17 -6.75
C TYR D 1623 -41.77 -18.31 -7.94
N LEU D 1624 -40.79 -17.88 -8.73
CA LEU D 1624 -41.07 -17.00 -9.84
C LEU D 1624 -41.97 -17.66 -10.87
N ASP D 1625 -41.71 -18.92 -11.18
CA ASP D 1625 -42.52 -19.61 -12.18
C ASP D 1625 -43.94 -19.81 -11.67
N CYS D 1626 -44.09 -20.35 -10.47
CA CYS D 1626 -45.44 -20.59 -9.94
C CYS D 1626 -46.09 -19.30 -9.49
N ARG D 1627 -45.32 -18.37 -8.95
CA ARG D 1627 -45.85 -17.13 -8.40
C ARG D 1627 -46.91 -17.44 -7.33
N ASP D 1628 -46.66 -18.48 -6.55
CA ASP D 1628 -47.61 -18.93 -5.53
C ASP D 1628 -46.81 -19.36 -4.31
N LEU D 1629 -46.79 -18.53 -3.28
CA LEU D 1629 -46.02 -18.85 -2.09
C LEU D 1629 -46.50 -20.15 -1.47
N GLN D 1630 -47.78 -20.48 -1.60
CA GLN D 1630 -48.26 -21.75 -1.07
C GLN D 1630 -47.59 -22.91 -1.79
N ARG D 1631 -47.57 -22.88 -3.13
CA ARG D 1631 -46.94 -23.95 -3.88
C ARG D 1631 -45.44 -24.03 -3.58
N THR D 1632 -44.78 -22.88 -3.48
CA THR D 1632 -43.37 -22.87 -3.15
C THR D 1632 -43.13 -23.50 -1.79
N TRP D 1633 -44.00 -23.18 -0.82
CA TRP D 1633 -43.89 -23.77 0.50
C TRP D 1633 -44.09 -25.28 0.43
N GLU D 1634 -45.03 -25.72 -0.39
CA GLU D 1634 -45.21 -27.15 -0.61
C GLU D 1634 -43.90 -27.78 -1.06
N VAL D 1635 -43.26 -27.16 -2.06
CA VAL D 1635 -42.03 -27.73 -2.60
C VAL D 1635 -40.95 -27.76 -1.53
N ILE D 1636 -40.80 -26.67 -0.78
CA ILE D 1636 -39.75 -26.61 0.23
C ILE D 1636 -39.97 -27.68 1.28
N PHE D 1637 -41.20 -27.82 1.75
CA PHE D 1637 -41.49 -28.85 2.75
C PHE D 1637 -41.22 -30.23 2.20
N ASN D 1638 -41.61 -30.47 0.94
CA ASN D 1638 -41.34 -31.77 0.33
C ASN D 1638 -39.85 -32.04 0.28
N LEU D 1639 -39.03 -30.99 0.17
CA LEU D 1639 -37.59 -31.18 0.18
C LEU D 1639 -37.05 -31.38 1.59
N PHE D 1640 -37.68 -30.77 2.59
CA PHE D 1640 -37.07 -30.61 3.90
C PHE D 1640 -37.65 -31.53 4.97
N GLU D 1641 -38.71 -32.29 4.68
CA GLU D 1641 -39.32 -33.13 5.71
C GLU D 1641 -38.29 -33.79 6.61
N PRO D 1642 -37.28 -34.49 6.11
CA PRO D 1642 -36.40 -35.23 7.03
C PRO D 1642 -35.69 -34.32 8.02
N GLU D 1643 -35.05 -33.26 7.53
CA GLU D 1643 -34.31 -32.38 8.44
C GLU D 1643 -35.24 -31.57 9.32
N LEU D 1644 -36.38 -31.13 8.79
CA LEU D 1644 -37.36 -30.45 9.62
C LEU D 1644 -37.75 -31.32 10.81
N GLN D 1645 -38.13 -32.57 10.56
CA GLN D 1645 -38.50 -33.45 11.64
C GLN D 1645 -37.32 -33.73 12.54
N GLU D 1646 -36.13 -33.91 11.97
CA GLU D 1646 -34.98 -34.32 12.76
C GLU D 1646 -34.56 -33.24 13.74
N PHE D 1647 -34.38 -32.00 13.25
CA PHE D 1647 -33.85 -30.95 14.12
C PHE D 1647 -34.87 -30.49 15.13
N THR D 1648 -36.16 -30.53 14.81
CA THR D 1648 -37.16 -30.28 15.83
C THR D 1648 -36.99 -31.22 17.01
N ARG D 1649 -36.44 -32.41 16.79
CA ARG D 1649 -36.14 -33.34 17.86
C ARG D 1649 -34.77 -33.09 18.48
N LYS D 1650 -33.87 -32.41 17.78
CA LYS D 1650 -32.57 -32.07 18.35
C LYS D 1650 -31.96 -30.95 17.53
N VAL D 1651 -31.78 -29.78 18.13
CA VAL D 1651 -31.31 -28.60 17.43
C VAL D 1651 -29.78 -28.67 17.35
N PRO D 1652 -29.19 -28.67 16.15
CA PRO D 1652 -27.73 -28.56 16.06
C PRO D 1652 -27.25 -27.13 16.23
N ILE D 1653 -26.66 -26.83 17.37
CA ILE D 1653 -25.99 -25.56 17.60
C ILE D 1653 -24.56 -25.68 17.12
N ASN D 1654 -23.87 -24.55 16.96
CA ASN D 1654 -22.49 -24.61 16.47
C ASN D 1654 -21.66 -25.50 17.38
N HIS D 1655 -20.74 -26.23 16.76
CA HIS D 1655 -20.12 -27.38 17.43
C HIS D 1655 -19.29 -26.96 18.64
N ILE D 1656 -18.58 -25.84 18.57
CA ILE D 1656 -17.74 -25.46 19.70
C ILE D 1656 -18.61 -25.23 20.94
N ARG D 1657 -19.72 -24.51 20.77
CA ARG D 1657 -20.61 -24.28 21.89
C ARG D 1657 -21.19 -25.59 22.41
N GLN D 1658 -21.58 -26.48 21.49
CA GLN D 1658 -22.17 -27.73 21.91
C GLN D 1658 -21.19 -28.54 22.75
N LEU D 1659 -19.92 -28.63 22.31
CA LEU D 1659 -18.93 -29.33 23.10
C LEU D 1659 -18.70 -28.64 24.43
N VAL D 1660 -18.57 -27.32 24.42
CA VAL D 1660 -18.40 -26.59 25.66
C VAL D 1660 -19.61 -26.81 26.57
N GLU D 1661 -20.81 -26.69 26.01
CA GLU D 1661 -22.02 -26.90 26.78
C GLU D 1661 -22.18 -28.33 27.26
N HIS D 1662 -21.38 -29.26 26.75
CA HIS D 1662 -21.44 -30.63 27.25
C HIS D 1662 -21.12 -30.65 28.73
N LYS D 1663 -21.87 -31.47 29.47
CA LYS D 1663 -21.74 -31.48 30.92
C LYS D 1663 -20.43 -32.12 31.37
N HIS D 1664 -20.04 -33.23 30.74
CA HIS D 1664 -18.92 -34.03 31.20
C HIS D 1664 -17.71 -33.95 30.27
N ALA D 1665 -17.80 -33.21 29.17
CA ALA D 1665 -16.70 -33.19 28.22
C ALA D 1665 -15.47 -32.51 28.80
N LYS D 1666 -15.65 -31.32 29.38
CA LYS D 1666 -14.53 -30.53 29.88
C LYS D 1666 -13.44 -30.47 28.81
N PRO D 1667 -13.68 -29.75 27.72
CA PRO D 1667 -12.68 -29.70 26.64
C PRO D 1667 -11.65 -28.61 26.87
N VAL D 1668 -10.40 -28.94 26.60
CA VAL D 1668 -9.29 -27.99 26.67
C VAL D 1668 -8.50 -28.06 25.38
N PHE D 1669 -8.14 -26.90 24.85
CA PHE D 1669 -7.55 -26.77 23.53
C PHE D 1669 -6.21 -26.09 23.62
N SER D 1670 -5.25 -26.57 22.83
CA SER D 1670 -3.93 -25.97 22.82
C SER D 1670 -3.93 -24.70 21.98
N SER D 1671 -2.75 -24.07 21.91
CA SER D 1671 -2.58 -22.92 21.05
C SER D 1671 -2.48 -23.39 19.59
N PRO D 1672 -2.88 -22.54 18.65
CA PRO D 1672 -2.69 -22.90 17.24
C PRO D 1672 -1.21 -22.94 16.88
N ILE D 1673 -0.84 -23.97 16.13
CA ILE D 1673 0.53 -24.18 15.68
C ILE D 1673 0.55 -24.14 14.17
N VAL D 1674 1.41 -23.29 13.61
CA VAL D 1674 1.40 -23.00 12.18
C VAL D 1674 2.73 -23.43 11.60
N GLU D 1675 2.66 -24.32 10.61
CA GLU D 1675 3.80 -24.67 9.78
C GLU D 1675 3.34 -24.64 8.33
N GLY D 1676 4.06 -23.91 7.50
CA GLY D 1676 3.59 -23.73 6.14
C GLY D 1676 2.20 -23.16 6.14
N GLU D 1677 1.31 -23.78 5.36
CA GLU D 1677 -0.08 -23.32 5.33
C GLU D 1677 -0.89 -23.94 6.47
N THR D 1678 -0.64 -25.21 6.77
CA THR D 1678 -1.52 -25.94 7.67
C THR D 1678 -1.38 -25.44 9.10
N VAL D 1679 -2.41 -25.71 9.90
CA VAL D 1679 -2.47 -25.32 11.30
C VAL D 1679 -3.01 -26.52 12.08
N MET D 1680 -2.68 -26.58 13.36
CA MET D 1680 -3.26 -27.57 14.26
C MET D 1680 -4.06 -26.89 15.36
N VAL D 1681 -5.05 -27.61 15.87
CA VAL D 1681 -5.69 -27.28 17.13
C VAL D 1681 -5.88 -28.57 17.89
N SER D 1682 -4.96 -28.88 18.80
CA SER D 1682 -5.08 -30.11 19.58
C SER D 1682 -6.08 -29.91 20.71
N CYS D 1683 -6.99 -30.86 20.84
CA CYS D 1683 -8.03 -30.81 21.86
C CYS D 1683 -7.89 -32.01 22.78
N GLN D 1684 -7.98 -31.75 24.08
CA GLN D 1684 -7.96 -32.80 25.10
C GLN D 1684 -9.31 -32.82 25.80
N PHE D 1685 -9.87 -34.01 25.94
CA PHE D 1685 -11.16 -34.20 26.60
C PHE D 1685 -11.18 -35.56 27.27
N THR D 1686 -12.07 -35.73 28.23
CA THR D 1686 -12.17 -36.94 29.01
C THR D 1686 -13.48 -37.65 28.70
N CYS D 1687 -13.40 -38.97 28.52
CA CYS D 1687 -14.59 -39.78 28.22
C CYS D 1687 -14.50 -41.06 29.05
N MET D 1688 -15.57 -41.38 29.77
CA MET D 1688 -15.57 -42.48 30.73
C MET D 1688 -14.35 -42.41 31.64
N GLU D 1689 -14.11 -41.21 32.18
CA GLU D 1689 -12.97 -40.98 33.06
C GLU D 1689 -11.63 -41.25 32.35
N LYS D 1690 -11.65 -41.39 31.04
CA LYS D 1690 -10.46 -41.73 30.28
C LYS D 1690 -10.08 -40.55 29.39
N THR D 1691 -8.81 -40.16 29.44
CA THR D 1691 -8.33 -39.01 28.70
C THR D 1691 -8.13 -39.39 27.24
N ILE D 1692 -8.63 -38.53 26.35
CA ILE D 1692 -8.53 -38.73 24.91
C ILE D 1692 -8.03 -37.44 24.30
N LYS D 1693 -6.98 -37.54 23.49
CA LYS D 1693 -6.42 -36.39 22.79
C LYS D 1693 -6.66 -36.52 21.30
N VAL D 1694 -6.96 -35.40 20.65
CA VAL D 1694 -7.27 -35.37 19.24
C VAL D 1694 -6.58 -34.17 18.62
N TYR D 1695 -6.73 -34.03 17.30
CA TYR D 1695 -6.14 -32.93 16.56
C TYR D 1695 -7.15 -32.38 15.56
N GLY D 1696 -6.91 -31.13 15.16
CA GLY D 1696 -7.64 -30.53 14.08
C GLY D 1696 -6.67 -29.96 13.05
N PHE D 1697 -7.19 -29.69 11.87
CA PHE D 1697 -6.40 -29.11 10.80
C PHE D 1697 -7.29 -28.24 9.93
N GLY D 1698 -6.66 -27.33 9.22
CA GLY D 1698 -7.41 -26.45 8.34
C GLY D 1698 -6.54 -25.31 7.85
N SER D 1699 -7.15 -24.44 7.05
CA SER D 1699 -6.42 -23.34 6.45
C SER D 1699 -6.10 -22.24 7.44
N ASN D 1700 -6.81 -22.16 8.56
CA ASN D 1700 -6.58 -21.11 9.55
C ASN D 1700 -6.90 -21.66 10.93
N LYS D 1701 -6.81 -20.80 11.93
CA LYS D 1701 -7.10 -21.21 13.30
C LYS D 1701 -8.52 -21.74 13.43
N ASP D 1702 -9.48 -21.02 12.85
CA ASP D 1702 -10.88 -21.41 13.01
C ASP D 1702 -11.13 -22.79 12.43
N GLN D 1703 -10.55 -23.08 11.28
CA GLN D 1703 -10.83 -24.37 10.64
C GLN D 1703 -10.31 -25.52 11.48
N ALA D 1704 -9.06 -25.45 11.93
CA ALA D 1704 -8.52 -26.52 12.76
C ALA D 1704 -9.30 -26.64 14.06
N LYS D 1705 -9.63 -25.50 14.67
CA LYS D 1705 -10.44 -25.52 15.88
C LYS D 1705 -11.74 -26.27 15.64
N LEU D 1706 -12.46 -25.92 14.59
CA LEU D 1706 -13.75 -26.53 14.33
C LEU D 1706 -13.60 -28.01 14.03
N SER D 1707 -12.56 -28.38 13.28
CA SER D 1707 -12.35 -29.79 12.97
C SER D 1707 -12.10 -30.58 14.25
N ALA D 1708 -11.26 -30.06 15.13
CA ALA D 1708 -11.01 -30.76 16.38
C ALA D 1708 -12.28 -30.89 17.20
N ALA D 1709 -13.06 -29.81 17.28
CA ALA D 1709 -14.31 -29.87 18.05
C ALA D 1709 -15.26 -30.90 17.46
N LYS D 1710 -15.38 -30.94 16.14
CA LYS D 1710 -16.24 -31.91 15.50
C LYS D 1710 -15.77 -33.32 15.78
N HIS D 1711 -14.45 -33.55 15.70
CA HIS D 1711 -13.93 -34.88 15.94
C HIS D 1711 -14.22 -35.34 17.36
N ALA D 1712 -14.02 -34.44 18.32
CA ALA D 1712 -14.31 -34.79 19.70
C ALA D 1712 -15.79 -35.07 19.89
N LEU D 1713 -16.65 -34.26 19.27
CA LEU D 1713 -18.08 -34.53 19.38
C LEU D 1713 -18.43 -35.88 18.80
N GLN D 1714 -17.81 -36.24 17.68
CA GLN D 1714 -18.06 -37.55 17.09
C GLN D 1714 -17.66 -38.66 18.05
N GLN D 1715 -16.47 -38.55 18.65
CA GLN D 1715 -16.03 -39.58 19.59
C GLN D 1715 -16.98 -39.68 20.78
N LEU D 1716 -17.36 -38.52 21.34
CA LEU D 1716 -18.22 -38.51 22.51
C LEU D 1716 -19.58 -39.13 22.18
N SER D 1717 -20.16 -38.78 21.04
CA SER D 1717 -21.42 -39.36 20.63
C SER D 1717 -21.31 -40.86 20.43
N LYS D 1718 -20.21 -41.32 19.82
CA LYS D 1718 -20.00 -42.75 19.69
C LYS D 1718 -20.01 -43.41 21.06
N CYS D 1719 -19.32 -42.81 22.03
CA CYS D 1719 -19.23 -43.42 23.35
C CYS D 1719 -20.55 -43.37 24.11
N ASP D 1720 -21.40 -42.38 23.85
CA ASP D 1720 -22.68 -42.30 24.55
C ASP D 1720 -23.65 -43.37 24.08
N ALA D 1721 -23.77 -43.58 22.77
CA ALA D 1721 -24.70 -44.57 22.24
C ALA D 1721 -24.26 -45.97 22.62
N MET F 1 11.04 -35.96 35.74
CA MET F 1 10.63 -36.20 34.34
C MET F 1 11.07 -35.03 33.45
N GLU F 2 11.56 -35.36 32.26
CA GLU F 2 12.18 -34.36 31.40
C GLU F 2 12.12 -34.83 29.95
N GLU F 3 12.35 -33.89 29.04
CA GLU F 3 12.34 -34.15 27.61
C GLU F 3 13.67 -33.72 27.01
N SER F 4 13.83 -33.95 25.71
CA SER F 4 15.07 -33.63 25.02
C SER F 4 14.76 -33.13 23.61
N MET F 5 15.82 -32.75 22.90
CA MET F 5 15.69 -32.27 21.52
C MET F 5 15.05 -33.31 20.61
N GLU F 6 15.37 -34.58 20.78
CA GLU F 6 14.96 -35.59 19.80
C GLU F 6 13.44 -35.68 19.73
N GLU F 7 12.79 -35.97 20.86
CA GLU F 7 11.34 -35.97 20.90
C GLU F 7 10.79 -34.70 20.27
N LEU F 8 11.33 -33.56 20.69
CA LEU F 8 10.77 -32.30 20.26
C LEU F 8 10.72 -32.23 18.75
N GLU F 9 11.90 -32.23 18.11
CA GLU F 9 11.96 -32.02 16.67
C GLU F 9 11.25 -33.13 15.93
N ALA F 10 11.47 -34.37 16.36
CA ALA F 10 10.85 -35.50 15.68
C ALA F 10 9.35 -35.34 15.60
N LEU F 11 8.69 -35.09 16.73
CA LEU F 11 7.23 -35.00 16.71
C LEU F 11 6.76 -33.72 16.01
N ARG F 12 7.42 -32.59 16.29
CA ARG F 12 7.04 -31.35 15.62
C ARG F 12 6.99 -31.55 14.10
N ARG F 13 8.04 -32.13 13.53
CA ARG F 13 8.05 -32.37 12.10
C ARG F 13 7.05 -33.44 11.71
N LYS F 14 6.98 -34.52 12.48
CA LYS F 14 6.31 -35.72 12.02
C LYS F 14 4.80 -35.56 12.01
N LYS F 15 4.24 -34.83 12.95
CA LYS F 15 2.79 -34.65 12.94
C LYS F 15 2.35 -34.01 11.63
N PHE F 16 2.99 -32.90 11.26
CA PHE F 16 2.68 -32.27 9.99
C PHE F 16 3.03 -33.18 8.82
N THR F 17 4.14 -33.90 8.91
CA THR F 17 4.52 -34.78 7.81
C THR F 17 3.43 -35.82 7.54
N THR F 18 2.96 -36.47 8.59
CA THR F 18 1.90 -37.45 8.44
C THR F 18 0.61 -36.81 7.96
N TYR F 19 0.27 -35.61 8.45
CA TYR F 19 -0.94 -34.97 7.96
C TYR F 19 -0.85 -34.72 6.47
N TRP F 20 0.27 -34.18 6.01
CA TRP F 20 0.43 -33.92 4.58
C TRP F 20 0.38 -35.22 3.80
N GLU F 21 1.03 -36.26 4.31
CA GLU F 21 1.04 -37.53 3.60
C GLU F 21 -0.37 -38.07 3.43
N LEU F 22 -1.17 -38.03 4.49
CA LEU F 22 -2.55 -38.49 4.39
C LEU F 22 -3.35 -37.59 3.45
N LYS F 23 -3.11 -36.29 3.48
CA LYS F 23 -3.84 -35.38 2.61
C LYS F 23 -3.56 -35.67 1.14
N GLU F 24 -2.29 -35.96 0.82
CA GLU F 24 -1.85 -36.14 -0.56
C GLU F 24 -1.54 -37.58 -0.94
N ALA F 25 -0.79 -38.30 -0.11
CA ALA F 25 -0.18 -39.57 -0.47
C ALA F 25 1.04 -39.31 -1.36
N GLY F 26 1.22 -38.07 -1.78
CA GLY F 26 2.46 -37.63 -2.36
C GLY F 26 3.01 -36.49 -1.53
N SER F 27 4.03 -35.80 -2.00
CA SER F 27 4.59 -34.67 -1.26
C SER F 27 5.32 -35.13 -0.01
N VAL F 28 5.36 -36.44 0.22
CA VAL F 28 6.19 -37.00 1.27
C VAL F 28 7.44 -37.57 0.60
N ASP F 29 8.61 -37.15 1.11
CA ASP F 29 9.86 -37.54 0.47
C ASP F 29 10.89 -38.02 1.49
N HIS F 30 10.50 -38.87 2.44
CA HIS F 30 11.39 -39.26 3.52
C HIS F 30 12.44 -40.25 3.05
N THR F 31 12.58 -40.43 1.74
CA THR F 31 13.71 -41.19 1.22
C THR F 31 15.01 -40.54 1.68
N GLY F 32 15.75 -41.25 2.52
CA GLY F 32 16.90 -40.66 3.17
C GLY F 32 18.07 -40.49 2.23
N MET F 33 17.90 -39.67 1.20
CA MET F 33 18.97 -39.44 0.23
C MET F 33 18.74 -38.12 -0.48
N ARG F 34 19.82 -37.60 -1.07
CA ARG F 34 19.80 -36.29 -1.69
C ARG F 34 18.88 -36.29 -2.91
N LEU F 35 18.29 -35.12 -3.19
CA LEU F 35 17.56 -34.95 -4.44
C LEU F 35 18.48 -35.11 -5.63
N CYS F 36 19.68 -34.55 -5.56
CA CYS F 36 20.64 -34.67 -6.65
C CYS F 36 20.97 -36.11 -6.95
N ASP F 37 20.63 -37.02 -6.05
CA ASP F 37 20.96 -38.42 -6.20
C ASP F 37 19.71 -39.28 -6.22
N ARG F 38 18.52 -38.69 -6.02
CA ARG F 38 17.40 -39.49 -5.51
C ARG F 38 17.10 -40.68 -6.42
N HIS F 39 17.58 -40.65 -7.66
CA HIS F 39 17.27 -41.71 -8.62
C HIS F 39 17.81 -43.06 -8.20
N ASN F 40 18.95 -43.12 -7.51
CA ASN F 40 19.58 -44.41 -7.23
C ASN F 40 18.81 -45.22 -6.21
N TYR F 41 17.71 -44.68 -5.68
CA TYR F 41 16.92 -45.39 -4.67
C TYR F 41 16.69 -46.84 -5.05
N PHE F 42 16.08 -47.09 -6.21
CA PHE F 42 15.87 -48.48 -6.61
C PHE F 42 17.20 -49.20 -6.75
N LYS F 43 18.20 -48.54 -7.33
CA LYS F 43 19.50 -49.18 -7.48
C LYS F 43 20.04 -49.64 -6.13
N ASN F 44 19.73 -48.90 -5.06
CA ASN F 44 20.32 -49.15 -3.75
C ASN F 44 19.58 -50.17 -2.91
N PHE F 45 18.58 -50.88 -3.46
CA PHE F 45 17.83 -51.82 -2.64
C PHE F 45 18.68 -52.98 -2.14
N TYR F 46 18.11 -53.67 -1.16
CA TYR F 46 18.63 -54.89 -0.58
C TYR F 46 19.09 -55.84 -1.69
N PRO F 47 20.38 -56.22 -1.73
CA PRO F 47 20.88 -56.94 -2.91
C PRO F 47 20.16 -58.24 -3.22
N THR F 48 19.69 -58.99 -2.23
CA THR F 48 19.19 -60.33 -2.51
C THR F 48 17.90 -60.28 -3.32
N LEU F 49 16.87 -59.63 -2.79
CA LEU F 49 15.63 -59.50 -3.54
C LEU F 49 15.87 -58.75 -4.85
N LYS F 50 16.88 -57.89 -4.89
CA LYS F 50 17.24 -57.24 -6.14
C LYS F 50 17.69 -58.26 -7.19
N LYS F 51 18.57 -59.18 -6.78
CA LYS F 51 19.01 -60.25 -7.68
C LYS F 51 17.83 -61.08 -8.14
N GLU F 52 16.97 -61.44 -7.20
CA GLU F 52 15.83 -62.28 -7.56
C GLU F 52 14.91 -61.55 -8.54
N ALA F 53 14.71 -60.25 -8.33
CA ALA F 53 13.86 -59.48 -9.21
C ALA F 53 14.45 -59.34 -10.61
N ILE F 54 15.77 -59.13 -10.71
CA ILE F 54 16.40 -59.12 -12.02
C ILE F 54 16.19 -60.47 -12.71
N GLU F 55 16.36 -61.56 -11.96
CA GLU F 55 16.09 -62.87 -12.53
C GLU F 55 14.66 -62.96 -13.05
N ALA F 56 13.72 -62.46 -12.25
CA ALA F 56 12.31 -62.50 -12.67
C ALA F 56 12.09 -61.69 -13.94
N ILE F 57 12.70 -60.52 -14.03
CA ILE F 57 12.57 -59.71 -15.24
C ILE F 57 13.09 -60.46 -16.44
N ASN F 58 14.28 -61.05 -16.30
CA ASN F 58 14.83 -61.85 -17.39
C ASN F 58 14.03 -63.11 -17.64
N SER F 59 13.33 -63.62 -16.64
CA SER F 59 12.60 -64.88 -16.79
C SER F 59 11.55 -64.75 -17.89
N ASP F 60 11.48 -65.76 -18.75
CA ASP F 60 10.52 -65.80 -19.83
C ASP F 60 9.46 -66.86 -19.58
N GLU F 61 9.55 -67.57 -18.46
CA GLU F 61 8.57 -68.60 -18.14
C GLU F 61 7.19 -68.04 -17.83
N TYR F 62 7.09 -66.72 -17.69
CA TYR F 62 5.84 -66.07 -17.31
C TYR F 62 4.97 -65.88 -18.55
N GLU F 63 3.71 -66.30 -18.46
CA GLU F 63 2.84 -66.28 -19.63
C GLU F 63 2.55 -64.87 -20.11
N SER F 64 2.14 -63.99 -19.21
CA SER F 64 1.59 -62.69 -19.59
C SER F 64 2.36 -61.56 -18.91
N SER F 65 2.27 -60.38 -19.50
CA SER F 65 2.91 -59.22 -18.89
C SER F 65 2.29 -58.90 -17.53
N LYS F 66 1.00 -59.18 -17.35
CA LYS F 66 0.36 -58.93 -16.06
C LYS F 66 1.03 -59.73 -14.97
N ASP F 67 1.11 -61.05 -15.15
CA ASP F 67 1.72 -61.90 -14.14
C ASP F 67 3.18 -61.54 -13.93
N LYS F 68 3.90 -61.27 -15.01
CA LYS F 68 5.31 -60.90 -14.89
C LYS F 68 5.49 -59.63 -14.07
N ALA F 69 4.70 -58.61 -14.38
CA ALA F 69 4.81 -57.34 -13.65
C ALA F 69 4.47 -57.54 -12.19
N MET F 70 3.35 -58.20 -11.90
CA MET F 70 2.96 -58.40 -10.52
C MET F 70 4.03 -59.18 -9.77
N ASP F 71 4.56 -60.23 -10.39
CA ASP F 71 5.55 -61.07 -9.71
C ASP F 71 6.83 -60.31 -9.45
N VAL F 72 7.37 -59.63 -10.46
CA VAL F 72 8.60 -58.88 -10.27
C VAL F 72 8.40 -57.83 -9.20
N MET F 73 7.30 -57.10 -9.27
CA MET F 73 7.03 -56.03 -8.33
C MET F 73 6.85 -56.55 -6.92
N SER F 74 6.21 -57.71 -6.76
CA SER F 74 6.12 -58.34 -5.45
C SER F 74 7.49 -58.77 -4.94
N SER F 75 8.38 -59.22 -5.84
CA SER F 75 9.73 -59.54 -5.42
C SER F 75 10.34 -58.37 -4.66
N LEU F 76 9.99 -57.16 -5.07
CA LEU F 76 10.42 -55.96 -4.35
C LEU F 76 9.58 -55.71 -3.11
N LYS F 77 8.55 -56.50 -2.87
CA LYS F 77 7.61 -56.24 -1.80
C LYS F 77 7.09 -54.81 -1.87
N ILE F 78 6.76 -54.37 -3.07
CA ILE F 78 6.23 -53.04 -3.31
C ILE F 78 4.77 -53.16 -3.72
N THR F 79 3.88 -52.81 -2.82
CA THR F 79 2.45 -52.86 -3.08
C THR F 79 2.02 -51.65 -3.90
N PRO F 80 1.32 -51.85 -5.02
CA PRO F 80 0.92 -50.73 -5.86
C PRO F 80 -0.43 -50.16 -5.46
N LYS F 81 -0.90 -49.26 -6.32
CA LYS F 81 -2.28 -48.80 -6.31
C LYS F 81 -2.64 -48.48 -7.75
N ILE F 82 -3.21 -49.45 -8.46
CA ILE F 82 -3.53 -49.33 -9.87
C ILE F 82 -4.93 -48.73 -9.97
N SER F 83 -5.01 -47.47 -10.38
CA SER F 83 -6.26 -46.75 -10.46
C SER F 83 -6.45 -46.21 -11.86
N GLU F 84 -7.65 -46.34 -12.38
CA GLU F 84 -7.96 -45.85 -13.72
C GLU F 84 -7.96 -44.33 -13.71
N VAL F 85 -7.36 -43.74 -14.74
CA VAL F 85 -7.29 -42.29 -14.88
C VAL F 85 -8.36 -41.84 -15.85
N GLU F 86 -9.20 -40.91 -15.41
CA GLU F 86 -10.17 -40.30 -16.31
C GLU F 86 -9.44 -39.70 -17.50
N SER F 87 -9.79 -40.13 -18.71
CA SER F 87 -9.06 -39.74 -19.90
C SER F 87 -9.94 -39.87 -21.12
N SER F 88 -9.49 -39.28 -22.23
CA SER F 88 -10.25 -39.31 -23.47
C SER F 88 -10.06 -40.60 -24.25
N SER F 89 -9.04 -41.39 -23.95
CA SER F 89 -8.77 -42.59 -24.71
C SER F 89 -9.87 -43.62 -24.51
N LEU F 90 -10.18 -44.37 -25.56
CA LEU F 90 -11.11 -45.48 -25.43
C LEU F 90 -10.50 -46.61 -24.61
N VAL F 91 -9.26 -46.99 -24.94
CA VAL F 91 -8.57 -47.94 -24.07
C VAL F 91 -8.42 -47.30 -22.70
N PRO F 92 -8.74 -48.00 -21.61
CA PRO F 92 -8.61 -47.36 -20.29
C PRO F 92 -7.18 -46.92 -20.03
N LEU F 93 -7.06 -45.75 -19.41
CA LEU F 93 -5.77 -45.15 -19.10
C LEU F 93 -5.45 -45.41 -17.64
N LEU F 94 -4.45 -46.25 -17.39
CA LEU F 94 -4.13 -46.72 -16.04
C LEU F 94 -2.92 -45.95 -15.51
N SER F 95 -3.03 -45.53 -14.25
CA SER F 95 -1.90 -44.97 -13.53
C SER F 95 -1.64 -45.80 -12.29
N VAL F 96 -0.38 -46.16 -12.07
CA VAL F 96 0.02 -47.01 -10.95
C VAL F 96 0.95 -46.22 -10.05
N GLU F 97 0.64 -46.22 -8.76
CA GLU F 97 1.47 -45.59 -7.74
C GLU F 97 2.13 -46.68 -6.93
N LEU F 98 3.46 -46.79 -7.06
CA LEU F 98 4.17 -47.87 -6.40
C LEU F 98 4.04 -47.80 -4.89
N ASN F 99 3.75 -46.63 -4.34
CA ASN F 99 3.45 -46.47 -2.93
C ASN F 99 4.58 -47.01 -2.05
N CYS F 100 5.81 -46.71 -2.45
CA CYS F 100 6.97 -46.96 -1.62
C CYS F 100 7.53 -45.63 -1.15
N ALA F 101 8.57 -45.70 -0.31
CA ALA F 101 9.14 -44.47 0.25
C ALA F 101 9.42 -43.46 -0.84
N PHE F 102 9.95 -43.92 -1.96
CA PHE F 102 10.13 -43.11 -3.16
C PHE F 102 8.85 -43.11 -3.98
N ASP F 103 8.29 -41.92 -4.18
CA ASP F 103 7.05 -41.78 -4.93
C ASP F 103 7.32 -41.85 -6.42
N VAL F 104 6.60 -42.74 -7.11
CA VAL F 104 6.62 -42.82 -8.57
C VAL F 104 5.20 -43.05 -9.05
N VAL F 105 4.87 -42.43 -10.18
CA VAL F 105 3.58 -42.62 -10.83
C VAL F 105 3.84 -42.92 -12.30
N LEU F 106 3.62 -44.17 -12.69
CA LEU F 106 3.73 -44.60 -14.08
C LEU F 106 2.34 -44.61 -14.70
N MET F 107 2.25 -44.16 -15.94
CA MET F 107 0.96 -44.01 -16.59
C MET F 107 1.06 -44.47 -18.03
N ALA F 108 0.03 -45.16 -18.50
CA ALA F 108 -0.07 -45.57 -19.89
C ALA F 108 -1.42 -46.22 -20.09
N LYS F 109 -1.74 -46.50 -21.35
CA LYS F 109 -2.97 -47.19 -21.68
C LYS F 109 -2.87 -48.65 -21.24
N GLU F 110 -4.04 -49.26 -21.03
CA GLU F 110 -4.07 -50.62 -20.50
C GLU F 110 -3.18 -51.55 -21.29
N THR F 111 -3.26 -51.51 -22.61
CA THR F 111 -2.44 -52.40 -23.43
C THR F 111 -0.96 -52.14 -23.23
N ASP F 112 -0.59 -50.98 -22.68
CA ASP F 112 0.81 -50.57 -22.62
C ASP F 112 1.32 -50.36 -21.21
N ILE F 113 0.46 -50.40 -20.20
CA ILE F 113 0.92 -50.10 -18.84
C ILE F 113 1.94 -51.13 -18.39
N TYR F 114 1.66 -52.41 -18.63
CA TYR F 114 2.40 -53.47 -17.94
C TYR F 114 3.83 -53.56 -18.46
N ASP F 115 4.00 -53.64 -19.77
CA ASP F 115 5.36 -53.58 -20.31
C ASP F 115 6.03 -52.27 -19.93
N HIS F 116 5.25 -51.21 -19.72
CA HIS F 116 5.82 -49.98 -19.20
C HIS F 116 6.45 -50.21 -17.84
N ILE F 117 5.75 -50.92 -16.96
CA ILE F 117 6.34 -51.24 -15.66
C ILE F 117 7.61 -52.06 -15.86
N ILE F 118 7.52 -53.07 -16.72
CA ILE F 118 8.65 -53.98 -16.89
C ILE F 118 9.89 -53.23 -17.33
N ASP F 119 9.76 -52.42 -18.38
CA ASP F 119 10.94 -51.74 -18.91
C ASP F 119 11.38 -50.60 -18.01
N TYR F 120 10.45 -49.89 -17.37
CA TYR F 120 10.83 -48.90 -16.38
C TYR F 120 11.75 -49.50 -15.34
N PHE F 121 11.33 -50.62 -14.75
CA PHE F 121 12.16 -51.23 -13.72
C PHE F 121 13.43 -51.80 -14.30
N ARG F 122 13.38 -52.38 -15.50
CA ARG F 122 14.59 -52.83 -16.15
C ARG F 122 15.61 -51.70 -16.23
N THR F 123 15.12 -50.49 -16.45
CA THR F 123 16.01 -49.33 -16.48
C THR F 123 16.48 -48.97 -15.07
N MET F 124 15.56 -48.97 -14.10
CA MET F 124 15.87 -48.46 -12.78
C MET F 124 16.63 -49.45 -11.90
N LEU F 125 16.30 -50.74 -11.98
CA LEU F 125 16.96 -51.71 -11.11
C LEU F 125 18.44 -51.89 -11.42
N ILE F 126 18.88 -51.45 -12.60
CA ILE F 126 20.28 -51.62 -12.97
C ILE F 126 21.02 -50.32 -12.83
N GLU G 1 49.33 -13.20 32.22
CA GLU G 1 49.53 -13.29 33.69
C GLU G 1 49.76 -11.90 34.28
N ASP G 2 48.70 -11.31 34.82
CA ASP G 2 48.78 -9.98 35.39
C ASP G 2 47.49 -9.69 36.14
N VAL G 3 47.59 -8.87 37.20
CA VAL G 3 46.41 -8.55 38.00
C VAL G 3 45.38 -7.84 37.14
N GLU G 4 45.81 -6.87 36.35
CA GLU G 4 44.94 -6.28 35.33
C GLU G 4 44.83 -7.28 34.19
N ILE G 5 43.74 -8.05 34.18
CA ILE G 5 43.61 -9.14 33.22
C ILE G 5 43.95 -8.62 31.84
N LYS G 6 44.92 -9.26 31.19
CA LYS G 6 45.35 -8.79 29.89
C LYS G 6 44.21 -8.92 28.90
N PRO G 7 44.13 -8.03 27.92
CA PRO G 7 43.17 -8.23 26.84
C PRO G 7 43.39 -9.58 26.18
N ARG G 8 42.30 -10.33 26.01
CA ARG G 8 42.38 -11.58 25.30
C ARG G 8 42.46 -11.31 23.79
N GLY G 9 42.92 -12.32 23.05
CA GLY G 9 43.19 -12.09 21.63
C GLY G 9 41.99 -11.51 20.91
N TYR G 10 40.82 -12.09 21.12
CA TYR G 10 39.62 -11.55 20.49
C TYR G 10 39.32 -10.16 21.04
N GLN G 11 39.58 -9.94 22.34
CA GLN G 11 39.42 -8.61 22.89
C GLN G 11 40.35 -7.63 22.20
N LEU G 12 41.60 -8.04 21.97
CA LEU G 12 42.53 -7.20 21.22
C LEU G 12 41.97 -6.86 19.85
N ARG G 13 41.46 -7.86 19.13
CA ARG G 13 40.95 -7.59 17.79
C ARG G 13 39.76 -6.64 17.85
N LEU G 14 38.86 -6.85 18.81
CA LEU G 14 37.72 -5.95 18.92
C LEU G 14 38.15 -4.53 19.26
N VAL G 15 39.13 -4.38 20.15
CA VAL G 15 39.58 -3.05 20.53
C VAL G 15 40.22 -2.35 19.34
N ASP G 16 41.11 -3.02 18.63
CA ASP G 16 41.80 -2.33 17.55
C ASP G 16 40.90 -2.17 16.33
N HIS G 17 39.81 -2.94 16.22
CA HIS G 17 38.80 -2.62 15.23
C HIS G 17 37.99 -1.39 15.63
N LEU G 18 37.57 -1.32 16.89
CA LEU G 18 36.72 -0.22 17.33
C LEU G 18 37.48 1.10 17.36
N THR G 19 38.74 1.08 17.80
CA THR G 19 39.50 2.31 17.91
C THR G 19 39.54 3.06 16.58
N LYS G 20 39.55 2.34 15.47
CA LYS G 20 39.54 2.96 14.15
C LYS G 20 38.13 3.31 13.68
N SER G 21 37.12 2.50 14.02
CA SER G 21 35.77 2.73 13.55
C SER G 21 34.77 2.51 14.68
N ASN G 22 33.70 3.30 14.66
CA ASN G 22 32.60 3.08 15.57
C ASN G 22 31.75 1.89 15.11
N GLY G 23 31.42 1.01 16.04
CA GLY G 23 30.68 -0.18 15.72
C GLY G 23 30.06 -0.77 16.97
N ILE G 24 29.32 -1.85 16.79
CA ILE G 24 28.59 -2.51 17.86
C ILE G 24 29.22 -3.88 18.10
N VAL G 25 29.58 -4.15 19.33
CA VAL G 25 30.11 -5.46 19.72
C VAL G 25 28.94 -6.34 20.14
N TYR G 26 28.96 -7.59 19.71
CA TYR G 26 27.91 -8.55 19.98
C TYR G 26 28.55 -9.81 20.55
N LEU G 27 28.50 -9.97 21.86
CA LEU G 27 29.08 -11.12 22.53
C LEU G 27 28.18 -11.57 23.67
N PRO G 28 28.22 -12.85 24.02
CA PRO G 28 27.51 -13.29 25.23
C PRO G 28 28.00 -12.55 26.46
N THR G 29 27.08 -12.27 27.36
CA THR G 29 27.38 -11.38 28.47
C THR G 29 28.46 -11.97 29.37
N GLY G 30 29.26 -11.10 29.96
CA GLY G 30 30.28 -11.52 30.89
C GLY G 30 31.17 -10.35 31.29
N SER G 31 32.24 -10.69 32.02
CA SER G 31 33.24 -9.69 32.38
C SER G 31 34.04 -9.25 31.16
N GLY G 32 34.11 -10.08 30.11
CA GLY G 32 34.80 -9.66 28.90
C GLY G 32 34.08 -8.55 28.17
N LYS G 33 32.76 -8.60 28.12
CA LYS G 33 31.99 -7.55 27.46
C LYS G 33 32.22 -6.20 28.13
N THR G 34 32.22 -6.18 29.46
CA THR G 34 32.51 -4.95 30.18
C THR G 34 33.98 -4.55 30.04
N PHE G 35 34.86 -5.55 30.03
CA PHE G 35 36.29 -5.26 29.93
C PHE G 35 36.64 -4.63 28.59
N VAL G 36 35.96 -5.02 27.52
CA VAL G 36 36.22 -4.39 26.23
C VAL G 36 35.77 -2.95 26.24
N ALA G 37 34.68 -2.64 26.95
CA ALA G 37 34.30 -1.25 27.14
C ALA G 37 35.39 -0.50 27.90
N ILE G 38 35.92 -1.10 28.95
CA ILE G 38 37.00 -0.48 29.70
C ILE G 38 38.18 -0.18 28.78
N LEU G 39 38.55 -1.15 27.95
CA LEU G 39 39.75 -0.99 27.13
C LEU G 39 39.53 0.03 26.01
N VAL G 40 38.33 0.08 25.44
CA VAL G 40 38.07 1.12 24.44
C VAL G 40 38.09 2.49 25.10
N LEU G 41 37.62 2.60 26.34
CA LEU G 41 37.80 3.85 27.07
C LEU G 41 39.28 4.18 27.23
N LYS G 42 40.08 3.18 27.60
CA LYS G 42 41.52 3.42 27.80
C LYS G 42 42.17 3.90 26.51
N ARG G 43 41.82 3.29 25.37
CA ARG G 43 42.50 3.58 24.12
C ARG G 43 42.21 5.00 23.64
N PHE G 44 41.12 5.60 24.12
CA PHE G 44 40.78 6.99 23.77
C PHE G 44 41.07 7.93 24.92
N SER G 45 42.15 7.69 25.67
CA SER G 45 42.43 8.42 26.91
C SER G 45 43.50 9.48 26.73
N GLN G 46 43.51 10.16 25.59
CA GLN G 46 44.54 11.16 25.31
C GLN G 46 44.14 12.55 25.80
N ASP G 47 42.85 12.90 25.68
CA ASP G 47 42.40 14.28 25.84
C ASP G 47 41.51 14.47 27.06
N PHE G 48 41.61 13.59 28.05
CA PHE G 48 40.80 13.77 29.25
C PHE G 48 41.33 14.88 30.13
N ASP G 49 42.66 14.92 30.32
CA ASP G 49 43.25 15.77 31.35
C ASP G 49 43.01 17.25 31.06
N LYS G 50 43.26 17.69 29.83
CA LYS G 50 43.20 19.11 29.55
C LYS G 50 41.75 19.61 29.66
N PRO G 51 41.54 20.84 30.09
CA PRO G 51 40.18 21.33 30.32
C PRO G 51 39.41 21.49 29.02
N ILE G 52 38.09 21.45 29.16
CA ILE G 52 37.21 21.66 28.01
C ILE G 52 37.47 23.03 27.40
N GLU G 53 37.70 24.04 28.25
CA GLU G 53 37.96 25.38 27.75
C GLU G 53 39.15 25.39 26.80
N SER G 54 40.16 24.57 27.09
CA SER G 54 41.31 24.39 26.22
C SER G 54 41.04 23.37 25.13
N GLY G 55 39.79 23.08 24.83
CA GLY G 55 39.45 22.01 23.90
C GLY G 55 39.51 20.63 24.50
N GLY G 56 39.38 20.51 25.81
CA GLY G 56 39.41 19.21 26.45
C GLY G 56 38.21 18.35 26.08
N LYS G 57 38.27 17.09 26.50
CA LYS G 57 37.25 16.11 26.17
C LYS G 57 37.06 15.15 27.32
N ARG G 58 35.93 14.46 27.30
CA ARG G 58 35.55 13.51 28.34
C ARG G 58 34.96 12.27 27.68
N ALA G 59 34.57 11.30 28.50
CA ALA G 59 34.01 10.04 28.04
C ALA G 59 32.65 9.83 28.66
N LEU G 60 31.79 9.14 27.91
CA LEU G 60 30.37 9.09 28.22
C LEU G 60 29.93 7.62 28.20
N PHE G 61 29.68 7.04 29.37
CA PHE G 61 29.22 5.66 29.48
C PHE G 61 27.70 5.66 29.56
N MET G 62 27.06 4.98 28.63
CA MET G 62 25.59 4.91 28.55
C MET G 62 25.09 3.59 29.12
N CYS G 63 24.49 3.66 30.30
CA CYS G 63 23.81 2.51 30.87
C CYS G 63 22.30 2.71 30.73
N ASN G 64 21.55 1.63 30.94
CA ASN G 64 20.10 1.71 30.79
C ASN G 64 19.42 1.97 32.13
N THR G 65 19.66 1.10 33.11
CA THR G 65 19.02 1.17 34.40
C THR G 65 19.99 1.63 35.46
N VAL G 66 19.46 2.38 36.44
CA VAL G 66 20.30 3.06 37.42
C VAL G 66 21.24 2.07 38.10
N GLU G 67 20.72 0.92 38.55
CA GLU G 67 21.57 -0.03 39.23
C GLU G 67 22.64 -0.57 38.30
N LEU G 68 22.29 -0.78 37.04
CA LEU G 68 23.29 -1.20 36.06
C LEU G 68 24.37 -0.13 35.94
N ALA G 69 23.97 1.14 35.91
CA ALA G 69 24.95 2.21 35.86
C ALA G 69 25.85 2.19 37.09
N ARG G 70 25.27 1.98 38.27
CA ARG G 70 26.06 1.87 39.48
C ARG G 70 27.10 0.76 39.37
N GLN G 71 26.65 -0.43 38.98
CA GLN G 71 27.55 -1.57 38.92
C GLN G 71 28.65 -1.33 37.91
N GLN G 72 28.30 -0.78 36.74
CA GLN G 72 29.30 -0.53 35.72
C GLN G 72 30.30 0.52 36.18
N ALA G 73 29.82 1.58 36.84
CA ALA G 73 30.74 2.60 37.35
C ALA G 73 31.68 2.00 38.38
N MET G 74 31.16 1.16 39.27
CA MET G 74 32.02 0.50 40.25
C MET G 74 33.09 -0.34 39.56
N ALA G 75 32.68 -1.12 38.57
CA ALA G 75 33.65 -1.95 37.85
C ALA G 75 34.71 -1.09 37.18
N VAL G 76 34.29 0.00 36.55
CA VAL G 76 35.25 0.89 35.89
C VAL G 76 36.23 1.44 36.91
N ARG G 77 35.73 1.90 38.05
CA ARG G 77 36.60 2.49 39.06
C ARG G 77 37.60 1.46 39.57
N ARG G 78 37.15 0.24 39.81
CA ARG G 78 38.05 -0.79 40.33
C ARG G 78 39.01 -1.32 39.26
N CYS G 79 38.67 -1.15 37.98
CA CYS G 79 39.49 -1.66 36.89
C CYS G 79 40.26 -0.58 36.16
N THR G 80 40.12 0.69 36.54
CA THR G 80 40.77 1.78 35.84
C THR G 80 41.37 2.78 36.83
N ASN G 81 42.39 3.48 36.37
CA ASN G 81 43.04 4.52 37.16
C ASN G 81 42.33 5.87 37.07
N PHE G 82 41.40 6.04 36.14
CA PHE G 82 40.63 7.27 36.08
C PHE G 82 39.65 7.34 37.24
N LYS G 83 39.01 8.49 37.37
CA LYS G 83 37.93 8.68 38.33
C LYS G 83 36.68 9.10 37.57
N VAL G 84 35.56 8.44 37.89
CA VAL G 84 34.35 8.49 37.10
C VAL G 84 33.24 9.11 37.94
N GLY G 85 32.23 9.64 37.27
CA GLY G 85 31.07 10.23 37.92
C GLY G 85 29.82 9.44 37.63
N PHE G 86 28.89 9.45 38.59
CA PHE G 86 27.61 8.75 38.48
C PHE G 86 26.50 9.78 38.56
N TYR G 87 25.50 9.65 37.69
CA TYR G 87 24.54 10.74 37.49
C TYR G 87 23.13 10.21 37.27
N VAL G 88 22.29 10.37 38.28
CA VAL G 88 20.89 10.01 38.24
C VAL G 88 20.10 11.09 39.00
N GLY G 89 18.78 10.90 39.05
CA GLY G 89 17.94 11.85 39.77
C GLY G 89 18.14 11.83 41.28
N GLU G 90 18.71 10.75 41.81
CA GLU G 90 18.93 10.66 43.25
C GLU G 90 19.97 11.66 43.72
N GLN G 91 21.04 11.86 42.94
CA GLN G 91 22.12 12.76 43.36
C GLN G 91 21.73 14.23 43.35
N GLY G 92 20.46 14.56 43.13
CA GLY G 92 20.05 15.95 43.06
C GLY G 92 20.80 16.63 41.93
N VAL G 93 21.01 15.89 40.84
CA VAL G 93 21.81 16.39 39.74
C VAL G 93 21.06 17.43 38.93
N ASP G 94 19.75 17.52 39.10
CA ASP G 94 18.95 18.48 38.34
C ASP G 94 19.38 19.91 38.62
N ASP G 95 19.63 20.24 39.88
CA ASP G 95 19.92 21.62 40.28
C ASP G 95 21.39 21.99 40.12
N TRP G 96 22.24 21.05 39.69
CA TRP G 96 23.67 21.33 39.59
C TRP G 96 23.91 22.50 38.65
N THR G 97 24.52 23.55 39.17
CA THR G 97 24.82 24.75 38.39
C THR G 97 25.97 24.48 37.43
N ARG G 98 26.11 25.36 36.43
CA ARG G 98 27.15 25.17 35.43
C ARG G 98 28.53 25.06 36.06
N GLY G 99 28.77 25.79 37.16
CA GLY G 99 30.04 25.64 37.85
C GLY G 99 30.24 24.23 38.37
N MET G 100 29.17 23.65 38.91
CA MET G 100 29.25 22.27 39.38
C MET G 100 29.53 21.33 38.22
N TRP G 101 28.88 21.54 37.08
CA TRP G 101 29.15 20.68 35.93
C TRP G 101 30.58 20.83 35.45
N SER G 102 31.07 22.07 35.39
CA SER G 102 32.45 22.30 34.99
C SER G 102 33.41 21.57 35.91
N ASP G 103 33.48 21.99 37.18
CA ASP G 103 34.46 21.38 38.07
C ASP G 103 34.24 19.88 38.21
N GLU G 104 33.02 19.41 37.99
CA GLU G 104 32.77 17.97 37.95
C GLU G 104 33.53 17.31 36.81
N ILE G 105 33.28 17.77 35.57
CA ILE G 105 33.98 17.18 34.44
C ILE G 105 35.48 17.35 34.63
N LYS G 106 35.88 18.39 35.36
CA LYS G 106 37.31 18.55 35.67
C LYS G 106 37.80 17.41 36.53
N LYS G 107 37.06 17.07 37.59
CA LYS G 107 37.49 15.99 38.48
C LYS G 107 37.22 14.63 37.84
N ASN G 108 36.01 14.41 37.36
CA ASN G 108 35.66 13.13 36.73
C ASN G 108 35.95 13.20 35.25
N GLN G 109 36.93 12.41 34.80
CA GLN G 109 37.24 12.31 33.38
C GLN G 109 36.15 11.57 32.63
N VAL G 110 35.54 10.57 33.26
CA VAL G 110 34.56 9.71 32.63
C VAL G 110 33.21 9.98 33.29
N LEU G 111 32.20 10.23 32.47
CA LEU G 111 30.85 10.51 32.95
C LEU G 111 29.99 9.27 32.72
N VAL G 112 29.38 8.78 33.77
CA VAL G 112 28.52 7.60 33.73
C VAL G 112 27.19 7.96 34.37
N GLY G 113 26.10 7.51 33.76
CA GLY G 113 24.78 7.86 34.22
C GLY G 113 23.73 7.32 33.28
N THR G 114 22.49 7.37 33.73
CA THR G 114 21.40 6.81 32.95
C THR G 114 21.18 7.60 31.67
N ALA G 115 20.33 7.05 30.81
CA ALA G 115 20.11 7.64 29.49
C ALA G 115 19.54 9.04 29.59
N GLN G 116 18.36 9.17 30.18
CA GLN G 116 17.64 10.44 30.10
C GLN G 116 18.40 11.58 30.79
N VAL G 117 19.15 11.29 31.85
CA VAL G 117 19.91 12.34 32.51
C VAL G 117 20.87 12.98 31.53
N PHE G 118 21.68 12.17 30.87
CA PHE G 118 22.63 12.68 29.87
C PHE G 118 21.92 13.26 28.66
N LEU G 119 20.78 12.70 28.27
CA LEU G 119 20.03 13.25 27.15
C LEU G 119 19.60 14.68 27.44
N ASP G 120 18.98 14.89 28.61
CA ASP G 120 18.62 16.24 29.01
C ASP G 120 19.86 17.11 29.13
N MET G 121 20.95 16.55 29.64
CA MET G 121 22.16 17.32 29.85
C MET G 121 22.69 17.88 28.53
N VAL G 122 22.71 17.05 27.49
CA VAL G 122 23.16 17.52 26.18
C VAL G 122 22.15 18.48 25.58
N THR G 123 20.86 18.16 25.67
CA THR G 123 19.84 19.04 25.11
C THR G 123 19.79 20.38 25.81
N GLN G 124 20.22 20.45 27.07
CA GLN G 124 20.31 21.71 27.79
C GLN G 124 21.62 22.44 27.51
N THR G 125 22.45 21.90 26.63
CA THR G 125 23.68 22.57 26.19
C THR G 125 24.70 22.69 27.32
N TYR G 126 24.50 21.94 28.40
CA TYR G 126 25.51 21.89 29.44
C TYR G 126 26.86 21.46 28.87
N VAL G 127 26.85 20.40 28.06
CA VAL G 127 28.04 19.94 27.37
C VAL G 127 27.67 19.71 25.90
N ALA G 128 28.70 19.65 25.06
CA ALA G 128 28.53 19.50 23.62
C ALA G 128 29.16 18.20 23.16
N LEU G 129 28.57 17.63 22.10
CA LEU G 129 29.10 16.39 21.54
C LEU G 129 30.59 16.52 21.23
N SER G 130 31.02 17.67 20.74
CA SER G 130 32.43 17.89 20.49
C SER G 130 33.25 17.76 21.77
N SER G 131 32.62 17.93 22.93
CA SER G 131 33.31 17.82 24.20
C SER G 131 33.45 16.38 24.66
N LEU G 132 32.92 15.43 23.92
CA LEU G 132 32.97 14.02 24.28
C LEU G 132 33.77 13.27 23.23
N SER G 133 34.80 12.55 23.67
CA SER G 133 35.66 11.81 22.75
C SER G 133 34.98 10.54 22.26
N VAL G 134 34.36 9.79 23.17
CA VAL G 134 33.74 8.51 22.84
C VAL G 134 32.47 8.36 23.64
N VAL G 135 31.53 7.59 23.10
CA VAL G 135 30.28 7.26 23.76
C VAL G 135 30.09 5.75 23.68
N ILE G 136 29.84 5.13 24.84
CA ILE G 136 29.68 3.69 24.95
C ILE G 136 28.28 3.42 25.44
N ILE G 137 27.53 2.61 24.71
CA ILE G 137 26.18 2.23 25.09
C ILE G 137 26.15 0.73 25.32
N ASP G 138 25.69 0.33 26.50
CA ASP G 138 25.54 -1.07 26.85
C ASP G 138 24.07 -1.46 26.74
N GLU G 139 23.84 -2.74 26.45
CA GLU G 139 22.49 -3.24 26.21
C GLU G 139 21.81 -2.40 25.13
N CYS G 140 22.58 -2.09 24.08
CA CYS G 140 22.12 -1.19 23.04
C CYS G 140 20.91 -1.73 22.28
N HIS G 141 20.61 -3.02 22.39
CA HIS G 141 19.42 -3.55 21.74
C HIS G 141 18.16 -2.83 22.22
N HIS G 142 18.19 -2.25 23.41
CA HIS G 142 17.06 -1.47 23.90
C HIS G 142 16.85 -0.19 23.09
N GLY G 143 17.80 0.17 22.24
CA GLY G 143 17.70 1.41 21.49
C GLY G 143 16.81 1.32 20.27
N THR G 144 15.50 1.39 20.47
CA THR G 144 14.54 1.35 19.38
C THR G 144 13.39 2.29 19.68
N GLY G 145 12.62 2.60 18.65
CA GLY G 145 11.44 3.45 18.83
C GLY G 145 11.83 4.78 19.43
N HIS G 146 11.11 5.19 20.47
CA HIS G 146 11.38 6.43 21.18
C HIS G 146 12.20 6.21 22.45
N HIS G 147 12.97 5.13 22.50
CA HIS G 147 13.82 4.91 23.64
C HIS G 147 14.83 6.04 23.75
N PRO G 148 15.16 6.49 24.97
CA PRO G 148 16.11 7.60 25.08
C PRO G 148 17.43 7.35 24.38
N PHE G 149 17.87 6.09 24.27
CA PHE G 149 19.03 5.81 23.44
C PHE G 149 18.82 6.34 22.03
N ARG G 150 17.64 6.09 21.46
CA ARG G 150 17.39 6.53 20.10
C ARG G 150 17.30 8.05 20.01
N GLU G 151 16.74 8.70 21.02
CA GLU G 151 16.72 10.17 21.01
C GLU G 151 18.13 10.73 21.05
N PHE G 152 18.95 10.27 22.00
CA PHE G 152 20.35 10.69 22.04
C PHE G 152 21.02 10.44 20.70
N MET G 153 20.70 9.32 20.06
CA MET G 153 21.28 9.02 18.77
C MET G 153 20.85 10.04 17.73
N ARG G 154 19.57 10.38 17.71
CA ARG G 154 19.08 11.37 16.76
C ARG G 154 19.73 12.72 16.98
N LEU G 155 20.10 13.03 18.22
CA LEU G 155 20.68 14.34 18.49
C LEU G 155 21.88 14.60 17.58
N PHE G 156 22.59 13.54 17.18
CA PHE G 156 23.78 13.71 16.35
C PHE G 156 23.45 14.28 14.98
N THR G 157 22.21 14.14 14.52
CA THR G 157 21.80 14.64 13.22
C THR G 157 21.43 16.11 13.23
N ILE G 158 21.74 16.82 14.32
CA ILE G 158 21.43 18.24 14.44
C ILE G 158 22.70 19.07 14.56
N ALA G 159 23.62 18.67 15.42
CA ALA G 159 24.86 19.41 15.59
C ALA G 159 25.75 19.23 14.36
N ASN G 160 26.85 19.98 14.34
CA ASN G 160 27.79 19.90 13.23
C ASN G 160 28.40 18.51 13.14
N GLN G 161 28.66 18.07 11.92
CA GLN G 161 29.01 16.68 11.65
C GLN G 161 30.50 16.40 11.77
N THR G 162 31.32 17.41 11.95
CA THR G 162 32.78 17.23 11.96
C THR G 162 33.35 17.02 13.35
N LYS G 163 32.57 17.26 14.40
CA LYS G 163 33.01 17.06 15.78
C LYS G 163 32.24 15.94 16.46
N LEU G 164 31.83 14.94 15.69
CA LEU G 164 30.96 13.90 16.21
C LEU G 164 31.78 12.82 16.91
N PRO G 165 31.33 12.32 18.07
CA PRO G 165 32.16 11.38 18.84
C PRO G 165 32.18 9.97 18.30
N ARG G 166 32.90 9.08 18.98
CA ARG G 166 32.87 7.66 18.68
C ARG G 166 31.69 7.02 19.41
N VAL G 167 30.96 6.16 18.71
CA VAL G 167 29.77 5.51 19.25
C VAL G 167 30.03 4.01 19.27
N VAL G 168 29.92 3.41 20.45
CA VAL G 168 30.14 1.98 20.65
C VAL G 168 28.93 1.40 21.35
N GLY G 169 28.44 0.29 20.85
CA GLY G 169 27.28 -0.40 21.41
C GLY G 169 27.67 -1.77 21.94
N LEU G 170 27.28 -2.04 23.18
CA LEU G 170 27.50 -3.34 23.80
C LEU G 170 26.17 -4.03 24.01
N THR G 171 26.15 -5.34 23.76
CA THR G 171 24.92 -6.12 23.86
C THR G 171 25.25 -7.59 23.69
N GLY G 172 24.45 -8.43 24.32
CA GLY G 172 24.56 -9.87 24.15
C GLY G 172 23.42 -10.42 23.32
N VAL G 173 22.40 -9.59 23.10
CA VAL G 173 21.30 -9.91 22.20
C VAL G 173 21.00 -8.68 21.37
N LEU G 174 20.56 -8.90 20.14
CA LEU G 174 20.37 -7.81 19.19
C LEU G 174 18.91 -7.45 18.97
N ILE G 175 18.00 -8.41 19.08
CA ILE G 175 16.59 -8.14 18.89
C ILE G 175 15.95 -7.87 20.24
N LYS G 176 14.84 -7.14 20.22
CA LYS G 176 14.18 -6.70 21.44
C LYS G 176 12.89 -7.48 21.71
N GLY G 177 11.98 -7.50 20.75
CA GLY G 177 10.67 -8.10 20.92
C GLY G 177 10.57 -9.47 20.29
N ASN G 178 9.38 -9.79 19.79
CA ASN G 178 9.10 -11.07 19.17
C ASN G 178 9.31 -11.06 17.67
N GLU G 179 9.74 -9.95 17.09
CA GLU G 179 9.90 -9.83 15.64
C GLU G 179 11.19 -10.51 15.20
N ILE G 180 11.23 -11.84 15.42
CA ILE G 180 12.39 -12.62 15.04
C ILE G 180 12.46 -12.93 13.56
N THR G 181 11.33 -12.90 12.86
CA THR G 181 11.32 -13.14 11.43
C THR G 181 11.92 -11.94 10.70
N ASN G 182 12.56 -12.22 9.57
CA ASN G 182 13.18 -11.18 8.75
C ASN G 182 14.24 -10.42 9.56
N VAL G 183 15.24 -11.20 10.01
CA VAL G 183 16.25 -10.66 10.93
C VAL G 183 17.06 -9.57 10.25
N ALA G 184 17.38 -9.74 8.97
CA ALA G 184 18.31 -8.83 8.30
C ALA G 184 17.83 -7.39 8.40
N THR G 185 16.55 -7.14 8.11
CA THR G 185 16.04 -5.78 8.17
C THR G 185 16.22 -5.19 9.55
N LYS G 186 15.84 -5.93 10.59
CA LYS G 186 15.96 -5.42 11.96
C LYS G 186 17.41 -5.10 12.29
N LEU G 187 18.32 -6.01 11.96
CA LEU G 187 19.73 -5.75 12.23
C LEU G 187 20.17 -4.48 11.52
N LYS G 188 19.67 -4.26 10.31
CA LYS G 188 20.08 -3.06 9.58
C LYS G 188 19.51 -1.81 10.24
N GLU G 189 18.26 -1.84 10.72
CA GLU G 189 17.74 -0.65 11.38
C GLU G 189 18.51 -0.36 12.66
N LEU G 190 18.92 -1.39 13.39
CA LEU G 190 19.76 -1.15 14.56
C LEU G 190 21.11 -0.54 14.17
N GLU G 191 21.79 -1.13 13.19
CA GLU G 191 23.10 -0.61 12.83
C GLU G 191 22.99 0.80 12.26
N ILE G 192 21.88 1.14 11.63
CA ILE G 192 21.72 2.46 11.06
C ILE G 192 21.25 3.49 12.08
N THR G 193 20.47 3.07 13.08
CA THR G 193 20.20 3.97 14.20
C THR G 193 21.50 4.48 14.78
N TYR G 194 22.39 3.55 15.13
CA TYR G 194 23.75 3.91 15.51
C TYR G 194 24.53 4.19 14.22
N ARG G 195 25.83 4.41 14.34
CA ARG G 195 26.67 4.79 13.22
C ARG G 195 27.78 3.76 13.01
N GLY G 196 27.41 2.48 13.03
CA GLY G 196 28.42 1.44 12.91
C GLY G 196 27.80 0.14 12.43
N ASN G 197 28.66 -0.87 12.32
CA ASN G 197 28.27 -2.20 11.92
C ASN G 197 28.66 -3.19 13.01
N ILE G 198 27.82 -4.21 13.19
CA ILE G 198 28.06 -5.18 14.25
C ILE G 198 29.38 -5.91 13.99
N ILE G 199 30.00 -6.39 15.06
CA ILE G 199 31.23 -7.15 14.98
C ILE G 199 31.19 -8.25 16.01
N THR G 200 31.87 -9.36 15.72
CA THR G 200 31.98 -10.47 16.65
C THR G 200 33.16 -11.34 16.24
N VAL G 201 33.35 -12.42 16.96
CA VAL G 201 34.42 -13.38 16.69
C VAL G 201 33.93 -14.41 15.68
N SER G 202 34.82 -14.84 14.80
CA SER G 202 34.46 -15.77 13.75
C SER G 202 35.39 -16.97 13.72
N ASP G 203 36.67 -16.74 14.00
CA ASP G 203 37.66 -17.81 13.92
C ASP G 203 37.35 -18.92 14.92
N THR G 204 37.54 -20.16 14.49
CA THR G 204 37.30 -21.30 15.37
C THR G 204 38.17 -21.21 16.62
N LYS G 205 39.42 -20.75 16.46
CA LYS G 205 40.23 -20.49 17.65
C LYS G 205 39.58 -19.45 18.53
N GLU G 206 39.03 -18.39 17.93
CA GLU G 206 38.27 -17.42 18.70
C GLU G 206 37.05 -18.07 19.33
N MET G 207 36.37 -18.97 18.60
CA MET G 207 35.24 -19.67 19.17
C MET G 207 35.63 -20.39 20.46
N GLU G 208 36.70 -21.19 20.38
CA GLU G 208 37.15 -21.95 21.53
C GLU G 208 37.58 -21.04 22.67
N ASN G 209 38.27 -19.95 22.35
CA ASN G 209 38.66 -19.01 23.41
C ASN G 209 37.44 -18.39 24.06
N VAL G 210 36.40 -18.09 23.28
CA VAL G 210 35.18 -17.53 23.85
C VAL G 210 34.53 -18.53 24.78
N MET G 211 34.51 -19.81 24.37
CA MET G 211 33.82 -20.82 25.16
C MET G 211 34.36 -20.94 26.57
N LEU G 212 35.60 -20.51 26.85
CA LEU G 212 36.15 -20.72 28.17
C LEU G 212 35.41 -19.91 29.23
N TYR G 213 34.98 -18.69 28.90
CA TYR G 213 34.21 -17.89 29.86
C TYR G 213 32.71 -17.93 29.58
N ALA G 214 32.31 -18.34 28.38
CA ALA G 214 30.90 -18.47 28.03
C ALA G 214 30.56 -19.93 27.80
N THR G 215 29.50 -20.40 28.45
CA THR G 215 29.08 -21.78 28.38
C THR G 215 27.62 -21.86 27.94
N LYS G 216 27.29 -22.90 27.18
CA LYS G 216 25.93 -23.11 26.72
C LYS G 216 25.23 -24.07 27.66
N PRO G 217 24.38 -23.59 28.56
CA PRO G 217 23.79 -24.50 29.56
C PRO G 217 22.93 -25.57 28.90
N THR G 218 22.99 -26.77 29.47
CA THR G 218 22.11 -27.84 29.05
C THR G 218 20.70 -27.54 29.53
N GLU G 219 19.72 -27.70 28.63
CA GLU G 219 18.34 -27.34 28.91
C GLU G 219 17.42 -28.51 28.61
N VAL G 220 16.41 -28.69 29.45
CA VAL G 220 15.42 -29.74 29.28
C VAL G 220 14.05 -29.14 29.58
N MET G 221 13.08 -29.44 28.72
CA MET G 221 11.71 -29.00 28.99
C MET G 221 11.06 -29.94 29.98
N VAL G 222 10.23 -29.37 30.85
CA VAL G 222 9.50 -30.12 31.85
C VAL G 222 8.06 -29.64 31.83
N SER G 223 7.12 -30.59 31.85
CA SER G 223 5.71 -30.27 31.74
C SER G 223 4.94 -30.97 32.85
N PHE G 224 3.80 -30.39 33.20
CA PHE G 224 2.97 -30.89 34.29
C PHE G 224 1.60 -31.29 33.77
N PRO G 225 0.95 -32.28 34.39
CA PRO G 225 -0.39 -32.65 33.95
C PRO G 225 -1.41 -31.58 34.30
N HIS G 226 -1.88 -30.87 33.29
CA HIS G 226 -2.79 -29.76 33.54
C HIS G 226 -4.16 -30.27 33.96
N GLN G 227 -4.57 -29.89 35.17
CA GLN G 227 -5.90 -30.21 35.68
C GLN G 227 -6.70 -28.93 35.81
N GLU G 228 -8.02 -29.07 35.68
CA GLU G 228 -8.92 -27.92 35.63
C GLU G 228 -9.94 -27.87 36.74
N GLN G 229 -10.25 -29.01 37.38
CA GLN G 229 -11.27 -29.00 38.42
C GLN G 229 -10.87 -28.04 39.54
N VAL G 230 -11.87 -27.34 40.08
CA VAL G 230 -11.63 -26.30 41.06
C VAL G 230 -12.48 -26.59 42.29
N LEU G 231 -12.00 -26.12 43.44
CA LEU G 231 -12.65 -26.38 44.71
C LEU G 231 -13.70 -25.31 45.00
N THR G 232 -14.63 -25.67 45.90
CA THR G 232 -15.76 -24.80 46.19
C THR G 232 -15.30 -23.45 46.73
N VAL G 233 -14.32 -23.47 47.62
CA VAL G 233 -13.84 -22.24 48.23
C VAL G 233 -13.44 -21.23 47.17
N THR G 234 -12.98 -21.70 46.01
CA THR G 234 -12.60 -20.78 44.95
C THR G 234 -13.80 -19.99 44.45
N ARG G 235 -14.90 -20.70 44.15
CA ARG G 235 -16.10 -20.01 43.71
C ARG G 235 -16.67 -19.11 44.80
N LEU G 236 -16.63 -19.55 46.06
CA LEU G 236 -17.06 -18.66 47.13
C LEU G 236 -16.26 -17.38 47.10
N ILE G 237 -14.93 -17.49 47.15
CA ILE G 237 -14.08 -16.31 47.18
C ILE G 237 -14.39 -15.42 45.99
N SER G 238 -14.60 -16.02 44.82
CA SER G 238 -15.04 -15.25 43.66
C SER G 238 -16.31 -14.48 43.99
N ALA G 239 -17.25 -15.12 44.68
CA ALA G 239 -18.53 -14.47 44.96
C ALA G 239 -18.35 -13.27 45.87
N GLU G 240 -17.61 -13.43 46.98
CA GLU G 240 -17.40 -12.27 47.85
C GLU G 240 -16.62 -11.18 47.15
N ILE G 241 -15.65 -11.55 46.31
CA ILE G 241 -14.90 -10.54 45.59
C ILE G 241 -15.81 -9.78 44.64
N GLU G 242 -16.72 -10.48 43.98
CA GLU G 242 -17.65 -9.82 43.08
C GLU G 242 -18.57 -8.88 43.86
N LYS G 243 -19.06 -9.33 45.01
CA LYS G 243 -19.92 -8.47 45.83
C LYS G 243 -19.16 -7.23 46.26
N PHE G 244 -17.90 -7.40 46.64
CA PHE G 244 -17.08 -6.23 47.00
C PHE G 244 -16.91 -5.30 45.82
N TYR G 245 -16.71 -5.84 44.62
CA TYR G 245 -16.57 -5.00 43.45
C TYR G 245 -17.83 -4.19 43.20
N VAL G 246 -18.99 -4.84 43.28
CA VAL G 246 -20.23 -4.09 43.03
C VAL G 246 -20.42 -3.02 44.09
N SER G 247 -20.12 -3.33 45.35
CA SER G 247 -20.23 -2.30 46.39
C SER G 247 -19.26 -1.15 46.12
N LEU G 248 -18.02 -1.47 45.77
CA LEU G 248 -17.00 -0.46 45.59
C LEU G 248 -17.28 0.42 44.39
N ASP G 249 -18.01 -0.10 43.41
CA ASP G 249 -18.33 0.71 42.24
C ASP G 249 -19.00 2.02 42.64
N LEU G 250 -19.78 2.00 43.72
CA LEU G 250 -20.52 3.17 44.18
C LEU G 250 -19.93 3.77 45.45
N MET G 251 -18.71 3.40 45.82
CA MET G 251 -18.14 3.91 47.06
C MET G 251 -18.16 5.43 47.08
N ASN G 252 -18.03 6.07 45.92
CA ASN G 252 -18.16 7.51 45.82
C ASN G 252 -17.14 8.22 46.70
N ILE G 253 -15.87 7.97 46.40
CA ILE G 253 -14.81 8.64 47.14
C ILE G 253 -14.72 10.10 46.70
N GLY G 254 -14.03 10.90 47.50
CA GLY G 254 -13.88 12.30 47.19
C GLY G 254 -13.34 12.52 45.79
N VAL G 255 -13.58 13.71 45.26
CA VAL G 255 -13.17 14.01 43.89
C VAL G 255 -11.66 13.89 43.77
N GLN G 256 -11.22 13.10 42.81
CA GLN G 256 -9.82 12.95 42.46
C GLN G 256 -9.60 13.40 41.03
N PRO G 257 -8.35 13.64 40.64
CA PRO G 257 -8.10 14.09 39.26
C PRO G 257 -8.67 13.10 38.26
N ILE G 258 -9.19 13.65 37.15
CA ILE G 258 -9.83 12.81 36.16
C ILE G 258 -8.80 11.87 35.57
N ARG G 259 -9.13 10.59 35.52
CA ARG G 259 -8.24 9.57 34.98
C ARG G 259 -8.86 9.01 33.71
N ARG G 260 -8.09 8.97 32.63
CA ARG G 260 -8.57 8.60 31.32
C ARG G 260 -7.51 7.77 30.62
N SER G 261 -7.89 7.14 29.51
CA SER G 261 -7.04 6.14 28.89
C SER G 261 -5.75 6.76 28.35
N LYS G 262 -4.76 5.90 28.13
CA LYS G 262 -3.49 6.36 27.57
C LYS G 262 -3.69 6.99 26.20
N SER G 263 -4.73 6.56 25.49
CA SER G 263 -5.08 7.13 24.20
C SER G 263 -6.04 8.30 24.33
N LEU G 264 -6.36 8.73 25.55
CA LEU G 264 -7.32 9.81 25.80
C LEU G 264 -8.64 9.54 25.08
N GLN G 265 -9.06 8.27 25.04
CA GLN G 265 -10.32 7.88 24.41
C GLN G 265 -11.41 7.58 25.41
N CYS G 266 -11.07 6.96 26.54
CA CYS G 266 -12.05 6.55 27.53
C CYS G 266 -11.62 7.00 28.93
N LEU G 267 -12.60 7.23 29.78
CA LEU G 267 -12.34 7.53 31.18
C LEU G 267 -11.84 6.26 31.89
N ARG G 268 -11.57 6.40 33.19
CA ARG G 268 -10.98 5.31 33.96
C ARG G 268 -11.47 5.33 35.40
N ASP G 269 -11.42 4.15 36.01
CA ASP G 269 -11.53 4.03 37.44
C ASP G 269 -10.32 4.71 38.10
N PRO G 270 -10.53 5.62 39.05
CA PRO G 270 -9.40 6.36 39.62
C PRO G 270 -8.30 5.45 40.15
N SER G 271 -7.10 6.02 40.27
CA SER G 271 -5.96 5.26 40.79
C SER G 271 -6.28 4.62 42.13
N LYS G 272 -6.99 5.33 43.01
CA LYS G 272 -7.28 4.78 44.32
C LYS G 272 -8.14 3.51 44.21
N LYS G 273 -9.24 3.59 43.47
CA LYS G 273 -10.10 2.43 43.29
C LYS G 273 -9.48 1.42 42.34
N SER G 274 -8.85 1.91 41.27
CA SER G 274 -8.21 1.02 40.31
C SER G 274 -7.16 0.16 40.98
N PHE G 275 -6.38 0.72 41.90
CA PHE G 275 -5.33 -0.04 42.56
C PHE G 275 -5.92 -1.19 43.34
N VAL G 276 -7.02 -0.95 44.06
CA VAL G 276 -7.67 -2.03 44.80
C VAL G 276 -8.15 -3.11 43.84
N LYS G 277 -8.77 -2.70 42.74
CA LYS G 277 -9.26 -3.69 41.78
C LYS G 277 -8.11 -4.51 41.21
N GLN G 278 -7.01 -3.84 40.87
CA GLN G 278 -5.85 -4.57 40.35
C GLN G 278 -5.32 -5.55 41.37
N LEU G 279 -5.22 -5.14 42.63
CA LEU G 279 -4.68 -6.04 43.64
C LEU G 279 -5.55 -7.28 43.80
N PHE G 280 -6.88 -7.10 43.89
CA PHE G 280 -7.72 -8.27 44.07
C PHE G 280 -7.75 -9.13 42.82
N ASN G 281 -7.72 -8.52 41.64
CA ASN G 281 -7.67 -9.31 40.42
C ASN G 281 -6.39 -10.14 40.37
N ASP G 282 -5.26 -9.53 40.75
CA ASP G 282 -4.01 -10.28 40.79
C ASP G 282 -4.10 -11.43 41.79
N PHE G 283 -4.68 -11.18 42.96
CA PHE G 283 -4.82 -12.25 43.93
C PHE G 283 -5.66 -13.38 43.36
N LEU G 284 -6.75 -13.03 42.69
CA LEU G 284 -7.60 -14.05 42.09
C LEU G 284 -6.83 -14.87 41.07
N TYR G 285 -6.04 -14.20 40.22
CA TYR G 285 -5.25 -14.92 39.24
C TYR G 285 -4.23 -15.83 39.92
N GLN G 286 -3.57 -15.33 40.97
CA GLN G 286 -2.60 -16.14 41.69
C GLN G 286 -3.25 -17.40 42.23
N MET G 287 -4.40 -17.25 42.87
CA MET G 287 -5.13 -18.40 43.39
C MET G 287 -5.51 -19.36 42.27
N LYS G 288 -5.98 -18.83 41.14
CA LYS G 288 -6.38 -19.67 40.03
C LYS G 288 -5.19 -20.45 39.47
N GLU G 289 -4.03 -19.80 39.36
CA GLU G 289 -2.90 -20.43 38.70
C GLU G 289 -2.20 -21.42 39.61
N TYR G 290 -1.87 -21.00 40.83
CA TYR G 290 -1.02 -21.81 41.70
C TYR G 290 -1.79 -22.53 42.79
N GLY G 291 -3.05 -22.19 43.03
CA GLY G 291 -3.92 -22.95 43.89
C GLY G 291 -4.28 -22.20 45.16
N ILE G 292 -4.25 -22.93 46.27
CA ILE G 292 -4.79 -22.45 47.53
C ILE G 292 -3.70 -22.00 48.49
N TYR G 293 -2.64 -22.79 48.65
CA TYR G 293 -1.55 -22.36 49.53
C TYR G 293 -0.90 -21.09 49.02
N ALA G 294 -0.66 -21.04 47.71
CA ALA G 294 -0.20 -19.80 47.10
C ALA G 294 -1.17 -18.67 47.40
N ALA G 295 -2.47 -18.96 47.38
CA ALA G 295 -3.44 -17.94 47.72
C ALA G 295 -3.30 -17.50 49.17
N SER G 296 -2.99 -18.43 50.07
CA SER G 296 -2.81 -18.06 51.47
C SER G 296 -1.65 -17.10 51.62
N ILE G 297 -0.57 -17.34 50.89
CA ILE G 297 0.56 -16.41 50.95
C ILE G 297 0.17 -15.07 50.31
N ALA G 298 -0.51 -15.10 49.18
CA ALA G 298 -0.86 -13.87 48.48
C ALA G 298 -1.81 -13.02 49.30
N ILE G 299 -2.72 -13.64 50.05
CA ILE G 299 -3.68 -12.86 50.82
C ILE G 299 -2.98 -12.13 51.95
N ILE G 300 -1.99 -12.75 52.58
CA ILE G 300 -1.20 -11.98 53.55
C ILE G 300 -0.42 -10.88 52.87
N SER G 301 0.06 -11.13 51.64
CA SER G 301 0.70 -10.04 50.91
C SER G 301 -0.27 -8.86 50.76
N LEU G 302 -1.51 -9.17 50.38
CA LEU G 302 -2.52 -8.11 50.26
C LEU G 302 -2.78 -7.44 51.58
N ILE G 303 -2.84 -8.21 52.66
CA ILE G 303 -3.09 -7.63 53.97
C ILE G 303 -2.02 -6.61 54.30
N VAL G 304 -0.75 -6.99 54.11
CA VAL G 304 0.34 -6.07 54.40
C VAL G 304 0.23 -4.83 53.53
N GLU G 305 -0.01 -5.02 52.23
CA GLU G 305 -0.08 -3.90 51.32
C GLU G 305 -1.19 -2.94 51.72
N PHE G 306 -2.37 -3.47 52.05
CA PHE G 306 -3.50 -2.62 52.33
C PHE G 306 -3.40 -1.96 53.69
N ASP G 307 -2.79 -2.63 54.67
CA ASP G 307 -2.52 -1.96 55.93
C ASP G 307 -1.56 -0.80 55.71
N ILE G 308 -0.54 -1.00 54.88
CA ILE G 308 0.38 0.09 54.57
C ILE G 308 -0.38 1.23 53.91
N LYS G 309 -1.25 0.91 52.95
CA LYS G 309 -2.01 1.96 52.29
C LYS G 309 -2.90 2.70 53.28
N ARG G 310 -3.57 1.96 54.18
CA ARG G 310 -4.40 2.61 55.18
C ARG G 310 -3.58 3.59 56.00
N ARG G 311 -2.41 3.13 56.48
CA ARG G 311 -1.55 4.05 57.22
C ARG G 311 -1.09 5.20 56.36
N GLN G 312 -1.09 5.03 55.03
CA GLN G 312 -0.80 6.13 54.12
C GLN G 312 -2.06 6.83 53.65
N ALA G 313 -3.22 6.48 54.20
CA ALA G 313 -4.46 7.15 53.83
C ALA G 313 -4.50 8.54 54.45
N GLU G 314 -5.24 9.42 53.80
CA GLU G 314 -5.47 10.79 54.23
C GLU G 314 -6.94 11.15 54.25
N THR G 315 -7.73 10.49 53.41
CA THR G 315 -9.17 10.74 53.33
C THR G 315 -9.93 9.80 54.24
N LEU G 316 -10.94 10.34 54.90
CA LEU G 316 -11.84 9.50 55.68
C LEU G 316 -12.52 8.48 54.79
N SER G 317 -12.95 8.90 53.60
CA SER G 317 -13.54 7.98 52.65
C SER G 317 -12.52 6.94 52.18
N VAL G 318 -11.31 7.37 51.83
CA VAL G 318 -10.30 6.43 51.37
C VAL G 318 -9.84 5.55 52.53
N LYS G 319 -9.69 6.14 53.72
CA LYS G 319 -9.42 5.34 54.90
C LYS G 319 -10.44 4.22 55.04
N LEU G 320 -11.73 4.57 54.91
CA LEU G 320 -12.78 3.58 55.04
C LEU G 320 -12.68 2.51 53.96
N MET G 321 -12.46 2.93 52.71
CA MET G 321 -12.38 1.98 51.62
C MET G 321 -11.24 0.99 51.86
N HIS G 322 -10.09 1.49 52.30
CA HIS G 322 -8.94 0.62 52.48
C HIS G 322 -9.12 -0.30 53.68
N ARG G 323 -9.70 0.21 54.77
CA ARG G 323 -10.04 -0.66 55.88
C ARG G 323 -10.98 -1.77 55.44
N THR G 324 -11.96 -1.43 54.59
CA THR G 324 -12.89 -2.43 54.10
C THR G 324 -12.19 -3.47 53.24
N ALA G 325 -11.27 -3.02 52.39
CA ALA G 325 -10.49 -3.97 51.61
C ALA G 325 -9.69 -4.88 52.52
N LEU G 326 -9.08 -4.32 53.57
CA LEU G 326 -8.38 -5.13 54.55
C LEU G 326 -9.33 -6.17 55.16
N THR G 327 -10.54 -5.74 55.51
CA THR G 327 -11.48 -6.67 56.15
C THR G 327 -11.84 -7.81 55.22
N LEU G 328 -12.10 -7.50 53.95
CA LEU G 328 -12.42 -8.56 53.00
C LEU G 328 -11.23 -9.49 52.81
N CYS G 329 -10.02 -8.93 52.75
CA CYS G 329 -8.82 -9.76 52.64
C CYS G 329 -8.72 -10.70 53.82
N GLU G 330 -8.99 -10.19 55.02
CA GLU G 330 -8.91 -11.01 56.22
C GLU G 330 -9.95 -12.11 56.20
N LYS G 331 -11.17 -11.79 55.76
CA LYS G 331 -12.18 -12.83 55.57
C LYS G 331 -11.67 -13.92 54.64
N ILE G 332 -11.11 -13.52 53.50
CA ILE G 332 -10.64 -14.51 52.53
C ILE G 332 -9.54 -15.37 53.14
N ARG G 333 -8.61 -14.74 53.86
CA ARG G 333 -7.54 -15.50 54.49
C ARG G 333 -8.10 -16.48 55.51
N HIS G 334 -9.08 -16.04 56.31
CA HIS G 334 -9.67 -16.94 57.29
C HIS G 334 -10.32 -18.14 56.60
N LEU G 335 -11.03 -17.89 55.51
CA LEU G 335 -11.68 -18.98 54.79
C LEU G 335 -10.64 -19.94 54.22
N LEU G 336 -9.56 -19.39 53.67
CA LEU G 336 -8.51 -20.24 53.11
C LEU G 336 -7.87 -21.10 54.18
N VAL G 337 -7.57 -20.51 55.34
CA VAL G 337 -6.94 -21.28 56.41
C VAL G 337 -7.92 -22.31 56.94
N GLN G 338 -9.21 -22.00 56.92
CA GLN G 338 -10.21 -22.99 57.30
C GLN G 338 -10.16 -24.18 56.36
N LYS G 339 -10.10 -23.90 55.05
CA LYS G 339 -10.01 -24.99 54.09
C LYS G 339 -8.73 -25.81 54.30
N LEU G 340 -7.62 -25.13 54.58
CA LEU G 340 -6.39 -25.82 54.92
C LEU G 340 -6.59 -26.72 56.13
N GLN G 341 -7.21 -26.19 57.19
CA GLN G 341 -7.53 -26.93 58.38
C GLN G 341 -8.71 -27.88 58.19
N ASP G 342 -9.57 -27.62 57.20
CA ASP G 342 -10.64 -28.55 56.88
C ASP G 342 -10.11 -29.87 56.35
N MET G 343 -8.85 -29.90 55.90
CA MET G 343 -8.22 -31.12 55.43
C MET G 343 -7.14 -31.63 56.37
N THR G 344 -6.69 -30.82 57.32
CA THR G 344 -5.70 -31.29 58.30
C THR G 344 -6.19 -32.51 59.06
N TYR G 345 -7.49 -32.81 59.01
CA TYR G 345 -7.98 -34.04 59.61
C TYR G 345 -7.32 -35.25 58.98
N ASP G 346 -6.78 -35.10 57.77
CA ASP G 346 -6.05 -36.20 57.15
C ASP G 346 -4.89 -36.65 58.04
N ASP G 347 -4.16 -35.70 58.61
CA ASP G 347 -3.06 -36.01 59.52
C ASP G 347 -2.71 -34.76 60.31
N ASP G 348 -2.16 -34.96 61.50
CA ASP G 348 -1.92 -33.88 62.43
C ASP G 348 -0.46 -33.41 62.44
N ASP G 349 0.44 -34.13 61.77
CA ASP G 349 1.84 -33.73 61.70
C ASP G 349 1.93 -32.54 60.74
N ASP G 350 1.79 -31.34 61.29
CA ASP G 350 1.73 -30.14 60.47
C ASP G 350 2.99 -29.93 59.64
N ASN G 351 4.13 -30.47 60.07
CA ASN G 351 5.36 -30.32 59.28
C ASN G 351 5.21 -30.96 57.91
N VAL G 352 5.08 -32.29 57.88
CA VAL G 352 4.89 -32.99 56.61
C VAL G 352 3.52 -32.69 56.02
N ASN G 353 2.53 -32.41 56.85
CA ASN G 353 1.22 -32.03 56.33
C ASN G 353 1.28 -30.73 55.54
N THR G 354 2.23 -29.85 55.83
CA THR G 354 2.43 -28.67 55.00
C THR G 354 2.82 -29.08 53.59
N GLU G 355 3.79 -29.99 53.47
CA GLU G 355 4.13 -30.55 52.17
C GLU G 355 2.91 -31.15 51.51
N GLU G 356 2.15 -31.96 52.26
CA GLU G 356 1.05 -32.70 51.66
C GLU G 356 -0.03 -31.76 51.16
N VAL G 357 -0.36 -30.73 51.94
CA VAL G 357 -1.35 -29.76 51.48
C VAL G 357 -0.83 -29.00 50.28
N ILE G 358 0.44 -28.58 50.29
CA ILE G 358 0.99 -27.92 49.13
C ILE G 358 0.95 -28.81 47.90
N MET G 359 0.99 -30.12 48.09
CA MET G 359 0.75 -31.03 46.97
C MET G 359 -0.72 -31.06 46.57
N ASN G 360 -1.62 -31.04 47.55
CA ASN G 360 -3.06 -31.12 47.31
C ASN G 360 -3.68 -29.77 47.04
N PHE G 361 -3.36 -28.77 47.84
CA PHE G 361 -3.99 -27.46 47.76
C PHE G 361 -3.25 -26.50 46.83
N SER G 362 -2.48 -27.03 45.87
CA SER G 362 -1.84 -26.18 44.88
C SER G 362 -1.80 -26.93 43.55
N THR G 363 -1.70 -26.17 42.47
CA THR G 363 -1.90 -26.71 41.14
C THR G 363 -0.74 -27.61 40.72
N PRO G 364 -0.95 -28.47 39.73
CA PRO G 364 0.12 -29.38 39.31
C PRO G 364 1.41 -28.68 38.94
N LYS G 365 1.33 -27.49 38.34
CA LYS G 365 2.54 -26.73 38.07
C LYS G 365 3.37 -26.59 39.34
N VAL G 366 2.72 -26.17 40.43
CA VAL G 366 3.43 -25.98 41.69
C VAL G 366 4.02 -27.30 42.18
N GLN G 367 3.23 -28.37 42.12
CA GLN G 367 3.70 -29.66 42.63
C GLN G 367 4.94 -30.10 41.87
N ARG G 368 4.88 -30.00 40.53
CA ARG G 368 6.02 -30.38 39.71
C ARG G 368 7.23 -29.52 40.07
N PHE G 369 7.02 -28.22 40.21
CA PHE G 369 8.13 -27.34 40.55
C PHE G 369 8.78 -27.76 41.85
N LEU G 370 7.97 -27.98 42.89
CA LEU G 370 8.53 -28.27 44.20
C LEU G 370 9.26 -29.61 44.22
N MET G 371 8.70 -30.64 43.60
CA MET G 371 9.41 -31.92 43.66
C MET G 371 10.63 -31.92 42.74
N SER G 372 10.61 -31.13 41.67
CA SER G 372 11.82 -30.95 40.88
C SER G 372 12.91 -30.30 41.71
N LEU G 373 12.56 -29.28 42.48
CA LEU G 373 13.54 -28.71 43.40
C LEU G 373 14.03 -29.74 44.40
N LYS G 374 13.12 -30.53 44.96
CA LYS G 374 13.51 -31.52 45.95
C LYS G 374 14.53 -32.47 45.37
N VAL G 375 14.28 -32.97 44.15
CA VAL G 375 15.20 -33.91 43.52
C VAL G 375 16.43 -33.23 42.95
N SER G 376 16.44 -31.90 42.89
CA SER G 376 17.57 -31.18 42.30
C SER G 376 18.66 -30.89 43.33
N PHE G 377 18.30 -30.59 44.57
CA PHE G 377 19.24 -30.18 45.60
C PHE G 377 19.01 -30.98 46.88
N ALA G 378 18.92 -32.30 46.75
CA ALA G 378 18.57 -33.14 47.89
C ALA G 378 19.51 -32.91 49.06
N ASP G 379 20.80 -33.22 48.88
CA ASP G 379 21.77 -33.20 49.97
C ASP G 379 23.10 -32.59 49.51
N LYS G 380 23.01 -31.44 48.84
CA LYS G 380 24.19 -30.76 48.32
C LYS G 380 24.60 -29.60 49.23
N ASP G 381 25.85 -29.19 49.09
CA ASP G 381 26.37 -28.08 49.87
C ASP G 381 25.66 -26.79 49.48
N PRO G 382 25.11 -26.04 50.43
CA PRO G 382 24.47 -24.77 50.06
C PRO G 382 25.38 -23.83 49.30
N LYS G 383 26.68 -23.80 49.64
CA LYS G 383 27.61 -22.98 48.88
C LYS G 383 27.73 -23.43 47.44
N ASP G 384 27.46 -24.70 47.15
CA ASP G 384 27.62 -25.25 45.81
C ASP G 384 26.37 -25.13 44.95
N ILE G 385 25.29 -24.57 45.49
CA ILE G 385 24.05 -24.39 44.73
C ILE G 385 23.80 -22.90 44.57
N CYS G 386 23.61 -22.47 43.33
CA CYS G 386 23.34 -21.08 43.02
C CYS G 386 22.44 -21.07 41.79
N CYS G 387 21.14 -20.93 42.02
CA CYS G 387 20.15 -21.09 40.96
C CYS G 387 19.14 -19.96 41.01
N LEU G 388 18.54 -19.68 39.85
CA LEU G 388 17.59 -18.61 39.68
C LEU G 388 16.23 -19.19 39.32
N VAL G 389 15.17 -18.44 39.63
CA VAL G 389 13.82 -18.78 39.22
C VAL G 389 13.18 -17.54 38.63
N PHE G 390 12.53 -17.70 37.48
CA PHE G 390 11.91 -16.60 36.77
C PHE G 390 10.39 -16.76 36.79
N VAL G 391 9.71 -15.73 37.27
CA VAL G 391 8.26 -15.69 37.31
C VAL G 391 7.82 -14.35 36.74
N GLU G 392 6.56 -14.30 36.30
CA GLU G 392 6.09 -13.15 35.54
C GLU G 392 5.70 -11.98 36.43
N ARG G 393 4.68 -12.18 37.27
CA ARG G 393 4.08 -11.06 37.96
C ARG G 393 4.89 -10.67 39.19
N ARG G 394 4.79 -9.39 39.55
CA ARG G 394 5.48 -8.91 40.74
C ARG G 394 5.09 -9.72 41.97
N TYR G 395 3.79 -9.84 42.23
CA TYR G 395 3.34 -10.48 43.45
C TYR G 395 3.59 -11.98 43.43
N THR G 396 3.78 -12.56 42.24
CA THR G 396 4.12 -13.97 42.18
C THR G 396 5.43 -14.25 42.89
N CYS G 397 6.39 -13.33 42.77
CA CYS G 397 7.65 -13.50 43.47
C CYS G 397 7.42 -13.62 44.98
N LYS G 398 6.67 -12.67 45.55
CA LYS G 398 6.42 -12.71 46.98
C LYS G 398 5.69 -14.00 47.37
N CYS G 399 4.66 -14.36 46.61
CA CYS G 399 3.87 -15.54 46.94
C CYS G 399 4.73 -16.79 46.93
N ILE G 400 5.46 -17.00 45.84
CA ILE G 400 6.29 -18.19 45.73
C ILE G 400 7.40 -18.17 46.76
N TYR G 401 7.91 -16.99 47.11
CA TYR G 401 8.94 -16.93 48.14
C TYR G 401 8.40 -17.43 49.47
N GLY G 402 7.22 -16.95 49.86
CA GLY G 402 6.63 -17.43 51.10
C GLY G 402 6.34 -18.93 51.06
N LEU G 403 5.81 -19.38 49.92
CA LEU G 403 5.53 -20.81 49.77
C LEU G 403 6.81 -21.62 49.91
N LEU G 404 7.89 -21.16 49.30
CA LEU G 404 9.16 -21.87 49.39
C LEU G 404 9.70 -21.83 50.81
N LEU G 405 9.53 -20.71 51.50
CA LEU G 405 9.94 -20.66 52.90
C LEU G 405 9.24 -21.75 53.70
N ASN G 406 7.92 -21.84 53.56
CA ASN G 406 7.18 -22.85 54.29
C ASN G 406 7.65 -24.24 53.89
N TYR G 407 7.86 -24.46 52.60
CA TYR G 407 8.31 -25.78 52.14
C TYR G 407 9.65 -26.14 52.73
N ILE G 408 10.60 -25.21 52.70
CA ILE G 408 11.92 -25.47 53.26
C ILE G 408 11.80 -25.80 54.73
N GLN G 409 11.09 -24.98 55.49
CA GLN G 409 10.82 -25.32 56.88
C GLN G 409 9.56 -26.17 56.98
N SER G 410 9.46 -27.14 56.08
CA SER G 410 8.52 -28.25 56.19
C SER G 410 9.13 -29.59 55.83
N THR G 411 10.22 -29.63 55.07
CA THR G 411 10.82 -30.86 54.59
C THR G 411 12.17 -31.08 55.27
N PRO G 412 12.40 -32.25 55.87
CA PRO G 412 13.68 -32.44 56.56
C PRO G 412 14.90 -32.32 55.66
N GLU G 413 14.80 -32.75 54.40
CA GLU G 413 15.99 -32.83 53.56
C GLU G 413 16.43 -31.46 53.04
N LEU G 414 15.49 -30.53 52.87
CA LEU G 414 15.81 -29.21 52.34
C LEU G 414 15.85 -28.13 53.42
N ARG G 415 15.58 -28.49 54.67
CA ARG G 415 15.45 -27.47 55.70
C ARG G 415 16.74 -26.72 55.92
N ASN G 416 17.89 -27.33 55.61
CA ASN G 416 19.18 -26.74 55.94
C ASN G 416 20.09 -26.68 54.73
N VAL G 417 19.52 -26.55 53.53
CA VAL G 417 20.29 -26.45 52.30
C VAL G 417 19.94 -25.20 51.50
N LEU G 418 18.67 -24.89 51.36
CA LEU G 418 18.23 -23.76 50.55
C LEU G 418 17.93 -22.55 51.42
N THR G 419 18.19 -21.37 50.86
CA THR G 419 17.86 -20.10 51.52
C THR G 419 17.11 -19.26 50.50
N PRO G 420 15.79 -19.41 50.43
CA PRO G 420 15.03 -18.69 49.40
C PRO G 420 15.19 -17.19 49.53
N GLN G 421 15.21 -16.51 48.39
CA GLN G 421 15.27 -15.05 48.35
C GLN G 421 14.57 -14.60 47.09
N PHE G 422 14.14 -13.33 47.08
CA PHE G 422 13.35 -12.82 45.98
C PHE G 422 13.73 -11.37 45.72
N MET G 423 13.32 -10.86 44.57
CA MET G 423 13.48 -9.44 44.29
C MET G 423 12.75 -9.09 43.01
N VAL G 424 12.16 -7.90 42.99
CA VAL G 424 11.38 -7.40 41.87
C VAL G 424 11.88 -6.00 41.52
N GLY G 425 11.31 -5.44 40.46
CA GLY G 425 11.76 -4.16 39.98
C GLY G 425 11.30 -2.99 40.83
N ARG G 426 11.19 -1.82 40.22
CA ARG G 426 10.75 -0.64 40.95
C ARG G 426 9.36 -0.86 41.53
N ASN G 427 8.94 0.10 42.35
CA ASN G 427 7.76 -0.07 43.19
C ASN G 427 7.94 -1.27 44.11
N ASN G 428 9.07 -1.28 44.82
CA ASN G 428 9.42 -2.42 45.65
C ASN G 428 8.29 -2.73 46.63
N ILE G 429 7.87 -3.99 46.65
CA ILE G 429 6.87 -4.43 47.60
C ILE G 429 7.53 -4.69 48.95
N SER G 430 6.73 -4.68 49.99
CA SER G 430 7.26 -4.97 51.32
C SER G 430 7.81 -6.39 51.34
N PRO G 431 9.07 -6.58 51.72
CA PRO G 431 9.61 -7.95 51.80
C PRO G 431 9.25 -8.64 53.10
N ASP G 432 8.42 -7.99 53.92
CA ASP G 432 8.06 -8.52 55.23
C ASP G 432 6.55 -8.80 55.27
N PHE G 433 6.18 -9.74 56.12
CA PHE G 433 4.81 -10.23 56.18
C PHE G 433 4.09 -9.82 57.46
N GLU G 434 4.77 -9.18 58.41
CA GLU G 434 4.19 -8.90 59.72
C GLU G 434 3.86 -7.43 59.91
N SER G 435 3.97 -6.61 58.86
CA SER G 435 3.49 -5.22 58.84
C SER G 435 4.12 -4.35 59.92
N VAL G 436 5.20 -4.80 60.56
CA VAL G 436 5.85 -3.98 61.58
C VAL G 436 6.40 -2.72 60.94
N LEU G 437 6.40 -1.62 61.70
CA LEU G 437 6.75 -0.33 61.11
C LEU G 437 8.18 -0.32 60.57
N GLU G 438 9.13 -0.88 61.31
CA GLU G 438 10.52 -0.91 60.88
C GLU G 438 11.18 -2.20 61.31
N ARG G 439 12.14 -2.65 60.52
CA ARG G 439 12.85 -3.89 60.76
C ARG G 439 14.35 -3.61 60.75
N LYS G 440 15.10 -4.47 61.44
CA LYS G 440 16.55 -4.35 61.49
C LYS G 440 17.21 -4.72 60.16
N TRP G 441 16.57 -5.57 59.36
CA TRP G 441 17.23 -6.08 58.17
C TRP G 441 17.54 -4.95 57.20
N GLN G 442 18.78 -4.93 56.71
CA GLN G 442 19.23 -3.90 55.77
C GLN G 442 19.87 -4.44 54.52
N LYS G 443 20.51 -5.61 54.57
CA LYS G 443 21.20 -6.13 53.39
C LYS G 443 20.21 -6.34 52.25
N SER G 444 20.57 -5.85 51.08
CA SER G 444 19.73 -6.04 49.89
C SER G 444 19.86 -7.47 49.37
N ALA G 445 18.80 -7.92 48.71
CA ALA G 445 18.77 -9.30 48.22
C ALA G 445 19.91 -9.57 47.24
N ILE G 446 20.15 -8.62 46.33
CA ILE G 446 21.22 -8.81 45.35
C ILE G 446 22.57 -8.93 46.04
N GLN G 447 22.81 -8.09 47.06
CA GLN G 447 24.06 -8.19 47.80
C GLN G 447 24.16 -9.54 48.50
N GLN G 448 23.04 -10.04 49.00
CA GLN G 448 23.04 -11.39 49.59
C GLN G 448 23.46 -12.41 48.55
N PHE G 449 22.93 -12.29 47.33
CA PHE G 449 23.28 -13.23 46.28
C PHE G 449 24.77 -13.15 45.97
N ARG G 450 25.30 -11.94 45.84
CA ARG G 450 26.72 -11.80 45.52
C ARG G 450 27.59 -12.35 46.63
N ASP G 451 27.31 -12.00 47.88
CA ASP G 451 28.12 -12.46 49.00
C ASP G 451 27.92 -13.94 49.28
N GLY G 452 26.83 -14.54 48.80
CA GLY G 452 26.52 -15.91 49.09
C GLY G 452 25.58 -16.11 50.26
N ASN G 453 25.13 -15.04 50.91
CA ASN G 453 24.18 -15.18 52.00
C ASN G 453 22.92 -15.87 51.53
N ALA G 454 22.42 -15.50 50.36
CA ALA G 454 21.23 -16.11 49.77
C ALA G 454 21.65 -16.92 48.56
N ASN G 455 21.16 -18.17 48.49
CA ASN G 455 21.51 -19.08 47.42
C ASN G 455 20.39 -19.35 46.44
N LEU G 456 19.13 -19.18 46.84
CA LEU G 456 17.97 -19.40 46.00
C LEU G 456 17.28 -18.06 45.78
N MET G 457 17.13 -17.68 44.51
CA MET G 457 16.66 -16.35 44.14
C MET G 457 15.44 -16.45 43.24
N ILE G 458 14.39 -15.72 43.59
CA ILE G 458 13.14 -15.67 42.82
C ILE G 458 13.03 -14.26 42.26
N CYS G 459 13.33 -14.10 40.97
CA CYS G 459 13.35 -12.80 40.32
C CYS G 459 12.37 -12.80 39.16
N SER G 460 11.84 -11.62 38.84
CA SER G 460 10.90 -11.44 37.74
C SER G 460 11.47 -10.43 36.75
N SER G 461 12.29 -10.90 35.82
CA SER G 461 12.75 -10.10 34.70
C SER G 461 13.61 -8.92 35.14
N VAL G 462 14.04 -8.91 36.39
CA VAL G 462 14.95 -7.85 36.85
C VAL G 462 16.39 -8.30 36.74
N LEU G 463 16.76 -9.35 37.47
CA LEU G 463 18.13 -9.83 37.47
C LEU G 463 18.57 -10.37 36.12
N GLU G 464 17.64 -10.52 35.18
CA GLU G 464 17.98 -11.06 33.88
C GLU G 464 19.00 -10.20 33.16
N GLU G 465 18.81 -8.88 33.16
CA GLU G 465 19.51 -7.99 32.25
C GLU G 465 20.55 -7.18 33.02
N GLY G 466 21.79 -7.24 32.56
CA GLY G 466 22.81 -6.34 33.06
C GLY G 466 23.33 -6.67 34.44
N ILE G 467 22.42 -6.84 35.40
CA ILE G 467 22.83 -7.03 36.78
C ILE G 467 23.85 -8.14 36.85
N ASP G 468 25.04 -7.81 37.36
CA ASP G 468 26.14 -8.74 37.41
C ASP G 468 25.94 -9.75 38.54
N VAL G 469 25.95 -11.03 38.19
CA VAL G 469 25.84 -12.09 39.18
C VAL G 469 26.83 -13.19 38.82
N GLN G 470 27.30 -13.89 39.84
CA GLN G 470 28.16 -15.04 39.60
C GLN G 470 27.40 -16.09 38.82
N ALA G 471 28.15 -16.90 38.07
CA ALA G 471 27.52 -17.91 37.22
C ALA G 471 26.65 -18.84 38.07
N CYS G 472 25.42 -19.06 37.60
CA CYS G 472 24.44 -19.83 38.36
C CYS G 472 24.41 -21.29 37.89
N ASN G 473 24.38 -22.20 38.86
CA ASN G 473 24.36 -23.62 38.53
C ASN G 473 23.10 -23.99 37.75
N HIS G 474 21.95 -23.47 38.17
CA HIS G 474 20.68 -23.84 37.57
C HIS G 474 19.85 -22.59 37.35
N VAL G 475 18.95 -22.65 36.38
CA VAL G 475 18.04 -21.54 36.09
C VAL G 475 16.70 -22.13 35.68
N PHE G 476 15.68 -21.92 36.50
CA PHE G 476 14.38 -22.53 36.32
C PHE G 476 13.42 -21.46 35.83
N ILE G 477 12.95 -21.59 34.60
CA ILE G 477 12.02 -20.62 34.01
C ILE G 477 10.62 -21.16 34.28
N LEU G 478 10.11 -20.84 35.48
CA LEU G 478 8.82 -21.39 35.89
C LEU G 478 7.70 -20.93 34.97
N ASP G 479 7.70 -19.66 34.61
CA ASP G 479 6.66 -19.12 33.74
C ASP G 479 6.98 -19.39 32.29
N PRO G 480 5.98 -19.39 31.42
CA PRO G 480 6.24 -19.60 29.99
C PRO G 480 7.14 -18.51 29.42
N VAL G 481 8.01 -18.91 28.51
CA VAL G 481 8.91 -17.99 27.84
C VAL G 481 8.11 -17.19 26.81
N LYS G 482 8.38 -15.89 26.72
CA LYS G 482 7.58 -15.01 25.89
C LYS G 482 8.35 -14.22 24.84
N THR G 483 9.60 -13.87 25.07
CA THR G 483 10.33 -12.99 24.15
C THR G 483 11.69 -13.56 23.82
N PHE G 484 12.07 -13.43 22.55
CA PHE G 484 13.34 -13.97 22.10
C PHE G 484 14.49 -13.44 22.94
N ASN G 485 14.57 -12.12 23.09
CA ASN G 485 15.66 -11.54 23.87
C ASN G 485 15.62 -12.04 25.30
N MET G 486 14.42 -12.11 25.88
CA MET G 486 14.30 -12.60 27.24
C MET G 486 14.78 -14.03 27.33
N TYR G 487 14.40 -14.86 26.37
CA TYR G 487 14.88 -16.23 26.34
C TYR G 487 16.40 -16.27 26.30
N VAL G 488 17.00 -15.49 25.40
CA VAL G 488 18.45 -15.56 25.21
C VAL G 488 19.17 -15.11 26.46
N GLN G 489 18.75 -14.00 27.05
CA GLN G 489 19.44 -13.51 28.23
C GLN G 489 19.26 -14.47 29.40
N SER G 490 18.07 -15.04 29.55
CA SER G 490 17.89 -16.05 30.61
C SER G 490 18.83 -17.22 30.38
N LYS G 491 18.94 -17.68 29.13
CA LYS G 491 19.85 -18.78 28.82
C LYS G 491 21.28 -18.41 29.18
N GLY G 492 21.70 -17.19 28.84
CA GLY G 492 23.06 -16.76 29.11
C GLY G 492 23.35 -16.58 30.58
N ARG G 493 22.32 -16.30 31.39
CA ARG G 493 22.55 -16.17 32.82
C ARG G 493 23.14 -17.44 33.41
N ALA G 494 22.66 -18.61 32.96
CA ALA G 494 23.23 -19.88 33.36
C ALA G 494 24.56 -20.04 32.63
N ARG G 495 25.62 -19.54 33.26
CA ARG G 495 26.92 -19.41 32.62
C ARG G 495 27.91 -20.49 33.03
N THR G 496 27.74 -21.09 34.20
CA THR G 496 28.78 -21.97 34.72
C THR G 496 28.81 -23.29 33.95
N THR G 497 29.91 -24.02 34.15
CA THR G 497 30.06 -25.32 33.53
C THR G 497 29.00 -26.28 34.04
N GLU G 498 28.43 -27.06 33.13
CA GLU G 498 27.42 -28.06 33.46
C GLU G 498 26.15 -27.43 34.00
N ALA G 499 25.98 -26.11 33.83
CA ALA G 499 24.79 -25.45 34.33
C ALA G 499 23.54 -26.04 33.67
N LYS G 500 22.50 -26.24 34.48
CA LYS G 500 21.27 -26.85 34.03
C LYS G 500 20.21 -25.76 33.80
N PHE G 501 19.43 -25.94 32.75
CA PHE G 501 18.38 -25.00 32.38
C PHE G 501 17.06 -25.77 32.29
N VAL G 502 16.00 -25.19 32.83
CA VAL G 502 14.74 -25.90 32.98
C VAL G 502 13.59 -24.99 32.55
N LEU G 503 12.65 -25.54 31.80
CA LEU G 503 11.42 -24.85 31.42
C LEU G 503 10.23 -25.60 31.97
N PHE G 504 9.31 -24.87 32.60
CA PHE G 504 8.04 -25.43 33.07
C PHE G 504 6.94 -24.94 32.15
N THR G 505 6.25 -25.87 31.50
CA THR G 505 5.19 -25.53 30.56
C THR G 505 3.99 -26.45 30.79
N ALA G 506 2.81 -25.91 30.56
CA ALA G 506 1.61 -26.73 30.61
C ALA G 506 1.58 -27.71 29.45
N ASP G 507 0.95 -28.86 29.70
CA ASP G 507 0.94 -29.92 28.68
C ASP G 507 0.29 -29.44 27.40
N LYS G 508 -0.84 -28.74 27.51
CA LYS G 508 -1.54 -28.29 26.31
C LYS G 508 -0.72 -27.30 25.51
N GLU G 509 0.10 -26.49 26.17
CA GLU G 509 0.95 -25.51 25.48
C GLU G 509 2.32 -26.08 25.16
N ARG G 510 2.50 -27.38 25.37
CA ARG G 510 3.80 -28.00 25.17
C ARG G 510 4.32 -27.76 23.76
N GLU G 511 3.49 -28.06 22.76
CA GLU G 511 3.94 -27.96 21.37
C GLU G 511 4.14 -26.51 20.95
N LYS G 512 3.32 -25.59 21.47
CA LYS G 512 3.52 -24.18 21.12
C LYS G 512 4.82 -23.65 21.70
N THR G 513 5.12 -23.97 22.96
CA THR G 513 6.40 -23.54 23.53
C THR G 513 7.55 -24.18 22.76
N ILE G 514 7.35 -25.41 22.29
CA ILE G 514 8.33 -26.04 21.41
C ILE G 514 8.55 -25.20 20.16
N GLN G 515 7.45 -24.78 19.53
CA GLN G 515 7.53 -23.95 18.34
C GLN G 515 8.35 -22.71 18.62
N GLN G 516 8.04 -22.04 19.73
CA GLN G 516 8.72 -20.79 20.05
C GLN G 516 10.20 -21.01 20.30
N ILE G 517 10.54 -22.01 21.09
CA ILE G 517 11.94 -22.23 21.45
C ILE G 517 12.76 -22.53 20.20
N TYR G 518 12.19 -23.25 19.25
CA TYR G 518 12.98 -23.55 18.04
C TYR G 518 12.96 -22.41 17.03
N GLN G 519 11.92 -21.58 16.99
CA GLN G 519 12.07 -20.35 16.23
C GLN G 519 13.21 -19.52 16.79
N TYR G 520 13.35 -19.49 18.11
CA TYR G 520 14.46 -18.77 18.72
C TYR G 520 15.81 -19.41 18.39
N ARG G 521 15.88 -20.74 18.43
CA ARG G 521 17.10 -21.42 17.96
C ARG G 521 17.48 -20.95 16.57
N LYS G 522 16.51 -20.95 15.66
CA LYS G 522 16.78 -20.60 14.28
C LYS G 522 17.25 -19.16 14.19
N ALA G 523 16.63 -18.26 14.94
CA ALA G 523 17.05 -16.86 14.92
C ALA G 523 18.47 -16.71 15.40
N HIS G 524 18.82 -17.39 16.50
CA HIS G 524 20.19 -17.30 17.03
C HIS G 524 21.19 -17.79 16.00
N ASN G 525 20.95 -18.97 15.42
CA ASN G 525 21.87 -19.49 14.42
C ASN G 525 21.97 -18.58 13.21
N ASP G 526 20.84 -17.99 12.82
CA ASP G 526 20.83 -17.05 11.70
C ASP G 526 21.71 -15.84 12.00
N ILE G 527 21.58 -15.29 13.20
CA ILE G 527 22.42 -14.16 13.58
C ILE G 527 23.88 -14.56 13.50
N ALA G 528 24.21 -15.73 14.05
CA ALA G 528 25.61 -16.17 14.07
C ALA G 528 26.17 -16.26 12.66
N GLU G 529 25.46 -16.97 11.77
CA GLU G 529 25.96 -17.14 10.41
C GLU G 529 26.00 -15.81 9.67
N TYR G 530 25.02 -14.95 9.90
CA TYR G 530 24.94 -13.69 9.17
C TYR G 530 26.10 -12.79 9.56
N LEU G 531 26.51 -12.83 10.83
CA LEU G 531 27.71 -12.11 11.22
C LEU G 531 28.96 -12.76 10.65
N LYS G 532 29.05 -14.09 10.72
CA LYS G 532 30.25 -14.77 10.26
C LYS G 532 30.51 -14.51 8.78
N ASP G 533 29.49 -14.67 7.95
CA ASP G 533 29.69 -14.69 6.51
C ASP G 533 29.67 -13.29 5.90
N ARG G 534 28.88 -12.38 6.46
CA ARG G 534 28.79 -11.05 5.87
C ARG G 534 30.16 -10.38 5.87
N VAL G 535 30.42 -9.61 4.82
CA VAL G 535 31.65 -8.83 4.70
C VAL G 535 31.31 -7.49 4.07
N LEU G 536 31.92 -6.42 4.59
CA LEU G 536 31.70 -5.08 4.06
C LEU G 536 32.96 -4.26 4.33
N GLU G 537 33.46 -3.60 3.28
CA GLU G 537 34.64 -2.75 3.45
C GLU G 537 34.30 -1.44 4.12
N LYS G 538 33.10 -0.89 3.86
CA LYS G 538 32.75 0.40 4.42
C LYS G 538 32.60 0.34 5.93
N THR G 539 32.02 -0.74 6.45
CA THR G 539 31.87 -0.97 7.89
C THR G 539 31.25 0.23 8.61
N GLU G 540 30.49 1.06 7.88
CA GLU G 540 29.66 2.09 8.49
C GLU G 540 28.51 2.38 7.54
N PRO G 541 27.31 2.68 8.05
CA PRO G 541 26.24 3.14 7.16
C PRO G 541 26.53 4.51 6.58
N GLU G 542 25.98 4.76 5.41
CA GLU G 542 26.25 6.00 4.68
C GLU G 542 25.42 7.14 5.26
N LEU G 543 25.73 8.36 4.81
CA LEU G 543 25.02 9.54 5.31
C LEU G 543 23.56 9.54 4.89
N TYR G 544 23.28 9.19 3.63
CA TYR G 544 21.90 9.29 3.15
C TYR G 544 20.98 8.40 3.97
N GLU G 545 21.41 7.17 4.24
CA GLU G 545 20.54 6.25 4.98
C GLU G 545 20.42 6.65 6.43
N ILE G 546 21.52 7.11 7.03
CA ILE G 546 21.45 7.58 8.41
C ILE G 546 20.46 8.74 8.52
N LYS G 547 20.48 9.64 7.54
CA LYS G 547 19.53 10.75 7.53
C LYS G 547 18.11 10.25 7.29
N GLY G 548 17.96 9.23 6.44
CA GLY G 548 16.64 8.71 6.14
C GLY G 548 16.04 7.87 7.24
N HIS G 549 16.85 7.42 8.19
CA HIS G 549 16.36 6.54 9.25
C HIS G 549 15.55 7.27 10.31
N PHE G 550 15.62 8.61 10.36
CA PHE G 550 15.05 9.35 11.48
C PHE G 550 13.99 10.38 11.12
N GLN G 551 13.94 10.88 9.89
CA GLN G 551 13.10 12.04 9.61
C GLN G 551 11.61 11.73 9.79
N ASP G 552 11.25 10.46 9.92
CA ASP G 552 9.83 10.11 9.97
C ASP G 552 9.12 10.88 11.07
N ASP G 553 9.75 11.03 12.23
CA ASP G 553 9.16 11.79 13.31
C ASP G 553 9.09 13.26 12.93
N ILE G 554 8.56 14.09 13.83
CA ILE G 554 8.56 15.52 13.60
C ILE G 554 9.96 16.07 13.78
N ASP G 555 10.34 16.99 12.91
CA ASP G 555 11.67 17.55 12.98
C ASP G 555 11.86 18.29 14.31
N PRO G 556 13.04 18.22 14.92
CA PRO G 556 13.25 18.97 16.17
C PRO G 556 13.35 20.45 15.92
N PHE G 557 13.19 21.21 17.00
CA PHE G 557 13.39 22.65 16.98
C PHE G 557 14.60 23.03 17.81
N THR G 558 15.32 24.05 17.36
CA THR G 558 16.47 24.58 18.08
C THR G 558 16.39 26.10 18.08
N ASN G 559 17.01 26.71 19.08
CA ASN G 559 17.11 28.15 19.17
C ASN G 559 18.55 28.58 18.83
N GLU G 560 18.76 29.89 18.76
CA GLU G 560 20.10 30.41 18.50
C GLU G 560 21.12 29.89 19.50
N ASN G 561 20.71 29.65 20.75
CA ASN G 561 21.60 29.06 21.72
C ASN G 561 21.96 27.62 21.40
N GLY G 562 21.27 27.01 20.45
CA GLY G 562 21.50 25.62 20.11
C GLY G 562 20.74 24.62 20.94
N ALA G 563 20.01 25.07 21.96
CA ALA G 563 19.21 24.15 22.76
C ALA G 563 18.17 23.49 21.88
N VAL G 564 18.02 22.17 22.03
CA VAL G 564 17.17 21.36 21.17
C VAL G 564 15.98 20.90 21.99
N LEU G 565 14.78 21.11 21.46
CA LEU G 565 13.55 20.62 22.07
C LEU G 565 13.08 19.43 21.25
N LEU G 566 13.45 18.23 21.68
CA LEU G 566 13.00 17.03 20.99
C LEU G 566 11.48 16.90 21.12
N PRO G 567 10.78 16.61 20.03
CA PRO G 567 9.32 16.44 20.15
C PRO G 567 8.94 15.33 21.10
N ASN G 568 9.75 14.28 21.19
CA ASN G 568 9.47 13.21 22.12
C ASN G 568 9.54 13.67 23.57
N ASN G 569 10.31 14.71 23.86
CA ASN G 569 10.42 15.26 25.20
C ASN G 569 9.43 16.38 25.47
N ALA G 570 8.57 16.69 24.51
CA ALA G 570 7.68 17.83 24.66
C ALA G 570 6.72 17.64 25.83
N LEU G 571 6.13 16.45 25.94
CA LEU G 571 5.21 16.20 27.05
C LEU G 571 5.94 16.27 28.39
N ALA G 572 7.14 15.71 28.45
CA ALA G 572 7.91 15.76 29.69
C ALA G 572 8.17 17.20 30.10
N ILE G 573 8.58 18.04 29.16
CA ILE G 573 8.86 19.44 29.49
C ILE G 573 7.58 20.15 29.89
N LEU G 574 6.47 19.83 29.21
CA LEU G 574 5.20 20.46 29.56
C LEU G 574 4.83 20.17 31.00
N HIS G 575 4.85 18.89 31.38
CA HIS G 575 4.50 18.52 32.75
C HIS G 575 5.50 19.11 33.72
N ARG G 576 6.77 19.18 33.34
CA ARG G 576 7.77 19.80 34.20
C ARG G 576 7.39 21.24 34.51
N TYR G 577 7.08 22.02 33.48
CA TYR G 577 6.75 23.42 33.71
C TYR G 577 5.46 23.55 34.51
N CYS G 578 4.46 22.74 34.20
CA CYS G 578 3.18 22.85 34.86
C CYS G 578 3.21 22.39 36.31
N GLN G 579 4.27 21.69 36.72
CA GLN G 579 4.41 21.27 38.10
C GLN G 579 4.80 22.43 39.03
N THR G 580 5.15 23.58 38.48
CA THR G 580 5.64 24.69 39.28
C THR G 580 4.62 25.81 39.48
N ILE G 581 3.56 25.86 38.67
CA ILE G 581 2.58 26.95 38.82
C ILE G 581 1.88 26.90 40.17
N PRO G 582 1.43 25.75 40.69
CA PRO G 582 0.61 25.79 41.90
C PRO G 582 1.40 26.28 43.09
N THR G 583 0.71 26.95 44.00
CA THR G 583 1.30 27.49 45.21
C THR G 583 0.59 26.95 46.45
N ASP G 584 0.15 25.69 46.36
CA ASP G 584 -0.51 25.03 47.48
C ASP G 584 -0.10 23.57 47.48
N ALA G 585 0.01 23.01 48.68
CA ALA G 585 0.26 21.57 48.79
C ALA G 585 -0.86 20.75 48.17
N PHE G 586 -2.03 21.34 48.02
CA PHE G 586 -3.21 20.63 47.51
C PHE G 586 -3.79 21.26 46.26
N GLY G 587 -3.35 22.45 45.88
CA GLY G 587 -3.76 23.08 44.65
C GLY G 587 -3.00 22.60 43.44
N PHE G 588 -2.08 21.66 43.62
CA PHE G 588 -1.29 21.15 42.50
C PHE G 588 -2.19 20.43 41.50
N VAL G 589 -2.18 20.89 40.26
CA VAL G 589 -3.04 20.37 39.20
C VAL G 589 -2.22 20.28 37.93
N ILE G 590 -2.39 19.19 37.19
CA ILE G 590 -1.62 18.96 35.97
C ILE G 590 -2.44 19.39 34.76
N PRO G 591 -1.83 19.53 33.59
CA PRO G 591 -2.58 19.91 32.39
C PRO G 591 -3.63 18.87 32.02
N TRP G 592 -4.73 19.35 31.47
CA TRP G 592 -5.83 18.51 31.01
C TRP G 592 -5.85 18.50 29.49
N PHE G 593 -5.81 17.31 28.92
CA PHE G 593 -5.83 17.15 27.47
C PHE G 593 -7.26 16.91 27.01
N HIS G 594 -7.48 17.09 25.71
CA HIS G 594 -8.79 16.86 25.13
C HIS G 594 -8.62 16.51 23.67
N VAL G 595 -9.48 15.61 23.18
CA VAL G 595 -9.46 15.19 21.79
C VAL G 595 -10.72 15.72 21.12
N LEU G 596 -10.52 16.43 20.00
CA LEU G 596 -11.64 17.00 19.27
C LEU G 596 -12.42 15.90 18.56
N GLN G 597 -13.74 16.05 18.54
CA GLN G 597 -14.62 15.13 17.85
C GLN G 597 -14.87 15.61 16.43
N GLU G 598 -15.49 14.74 15.63
CA GLU G 598 -15.63 15.02 14.20
C GLU G 598 -16.26 16.38 13.96
N ASP G 599 -17.37 16.70 14.63
CA ASP G 599 -18.08 17.93 14.33
C ASP G 599 -17.31 19.16 14.82
N GLU G 600 -16.76 19.08 16.04
CA GLU G 600 -15.92 20.18 16.51
C GLU G 600 -14.70 20.34 15.60
N ARG G 601 -14.08 19.21 15.28
CA ARG G 601 -12.99 19.19 14.31
C ARG G 601 -13.40 19.90 13.03
N ASP G 602 -14.62 19.65 12.57
CA ASP G 602 -15.10 20.32 11.37
C ASP G 602 -15.12 21.82 11.56
N ARG G 603 -15.95 22.31 12.50
CA ARG G 603 -16.19 23.74 12.48
C ARG G 603 -14.93 24.53 12.85
N ILE G 604 -13.89 23.87 13.37
CA ILE G 604 -12.63 24.59 13.52
C ILE G 604 -11.67 24.38 12.35
N PHE G 605 -11.31 23.12 12.05
CA PHE G 605 -10.29 22.84 11.05
C PHE G 605 -10.83 22.75 9.63
N GLY G 606 -12.04 23.24 9.38
CA GLY G 606 -12.54 23.16 8.04
C GLY G 606 -12.63 21.72 7.57
N VAL G 607 -12.16 21.49 6.35
CA VAL G 607 -12.15 20.16 5.74
C VAL G 607 -10.72 19.64 5.70
N SER G 608 -9.82 20.33 6.40
CA SER G 608 -8.40 19.97 6.37
C SER G 608 -8.06 18.83 7.31
N ALA G 609 -8.95 18.46 8.22
CA ALA G 609 -8.66 17.49 9.27
C ALA G 609 -9.52 16.24 9.12
N LYS G 610 -9.70 15.76 7.89
CA LYS G 610 -10.47 14.55 7.64
C LYS G 610 -9.51 13.37 7.44
N GLY G 611 -9.80 12.26 8.11
CA GLY G 611 -8.94 11.10 8.05
C GLY G 611 -7.68 11.20 8.86
N LYS G 612 -7.62 12.11 9.83
CA LYS G 612 -6.45 12.28 10.67
C LYS G 612 -6.88 12.57 12.10
N HIS G 613 -5.95 12.38 13.02
CA HIS G 613 -6.20 12.60 14.44
C HIS G 613 -5.67 13.98 14.84
N VAL G 614 -6.44 14.68 15.66
CA VAL G 614 -6.05 16.00 16.18
C VAL G 614 -6.38 16.03 17.66
N ILE G 615 -5.47 16.60 18.44
CA ILE G 615 -5.62 16.70 19.89
C ILE G 615 -5.42 18.17 20.28
N SER G 616 -6.28 18.65 21.17
CA SER G 616 -6.20 20.01 21.67
C SER G 616 -5.76 19.99 23.13
N ILE G 617 -4.77 20.82 23.46
CA ILE G 617 -4.28 20.95 24.83
C ILE G 617 -4.84 22.24 25.39
N ASN G 618 -5.52 22.14 26.53
CA ASN G 618 -6.11 23.28 27.21
C ASN G 618 -5.49 23.37 28.60
N MET G 619 -4.42 24.14 28.74
CA MET G 619 -3.71 24.21 29.99
C MET G 619 -4.59 24.81 31.07
N PRO G 620 -4.33 24.49 32.34
CA PRO G 620 -5.19 24.99 33.43
C PRO G 620 -5.26 26.51 33.44
N VAL G 621 -6.12 27.00 34.33
CA VAL G 621 -6.44 28.42 34.35
C VAL G 621 -5.24 29.29 34.68
N ASN G 622 -4.36 28.84 35.58
CA ASN G 622 -3.34 29.74 36.11
C ASN G 622 -2.51 30.36 35.00
N CYS G 623 -1.76 29.56 34.27
CA CYS G 623 -0.83 30.12 33.30
C CYS G 623 -1.59 30.80 32.16
N MET G 624 -0.82 31.46 31.29
CA MET G 624 -1.41 32.45 30.39
C MET G 624 -1.91 31.82 29.09
N LEU G 625 -1.35 30.68 28.69
CA LEU G 625 -1.80 30.02 27.47
C LEU G 625 -3.16 29.40 27.71
N ARG G 626 -4.22 30.06 27.25
CA ARG G 626 -5.56 29.48 27.23
C ARG G 626 -6.23 29.67 25.88
N ASP G 627 -5.45 29.68 24.82
CA ASP G 627 -5.99 29.76 23.46
C ASP G 627 -6.35 28.40 22.91
N THR G 628 -6.21 27.33 23.70
CA THR G 628 -6.57 25.97 23.29
C THR G 628 -5.74 25.54 22.08
N ILE G 629 -4.42 25.47 22.30
CA ILE G 629 -3.51 25.13 21.22
C ILE G 629 -3.91 23.80 20.62
N TYR G 630 -3.76 23.68 19.31
CA TYR G 630 -4.26 22.53 18.55
C TYR G 630 -3.10 21.83 17.86
N SER G 631 -3.08 20.51 17.95
CA SER G 631 -2.08 19.73 17.26
C SER G 631 -2.38 19.67 15.77
N ASP G 632 -1.32 19.64 14.97
CA ASP G 632 -1.48 19.46 13.54
C ASP G 632 -2.08 18.08 13.27
N PRO G 633 -2.79 17.91 12.15
CA PRO G 633 -3.41 16.62 11.87
C PRO G 633 -2.38 15.52 11.65
N MET G 634 -2.26 14.62 12.62
CA MET G 634 -1.32 13.52 12.55
C MET G 634 -2.06 12.21 12.31
N ASP G 635 -1.29 11.17 11.99
CA ASP G 635 -1.89 9.90 11.60
C ASP G 635 -2.58 9.21 12.77
N ASN G 636 -1.92 9.13 13.92
CA ASN G 636 -2.40 8.36 15.05
C ASN G 636 -2.43 9.23 16.30
N VAL G 637 -2.98 8.66 17.37
CA VAL G 637 -3.11 9.43 18.61
C VAL G 637 -1.74 9.72 19.21
N LYS G 638 -0.81 8.78 19.13
CA LYS G 638 0.50 9.00 19.73
C LYS G 638 1.21 10.18 19.09
N THR G 639 1.30 10.17 17.75
CA THR G 639 1.96 11.27 17.07
C THR G 639 1.17 12.56 17.21
N ALA G 640 -0.16 12.49 17.27
CA ALA G 640 -0.96 13.68 17.49
C ALA G 640 -0.65 14.31 18.84
N LYS G 641 -0.53 13.49 19.87
CA LYS G 641 -0.18 14.00 21.19
C LYS G 641 1.22 14.60 21.19
N ILE G 642 2.17 13.94 20.52
CA ILE G 642 3.52 14.48 20.45
C ILE G 642 3.50 15.84 19.77
N SER G 643 2.74 15.95 18.67
CA SER G 643 2.65 17.22 17.98
C SER G 643 2.01 18.29 18.85
N ALA G 644 0.95 17.93 19.58
CA ALA G 644 0.31 18.89 20.47
C ALA G 644 1.32 19.43 21.48
N ALA G 645 2.06 18.53 22.12
CA ALA G 645 3.05 18.96 23.11
C ALA G 645 4.13 19.82 22.46
N PHE G 646 4.59 19.43 21.27
CA PHE G 646 5.62 20.20 20.60
C PHE G 646 5.15 21.63 20.35
N LYS G 647 3.94 21.78 19.81
CA LYS G 647 3.42 23.10 19.54
C LYS G 647 3.22 23.90 20.82
N ALA G 648 2.71 23.27 21.86
CA ALA G 648 2.48 23.98 23.11
C ALA G 648 3.79 24.48 23.71
N CYS G 649 4.82 23.61 23.72
CA CYS G 649 6.10 24.03 24.26
C CYS G 649 6.72 25.12 23.41
N LYS G 650 6.57 25.04 22.09
CA LYS G 650 7.05 26.12 21.24
C LYS G 650 6.39 27.43 21.57
N VAL G 651 5.06 27.41 21.78
CA VAL G 651 4.35 28.63 22.13
C VAL G 651 4.85 29.17 23.46
N LEU G 652 5.02 28.31 24.45
CA LEU G 652 5.52 28.76 25.74
C LEU G 652 6.88 29.41 25.61
N TYR G 653 7.79 28.79 24.84
CA TYR G 653 9.09 29.39 24.61
C TYR G 653 8.93 30.75 23.95
N SER G 654 8.03 30.84 22.98
CA SER G 654 7.74 32.14 22.36
C SER G 654 7.20 33.14 23.37
N LEU G 655 6.54 32.68 24.42
CA LEU G 655 6.04 33.56 25.46
C LEU G 655 7.05 33.77 26.58
N GLY G 656 8.26 33.22 26.45
CA GLY G 656 9.31 33.49 27.40
C GLY G 656 9.28 32.65 28.65
N GLU G 657 8.28 31.77 28.80
CA GLU G 657 8.21 30.96 30.01
C GLU G 657 9.34 29.94 30.07
N LEU G 658 10.00 29.66 28.95
CA LEU G 658 11.16 28.78 28.91
C LEU G 658 12.41 29.63 28.78
N ASN G 659 13.34 29.45 29.71
CA ASN G 659 14.51 30.33 29.83
C ASN G 659 15.55 30.01 28.75
N GLU G 660 15.14 30.19 27.49
CA GLU G 660 16.00 30.03 26.32
C GLU G 660 16.76 28.71 26.33
N ARG G 661 16.36 27.77 27.18
CA ARG G 661 16.97 26.45 27.26
C ARG G 661 15.90 25.37 27.38
N PHE G 662 14.63 25.74 27.32
CA PHE G 662 13.52 24.81 27.36
C PHE G 662 13.40 24.13 28.72
N VAL G 663 13.46 24.92 29.79
CA VAL G 663 13.09 24.46 31.12
C VAL G 663 12.28 25.59 31.76
N PRO G 664 11.42 25.30 32.73
CA PRO G 664 10.64 26.37 33.36
C PRO G 664 11.54 27.38 34.05
N LYS G 665 11.08 28.63 34.09
CA LYS G 665 11.86 29.70 34.72
C LYS G 665 11.71 29.61 36.24
N THR G 666 12.82 29.36 36.91
CA THR G 666 12.83 29.34 38.37
C THR G 666 12.63 30.74 38.92
N LEU G 667 12.14 30.81 40.17
CA LEU G 667 11.86 32.10 40.77
C LEU G 667 13.08 33.01 40.73
N LYS G 668 14.27 32.46 40.96
CA LYS G 668 15.47 33.30 40.96
C LYS G 668 15.69 33.93 39.59
N GLU G 669 15.70 33.12 38.54
CA GLU G 669 15.89 33.66 37.20
C GLU G 669 14.68 34.46 36.76
N ARG G 670 13.49 34.02 37.17
CA ARG G 670 12.27 34.75 36.84
C ARG G 670 12.32 36.17 37.37
N VAL G 671 12.79 36.36 38.60
CA VAL G 671 12.94 37.69 39.16
C VAL G 671 14.13 38.43 38.56
N ALA G 672 15.23 37.73 38.27
CA ALA G 672 16.37 38.39 37.64
C ALA G 672 15.98 39.00 36.30
N SER G 673 15.04 38.38 35.61
CA SER G 673 14.55 38.94 34.35
C SER G 673 13.94 40.33 34.53
N ILE G 674 13.51 40.67 35.75
CA ILE G 674 12.82 41.92 36.02
C ILE G 674 13.73 42.85 36.82
N ALA G 675 14.79 42.27 37.38
CA ALA G 675 15.70 43.02 38.22
C ALA G 675 16.14 44.31 37.55
N ASP G 676 16.79 44.19 36.38
CA ASP G 676 17.30 45.37 35.69
C ASP G 676 16.23 46.41 35.48
N VAL G 677 15.01 45.98 35.18
CA VAL G 677 13.99 46.91 34.73
C VAL G 677 13.27 47.61 35.87
N HIS G 678 13.24 47.03 37.07
CA HIS G 678 12.55 47.67 38.19
C HIS G 678 13.48 47.91 39.38
N PHE G 679 14.79 47.74 39.17
CA PHE G 679 15.75 47.90 40.26
C PHE G 679 17.01 48.61 39.76
N GLU G 680 16.82 49.71 39.04
CA GLU G 680 17.96 50.46 38.51
C GLU G 680 18.82 51.03 39.62
N HIS G 681 18.20 51.60 40.65
CA HIS G 681 18.97 52.30 41.69
C HIS G 681 19.86 51.38 42.50
N TRP G 682 19.70 50.07 42.38
CA TRP G 682 20.51 49.14 43.15
C TRP G 682 21.96 49.13 42.69
N ASN G 683 22.20 49.13 41.38
CA ASN G 683 23.52 48.80 40.87
C ASN G 683 24.59 49.78 41.31
N LYS G 684 24.22 50.98 41.73
CA LYS G 684 25.22 52.01 42.04
C LYS G 684 25.88 51.80 43.40
N TYR G 685 25.37 50.89 44.23
CA TYR G 685 25.93 50.63 45.55
C TYR G 685 26.70 49.32 45.59
N GLY G 686 27.19 48.86 44.44
CA GLY G 686 27.82 47.55 44.37
C GLY G 686 26.86 46.48 44.81
N ASP G 687 25.56 46.76 44.66
CA ASP G 687 24.51 45.92 45.20
C ASP G 687 23.46 45.66 44.12
N SER G 688 23.09 44.40 43.96
CA SER G 688 22.05 44.01 43.03
C SER G 688 21.02 43.17 43.78
N VAL G 689 19.75 43.34 43.41
CA VAL G 689 18.69 42.54 44.02
C VAL G 689 18.94 41.07 43.75
N THR G 690 19.43 40.73 42.56
CA THR G 690 19.82 39.35 42.29
C THR G 690 20.90 38.90 43.26
N ALA G 691 21.89 39.76 43.49
CA ALA G 691 22.91 39.46 44.48
C ALA G 691 22.33 39.51 45.87
N THR G 692 22.91 38.72 46.78
CA THR G 692 22.50 38.69 48.17
C THR G 692 23.67 38.91 49.11
N VAL G 693 24.76 39.51 48.63
CA VAL G 693 25.91 39.77 49.48
C VAL G 693 25.58 40.76 50.57
N ASN G 694 24.81 41.80 50.24
CA ASN G 694 24.40 42.82 51.20
C ASN G 694 22.94 42.68 51.60
N LYS G 695 22.43 41.46 51.70
CA LYS G 695 21.09 41.20 52.22
C LYS G 695 21.11 40.43 53.52
N ALA G 696 22.03 39.48 53.69
CA ALA G 696 22.12 38.73 54.94
C ALA G 696 22.69 39.57 56.07
N ASP G 697 23.23 40.74 55.77
CA ASP G 697 23.70 41.66 56.80
C ASP G 697 22.60 42.67 57.17
N LYS G 698 21.44 42.10 57.52
CA LYS G 698 20.28 42.93 57.84
C LYS G 698 20.50 43.73 59.12
N SER G 699 20.93 43.06 60.18
CA SER G 699 21.02 43.67 61.50
C SER G 699 22.22 44.59 61.66
N LYS G 700 23.15 44.59 60.71
CA LYS G 700 24.34 45.40 60.85
C LYS G 700 24.00 46.88 60.81
N ASP G 701 24.75 47.67 61.58
CA ASP G 701 24.56 49.11 61.68
C ASP G 701 25.35 49.77 60.57
N ARG G 702 24.65 50.20 59.52
CA ARG G 702 25.31 50.90 58.42
C ARG G 702 25.60 52.33 58.83
N THR G 703 26.38 53.03 57.99
CA THR G 703 26.97 54.33 58.33
C THR G 703 26.45 55.37 57.35
N TYR G 704 25.39 56.07 57.74
CA TYR G 704 24.81 57.15 56.94
C TYR G 704 25.00 58.47 57.66
N LYS G 705 24.98 59.55 56.89
CA LYS G 705 25.26 60.88 57.43
C LYS G 705 24.05 61.41 58.18
N THR G 706 24.20 61.59 59.49
CA THR G 706 23.32 62.47 60.23
C THR G 706 23.94 63.86 60.27
N GLU G 707 23.32 64.79 59.56
CA GLU G 707 23.82 66.15 59.42
C GLU G 707 23.01 67.05 60.31
N CYS G 708 23.69 67.83 61.15
CA CYS G 708 22.99 68.86 61.90
C CYS G 708 22.27 69.76 60.91
N PRO G 709 21.08 70.26 61.24
CA PRO G 709 20.18 70.79 60.20
C PRO G 709 20.87 71.87 59.38
N LEU G 710 20.19 72.28 58.32
CA LEU G 710 20.75 73.30 57.45
C LEU G 710 21.01 74.58 58.23
N GLU G 711 20.51 74.66 59.48
CA GLU G 711 20.69 75.85 60.28
C GLU G 711 21.86 75.76 61.26
N PHE G 712 22.06 74.62 61.94
CA PHE G 712 23.22 74.50 62.81
C PHE G 712 24.53 74.59 62.03
N TYR G 713 24.58 73.94 60.86
CA TYR G 713 25.84 73.87 60.11
C TYR G 713 26.34 75.27 59.80
N ASP G 714 27.61 75.51 60.08
CA ASP G 714 28.25 76.80 59.82
C ASP G 714 27.42 77.93 60.42
N ALA G 715 26.90 77.73 61.62
CA ALA G 715 26.14 78.75 62.34
C ALA G 715 27.00 79.59 63.26
N LEU G 716 28.32 79.46 63.17
CA LEU G 716 29.22 80.24 64.02
C LEU G 716 29.08 81.72 63.67
N PRO G 717 28.44 82.54 64.50
CA PRO G 717 28.22 83.94 64.11
C PRO G 717 29.54 84.62 63.76
N ARG G 718 29.62 85.14 62.55
CA ARG G 718 30.87 85.65 62.00
C ARG G 718 30.93 87.17 62.13
N VAL G 719 32.09 87.71 61.80
CA VAL G 719 32.31 89.15 61.88
C VAL G 719 31.78 89.80 60.61
N GLY G 720 30.92 90.79 60.78
CA GLY G 720 30.34 91.49 59.66
C GLY G 720 29.14 90.82 59.02
N GLU G 721 28.56 89.81 59.68
CA GLU G 721 27.41 89.09 59.17
C GLU G 721 26.25 89.22 60.14
N ILE G 722 25.04 89.12 59.62
CA ILE G 722 23.84 89.20 60.45
C ILE G 722 23.50 87.80 60.95
N CYS G 723 23.80 87.53 62.22
CA CYS G 723 23.42 86.29 62.87
C CYS G 723 22.09 86.48 63.59
N TYR G 724 21.27 85.44 63.59
CA TYR G 724 19.92 85.52 64.10
C TYR G 724 19.82 84.79 65.44
N ALA G 725 19.20 85.46 66.42
CA ALA G 725 18.97 84.90 67.73
C ALA G 725 17.48 84.90 68.01
N TYR G 726 17.01 83.86 68.69
CA TYR G 726 15.62 83.72 69.12
C TYR G 726 15.60 83.46 70.62
N GLU G 727 14.55 83.93 71.28
CA GLU G 727 14.40 83.73 72.71
C GLU G 727 13.68 82.41 73.00
N ILE G 728 14.03 81.79 74.13
CA ILE G 728 13.41 80.55 74.59
C ILE G 728 12.29 80.88 75.57
N PHE G 729 11.16 80.18 75.43
CA PHE G 729 9.99 80.39 76.29
C PHE G 729 9.62 79.05 76.94
N LEU G 730 9.84 78.94 78.24
CA LEU G 730 9.48 77.72 78.96
C LEU G 730 8.03 77.81 79.43
N GLU G 731 7.24 76.77 79.12
CA GLU G 731 5.82 76.72 79.44
C GLU G 731 5.51 75.40 80.13
N PRO G 732 5.81 75.28 81.43
CA PRO G 732 5.51 74.04 82.15
C PRO G 732 4.02 73.73 82.12
N GLN G 733 3.70 72.44 82.03
CA GLN G 733 2.32 72.00 81.93
C GLN G 733 1.78 71.41 83.22
N PHE G 734 2.65 70.92 84.09
CA PHE G 734 2.20 70.34 85.36
C PHE G 734 1.56 71.42 86.22
N GLU G 735 0.54 71.03 86.98
CA GLU G 735 -0.18 71.97 87.83
C GLU G 735 0.69 72.41 89.01
N SER G 736 0.35 73.55 89.58
CA SER G 736 1.10 74.09 90.70
C SER G 736 0.77 73.32 91.97
N CYS G 737 1.81 72.78 92.63
CA CYS G 737 1.65 72.11 93.91
C CYS G 737 2.92 72.30 94.72
N GLU G 738 2.79 72.14 96.03
CA GLU G 738 3.89 72.46 96.94
C GLU G 738 5.18 71.79 96.49
N TYR G 739 5.09 70.55 96.02
CA TYR G 739 6.28 69.85 95.53
C TYR G 739 6.88 70.58 94.34
N THR G 740 6.03 71.09 93.44
CA THR G 740 6.48 71.72 92.21
C THR G 740 6.39 73.24 92.24
N GLU G 741 6.14 73.84 93.40
CA GLU G 741 6.08 75.30 93.46
C GLU G 741 7.40 75.92 93.03
N HIS G 742 8.52 75.38 93.51
CA HIS G 742 9.81 75.97 93.19
C HIS G 742 10.06 75.93 91.68
N MET G 743 9.84 74.76 91.05
CA MET G 743 10.01 74.69 89.61
C MET G 743 8.89 75.43 88.89
N TYR G 744 7.65 75.28 89.35
CA TYR G 744 6.54 75.94 88.67
C TYR G 744 6.71 77.45 88.65
N LEU G 745 7.48 78.01 89.58
CA LEU G 745 7.74 79.44 89.60
C LEU G 745 9.04 79.80 88.90
N ASN G 746 10.10 79.00 89.08
CA ASN G 746 11.36 79.31 88.43
C ASN G 746 11.24 79.25 86.93
N LEU G 747 10.52 78.25 86.40
CA LEU G 747 10.42 78.12 84.95
C LEU G 747 9.73 79.31 84.33
N GLN G 748 8.63 79.77 84.93
CA GLN G 748 7.83 80.84 84.36
C GLN G 748 8.55 82.19 84.40
N THR G 749 9.69 82.27 85.08
CA THR G 749 10.43 83.52 85.12
C THR G 749 10.90 83.90 83.72
N PRO G 750 10.89 85.18 83.36
CA PRO G 750 11.27 85.57 81.99
C PRO G 750 12.76 85.46 81.71
N ARG G 751 13.59 85.15 82.71
CA ARG G 751 15.03 85.07 82.53
C ARG G 751 15.38 83.72 81.92
N ASN G 752 15.01 83.57 80.64
CA ASN G 752 15.28 82.37 79.88
C ASN G 752 16.59 82.49 79.11
N TYR G 753 17.04 81.37 78.59
CA TYR G 753 18.26 81.29 77.80
C TYR G 753 17.90 81.43 76.31
N ALA G 754 18.85 81.15 75.43
CA ALA G 754 18.60 81.25 74.00
C ALA G 754 19.68 80.47 73.25
N ILE G 755 19.39 80.18 71.98
CA ILE G 755 20.30 79.52 71.07
C ILE G 755 20.57 80.45 69.90
N LEU G 756 21.82 80.52 69.47
CA LEU G 756 22.26 81.46 68.44
C LEU G 756 22.65 80.71 67.17
N LEU G 757 22.18 81.19 66.03
CA LEU G 757 22.42 80.54 64.75
C LEU G 757 22.47 81.58 63.64
N ARG G 758 23.32 81.33 62.65
CA ARG G 758 23.44 82.24 61.51
C ARG G 758 22.26 82.09 60.55
N ASN G 759 21.80 80.87 60.34
CA ASN G 759 20.73 80.60 59.39
C ASN G 759 19.38 80.83 60.06
N LYS G 760 18.44 81.37 59.29
CA LYS G 760 17.09 81.56 59.80
C LYS G 760 16.45 80.21 60.15
N LEU G 761 15.81 80.17 61.32
CA LEU G 761 15.08 78.98 61.76
C LEU G 761 13.61 79.15 61.41
N PRO G 762 13.04 78.29 60.55
CA PRO G 762 11.58 78.39 60.32
C PRO G 762 10.77 78.10 61.57
N ARG G 763 9.44 78.17 61.47
CA ARG G 763 8.59 78.06 62.64
C ARG G 763 8.81 76.74 63.37
N LEU G 764 8.25 76.65 64.57
CA LEU G 764 8.47 75.51 65.45
C LEU G 764 7.27 75.32 66.35
N ALA G 765 6.68 74.13 66.32
CA ALA G 765 5.54 73.81 67.17
C ALA G 765 5.95 73.65 68.63
N GLU G 766 4.94 73.76 69.50
CA GLU G 766 5.13 73.51 70.93
C GLU G 766 5.35 72.03 71.16
N MET G 767 6.27 71.70 72.08
CA MET G 767 6.69 70.32 72.25
C MET G 767 6.66 69.90 73.72
N PRO G 768 6.45 68.61 74.01
CA PRO G 768 6.52 68.15 75.41
C PRO G 768 7.90 67.62 75.81
N LEU G 769 8.38 68.06 76.97
CA LEU G 769 9.56 67.49 77.59
C LEU G 769 9.29 67.27 79.07
N PHE G 770 9.94 66.25 79.64
CA PHE G 770 9.67 65.79 81.00
C PHE G 770 10.86 66.06 81.90
N SER G 771 10.59 66.12 83.21
CA SER G 771 11.57 66.41 84.25
C SER G 771 11.31 65.51 85.45
N ASN G 772 12.13 65.68 86.50
CA ASN G 772 11.84 65.03 87.77
C ASN G 772 10.50 65.44 88.34
N GLN G 773 10.08 66.68 88.11
CA GLN G 773 8.90 67.24 88.72
C GLN G 773 7.69 67.30 87.80
N GLY G 774 7.87 67.10 86.51
CA GLY G 774 6.77 67.17 85.58
C GLY G 774 7.24 67.51 84.18
N LYS G 775 6.28 67.95 83.36
CA LYS G 775 6.47 68.13 81.93
C LYS G 775 6.95 69.53 81.60
N LEU G 776 7.40 69.70 80.36
CA LEU G 776 7.98 70.95 79.89
C LEU G 776 7.59 71.21 78.44
N HIS G 777 7.25 72.47 78.15
CA HIS G 777 7.07 72.95 76.79
C HIS G 777 8.01 74.11 76.55
N VAL G 778 8.77 74.06 75.46
CA VAL G 778 9.70 75.11 75.10
C VAL G 778 9.57 75.39 73.60
N ARG G 779 9.57 76.68 73.24
CA ARG G 779 9.56 77.08 71.84
C ARG G 779 10.59 78.18 71.63
N VAL G 780 11.28 78.11 70.50
CA VAL G 780 12.18 79.18 70.09
C VAL G 780 11.42 80.15 69.20
N ALA G 781 11.58 81.44 69.45
CA ALA G 781 10.77 82.45 68.79
C ALA G 781 10.87 82.29 67.26
N ASN G 782 10.05 83.09 66.56
CA ASN G 782 10.09 83.12 65.10
C ASN G 782 10.61 84.43 64.54
N ALA G 783 10.63 85.49 65.35
CA ALA G 783 11.14 86.80 64.92
C ALA G 783 12.57 86.97 65.39
N PRO G 784 13.53 87.25 64.51
CA PRO G 784 14.93 87.24 64.93
C PRO G 784 15.36 88.50 65.66
N LEU G 785 16.28 88.30 66.59
CA LEU G 785 17.04 89.37 67.22
C LEU G 785 18.36 89.44 66.47
N GLU G 786 18.55 90.50 65.68
CA GLU G 786 19.70 90.61 64.79
C GLU G 786 20.79 91.42 65.49
N VAL G 787 21.96 90.80 65.65
CA VAL G 787 23.14 91.45 66.19
C VAL G 787 24.31 91.14 65.27
N ILE G 788 25.35 91.96 65.36
CA ILE G 788 26.52 91.83 64.50
C ILE G 788 27.76 91.78 65.38
N ILE G 789 28.66 90.84 65.08
CA ILE G 789 29.96 90.76 65.74
C ILE G 789 30.95 91.59 64.95
N GLN G 790 31.70 92.46 65.64
CA GLN G 790 32.64 93.35 65.00
C GLN G 790 34.08 93.07 65.41
N ASN G 791 34.34 91.97 66.10
CA ASN G 791 35.67 91.65 66.59
C ASN G 791 35.88 90.15 66.57
N SER G 792 37.12 89.74 66.27
CA SER G 792 37.47 88.32 66.38
C SER G 792 37.52 87.89 67.83
N GLU G 793 37.85 88.81 68.74
CA GLU G 793 37.86 88.47 70.17
C GLU G 793 36.45 88.21 70.69
N GLN G 794 35.43 88.84 70.10
CA GLN G 794 34.06 88.50 70.49
C GLN G 794 33.71 87.08 70.07
N LEU G 795 34.12 86.67 68.87
CA LEU G 795 33.97 85.28 68.46
C LEU G 795 34.70 84.36 69.42
N GLU G 796 35.94 84.72 69.76
CA GLU G 796 36.70 83.93 70.73
C GLU G 796 35.92 83.80 72.04
N LEU G 797 35.39 84.91 72.56
CA LEU G 797 34.75 84.89 73.87
C LEU G 797 33.45 84.08 73.84
N LEU G 798 32.66 84.21 72.78
CA LEU G 798 31.44 83.43 72.71
C LEU G 798 31.75 81.94 72.55
N HIS G 799 32.79 81.61 71.77
CA HIS G 799 33.20 80.22 71.67
C HIS G 799 33.65 79.69 73.03
N GLN G 800 34.38 80.52 73.78
CA GLN G 800 34.80 80.14 75.13
C GLN G 800 33.61 79.92 76.05
N PHE G 801 32.61 80.81 75.99
CA PHE G 801 31.45 80.65 76.85
C PHE G 801 30.68 79.38 76.52
N HIS G 802 30.50 79.09 75.23
CA HIS G 802 29.84 77.84 74.86
C HIS G 802 30.63 76.65 75.37
N GLY G 803 31.96 76.67 75.21
CA GLY G 803 32.77 75.60 75.72
C GLY G 803 32.65 75.43 77.22
N MET G 804 32.65 76.56 77.95
CA MET G 804 32.51 76.50 79.40
C MET G 804 31.19 75.92 79.84
N VAL G 805 30.09 76.31 79.18
CA VAL G 805 28.78 75.85 79.63
C VAL G 805 28.77 74.32 79.66
N PHE G 806 29.21 73.69 78.57
CA PHE G 806 29.19 72.23 78.51
C PHE G 806 30.33 71.60 79.29
N ARG G 807 31.46 72.29 79.43
CA ARG G 807 32.61 71.72 80.14
C ARG G 807 32.44 71.73 81.64
N ASP G 808 31.72 72.72 82.20
CA ASP G 808 31.57 72.87 83.63
C ASP G 808 30.13 72.75 84.10
N ILE G 809 29.20 73.50 83.48
CA ILE G 809 27.81 73.40 83.90
C ILE G 809 27.28 72.00 83.61
N LEU G 810 27.73 71.40 82.50
CA LEU G 810 27.28 70.07 82.09
C LEU G 810 28.38 69.02 82.18
N LYS G 811 29.62 69.41 82.40
CA LYS G 811 30.74 68.48 82.50
C LYS G 811 30.84 67.60 81.24
N ILE G 812 30.98 68.26 80.09
CA ILE G 812 31.03 67.55 78.81
C ILE G 812 32.46 67.31 78.33
N TRP G 813 33.42 68.11 78.77
CA TRP G 813 34.76 68.06 78.21
C TRP G 813 35.38 66.68 78.35
N HIS G 814 36.07 66.25 77.30
CA HIS G 814 36.94 65.10 77.28
C HIS G 814 38.39 65.56 77.10
N PRO G 815 39.36 64.72 77.45
CA PRO G 815 40.75 65.14 77.28
C PRO G 815 41.07 65.56 75.85
N PHE G 816 40.44 64.90 74.87
CA PHE G 816 40.76 65.12 73.46
C PHE G 816 39.88 66.17 72.80
N PHE G 817 38.91 66.73 73.52
CA PHE G 817 38.06 67.77 72.97
C PHE G 817 38.80 69.10 72.96
N VAL G 818 38.56 69.89 71.92
CA VAL G 818 39.30 71.11 71.64
C VAL G 818 38.39 72.04 70.86
N LEU G 819 38.51 73.33 71.12
CA LEU G 819 37.69 74.32 70.41
C LEU G 819 38.03 74.33 68.93
N ASP G 820 37.01 74.56 68.10
CA ASP G 820 37.17 74.63 66.65
C ASP G 820 37.04 76.08 66.20
N ARG G 821 37.95 76.50 65.31
CA ARG G 821 37.89 77.82 64.69
C ARG G 821 38.03 77.73 63.18
N ARG G 822 37.92 76.52 62.61
CA ARG G 822 37.96 76.35 61.16
C ARG G 822 36.67 76.78 60.49
N SER G 823 35.62 77.09 61.27
CA SER G 823 34.30 77.41 60.72
C SER G 823 33.78 76.23 59.88
N LYS G 824 33.58 75.11 60.56
CA LYS G 824 33.18 73.87 59.90
C LYS G 824 32.02 73.28 60.69
N GLU G 825 31.68 72.02 60.40
CA GLU G 825 30.45 71.44 60.89
C GLU G 825 30.30 71.63 62.39
N ASN G 826 29.05 71.82 62.83
CA ASN G 826 28.70 71.92 64.24
C ASN G 826 29.47 73.08 64.91
N SER G 827 29.08 74.29 64.53
CA SER G 827 29.61 75.50 65.15
C SER G 827 28.47 76.47 65.39
N TYR G 828 28.05 76.60 66.66
CA TYR G 828 27.09 77.60 67.09
C TYR G 828 27.22 77.75 68.60
N LEU G 829 26.82 78.93 69.09
CA LEU G 829 27.24 79.37 70.42
C LEU G 829 26.04 79.83 71.24
N VAL G 830 26.29 80.05 72.52
CA VAL G 830 25.28 80.45 73.49
C VAL G 830 25.79 81.68 74.24
N VAL G 831 24.85 82.45 74.78
CA VAL G 831 25.15 83.67 75.51
C VAL G 831 24.06 83.91 76.55
N PRO G 832 24.39 84.38 77.74
CA PRO G 832 23.34 84.70 78.72
C PRO G 832 22.76 86.09 78.45
N LEU G 833 21.65 86.38 79.13
CA LEU G 833 20.94 87.63 78.95
C LEU G 833 20.55 88.21 80.29
N ILE G 834 20.42 89.53 80.33
CA ILE G 834 19.94 90.25 81.52
C ILE G 834 19.15 91.45 81.04
N LEU G 835 18.13 91.80 81.81
CA LEU G 835 17.25 92.90 81.43
C LEU G 835 18.03 94.21 81.35
N GLY G 836 17.63 95.06 80.40
CA GLY G 836 18.20 96.38 80.27
C GLY G 836 17.14 97.47 80.34
N ALA G 837 17.09 98.30 79.30
CA ALA G 837 16.08 99.36 79.23
C ALA G 837 14.80 98.80 78.63
N GLY G 838 13.67 99.01 79.32
CA GLY G 838 12.43 98.41 78.87
C GLY G 838 12.47 96.91 79.03
N GLU G 839 11.77 96.21 78.15
CA GLU G 839 11.79 94.75 78.15
C GLU G 839 12.99 94.19 77.39
N GLN G 840 13.69 95.01 76.62
CA GLN G 840 14.83 94.52 75.85
C GLN G 840 15.90 93.96 76.77
N LYS G 841 16.55 92.91 76.32
CA LYS G 841 17.58 92.23 77.09
C LYS G 841 18.93 92.40 76.39
N CYS G 842 19.97 92.64 77.18
CA CYS G 842 21.32 92.80 76.67
C CYS G 842 22.23 91.77 77.33
N PHE G 843 23.37 91.53 76.68
CA PHE G 843 24.31 90.53 77.18
C PHE G 843 24.75 90.87 78.60
N ASP G 844 24.76 89.85 79.46
CA ASP G 844 25.22 90.01 80.84
C ASP G 844 26.73 90.16 80.82
N TRP G 845 27.18 91.36 80.45
CA TRP G 845 28.60 91.60 80.33
C TRP G 845 29.30 91.49 81.67
N GLU G 846 28.67 91.98 82.75
CA GLU G 846 29.30 91.91 84.06
C GLU G 846 29.50 90.45 84.48
N LEU G 847 28.49 89.60 84.28
CA LEU G 847 28.62 88.20 84.67
C LEU G 847 29.67 87.49 83.82
N MET G 848 29.68 87.75 82.52
CA MET G 848 30.63 87.06 81.64
C MET G 848 32.06 87.51 81.93
N THR G 849 32.27 88.81 82.12
CA THR G 849 33.61 89.31 82.41
C THR G 849 34.08 88.92 83.80
N ASN G 850 33.15 88.73 84.75
CA ASN G 850 33.55 88.25 86.07
C ASN G 850 33.81 86.75 86.05
N PHE G 851 32.90 85.99 85.45
CA PHE G 851 33.00 84.53 85.42
C PHE G 851 33.54 84.08 84.07
N ARG G 852 34.84 84.32 83.87
CA ARG G 852 35.57 83.60 82.83
C ARG G 852 35.88 82.18 83.28
N ARG G 853 36.01 81.98 84.59
CA ARG G 853 36.05 80.66 85.20
C ARG G 853 35.34 80.75 86.54
N LEU G 854 34.82 79.62 86.99
CA LEU G 854 34.15 79.60 88.29
C LEU G 854 35.20 79.75 89.39
N PRO G 855 35.14 80.79 90.22
CA PRO G 855 36.16 80.95 91.26
C PRO G 855 36.04 79.83 92.29
N GLN G 856 37.17 79.19 92.57
CA GLN G 856 37.16 78.01 93.42
C GLN G 856 36.61 78.35 94.80
N SER G 857 35.82 77.42 95.35
CA SER G 857 35.20 77.62 96.65
C SER G 857 36.27 77.79 97.72
N HIS G 858 36.24 78.91 98.42
CA HIS G 858 37.14 79.19 99.53
C HIS G 858 36.35 79.76 100.69
N GLY G 859 36.88 79.55 101.90
CA GLY G 859 36.26 80.03 103.11
C GLY G 859 37.16 81.00 103.86
N SER G 860 36.57 81.66 104.85
CA SER G 860 37.26 82.65 105.66
C SER G 860 37.11 82.29 107.13
N ASN G 861 38.23 82.11 107.82
CA ASN G 861 38.20 81.91 109.25
C ASN G 861 37.86 83.22 109.94
N VAL G 862 37.75 83.15 111.27
CA VAL G 862 37.33 84.32 112.05
C VAL G 862 38.27 85.49 111.79
N GLN G 863 39.57 85.22 111.73
CA GLN G 863 40.55 86.29 111.55
C GLN G 863 40.26 87.10 110.30
N GLN G 864 40.30 86.45 109.13
CA GLN G 864 40.06 87.16 107.89
C GLN G 864 38.58 87.47 107.67
N ARG G 865 37.68 86.79 108.39
CA ARG G 865 36.27 87.14 108.31
C ARG G 865 35.98 88.45 109.01
N GLU G 866 36.79 88.81 110.01
CA GLU G 866 36.50 90.00 110.82
C GLU G 866 36.46 91.26 109.98
N GLN G 867 37.44 91.43 109.09
CA GLN G 867 37.59 92.68 108.35
C GLN G 867 36.77 92.74 107.08
N GLN G 868 36.14 91.65 106.66
CA GLN G 868 35.32 91.69 105.47
C GLN G 868 34.08 92.56 105.71
N PRO G 869 33.59 93.25 104.68
CA PRO G 869 32.41 94.10 104.88
C PRO G 869 31.19 93.28 105.30
N ALA G 870 30.37 93.89 106.14
CA ALA G 870 29.16 93.22 106.60
C ALA G 870 28.25 92.94 105.41
N PRO G 871 27.77 91.70 105.23
CA PRO G 871 26.92 91.41 104.08
C PRO G 871 25.65 92.24 104.09
N ARG G 872 25.21 92.66 102.91
CA ARG G 872 24.01 93.47 102.78
C ARG G 872 22.86 92.62 102.23
N PRO G 873 21.62 92.85 102.69
CA PRO G 873 20.51 92.05 102.15
C PRO G 873 20.34 92.16 100.65
N GLU G 874 20.60 93.35 100.07
CA GLU G 874 20.42 93.53 98.64
C GLU G 874 21.48 92.77 97.85
N ASP G 875 22.67 92.58 98.43
CA ASP G 875 23.76 91.92 97.71
C ASP G 875 23.56 90.41 97.59
N PHE G 876 22.74 89.80 98.46
CA PHE G 876 22.52 88.37 98.44
C PHE G 876 21.17 87.97 97.84
N GLU G 877 20.34 88.93 97.43
CA GLU G 877 19.06 88.61 96.85
C GLU G 877 19.24 88.12 95.41
N GLY G 878 18.69 86.94 95.11
CA GLY G 878 18.82 86.37 93.79
C GLY G 878 20.23 85.97 93.41
N LYS G 879 21.03 85.49 94.37
CA LYS G 879 22.40 85.05 94.14
C LYS G 879 22.54 83.59 94.56
N ILE G 880 23.78 83.10 94.47
CA ILE G 880 24.09 81.69 94.69
C ILE G 880 25.25 81.57 95.66
N VAL G 881 25.37 80.39 96.28
CA VAL G 881 26.42 80.11 97.26
C VAL G 881 26.78 78.63 97.18
N THR G 882 27.85 78.26 97.88
CA THR G 882 28.34 76.88 97.90
C THR G 882 29.06 76.63 99.21
N GLN G 883 29.18 75.35 99.56
CA GLN G 883 29.87 74.93 100.78
C GLN G 883 31.24 74.37 100.44
N TRP G 884 32.25 74.77 101.21
CA TRP G 884 33.59 74.19 101.12
C TRP G 884 33.95 73.34 102.34
N TYR G 885 33.63 73.80 103.55
CA TYR G 885 33.94 73.03 104.74
C TYR G 885 33.22 71.69 104.75
N ALA G 886 31.98 71.66 104.26
CA ALA G 886 31.21 70.43 104.20
C ALA G 886 31.49 69.69 102.89
N ASN G 887 31.05 68.44 102.84
CA ASN G 887 31.27 67.59 101.67
C ASN G 887 30.41 67.98 100.48
N TYR G 888 29.42 68.86 100.67
CA TYR G 888 28.46 69.19 99.61
C TYR G 888 28.91 70.47 98.93
N ASP G 889 29.75 70.34 97.91
CA ASP G 889 30.35 71.47 97.23
C ASP G 889 29.53 71.92 96.02
N LYS G 890 28.27 71.54 95.94
CA LYS G 890 27.43 71.93 94.81
C LYS G 890 26.89 73.34 95.02
N PRO G 891 26.61 74.08 93.94
CA PRO G 891 25.96 75.39 94.11
C PRO G 891 24.52 75.27 94.57
N MET G 892 24.08 76.23 95.38
CA MET G 892 22.70 76.29 95.86
C MET G 892 22.19 77.72 95.72
N LEU G 893 20.92 77.83 95.35
CA LEU G 893 20.26 79.12 95.18
C LEU G 893 19.62 79.56 96.48
N VAL G 894 19.93 80.79 96.90
CA VAL G 894 19.27 81.42 98.04
C VAL G 894 18.15 82.30 97.49
N THR G 895 16.91 82.05 97.93
CA THR G 895 15.77 82.72 97.32
C THR G 895 15.51 84.09 97.98
N LYS G 896 15.75 84.20 99.28
CA LYS G 896 15.42 85.42 100.01
C LYS G 896 16.34 85.57 101.19
N VAL G 897 16.37 86.79 101.75
CA VAL G 897 17.16 87.12 102.93
C VAL G 897 16.20 87.46 104.06
N HIS G 898 16.38 86.80 105.21
CA HIS G 898 15.49 86.98 106.36
C HIS G 898 16.13 87.96 107.33
N ARG G 899 15.91 89.25 107.08
CA ARG G 899 16.47 90.28 107.96
C ARG G 899 16.02 90.08 109.40
N GLU G 900 14.81 89.53 109.60
CA GLU G 900 14.30 89.31 110.95
C GLU G 900 14.94 88.10 111.63
N LEU G 901 15.35 87.09 110.87
CA LEU G 901 16.02 85.93 111.44
C LEU G 901 17.46 86.28 111.80
N THR G 902 18.12 85.41 112.54
CA THR G 902 19.47 85.68 112.98
C THR G 902 20.15 84.40 113.42
N PRO G 903 21.48 84.30 113.29
CA PRO G 903 22.20 83.24 113.99
C PRO G 903 22.01 83.40 115.50
N LEU G 904 22.24 82.31 116.23
CA LEU G 904 21.95 82.14 117.64
C LEU G 904 20.45 81.99 117.87
N SER G 905 19.63 82.10 116.82
CA SER G 905 18.20 81.87 116.96
C SER G 905 17.93 80.37 117.13
N TYR G 906 16.67 80.05 117.38
CA TYR G 906 16.25 78.68 117.66
C TYR G 906 15.76 78.01 116.39
N MET G 907 16.22 76.79 116.16
CA MET G 907 15.87 76.06 114.95
C MET G 907 14.36 75.86 114.87
N GLU G 908 13.80 76.08 113.68
CA GLU G 908 12.35 76.06 113.51
C GLU G 908 11.78 74.64 113.56
N LYS G 909 12.44 73.68 112.90
CA LYS G 909 11.88 72.36 112.68
C LYS G 909 12.81 71.29 113.26
N ASN G 910 12.24 70.37 114.01
CA ASN G 910 12.87 69.16 114.53
C ASN G 910 13.92 69.43 115.60
N GLN G 911 14.28 70.69 115.84
CA GLN G 911 15.34 71.03 116.78
C GLN G 911 14.93 72.23 117.62
N GLN G 912 13.70 72.21 118.13
CA GLN G 912 13.20 73.32 118.93
C GLN G 912 14.09 73.57 120.14
N ASP G 913 14.47 72.51 120.86
CA ASP G 913 15.43 72.64 121.95
C ASP G 913 16.86 72.72 121.47
N LYS G 914 17.11 72.50 120.19
CA LYS G 914 18.46 72.52 119.61
C LYS G 914 18.56 73.73 118.69
N THR G 915 19.07 74.84 119.22
CA THR G 915 19.07 76.09 118.48
C THR G 915 19.95 76.00 117.23
N TYR G 916 19.86 77.04 116.40
CA TYR G 916 20.65 77.11 115.18
C TYR G 916 22.15 77.04 115.50
N TYR G 917 22.60 77.90 116.41
CA TYR G 917 24.02 78.03 116.69
C TYR G 917 24.56 76.81 117.43
N GLU G 918 23.87 76.40 118.50
CA GLU G 918 24.35 75.27 119.29
C GLU G 918 24.33 73.99 118.45
N PHE G 919 23.27 73.78 117.66
CA PHE G 919 23.24 72.62 116.78
C PHE G 919 24.32 72.71 115.71
N THR G 920 24.52 73.91 115.16
CA THR G 920 25.55 74.09 114.15
C THR G 920 26.90 73.63 114.67
N MET G 921 27.28 74.06 115.88
CA MET G 921 28.58 73.64 116.39
C MET G 921 28.56 72.19 116.87
N SER G 922 27.48 71.75 117.49
CA SER G 922 27.42 70.35 117.89
C SER G 922 27.57 69.44 116.68
N LYS G 923 27.30 69.95 115.48
CA LYS G 923 27.48 69.18 114.27
C LYS G 923 28.88 69.36 113.65
N TYR G 924 29.41 70.59 113.60
CA TYR G 924 30.65 70.85 112.88
C TYR G 924 31.59 71.76 113.67
N GLY G 925 31.76 71.50 114.98
CA GLY G 925 32.55 72.38 115.80
C GLY G 925 34.04 72.33 115.51
N ASN G 926 34.58 71.11 115.41
CA ASN G 926 36.00 70.98 115.11
C ASN G 926 36.36 71.52 113.73
N ARG G 927 35.36 71.75 112.88
CA ARG G 927 35.61 72.20 111.52
C ARG G 927 35.35 73.69 111.33
N ILE G 928 34.42 74.29 112.10
CA ILE G 928 34.09 75.70 111.92
C ILE G 928 34.66 76.58 113.02
N GLY G 929 34.88 76.06 114.23
CA GLY G 929 35.44 76.85 115.31
C GLY G 929 34.41 77.67 116.07
N ASP G 930 33.92 78.75 115.46
CA ASP G 930 32.98 79.64 116.11
C ASP G 930 32.13 80.34 115.05
N VAL G 931 31.10 81.04 115.52
CA VAL G 931 30.16 81.76 114.66
C VAL G 931 30.20 83.23 115.04
N VAL G 932 30.21 84.10 114.02
CA VAL G 932 30.29 85.53 114.21
C VAL G 932 28.99 86.13 113.67
N HIS G 933 28.80 87.43 113.92
CA HIS G 933 27.59 88.15 113.49
C HIS G 933 26.35 87.57 114.19
N LYS G 934 26.33 87.78 115.50
CA LYS G 934 25.28 87.23 116.37
C LYS G 934 23.89 87.78 116.05
N ASP G 935 23.77 88.91 115.35
CA ASP G 935 22.48 89.57 115.15
C ASP G 935 22.26 89.95 113.68
N LYS G 936 22.88 89.21 112.76
CA LYS G 936 22.67 89.43 111.33
C LYS G 936 21.54 88.53 110.85
N PHE G 937 21.39 88.38 109.53
CA PHE G 937 20.27 87.66 108.95
C PHE G 937 20.63 86.19 108.68
N MET G 938 19.63 85.43 108.26
CA MET G 938 19.76 84.00 107.97
C MET G 938 18.90 83.69 106.74
N ILE G 939 19.10 82.49 106.16
CA ILE G 939 18.48 82.11 104.91
C ILE G 939 17.82 80.73 105.06
N GLU G 940 16.92 80.43 104.13
CA GLU G 940 16.28 79.13 104.02
C GLU G 940 16.49 78.61 102.61
N VAL G 941 16.79 77.31 102.49
CA VAL G 941 17.23 76.73 101.24
C VAL G 941 16.44 75.46 100.93
N ARG G 942 16.47 75.08 99.65
CA ARG G 942 15.86 73.84 99.17
C ARG G 942 16.84 73.17 98.22
N ASP G 943 16.66 71.85 98.05
CA ASP G 943 17.56 71.05 97.25
C ASP G 943 17.21 71.15 95.77
N LEU G 944 18.12 70.64 94.93
CA LEU G 944 17.99 70.66 93.48
C LEU G 944 18.19 69.25 92.93
N THR G 945 17.65 69.04 91.73
CA THR G 945 17.79 67.74 91.06
C THR G 945 19.21 67.56 90.52
N GLU G 946 19.61 66.29 90.36
CA GLU G 946 20.95 65.95 89.93
C GLU G 946 21.02 65.17 88.63
N GLN G 947 19.96 64.45 88.24
CA GLN G 947 20.00 63.68 87.01
C GLN G 947 20.03 64.62 85.80
N LEU G 948 20.06 64.02 84.59
CA LEU G 948 20.16 64.79 83.36
C LEU G 948 19.13 64.37 82.32
N THR G 949 18.68 63.12 82.38
CA THR G 949 17.69 62.58 81.44
C THR G 949 16.41 62.26 82.19
N PHE G 950 15.28 62.71 81.64
CA PHE G 950 14.00 62.65 82.33
C PHE G 950 12.88 62.17 81.40
N TYR G 951 13.24 61.49 80.31
CA TYR G 951 12.26 61.16 79.28
C TYR G 951 11.08 60.35 79.82
N VAL G 952 11.26 59.64 80.93
CA VAL G 952 10.23 58.79 81.50
C VAL G 952 9.67 59.45 82.76
N HIS G 953 8.37 59.28 82.98
CA HIS G 953 7.77 59.72 84.23
C HIS G 953 8.33 58.90 85.38
N ASN G 954 8.63 59.57 86.49
CA ASN G 954 9.17 58.91 87.68
C ASN G 954 8.01 58.34 88.46
N ARG G 955 7.76 57.03 88.26
CA ARG G 955 6.76 56.31 89.01
C ARG G 955 7.41 55.65 90.22
N GLY G 956 6.82 55.85 91.40
CA GLY G 956 7.34 55.26 92.60
C GLY G 956 6.65 55.71 93.87
N LYS G 957 6.79 54.91 94.94
CA LYS G 957 6.22 55.25 96.24
C LYS G 957 7.18 56.21 96.93
N PHE G 958 7.29 57.41 96.37
CA PHE G 958 8.31 58.36 96.82
C PHE G 958 8.08 58.77 98.26
N ASN G 959 6.84 59.03 98.65
CA ASN G 959 6.53 59.61 99.96
C ASN G 959 7.28 60.94 100.12
N ALA G 960 6.85 61.89 99.28
CA ALA G 960 7.61 63.13 99.11
C ALA G 960 7.85 63.84 100.43
N LYS G 961 6.94 63.69 101.40
CA LYS G 961 7.15 64.34 102.69
C LYS G 961 8.42 63.84 103.37
N SER G 962 8.67 62.52 103.31
CA SER G 962 9.88 61.97 103.90
C SER G 962 11.12 62.54 103.22
N LYS G 963 11.10 62.64 101.90
CA LYS G 963 12.23 63.22 101.19
C LYS G 963 12.44 64.67 101.58
N ALA G 964 11.34 65.41 101.77
CA ALA G 964 11.41 66.80 102.20
C ALA G 964 11.76 66.97 103.67
N LYS G 965 11.75 65.88 104.45
CA LYS G 965 12.04 65.99 105.87
C LYS G 965 13.45 66.51 106.10
N MET G 966 14.43 66.01 105.35
CA MET G 966 15.83 66.41 105.52
C MET G 966 15.96 67.88 105.12
N LYS G 967 16.20 68.74 106.09
CA LYS G 967 16.44 70.15 105.86
C LYS G 967 17.85 70.51 106.30
N VAL G 968 18.57 71.22 105.44
CA VAL G 968 19.96 71.62 105.68
C VAL G 968 19.99 73.12 105.90
N ILE G 969 20.61 73.53 107.01
CA ILE G 969 20.78 74.94 107.33
C ILE G 969 22.28 75.22 107.41
N LEU G 970 22.71 76.31 106.79
CA LEU G 970 24.12 76.61 106.61
C LEU G 970 24.39 78.05 107.01
N ILE G 971 25.63 78.32 107.41
CA ILE G 971 26.05 79.67 107.78
C ILE G 971 26.51 80.39 106.52
N PRO G 972 26.05 81.61 106.26
CA PRO G 972 26.44 82.29 105.00
C PRO G 972 27.95 82.43 104.84
N GLU G 973 28.67 82.73 105.92
CA GLU G 973 30.11 82.98 105.81
C GLU G 973 30.92 81.70 105.74
N LEU G 974 30.38 80.58 106.21
CA LEU G 974 31.06 79.29 106.08
C LEU G 974 30.86 78.66 104.70
N CYS G 975 29.95 79.20 103.90
CA CYS G 975 29.68 78.70 102.55
C CYS G 975 30.13 79.76 101.55
N PHE G 976 30.98 79.35 100.61
CA PHE G 976 31.48 80.29 99.62
C PHE G 976 30.36 80.74 98.68
N ASN G 977 30.53 81.92 98.12
CA ASN G 977 29.52 82.56 97.29
C ASN G 977 29.97 82.54 95.83
N PHE G 978 29.28 81.75 95.02
CA PHE G 978 29.30 81.97 93.58
C PHE G 978 28.24 82.99 93.23
N ASN G 979 28.64 84.08 92.58
CA ASN G 979 27.64 84.96 91.98
C ASN G 979 27.13 84.41 90.66
N PHE G 980 27.72 83.31 90.18
CA PHE G 980 27.24 82.67 88.96
C PHE G 980 25.84 82.13 89.17
N PRO G 981 24.89 82.42 88.28
CA PRO G 981 23.50 82.00 88.52
C PRO G 981 23.37 80.48 88.62
N GLY G 982 22.48 80.04 89.51
CA GLY G 982 22.15 78.63 89.63
C GLY G 982 20.88 78.31 88.88
N ASP G 983 19.99 79.30 88.77
CA ASP G 983 18.84 79.14 87.89
C ASP G 983 19.29 78.90 86.46
N LEU G 984 20.45 79.46 86.07
CA LEU G 984 21.02 79.14 84.76
C LEU G 984 21.38 77.66 84.66
N TRP G 985 21.98 77.11 85.72
CA TRP G 985 22.22 75.67 85.76
C TRP G 985 20.93 74.89 85.56
N LEU G 986 19.90 75.22 86.35
CA LEU G 986 18.65 74.48 86.28
C LEU G 986 18.03 74.56 84.88
N LYS G 987 18.04 75.75 84.28
CA LYS G 987 17.43 75.93 82.96
C LYS G 987 18.25 75.23 81.88
N LEU G 988 19.58 75.21 82.03
CA LEU G 988 20.43 74.49 81.09
C LEU G 988 20.30 72.97 81.24
N ILE G 989 19.74 72.50 82.36
CA ILE G 989 19.44 71.07 82.46
C ILE G 989 18.58 70.60 81.31
N PHE G 990 17.76 71.49 80.74
CA PHE G 990 16.69 71.09 79.82
C PHE G 990 16.97 71.43 78.37
N LEU G 991 18.07 72.13 78.08
CA LEU G 991 18.37 72.51 76.69
C LEU G 991 18.56 71.32 75.75
N PRO G 992 19.22 70.22 76.13
CA PRO G 992 19.55 69.19 75.14
C PRO G 992 18.37 68.66 74.36
N SER G 993 17.37 68.08 75.02
CA SER G 993 16.23 67.54 74.30
C SER G 993 15.45 68.63 73.58
N ILE G 994 15.48 69.85 74.11
CA ILE G 994 14.86 70.98 73.44
C ILE G 994 15.46 71.15 72.05
N LEU G 995 16.79 71.23 71.98
CA LEU G 995 17.43 71.30 70.67
C LEU G 995 17.15 70.04 69.87
N ASN G 996 17.11 68.88 70.52
CA ASN G 996 16.95 67.62 69.80
C ASN G 996 15.63 67.60 69.03
N ARG G 997 14.56 68.08 69.64
CA ARG G 997 13.26 68.15 68.96
C ARG G 997 13.18 69.28 67.93
N MET G 998 13.71 70.46 68.24
CA MET G 998 13.50 71.56 67.30
C MET G 998 14.44 71.47 66.10
N TYR G 999 15.55 70.74 66.24
CA TYR G 999 16.22 70.11 65.11
C TYR G 999 15.23 69.56 64.11
N PHE G 1000 14.44 68.58 64.55
CA PHE G 1000 13.41 68.04 63.69
C PHE G 1000 12.50 69.14 63.18
N LEU G 1001 11.84 69.88 64.06
CA LEU G 1001 10.79 70.78 63.57
C LEU G 1001 11.31 71.73 62.48
N LEU G 1002 12.57 72.15 62.59
CA LEU G 1002 13.20 72.85 61.49
C LEU G 1002 13.23 71.96 60.24
N HIS G 1003 13.60 70.70 60.43
CA HIS G 1003 13.41 69.75 59.32
C HIS G 1003 11.95 69.67 58.90
N ALA G 1004 11.01 70.01 59.77
CA ALA G 1004 9.61 69.95 59.39
C ALA G 1004 9.35 70.92 58.28
N GLU G 1005 9.71 72.17 58.52
CA GLU G 1005 9.50 73.16 57.46
C GLU G 1005 10.32 72.79 56.23
N ALA G 1006 11.58 72.38 56.41
CA ALA G 1006 12.42 72.07 55.26
C ALA G 1006 11.86 70.92 54.43
N LEU G 1007 11.50 69.82 55.10
CA LEU G 1007 11.04 68.61 54.44
C LEU G 1007 9.68 68.82 53.79
N ARG G 1008 8.75 69.45 54.50
CA ARG G 1008 7.48 69.78 53.87
C ARG G 1008 7.74 70.60 52.62
N LYS G 1009 8.59 71.62 52.73
CA LYS G 1009 8.88 72.48 51.59
C LYS G 1009 9.35 71.67 50.40
N ARG G 1010 10.38 70.83 50.57
CA ARG G 1010 10.96 70.17 49.40
C ARG G 1010 10.03 69.09 48.87
N PHE G 1011 9.48 68.25 49.76
CA PHE G 1011 8.60 67.18 49.31
C PHE G 1011 7.40 67.74 48.58
N ASN G 1012 6.78 68.80 49.09
CA ASN G 1012 5.64 69.38 48.40
C ASN G 1012 6.05 70.31 47.27
N THR G 1013 7.35 70.65 47.19
CA THR G 1013 7.86 71.32 46.00
C THR G 1013 7.86 70.37 44.82
N TYR G 1014 8.23 69.11 45.04
CA TYR G 1014 8.13 68.17 43.94
C TYR G 1014 6.68 67.78 43.68
N LEU G 1015 5.84 67.79 44.72
CA LEU G 1015 4.41 67.63 44.53
C LEU G 1015 3.81 68.84 43.84
N ASN G 1016 4.47 69.98 43.95
CA ASN G 1016 3.89 71.26 43.54
C ASN G 1016 2.73 71.61 44.47
N LEU G 1017 2.90 71.29 45.76
CA LEU G 1017 1.86 71.49 46.75
C LEU G 1017 2.40 72.11 48.02
N HIS G 1018 3.50 72.85 47.94
CA HIS G 1018 4.19 73.39 49.10
C HIS G 1018 3.66 74.78 49.49
N LEU G 1019 2.44 75.10 49.09
CA LEU G 1019 1.87 76.44 49.30
C LEU G 1019 0.54 76.36 50.06
N LEU G 1020 0.37 75.34 50.88
CA LEU G 1020 -0.84 75.26 51.68
C LEU G 1020 -0.87 76.40 52.70
N PRO G 1021 -2.00 77.09 52.86
CA PRO G 1021 -2.06 78.14 53.89
C PRO G 1021 -1.77 77.62 55.28
N PHE G 1022 -2.11 76.36 55.56
CA PHE G 1022 -1.76 75.76 56.84
C PHE G 1022 -0.26 75.76 57.03
N ASN G 1023 0.48 75.06 56.17
CA ASN G 1023 1.92 74.93 56.35
C ASN G 1023 2.69 76.12 55.82
N GLY G 1024 2.04 77.08 55.15
CA GLY G 1024 2.74 78.20 54.56
C GLY G 1024 3.13 79.27 55.56
N THR G 1025 3.08 80.52 55.13
CA THR G 1025 3.46 81.66 55.96
C THR G 1025 2.47 81.91 57.09
N ASP G 1026 1.33 81.23 57.09
CA ASP G 1026 0.30 81.39 58.11
C ASP G 1026 0.20 80.12 58.95
N TYR G 1027 1.36 79.56 59.29
CA TYR G 1027 1.43 78.24 59.89
C TYR G 1027 1.30 78.34 61.40
N MET G 1028 0.18 77.84 61.91
CA MET G 1028 -0.06 77.70 63.33
C MET G 1028 0.16 76.24 63.71
N PRO G 1029 1.28 75.90 64.36
CA PRO G 1029 1.59 74.49 64.60
C PRO G 1029 0.64 73.88 65.63
N ARG G 1030 0.25 72.62 65.38
CA ARG G 1030 -0.43 71.87 66.40
C ARG G 1030 0.57 71.28 67.39
N PRO G 1031 0.42 71.51 68.69
CA PRO G 1031 1.37 70.94 69.65
C PRO G 1031 1.44 69.43 69.51
N LEU G 1032 2.64 68.89 69.71
CA LEU G 1032 2.86 67.46 69.53
C LEU G 1032 1.91 66.68 70.45
N GLU G 1033 0.98 65.96 69.85
CA GLU G 1033 -0.04 65.26 70.62
C GLU G 1033 0.59 64.12 71.42
N ILE G 1034 0.18 63.97 72.67
CA ILE G 1034 0.68 62.90 73.52
C ILE G 1034 -0.06 61.63 73.15
N ASP G 1035 0.65 60.65 72.60
CA ASP G 1035 0.06 59.35 72.25
C ASP G 1035 0.05 58.49 73.51
N TYR G 1036 -0.90 58.80 74.40
CA TYR G 1036 -0.97 58.12 75.69
C TYR G 1036 -1.13 56.62 75.53
N SER G 1037 -1.71 56.15 74.43
CA SER G 1037 -1.81 54.72 74.21
C SER G 1037 -0.44 54.06 74.23
N LEU G 1038 0.60 54.77 73.80
CA LEU G 1038 1.94 54.21 73.72
C LEU G 1038 2.46 53.87 75.12
N LYS G 1039 3.43 52.96 75.16
CA LYS G 1039 3.85 52.36 76.42
C LYS G 1039 4.43 53.40 77.38
N ARG G 1040 5.39 54.20 76.92
CA ARG G 1040 6.02 55.18 77.80
C ARG G 1040 5.35 56.54 77.75
N ASN G 1041 4.06 56.59 77.47
CA ASN G 1041 3.29 57.82 77.65
C ASN G 1041 2.24 57.65 78.72
N GLY G 1168 -26.59 50.87 60.90
CA GLY G 1168 -27.48 51.73 60.15
C GLY G 1168 -26.75 52.52 59.08
N LYS G 1169 -26.12 53.62 59.49
CA LYS G 1169 -25.35 54.47 58.60
C LYS G 1169 -23.87 54.32 58.92
N VAL G 1170 -23.07 54.01 57.91
CA VAL G 1170 -21.63 53.94 58.08
C VAL G 1170 -21.07 55.34 58.20
N LYS G 1171 -20.11 55.52 59.10
CA LYS G 1171 -19.38 56.76 59.12
C LYS G 1171 -18.64 56.88 57.79
N PRO G 1172 -18.86 57.94 57.00
CA PRO G 1172 -18.10 58.06 55.75
C PRO G 1172 -16.60 58.10 56.03
N LEU G 1173 -15.89 57.05 55.62
CA LEU G 1173 -14.50 56.89 56.01
C LEU G 1173 -13.70 58.11 55.58
N LEU G 1174 -12.98 58.70 56.53
CA LEU G 1174 -12.33 59.99 56.26
C LEU G 1174 -11.38 59.90 55.08
N ILE G 1175 -10.63 58.81 54.98
CA ILE G 1175 -9.81 58.61 53.79
C ILE G 1175 -10.68 58.57 52.54
N LEU G 1176 -11.81 57.85 52.62
CA LEU G 1176 -12.66 57.71 51.44
C LEU G 1176 -13.36 59.01 51.13
N GLN G 1177 -13.95 59.65 52.14
CA GLN G 1177 -14.61 60.93 51.92
C GLN G 1177 -13.62 61.98 51.44
N LYS G 1178 -12.33 61.78 51.73
CA LYS G 1178 -11.31 62.73 51.34
C LYS G 1178 -10.90 62.51 49.88
N THR G 1179 -10.65 61.26 49.51
CA THR G 1179 -10.27 60.96 48.13
C THR G 1179 -11.44 61.17 47.16
N VAL G 1180 -12.67 61.11 47.65
CA VAL G 1180 -13.82 61.45 46.81
C VAL G 1180 -14.19 62.92 46.92
N SER G 1181 -13.84 63.59 48.02
CA SER G 1181 -14.03 65.02 48.15
C SER G 1181 -12.86 65.56 48.95
N LYS G 1182 -12.03 66.39 48.31
CA LYS G 1182 -10.75 66.85 48.84
C LYS G 1182 -10.90 67.82 50.00
N GLU G 1183 -12.10 68.00 50.55
CA GLU G 1183 -12.30 68.98 51.61
C GLU G 1183 -11.56 68.60 52.90
N HIS G 1184 -11.06 67.37 53.01
CA HIS G 1184 -10.51 66.85 54.26
C HIS G 1184 -8.99 66.66 54.19
N ILE G 1185 -8.31 67.44 53.36
CA ILE G 1185 -6.85 67.33 53.25
C ILE G 1185 -6.21 67.97 54.48
N THR G 1186 -5.35 67.21 55.15
CA THR G 1186 -4.63 67.70 56.31
C THR G 1186 -3.21 68.10 55.93
N PRO G 1187 -2.62 69.07 56.60
CA PRO G 1187 -1.26 69.50 56.25
C PRO G 1187 -0.20 68.58 56.80
N ALA G 1188 0.95 68.57 56.12
CA ALA G 1188 2.08 67.78 56.55
C ALA G 1188 2.75 68.43 57.75
N GLU G 1189 2.74 67.74 58.89
CA GLU G 1189 3.25 68.26 60.14
C GLU G 1189 4.24 67.28 60.74
N GLN G 1190 5.29 67.80 61.37
CA GLN G 1190 6.27 66.93 62.01
C GLN G 1190 5.88 66.50 63.40
N GLY G 1191 4.61 66.63 63.79
CA GLY G 1191 4.12 65.73 64.82
C GLY G 1191 4.16 64.30 64.30
N GLU G 1192 3.59 64.08 63.11
CA GLU G 1192 3.59 62.77 62.49
C GLU G 1192 4.95 62.41 61.93
N PHE G 1193 5.63 63.36 61.27
CA PHE G 1193 6.97 63.08 60.79
C PHE G 1193 7.94 62.85 61.94
N LEU G 1194 7.70 63.46 63.11
CA LEU G 1194 8.54 63.17 64.28
C LEU G 1194 8.26 61.76 64.79
N ALA G 1195 6.97 61.42 64.96
CA ALA G 1195 6.61 60.03 65.18
C ALA G 1195 7.42 59.13 64.27
N ALA G 1196 7.50 59.50 62.98
CA ALA G 1196 8.22 58.69 62.00
C ALA G 1196 9.71 58.63 62.30
N ILE G 1197 10.37 59.79 62.35
CA ILE G 1197 11.82 59.83 62.50
C ILE G 1197 12.21 59.31 63.87
N THR G 1198 11.46 59.66 64.90
CA THR G 1198 11.74 59.21 66.26
C THR G 1198 11.30 57.77 66.40
N ALA G 1199 12.21 56.84 66.15
CA ALA G 1199 11.89 55.44 66.31
C ALA G 1199 11.55 55.15 67.78
N SER G 1200 10.98 53.97 68.02
CA SER G 1200 10.72 53.55 69.39
C SER G 1200 11.99 53.42 70.21
N SER G 1201 13.16 53.31 69.57
CA SER G 1201 14.41 53.24 70.31
C SER G 1201 14.62 54.50 71.15
N ALA G 1202 14.39 55.66 70.56
CA ALA G 1202 14.44 56.91 71.31
C ALA G 1202 13.20 57.01 72.20
N ALA G 1203 13.41 57.00 73.51
CA ALA G 1203 12.31 56.94 74.46
C ALA G 1203 11.62 58.31 74.60
N ASP G 1204 11.10 58.78 73.47
CA ASP G 1204 10.37 60.03 73.41
C ASP G 1204 8.88 59.76 73.64
N VAL G 1205 8.06 60.77 73.33
CA VAL G 1205 6.65 60.75 73.68
C VAL G 1205 5.80 60.15 72.56
N PHE G 1206 6.45 59.64 71.53
CA PHE G 1206 5.76 59.00 70.41
C PHE G 1206 6.74 58.12 69.65
N ASP G 1207 6.21 57.37 68.69
CA ASP G 1207 7.05 56.52 67.83
C ASP G 1207 6.49 56.52 66.42
N MET G 1208 7.11 55.72 65.57
CA MET G 1208 6.85 55.70 64.13
C MET G 1208 5.86 54.64 63.68
N GLU G 1209 5.60 53.62 64.51
CA GLU G 1209 4.76 52.52 64.05
C GLU G 1209 3.37 53.00 63.66
N ARG G 1210 2.82 53.99 64.37
CA ARG G 1210 1.45 54.41 64.10
C ARG G 1210 1.29 54.88 62.65
N LEU G 1211 2.17 55.78 62.21
CA LEU G 1211 2.11 56.19 60.81
C LEU G 1211 2.64 55.08 59.91
N GLU G 1212 3.49 54.21 60.45
CA GLU G 1212 4.15 53.22 59.60
C GLU G 1212 3.19 52.15 59.12
N ILE G 1213 2.16 51.80 59.90
CA ILE G 1213 1.22 50.81 59.40
C ILE G 1213 0.52 51.33 58.16
N LEU G 1214 0.09 52.59 58.18
CA LEU G 1214 -0.54 53.18 57.00
C LEU G 1214 0.46 53.28 55.87
N GLY G 1215 1.71 53.63 56.18
CA GLY G 1215 2.72 53.69 55.14
C GLY G 1215 2.91 52.35 54.46
N ASN G 1216 3.01 51.29 55.25
CA ASN G 1216 3.21 49.96 54.69
C ASN G 1216 2.01 49.53 53.87
N SER G 1217 0.80 49.78 54.37
CA SER G 1217 -0.38 49.43 53.59
C SER G 1217 -0.41 50.21 52.27
N PHE G 1218 -0.11 51.50 52.33
CA PHE G 1218 -0.15 52.34 51.14
C PHE G 1218 0.87 51.89 50.11
N LEU G 1219 2.10 51.59 50.55
CA LEU G 1219 3.11 51.16 49.61
C LEU G 1219 2.81 49.77 49.06
N LYS G 1220 2.23 48.89 49.89
CA LYS G 1220 1.80 47.61 49.37
C LYS G 1220 0.75 47.78 48.28
N LEU G 1221 -0.21 48.68 48.51
CA LEU G 1221 -1.22 48.96 47.49
C LEU G 1221 -0.58 49.47 46.21
N SER G 1222 0.32 50.44 46.36
CA SER G 1222 0.98 51.00 45.18
C SER G 1222 1.69 49.92 44.38
N ALA G 1223 2.54 49.14 45.07
CA ALA G 1223 3.29 48.11 44.38
C ALA G 1223 2.36 47.10 43.73
N THR G 1224 1.38 46.60 44.48
CA THR G 1224 0.47 45.60 43.96
C THR G 1224 -0.25 46.10 42.71
N LEU G 1225 -0.91 47.25 42.81
CA LEU G 1225 -1.69 47.73 41.67
C LEU G 1225 -0.78 48.03 40.48
N TYR G 1226 0.37 48.66 40.71
CA TYR G 1226 1.26 48.99 39.60
C TYR G 1226 1.73 47.72 38.89
N LEU G 1227 2.27 46.76 39.64
CA LEU G 1227 2.84 45.57 39.03
C LEU G 1227 1.75 44.74 38.34
N ALA G 1228 0.60 44.58 38.99
CA ALA G 1228 -0.49 43.89 38.33
C ALA G 1228 -0.99 44.63 37.12
N SER G 1229 -0.86 45.96 37.10
CA SER G 1229 -1.37 46.74 35.99
C SER G 1229 -0.50 46.59 34.75
N LYS G 1230 0.79 46.91 34.87
CA LYS G 1230 1.64 46.78 33.69
C LYS G 1230 1.88 45.31 33.35
N TYR G 1231 1.82 44.43 34.34
CA TYR G 1231 2.20 43.03 34.18
C TYR G 1231 1.13 42.10 34.72
N SER G 1232 -0.12 42.32 34.30
CA SER G 1232 -1.18 41.35 34.58
C SER G 1232 -0.90 40.00 33.93
N ASP G 1233 0.13 39.90 33.07
CA ASP G 1233 0.46 38.66 32.38
C ASP G 1233 1.47 37.83 33.15
N TRP G 1234 1.47 37.93 34.47
CA TRP G 1234 2.37 37.17 35.33
C TRP G 1234 1.57 36.35 36.32
N ASN G 1235 2.12 35.20 36.70
CA ASN G 1235 1.51 34.34 37.69
C ASN G 1235 1.63 34.96 39.08
N GLU G 1236 0.77 34.51 39.99
CA GLU G 1236 0.65 35.14 41.31
C GLU G 1236 1.91 35.00 42.15
N GLY G 1237 2.55 33.83 42.15
CA GLY G 1237 3.71 33.63 43.01
C GLY G 1237 4.83 34.61 42.70
N THR G 1238 5.15 34.75 41.42
CA THR G 1238 6.18 35.70 41.02
C THR G 1238 5.77 37.12 41.37
N LEU G 1239 4.49 37.45 41.21
CA LEU G 1239 4.02 38.77 41.59
C LEU G 1239 4.28 39.03 43.07
N THR G 1240 3.97 38.04 43.92
CA THR G 1240 4.20 38.22 45.35
C THR G 1240 5.68 38.37 45.66
N GLU G 1241 6.52 37.60 44.97
CA GLU G 1241 7.96 37.70 45.21
C GLU G 1241 8.48 39.09 44.82
N VAL G 1242 8.07 39.59 43.67
CA VAL G 1242 8.53 40.91 43.24
C VAL G 1242 7.98 41.99 44.16
N LYS G 1243 6.74 41.82 44.63
CA LYS G 1243 6.19 42.78 45.58
C LYS G 1243 6.99 42.78 46.88
N SER G 1244 7.36 41.60 47.35
CA SER G 1244 8.19 41.51 48.55
C SER G 1244 9.53 42.19 48.34
N LYS G 1245 10.14 41.99 47.18
CA LYS G 1245 11.39 42.69 46.90
C LYS G 1245 11.17 44.20 46.84
N LEU G 1246 10.00 44.65 46.37
CA LEU G 1246 9.70 46.07 46.35
C LEU G 1246 9.55 46.63 47.75
N VAL G 1247 8.73 45.98 48.59
CA VAL G 1247 8.57 46.42 49.97
C VAL G 1247 9.78 46.08 50.82
N SER G 1248 10.72 45.30 50.28
CA SER G 1248 11.94 44.99 51.00
C SER G 1248 12.62 46.27 51.47
N ASN G 1249 13.27 46.19 52.63
CA ASN G 1249 13.84 47.38 53.24
C ASN G 1249 14.89 48.02 52.34
N ARG G 1250 15.79 47.22 51.78
CA ARG G 1250 16.93 47.79 51.06
C ARG G 1250 16.49 48.56 49.82
N ASN G 1251 15.50 48.06 49.09
CA ASN G 1251 15.01 48.78 47.92
C ASN G 1251 14.56 50.19 48.30
N LEU G 1252 13.73 50.29 49.33
CA LEU G 1252 13.24 51.57 49.79
C LEU G 1252 14.37 52.45 50.32
N LEU G 1253 15.31 51.85 51.04
CA LEU G 1253 16.48 52.60 51.49
C LEU G 1253 17.17 53.27 50.31
N PHE G 1254 17.44 52.49 49.26
CA PHE G 1254 18.18 53.02 48.12
C PHE G 1254 17.37 54.09 47.40
N CYS G 1255 16.05 53.87 47.26
CA CYS G 1255 15.24 54.83 46.52
C CYS G 1255 15.18 56.17 47.26
N LEU G 1256 15.06 56.13 48.59
CA LEU G 1256 15.14 57.38 49.33
C LEU G 1256 16.54 57.99 49.24
N ILE G 1257 17.57 57.15 49.30
CA ILE G 1257 18.94 57.66 49.29
C ILE G 1257 19.18 58.48 48.02
N ASP G 1258 18.68 57.99 46.89
CA ASP G 1258 18.89 58.74 45.65
C ASP G 1258 18.04 60.00 45.60
N ALA G 1259 17.33 60.31 46.68
CA ALA G 1259 16.49 61.51 46.75
C ALA G 1259 17.02 62.56 47.72
N ASP G 1260 18.17 62.31 48.36
CA ASP G 1260 18.89 63.27 49.22
C ASP G 1260 18.28 63.44 50.61
N ILE G 1261 17.38 62.56 51.04
CA ILE G 1261 16.76 62.68 52.35
C ILE G 1261 17.64 62.18 53.48
N PRO G 1262 18.34 61.05 53.34
CA PRO G 1262 19.02 60.46 54.50
C PRO G 1262 19.95 61.41 55.22
N LYS G 1263 20.53 62.39 54.53
CA LYS G 1263 21.45 63.30 55.21
C LYS G 1263 20.73 64.29 56.12
N THR G 1264 19.40 64.31 56.12
CA THR G 1264 18.61 65.19 56.98
C THR G 1264 17.73 64.37 57.92
N LEU G 1265 18.30 63.31 58.50
CA LEU G 1265 17.62 62.45 59.46
C LEU G 1265 18.32 62.54 60.81
N ASN G 1266 17.81 61.79 61.78
CA ASN G 1266 18.43 61.74 63.11
C ASN G 1266 17.88 60.60 63.93
N THR G 1267 18.79 59.86 64.57
CA THR G 1267 18.42 58.90 65.61
C THR G 1267 19.38 58.89 66.79
N ILE G 1268 20.44 59.69 66.76
CA ILE G 1268 21.52 59.55 67.74
C ILE G 1268 20.96 59.81 69.14
N GLN G 1269 21.41 59.00 70.10
CA GLN G 1269 21.11 59.25 71.49
C GLN G 1269 21.96 60.41 71.99
N PHE G 1270 21.30 61.51 72.37
CA PHE G 1270 22.01 62.76 72.69
C PHE G 1270 22.71 62.60 74.04
N THR G 1271 23.88 62.00 74.01
CA THR G 1271 24.76 61.95 75.17
C THR G 1271 25.81 63.05 75.01
N PRO G 1272 25.57 64.25 75.54
CA PRO G 1272 26.50 65.34 75.27
C PRO G 1272 27.92 65.08 75.77
N ARG G 1273 28.09 64.20 76.75
CA ARG G 1273 29.39 64.10 77.43
C ARG G 1273 30.31 63.10 76.72
N TYR G 1274 29.81 61.90 76.43
CA TYR G 1274 30.67 60.84 75.92
C TYR G 1274 30.86 60.91 74.41
N THR G 1275 29.79 60.74 73.64
CA THR G 1275 29.89 60.44 72.21
C THR G 1275 29.24 61.51 71.33
N TRP G 1276 29.05 62.72 71.85
CA TRP G 1276 28.55 63.83 71.06
C TRP G 1276 29.63 64.89 70.92
N LEU G 1277 29.75 65.44 69.72
CA LEU G 1277 30.69 66.53 69.46
C LEU G 1277 29.92 67.84 69.59
N PRO G 1278 30.00 68.55 70.70
CA PRO G 1278 29.23 69.79 70.84
C PRO G 1278 29.71 70.82 69.82
N PRO G 1279 28.82 71.72 69.39
CA PRO G 1279 29.21 72.61 68.29
C PRO G 1279 30.45 73.45 68.58
N GLY G 1280 30.42 74.24 69.65
CA GLY G 1280 31.53 75.12 69.97
C GLY G 1280 32.69 74.41 70.63
N ILE G 1281 32.72 73.08 70.51
CA ILE G 1281 33.87 72.26 70.87
C ILE G 1281 34.05 71.24 69.75
N SER G 1282 35.20 70.57 69.73
CA SER G 1282 35.46 69.53 68.76
C SER G 1282 36.75 68.83 69.15
N LEU G 1283 37.19 67.90 68.31
CA LEU G 1283 38.56 67.41 68.37
C LEU G 1283 39.48 68.44 67.72
N PRO G 1284 40.78 68.36 67.97
CA PRO G 1284 41.71 69.24 67.25
C PRO G 1284 41.51 69.12 65.74
N HIS G 1285 41.72 70.24 65.05
CA HIS G 1285 41.50 70.28 63.61
C HIS G 1285 42.27 69.17 62.91
N ASN G 1286 43.55 69.04 63.25
CA ASN G 1286 44.40 68.03 62.61
C ASN G 1286 43.88 66.63 62.87
N VAL G 1287 43.53 66.32 64.11
CA VAL G 1287 43.05 64.97 64.40
C VAL G 1287 41.62 64.78 63.92
N LEU G 1288 40.84 65.86 63.78
CA LEU G 1288 39.56 65.74 63.09
C LEU G 1288 39.75 65.29 61.65
N ALA G 1289 40.68 65.94 60.93
CA ALA G 1289 40.99 65.50 59.58
C ALA G 1289 41.50 64.06 59.57
N LEU G 1290 42.36 63.72 60.53
CA LEU G 1290 42.88 62.37 60.60
C LEU G 1290 41.77 61.34 60.76
N TRP G 1291 40.90 61.52 61.75
CA TRP G 1291 39.81 60.59 61.98
C TRP G 1291 38.87 60.53 60.78
N ARG G 1292 38.59 61.67 60.15
CA ARG G 1292 37.66 61.72 59.04
C ARG G 1292 38.33 61.43 57.70
N GLU G 1293 39.49 62.04 57.43
CA GLU G 1293 40.18 61.88 56.15
C GLU G 1293 41.29 60.84 56.22
N ASN G 1294 41.15 59.83 57.07
CA ASN G 1294 42.09 58.72 57.13
C ASN G 1294 41.35 57.47 57.57
N PRO G 1295 40.68 56.79 56.63
CA PRO G 1295 39.93 55.58 57.02
C PRO G 1295 40.80 54.50 57.63
N GLU G 1296 42.04 54.34 57.15
CA GLU G 1296 42.88 53.25 57.64
C GLU G 1296 43.41 53.53 59.04
N PHE G 1297 43.74 54.78 59.33
CA PHE G 1297 44.23 55.15 60.65
C PHE G 1297 43.12 55.38 61.66
N ALA G 1298 41.88 55.51 61.21
CA ALA G 1298 40.77 55.73 62.13
C ALA G 1298 40.35 54.47 62.87
N LYS G 1299 40.53 53.29 62.28
CA LYS G 1299 40.10 52.05 62.90
C LYS G 1299 40.98 51.60 64.06
N ILE G 1300 42.22 52.08 64.13
CA ILE G 1300 43.10 51.76 65.25
C ILE G 1300 43.11 52.86 66.31
N ILE G 1301 42.43 53.97 66.07
CA ILE G 1301 42.27 55.01 67.08
C ILE G 1301 41.08 54.66 67.96
N GLY G 1302 41.31 54.58 69.28
CA GLY G 1302 40.26 54.33 70.23
C GLY G 1302 40.36 55.27 71.41
N PRO G 1303 39.58 55.01 72.46
CA PRO G 1303 39.69 55.86 73.65
C PRO G 1303 41.09 55.86 74.24
N HIS G 1304 41.77 54.71 74.24
CA HIS G 1304 43.12 54.65 74.81
C HIS G 1304 44.08 55.52 74.00
N ASN G 1305 43.93 55.55 72.68
CA ASN G 1305 44.69 56.50 71.87
C ASN G 1305 44.22 57.93 72.13
N LEU G 1306 42.91 58.13 72.27
CA LEU G 1306 42.34 59.46 72.36
C LEU G 1306 42.56 60.12 73.71
N ARG G 1307 42.88 59.36 74.76
CA ARG G 1307 43.15 59.95 76.05
C ARG G 1307 44.42 60.77 76.08
N ASP G 1308 45.29 60.60 75.06
CA ASP G 1308 46.62 61.18 75.09
C ASP G 1308 46.64 62.69 74.85
N LEU G 1309 45.53 63.28 74.43
CA LEU G 1309 45.47 64.73 74.21
C LEU G 1309 45.14 65.40 75.53
N ALA G 1310 46.14 66.03 76.14
CA ALA G 1310 45.99 66.73 77.42
C ALA G 1310 46.38 68.18 77.19
N LEU G 1311 45.41 69.00 76.82
CA LEU G 1311 45.65 70.40 76.51
C LEU G 1311 45.49 71.27 77.75
N GLY G 1312 46.37 72.26 77.88
CA GLY G 1312 46.34 73.19 79.00
C GLY G 1312 45.41 74.35 78.74
N ASP G 1313 45.46 75.33 79.65
CA ASP G 1313 44.62 76.51 79.53
C ASP G 1313 44.92 77.27 78.24
N GLU G 1314 46.20 77.58 78.00
CA GLU G 1314 46.54 78.41 76.85
C GLU G 1314 46.11 77.75 75.54
N GLU G 1315 46.37 76.45 75.40
CA GLU G 1315 46.08 75.78 74.14
C GLU G 1315 44.57 75.74 73.87
N SER G 1316 43.78 75.46 74.90
CA SER G 1316 42.33 75.39 74.70
C SER G 1316 41.70 76.77 74.56
N LEU G 1317 42.34 77.80 75.12
CA LEU G 1317 41.78 79.14 75.11
C LEU G 1317 42.15 79.90 73.84
N VAL G 1318 43.45 80.12 73.62
CA VAL G 1318 43.93 81.04 72.60
C VAL G 1318 44.57 80.31 71.43
N LYS G 1319 45.51 79.41 71.70
CA LYS G 1319 46.23 78.73 70.61
C LYS G 1319 45.27 77.91 69.76
N GLY G 1320 44.32 77.23 70.39
CA GLY G 1320 43.31 76.46 69.68
C GLY G 1320 43.70 75.05 69.33
N ASN G 1321 44.93 74.64 69.59
CA ASN G 1321 45.36 73.27 69.33
C ASN G 1321 46.50 72.93 70.28
N CYS G 1322 46.77 71.63 70.39
CA CYS G 1322 47.84 71.17 71.26
C CYS G 1322 49.17 71.78 70.84
N SER G 1323 49.92 72.25 71.83
CA SER G 1323 51.21 72.86 71.58
C SER G 1323 52.18 71.85 70.97
N ASP G 1324 53.35 72.35 70.58
CA ASP G 1324 54.30 71.51 69.87
C ASP G 1324 54.75 70.32 70.71
N ILE G 1325 55.04 70.55 71.99
CA ILE G 1325 55.49 69.44 72.85
C ILE G 1325 54.36 68.44 73.07
N ASN G 1326 53.16 68.94 73.40
CA ASN G 1326 52.03 68.06 73.58
C ASN G 1326 51.67 67.36 72.26
N TYR G 1327 51.75 68.09 71.14
CA TYR G 1327 51.45 67.49 69.85
C TYR G 1327 52.42 66.35 69.54
N ASN G 1328 53.72 66.57 69.75
CA ASN G 1328 54.71 65.54 69.50
C ASN G 1328 54.47 64.32 70.40
N ARG G 1329 54.24 64.56 71.68
CA ARG G 1329 54.01 63.44 72.60
C ARG G 1329 52.76 62.67 72.22
N PHE G 1330 51.69 63.37 71.85
CA PHE G 1330 50.45 62.72 71.49
C PHE G 1330 50.60 61.88 70.22
N VAL G 1331 51.28 62.41 69.21
CA VAL G 1331 51.44 61.66 67.97
C VAL G 1331 52.34 60.46 68.20
N GLU G 1332 53.40 60.62 69.00
CA GLU G 1332 54.25 59.48 69.31
C GLU G 1332 53.47 58.41 70.06
N GLY G 1333 52.62 58.82 71.00
CA GLY G 1333 51.81 57.87 71.72
C GLY G 1333 50.85 57.12 70.82
N CYS G 1334 50.20 57.84 69.90
CA CYS G 1334 49.31 57.17 68.95
C CYS G 1334 50.07 56.17 68.09
N ARG G 1335 51.27 56.54 67.65
CA ARG G 1335 52.07 55.63 66.83
C ARG G 1335 52.50 54.40 67.62
N ALA G 1336 52.85 54.59 68.90
CA ALA G 1336 53.28 53.46 69.73
C ALA G 1336 52.11 52.61 70.21
N ASN G 1337 50.88 53.12 70.16
CA ASN G 1337 49.73 52.34 70.61
C ASN G 1337 49.39 51.18 69.67
N GLY G 1338 50.02 51.09 68.51
CA GLY G 1338 49.72 50.04 67.56
C GLY G 1338 50.32 48.68 67.86
N GLN G 1339 51.06 48.55 68.96
CA GLN G 1339 51.69 47.29 69.34
C GLN G 1339 51.21 46.76 70.68
N SER G 1340 50.42 47.53 71.43
CA SER G 1340 50.00 47.11 72.76
C SER G 1340 48.89 46.07 72.65
N PHE G 1341 48.30 45.71 73.79
CA PHE G 1341 47.22 44.73 73.82
C PHE G 1341 45.91 45.26 73.27
N TYR G 1342 45.81 46.57 73.01
CA TYR G 1342 44.60 47.15 72.45
C TYR G 1342 44.51 47.01 70.94
N ALA G 1343 45.55 46.48 70.29
CA ALA G 1343 45.51 46.32 68.84
C ALA G 1343 44.43 45.33 68.44
N GLY G 1344 43.73 45.64 67.35
CA GLY G 1344 42.65 44.80 66.87
C GLY G 1344 41.33 45.01 67.57
N ALA G 1345 41.30 45.77 68.66
CA ALA G 1345 40.05 46.01 69.38
C ALA G 1345 39.10 46.84 68.52
N ASP G 1346 37.84 46.44 68.51
CA ASP G 1346 36.81 47.08 67.68
C ASP G 1346 36.26 48.27 68.44
N PHE G 1347 36.93 49.42 68.32
CA PHE G 1347 36.47 50.65 68.95
C PHE G 1347 35.49 51.42 68.09
N SER G 1348 35.31 51.03 66.82
CA SER G 1348 34.36 51.71 65.95
C SER G 1348 32.92 51.48 66.38
N SER G 1349 32.65 50.40 67.09
CA SER G 1349 31.32 50.15 67.62
C SER G 1349 31.05 51.09 68.79
N GLU G 1350 29.79 51.53 68.90
CA GLU G 1350 29.37 52.50 69.91
C GLU G 1350 30.06 53.84 69.73
N VAL G 1351 30.72 54.06 68.59
CA VAL G 1351 31.16 55.38 68.17
C VAL G 1351 30.87 55.64 66.71
N ASN G 1352 30.33 54.65 65.98
CA ASN G 1352 30.00 54.85 64.57
C ASN G 1352 29.20 56.11 64.32
N PHE G 1353 28.51 56.63 65.34
CA PHE G 1353 27.69 57.83 65.22
C PHE G 1353 28.38 59.08 65.74
N CYS G 1354 29.64 58.98 66.15
CA CYS G 1354 30.35 60.16 66.64
C CYS G 1354 30.80 61.06 65.49
N VAL G 1355 31.05 60.47 64.32
CA VAL G 1355 31.71 61.18 63.22
C VAL G 1355 30.70 61.99 62.41
N GLY G 1356 29.47 62.04 62.86
CA GLY G 1356 28.40 62.65 62.07
C GLY G 1356 27.67 61.60 61.24
N LEU G 1357 28.43 60.78 60.52
CA LEU G 1357 27.89 59.55 59.97
C LEU G 1357 27.37 58.70 61.12
N VAL G 1358 26.16 58.15 60.96
CA VAL G 1358 25.41 57.64 62.10
C VAL G 1358 25.27 56.13 62.03
N THR G 1359 25.14 55.54 63.21
CA THR G 1359 24.86 54.12 63.35
C THR G 1359 23.35 53.85 63.29
N ILE G 1360 22.81 53.79 62.09
CA ILE G 1360 21.42 53.37 61.87
C ILE G 1360 21.46 52.00 61.18
N PRO G 1361 21.00 50.96 61.85
CA PRO G 1361 20.90 49.65 61.18
C PRO G 1361 19.84 49.67 60.10
N ASN G 1362 19.87 48.65 59.26
CA ASN G 1362 18.87 48.52 58.21
C ASN G 1362 17.47 48.62 58.80
N LYS G 1363 17.27 48.05 60.00
CA LYS G 1363 15.95 48.07 60.60
C LYS G 1363 15.53 49.48 61.00
N VAL G 1364 16.38 50.24 61.67
CA VAL G 1364 15.98 51.56 62.13
C VAL G 1364 15.96 52.55 60.96
N ILE G 1365 16.88 52.40 60.00
CA ILE G 1365 16.83 53.27 58.83
C ILE G 1365 15.55 53.01 58.07
N ALA G 1366 15.15 51.75 57.96
CA ALA G 1366 13.85 51.44 57.39
C ALA G 1366 12.74 52.09 58.21
N ASP G 1367 12.73 51.86 59.52
CA ASP G 1367 11.68 52.44 60.34
C ASP G 1367 11.53 53.91 60.01
N THR G 1368 12.60 54.68 60.17
CA THR G 1368 12.56 56.09 59.84
C THR G 1368 12.05 56.33 58.42
N LEU G 1369 12.52 55.54 57.46
CA LEU G 1369 12.29 55.84 56.05
C LEU G 1369 10.84 55.56 55.64
N GLU G 1370 10.42 54.31 55.74
CA GLU G 1370 9.02 54.03 55.45
C GLU G 1370 8.08 54.73 56.42
N ALA G 1371 8.57 55.22 57.57
CA ALA G 1371 7.70 56.01 58.42
C ALA G 1371 7.51 57.41 57.84
N LEU G 1372 8.57 58.00 57.28
CA LEU G 1372 8.40 59.21 56.50
C LEU G 1372 7.41 58.98 55.38
N LEU G 1373 7.53 57.85 54.70
CA LEU G 1373 6.58 57.53 53.63
C LEU G 1373 5.16 57.49 54.16
N GLY G 1374 4.95 56.80 55.29
CA GLY G 1374 3.62 56.65 55.83
C GLY G 1374 3.01 57.95 56.29
N VAL G 1375 3.81 58.79 56.97
CA VAL G 1375 3.31 60.10 57.37
C VAL G 1375 2.93 60.93 56.15
N ILE G 1376 3.77 60.93 55.12
CA ILE G 1376 3.44 61.71 53.92
C ILE G 1376 2.11 61.24 53.35
N VAL G 1377 1.96 59.92 53.18
CA VAL G 1377 0.74 59.41 52.54
C VAL G 1377 -0.48 59.70 53.41
N LYS G 1378 -0.36 59.46 54.73
CA LYS G 1378 -1.46 59.77 55.62
C LYS G 1378 -1.87 61.23 55.49
N ASN G 1379 -0.89 62.13 55.53
CA ASN G 1379 -1.21 63.55 55.49
C ASN G 1379 -1.90 63.94 54.19
N TYR G 1380 -1.41 63.45 53.05
CA TYR G 1380 -1.82 64.01 51.77
C TYR G 1380 -2.82 63.15 51.02
N GLY G 1381 -3.29 62.04 51.60
CA GLY G 1381 -4.33 61.32 50.87
C GLY G 1381 -3.80 60.65 49.62
N LEU G 1382 -4.67 59.85 49.02
CA LEU G 1382 -4.29 58.97 47.92
C LEU G 1382 -3.90 59.73 46.66
N GLN G 1383 -4.87 60.41 46.05
CA GLN G 1383 -4.65 61.03 44.74
C GLN G 1383 -3.49 62.01 44.73
N HIS G 1384 -2.92 62.34 45.88
CA HIS G 1384 -1.77 63.20 45.95
C HIS G 1384 -0.51 62.46 46.35
N ALA G 1385 -0.51 61.77 47.49
CA ALA G 1385 0.70 61.11 47.96
C ALA G 1385 1.09 59.92 47.11
N PHE G 1386 0.21 59.44 46.23
CA PHE G 1386 0.67 58.49 45.23
C PHE G 1386 1.86 59.04 44.45
N LYS G 1387 1.85 60.34 44.13
CA LYS G 1387 2.96 60.94 43.41
C LYS G 1387 4.25 60.92 44.24
N MET G 1388 4.14 60.72 45.56
CA MET G 1388 5.35 60.58 46.37
C MET G 1388 6.25 59.49 45.81
N LEU G 1389 5.68 58.42 45.28
CA LEU G 1389 6.47 57.37 44.65
C LEU G 1389 7.13 57.86 43.37
N GLU G 1390 6.46 58.71 42.60
CA GLU G 1390 7.12 59.38 41.49
C GLU G 1390 8.31 60.19 41.98
N TYR G 1391 8.18 60.84 43.14
CA TYR G 1391 9.31 61.56 43.73
C TYR G 1391 10.41 60.61 44.14
N PHE G 1392 10.05 59.54 44.86
CA PHE G 1392 11.04 58.61 45.39
C PHE G 1392 11.42 57.51 44.42
N LYS G 1393 10.76 57.41 43.27
CA LYS G 1393 11.07 56.37 42.29
C LYS G 1393 10.85 54.98 42.88
N ILE G 1394 10.05 54.90 43.95
CA ILE G 1394 9.68 53.61 44.52
C ILE G 1394 9.13 52.70 43.44
N CYS G 1395 8.05 53.13 42.80
CA CYS G 1395 7.63 52.60 41.51
C CYS G 1395 7.98 53.62 40.45
N ARG G 1396 8.71 53.18 39.42
CA ARG G 1396 9.37 54.12 38.54
C ARG G 1396 8.39 55.11 37.93
N ALA G 1397 8.78 56.38 37.91
CA ALA G 1397 7.93 57.41 37.35
C ALA G 1397 7.63 57.10 35.89
N ASP G 1398 6.40 57.41 35.47
CA ASP G 1398 5.97 57.19 34.10
C ASP G 1398 5.04 58.31 33.67
N ILE G 1399 5.32 58.91 32.52
CA ILE G 1399 4.44 59.94 31.99
C ILE G 1399 3.08 59.34 31.62
N ASP G 1400 3.10 58.13 31.07
CA ASP G 1400 1.83 57.46 30.78
C ASP G 1400 1.05 57.20 32.06
N LYS G 1401 1.72 56.76 33.11
CA LYS G 1401 1.09 56.43 34.39
C LYS G 1401 1.82 57.15 35.51
N PRO G 1402 1.61 58.45 35.66
CA PRO G 1402 2.15 59.14 36.84
C PRO G 1402 1.60 58.47 38.09
N LEU G 1403 2.45 58.34 39.11
CA LEU G 1403 2.14 57.47 40.24
C LEU G 1403 0.82 57.90 40.86
N THR G 1404 0.49 59.19 40.75
CA THR G 1404 -0.77 59.69 41.30
C THR G 1404 -1.96 58.84 40.87
N GLN G 1405 -1.84 58.12 39.75
CA GLN G 1405 -2.92 57.32 39.19
C GLN G 1405 -2.74 55.83 39.43
N LEU G 1406 -2.31 55.42 40.62
CA LEU G 1406 -2.10 54.01 40.92
C LEU G 1406 -3.40 53.23 41.16
N LEU G 1407 -4.56 53.90 41.14
CA LEU G 1407 -5.85 53.23 41.26
C LEU G 1407 -6.46 52.89 39.90
N ASN G 1408 -5.62 52.62 38.90
CA ASN G 1408 -6.05 52.35 37.52
C ASN G 1408 -5.76 50.91 37.14
N LEU G 1409 -5.97 49.96 38.06
CA LEU G 1409 -5.47 48.61 37.87
C LEU G 1409 -5.96 48.03 36.56
N GLU G 1410 -5.03 47.46 35.79
CA GLU G 1410 -5.32 46.81 34.52
C GLU G 1410 -5.11 45.32 34.68
N LEU G 1411 -6.20 44.57 34.72
CA LEU G 1411 -6.14 43.11 34.76
C LEU G 1411 -6.08 42.56 33.34
N GLY G 1412 -5.04 42.99 32.62
CA GLY G 1412 -4.86 42.57 31.25
C GLY G 1412 -4.56 41.09 31.14
N GLY G 1413 -3.95 40.69 30.03
CA GLY G 1413 -3.66 39.29 29.81
C GLY G 1413 -4.91 38.51 29.44
N LYS G 1414 -4.75 37.18 29.38
CA LYS G 1414 -5.83 36.29 29.01
C LYS G 1414 -6.65 35.82 30.19
N LYS G 1415 -6.22 36.12 31.42
CA LYS G 1415 -6.80 35.47 32.59
C LYS G 1415 -8.28 35.84 32.79
N MET G 1416 -8.73 36.93 32.18
CA MET G 1416 -10.08 37.42 32.38
C MET G 1416 -10.78 37.61 31.04
N ARG G 1417 -12.09 37.33 31.01
CA ARG G 1417 -12.93 37.64 29.86
C ARG G 1417 -14.19 38.33 30.36
N ALA G 1418 -14.57 39.42 29.69
CA ALA G 1418 -15.71 40.24 30.08
C ALA G 1418 -16.86 40.14 29.10
N ASN G 1419 -17.03 38.97 28.46
CA ASN G 1419 -18.01 38.81 27.40
C ASN G 1419 -18.99 37.67 27.61
N VAL G 1420 -18.73 36.76 28.56
CA VAL G 1420 -19.59 35.60 28.74
C VAL G 1420 -20.93 36.04 29.32
N ASN G 1421 -22.02 35.49 28.78
CA ASN G 1421 -23.34 35.78 29.30
C ASN G 1421 -23.51 35.22 30.71
N THR G 1422 -24.39 35.86 31.49
CA THR G 1422 -24.65 35.41 32.85
C THR G 1422 -25.28 34.02 32.90
N THR G 1423 -25.79 33.52 31.78
CA THR G 1423 -26.41 32.20 31.78
C THR G 1423 -25.39 31.11 32.14
N GLU G 1424 -24.18 31.21 31.60
CA GLU G 1424 -23.17 30.20 31.91
C GLU G 1424 -22.80 30.23 33.39
N ILE G 1425 -22.66 31.43 33.96
CA ILE G 1425 -22.34 31.53 35.37
C ILE G 1425 -23.49 30.99 36.23
N ASP G 1426 -24.74 31.27 35.84
CA ASP G 1426 -25.86 30.67 36.55
C ASP G 1426 -25.80 29.15 36.47
N GLY G 1427 -25.47 28.61 35.30
CA GLY G 1427 -25.20 27.19 35.20
C GLY G 1427 -24.11 26.74 36.16
N PHE G 1428 -23.13 27.60 36.41
CA PHE G 1428 -22.16 27.36 37.48
C PHE G 1428 -22.60 27.92 38.82
N LEU G 1429 -23.49 28.92 38.86
CA LEU G 1429 -23.91 29.53 40.11
C LEU G 1429 -25.43 29.64 40.11
N ILE G 1430 -26.07 28.57 40.56
CA ILE G 1430 -27.51 28.61 40.80
C ILE G 1430 -27.80 29.45 42.04
N ASN G 1431 -29.08 29.76 42.22
CA ASN G 1431 -29.56 30.44 43.42
C ASN G 1431 -28.76 31.72 43.66
N HIS G 1432 -28.53 32.47 42.58
CA HIS G 1432 -27.76 33.70 42.67
C HIS G 1432 -28.30 34.61 43.77
N TYR G 1433 -29.63 34.79 43.83
CA TYR G 1433 -30.21 35.74 44.76
C TYR G 1433 -29.86 35.39 46.20
N TYR G 1434 -29.82 34.10 46.52
CA TYR G 1434 -29.43 33.69 47.86
C TYR G 1434 -28.04 34.20 48.19
N LEU G 1435 -27.08 33.98 47.30
CA LEU G 1435 -25.72 34.44 47.53
C LEU G 1435 -25.68 35.96 47.63
N GLU G 1436 -26.39 36.64 46.74
CA GLU G 1436 -26.38 38.10 46.76
C GLU G 1436 -26.86 38.64 48.10
N LYS G 1437 -27.97 38.11 48.61
CA LYS G 1437 -28.52 38.65 49.84
C LYS G 1437 -27.69 38.22 51.05
N ASN G 1438 -27.09 37.03 51.00
CA ASN G 1438 -26.20 36.64 52.09
C ASN G 1438 -24.96 37.52 52.14
N LEU G 1439 -24.40 37.85 50.98
CA LEU G 1439 -23.22 38.71 50.94
C LEU G 1439 -23.56 40.15 51.30
N GLY G 1440 -24.80 40.57 51.05
CA GLY G 1440 -25.22 41.91 51.37
C GLY G 1440 -24.97 42.96 50.31
N TYR G 1441 -24.47 42.57 49.14
CA TYR G 1441 -24.27 43.49 48.03
C TYR G 1441 -24.84 42.83 46.78
N THR G 1442 -25.51 43.61 45.94
CA THR G 1442 -26.10 43.06 44.72
C THR G 1442 -25.14 43.32 43.57
N PHE G 1443 -24.77 42.27 42.85
CA PHE G 1443 -23.82 42.39 41.76
C PHE G 1443 -24.53 42.66 40.45
N LYS G 1444 -23.79 43.30 39.54
CA LYS G 1444 -24.32 43.72 38.25
C LYS G 1444 -23.79 42.86 37.11
N ASP G 1445 -22.48 42.66 37.05
CA ASP G 1445 -21.84 41.82 36.04
C ASP G 1445 -21.38 40.54 36.74
N ARG G 1446 -22.15 39.47 36.60
CA ARG G 1446 -21.94 38.27 37.40
C ARG G 1446 -20.67 37.53 37.03
N ARG G 1447 -20.05 37.83 35.89
CA ARG G 1447 -18.85 37.11 35.49
C ARG G 1447 -17.73 37.29 36.50
N TYR G 1448 -17.62 38.49 37.08
CA TYR G 1448 -16.65 38.73 38.13
C TYR G 1448 -16.78 37.69 39.24
N LEU G 1449 -18.03 37.38 39.64
CA LEU G 1449 -18.23 36.33 40.63
C LEU G 1449 -17.57 35.04 40.19
N LEU G 1450 -17.94 34.52 39.02
CA LEU G 1450 -17.46 33.21 38.63
C LEU G 1450 -15.94 33.17 38.59
N GLN G 1451 -15.34 34.17 37.96
CA GLN G 1451 -13.89 34.17 37.92
C GLN G 1451 -13.29 34.21 39.32
N ALA G 1452 -13.96 34.87 40.27
CA ALA G 1452 -13.45 34.93 41.64
C ALA G 1452 -13.62 33.61 42.36
N LEU G 1453 -14.74 32.92 42.15
CA LEU G 1453 -15.05 31.67 42.81
C LEU G 1453 -14.40 30.48 42.11
N THR G 1454 -13.70 30.71 41.01
CA THR G 1454 -13.10 29.63 40.24
C THR G 1454 -11.82 29.17 40.93
N HIS G 1455 -11.91 28.11 41.71
CA HIS G 1455 -10.70 27.56 42.29
C HIS G 1455 -9.83 26.95 41.20
N PRO G 1456 -8.51 27.13 41.27
CA PRO G 1456 -7.65 26.72 40.14
C PRO G 1456 -7.83 25.26 39.75
N SER G 1457 -8.17 24.39 40.69
CA SER G 1457 -8.33 22.98 40.37
C SER G 1457 -9.55 22.69 39.51
N TYR G 1458 -10.47 23.63 39.38
CA TYR G 1458 -11.69 23.40 38.63
C TYR G 1458 -11.38 23.43 37.13
N PRO G 1459 -11.61 22.36 36.40
CA PRO G 1459 -11.17 22.33 34.99
C PRO G 1459 -12.19 22.88 33.99
N THR G 1460 -13.48 22.79 34.30
CA THR G 1460 -14.52 23.01 33.30
C THR G 1460 -14.90 24.48 33.15
N ASN G 1461 -14.11 25.39 33.70
CA ASN G 1461 -14.31 26.83 33.50
C ASN G 1461 -13.21 27.31 32.56
N ARG G 1462 -13.53 27.34 31.26
CA ARG G 1462 -12.57 27.72 30.24
C ARG G 1462 -12.82 29.13 29.69
N ILE G 1463 -13.24 30.05 30.56
CA ILE G 1463 -13.51 31.42 30.14
C ILE G 1463 -12.70 32.40 30.98
N THR G 1464 -12.30 31.98 32.17
CA THR G 1464 -11.59 32.87 33.08
C THR G 1464 -10.51 32.11 33.84
N GLY G 1465 -9.60 32.87 34.45
CA GLY G 1465 -8.51 32.31 35.21
C GLY G 1465 -8.89 32.02 36.65
N SER G 1466 -7.87 31.66 37.43
CA SER G 1466 -8.07 31.38 38.84
C SER G 1466 -8.28 32.69 39.60
N TYR G 1467 -8.38 32.58 40.92
CA TYR G 1467 -8.52 33.74 41.79
C TYR G 1467 -7.19 34.29 42.27
N GLN G 1468 -6.09 33.58 42.05
CA GLN G 1468 -4.82 33.95 42.66
C GLN G 1468 -4.47 35.40 42.34
N GLU G 1469 -4.50 35.76 41.06
CA GLU G 1469 -4.16 37.13 40.69
C GLU G 1469 -5.11 38.15 41.30
N LEU G 1470 -6.36 37.78 41.55
CA LEU G 1470 -7.28 38.67 42.24
C LEU G 1470 -7.11 38.70 43.75
N GLU G 1471 -6.90 37.57 44.41
CA GLU G 1471 -6.63 37.64 45.84
C GLU G 1471 -5.34 38.40 46.09
N PHE G 1472 -4.41 38.37 45.13
CA PHE G 1472 -3.17 39.11 45.28
C PHE G 1472 -3.44 40.60 45.50
N ILE G 1473 -4.36 41.17 44.73
CA ILE G 1473 -4.70 42.58 44.88
C ILE G 1473 -5.66 42.80 46.04
N GLY G 1474 -6.60 41.87 46.23
CA GLY G 1474 -7.53 42.00 47.32
C GLY G 1474 -6.84 42.10 48.66
N ASN G 1475 -6.01 41.10 49.00
CA ASN G 1475 -5.33 41.10 50.29
C ASN G 1475 -4.86 42.50 50.65
N ALA G 1476 -4.17 43.16 49.72
CA ALA G 1476 -3.72 44.53 49.97
C ALA G 1476 -4.91 45.46 50.15
N ILE G 1477 -5.93 45.34 49.30
CA ILE G 1477 -7.06 46.27 49.37
C ILE G 1477 -7.72 46.19 50.75
N LEU G 1478 -7.98 44.99 51.21
CA LEU G 1478 -8.63 44.80 52.50
C LEU G 1478 -7.72 45.24 53.65
N ASP G 1479 -6.44 44.92 53.57
CA ASP G 1479 -5.53 45.38 54.62
C ASP G 1479 -5.60 46.90 54.71
N PHE G 1480 -5.56 47.57 53.56
CA PHE G 1480 -5.62 49.03 53.56
C PHE G 1480 -6.92 49.53 54.15
N LEU G 1481 -8.06 48.97 53.72
CA LEU G 1481 -9.34 49.48 54.18
C LEU G 1481 -9.51 49.27 55.68
N ILE G 1482 -9.22 48.06 56.17
CA ILE G 1482 -9.39 47.79 57.59
C ILE G 1482 -8.42 48.62 58.41
N SER G 1483 -7.17 48.75 57.95
CA SER G 1483 -6.20 49.58 58.65
C SER G 1483 -6.67 51.03 58.70
N ALA G 1484 -7.20 51.54 57.59
CA ALA G 1484 -7.69 52.91 57.57
C ALA G 1484 -8.82 53.10 58.57
N TYR G 1485 -9.74 52.13 58.64
CA TYR G 1485 -10.84 52.23 59.59
C TYR G 1485 -10.31 52.28 61.01
N ILE G 1486 -9.43 51.34 61.37
CA ILE G 1486 -8.95 51.31 62.75
C ILE G 1486 -8.12 52.53 63.05
N PHE G 1487 -7.44 53.08 62.05
CA PHE G 1487 -6.67 54.30 62.25
C PHE G 1487 -7.59 55.48 62.54
N GLU G 1488 -8.61 55.66 61.70
CA GLU G 1488 -9.51 56.79 61.87
C GLU G 1488 -10.28 56.70 63.18
N ASN G 1489 -10.75 55.50 63.53
CA ASN G 1489 -11.67 55.35 64.65
C ASN G 1489 -10.98 55.05 65.97
N ASN G 1490 -9.84 54.37 65.93
CA ASN G 1490 -9.17 53.91 67.15
C ASN G 1490 -7.86 54.66 67.32
N THR G 1491 -7.92 55.75 68.07
CA THR G 1491 -6.75 56.58 68.38
C THR G 1491 -6.26 56.37 69.80
N LYS G 1492 -6.89 55.49 70.56
CA LYS G 1492 -6.54 55.27 71.97
C LYS G 1492 -5.75 54.00 72.19
N MET G 1493 -5.34 53.30 71.13
CA MET G 1493 -4.73 51.98 71.24
C MET G 1493 -3.34 52.04 70.63
N ASN G 1494 -2.37 51.44 71.32
CA ASN G 1494 -0.97 51.72 71.03
C ASN G 1494 -0.56 51.14 69.67
N PRO G 1495 0.46 51.73 69.03
CA PRO G 1495 0.86 51.26 67.70
C PRO G 1495 1.37 49.82 67.66
N GLY G 1496 2.04 49.33 68.71
CA GLY G 1496 2.56 47.98 68.65
C GLY G 1496 1.46 46.94 68.58
N ALA G 1497 0.54 46.98 69.55
CA ALA G 1497 -0.64 46.15 69.45
C ALA G 1497 -1.46 46.50 68.21
N LEU G 1498 -1.28 47.70 67.66
CA LEU G 1498 -2.02 48.06 66.45
C LEU G 1498 -1.52 47.27 65.25
N THR G 1499 -0.19 47.15 65.12
CA THR G 1499 0.35 46.30 64.07
C THR G 1499 0.07 44.83 64.35
N ASP G 1500 0.07 44.42 65.61
CA ASP G 1500 -0.31 43.05 65.92
C ASP G 1500 -1.74 42.78 65.48
N LEU G 1501 -2.64 43.73 65.73
CA LEU G 1501 -4.03 43.62 65.31
C LEU G 1501 -4.15 43.60 63.79
N ARG G 1502 -3.38 44.43 63.10
CA ARG G 1502 -3.36 44.38 61.64
C ARG G 1502 -2.98 42.98 61.17
N SER G 1503 -1.92 42.42 61.76
CA SER G 1503 -1.50 41.07 61.40
C SER G 1503 -2.58 40.04 61.67
N ALA G 1504 -3.26 40.15 62.81
CA ALA G 1504 -4.29 39.19 63.16
C ALA G 1504 -5.52 39.29 62.27
N LEU G 1505 -5.91 40.51 61.89
CA LEU G 1505 -7.09 40.69 61.06
C LEU G 1505 -6.85 40.22 59.64
N VAL G 1506 -5.69 40.54 59.07
CA VAL G 1506 -5.34 40.00 57.77
C VAL G 1506 -5.01 38.52 57.83
N ASN G 1507 -4.78 37.98 59.03
CA ASN G 1507 -4.49 36.57 59.16
C ASN G 1507 -5.59 35.74 58.53
N ASN G 1508 -5.19 34.72 57.77
CA ASN G 1508 -6.17 33.89 57.06
C ASN G 1508 -7.14 33.21 58.01
N THR G 1509 -6.76 33.01 59.28
CA THR G 1509 -7.64 32.33 60.21
C THR G 1509 -8.92 33.12 60.46
N THR G 1510 -8.76 34.40 60.83
CA THR G 1510 -9.93 35.22 61.10
C THR G 1510 -10.76 35.42 59.84
N LEU G 1511 -10.09 35.62 58.71
CA LEU G 1511 -10.81 35.81 57.45
C LEU G 1511 -11.62 34.57 57.10
N ALA G 1512 -11.04 33.39 57.30
CA ALA G 1512 -11.77 32.15 57.07
C ALA G 1512 -12.98 32.03 57.99
N CYS G 1513 -12.80 32.40 59.26
CA CYS G 1513 -13.94 32.35 60.18
C CYS G 1513 -15.04 33.27 59.70
N ILE G 1514 -14.69 34.48 59.26
CA ILE G 1514 -15.69 35.40 58.72
C ILE G 1514 -16.39 34.78 57.53
N CYS G 1515 -15.62 34.19 56.61
CA CYS G 1515 -16.22 33.61 55.42
C CYS G 1515 -17.22 32.53 55.77
N VAL G 1516 -16.85 31.59 56.65
CA VAL G 1516 -17.77 30.52 57.00
C VAL G 1516 -18.99 31.08 57.72
N ARG G 1517 -18.79 32.10 58.55
CA ARG G 1517 -19.91 32.69 59.26
C ARG G 1517 -21.01 33.14 58.31
N HIS G 1518 -20.64 33.53 57.09
CA HIS G 1518 -21.60 33.98 56.09
C HIS G 1518 -21.87 32.90 55.03
N ARG G 1519 -21.34 31.69 55.24
CA ARG G 1519 -21.65 30.52 54.43
C ARG G 1519 -21.28 30.71 52.95
N LEU G 1520 -20.21 31.45 52.67
CA LEU G 1520 -19.78 31.62 51.30
C LEU G 1520 -19.03 30.41 50.75
N HIS G 1521 -18.54 29.53 51.63
CA HIS G 1521 -17.70 28.42 51.16
C HIS G 1521 -18.47 27.49 50.25
N PHE G 1522 -19.79 27.45 50.36
CA PHE G 1522 -20.57 26.45 49.63
C PHE G 1522 -20.39 26.61 48.13
N PHE G 1523 -20.42 27.84 47.63
CA PHE G 1523 -20.44 28.06 46.19
C PHE G 1523 -19.08 27.95 45.54
N ILE G 1524 -17.99 27.86 46.32
CA ILE G 1524 -16.66 27.89 45.71
C ILE G 1524 -16.58 26.72 44.73
N LEU G 1525 -16.09 27.01 43.53
CA LEU G 1525 -16.10 26.03 42.45
C LEU G 1525 -14.73 25.39 42.38
N ALA G 1526 -14.56 24.26 43.07
CA ALA G 1526 -13.27 23.62 43.20
C ALA G 1526 -13.43 22.12 42.96
N GLU G 1527 -12.32 21.48 42.58
CA GLU G 1527 -12.37 20.10 42.13
C GLU G 1527 -11.23 19.29 42.72
N ASN G 1528 -10.99 19.41 44.02
CA ASN G 1528 -10.02 18.57 44.71
C ASN G 1528 -10.59 18.05 46.02
N ALA G 1529 -10.29 16.79 46.32
CA ALA G 1529 -10.85 16.17 47.51
C ALA G 1529 -10.30 16.83 48.77
N LYS G 1530 -8.98 16.95 48.88
CA LYS G 1530 -8.39 17.31 50.18
C LYS G 1530 -8.90 18.66 50.66
N LEU G 1531 -8.95 19.65 49.77
CA LEU G 1531 -9.40 20.97 50.20
C LEU G 1531 -10.86 20.93 50.62
N SER G 1532 -11.67 20.18 49.89
CA SER G 1532 -13.08 20.03 50.27
C SER G 1532 -13.20 19.41 51.66
N GLU G 1533 -12.39 18.40 51.92
CA GLU G 1533 -12.48 17.67 53.17
C GLU G 1533 -12.05 18.54 54.34
N ILE G 1534 -10.94 19.27 54.16
CA ILE G 1534 -10.51 20.21 55.17
C ILE G 1534 -11.59 21.25 55.40
N ILE G 1535 -12.19 21.76 54.33
CA ILE G 1535 -13.28 22.72 54.48
C ILE G 1535 -14.41 22.12 55.31
N SER G 1536 -14.77 20.87 55.02
CA SER G 1536 -15.87 20.24 55.73
C SER G 1536 -15.58 20.14 57.21
N LYS G 1537 -14.42 19.58 57.57
CA LYS G 1537 -14.12 19.42 58.99
C LYS G 1537 -13.96 20.77 59.67
N PHE G 1538 -13.38 21.75 58.97
CA PHE G 1538 -13.20 23.06 59.57
C PHE G 1538 -14.54 23.73 59.84
N VAL G 1539 -15.48 23.64 58.90
CA VAL G 1539 -16.79 24.24 59.14
C VAL G 1539 -17.50 23.51 60.26
N ASN G 1540 -17.33 22.19 60.34
CA ASN G 1540 -17.92 21.45 61.45
C ASN G 1540 -17.39 21.96 62.78
N PHE G 1541 -16.07 22.07 62.90
CA PHE G 1541 -15.49 22.54 64.15
C PHE G 1541 -15.90 23.97 64.46
N GLN G 1542 -15.92 24.83 63.44
CA GLN G 1542 -16.32 26.22 63.64
C GLN G 1542 -17.75 26.29 64.15
N GLU G 1543 -18.66 25.52 63.54
CA GLU G 1543 -20.03 25.48 64.00
C GLU G 1543 -20.11 24.98 65.44
N SER G 1544 -19.30 23.98 65.77
CA SER G 1544 -19.21 23.55 67.17
C SER G 1544 -18.76 24.70 68.06
N GLN G 1545 -17.97 25.63 67.52
CA GLN G 1545 -17.55 26.82 68.24
C GLN G 1545 -18.49 27.99 68.02
N GLY G 1546 -19.56 27.80 67.26
CA GLY G 1546 -20.51 28.88 67.02
C GLY G 1546 -19.91 30.06 66.28
N HIS G 1547 -19.08 29.79 65.28
CA HIS G 1547 -18.51 30.83 64.43
C HIS G 1547 -17.71 31.84 65.26
N ARG G 1548 -17.01 31.36 66.28
CA ARG G 1548 -16.19 32.19 67.14
C ARG G 1548 -14.72 31.84 66.93
N VAL G 1549 -13.90 32.87 66.67
CA VAL G 1549 -12.48 32.67 66.53
C VAL G 1549 -11.90 32.22 67.87
N THR G 1550 -11.07 31.19 67.85
CA THR G 1550 -10.48 30.66 69.07
C THR G 1550 -9.23 29.88 68.72
N ASN G 1551 -8.49 29.50 69.76
CA ASN G 1551 -7.37 28.59 69.58
C ASN G 1551 -7.87 27.34 68.86
N TYR G 1552 -7.39 27.14 67.64
CA TYR G 1552 -7.93 26.12 66.75
C TYR G 1552 -7.35 24.77 67.16
N VAL G 1553 -7.83 24.26 68.28
CA VAL G 1553 -7.34 23.03 68.89
C VAL G 1553 -8.46 22.01 68.94
N ARG G 1554 -8.12 20.76 68.65
CA ARG G 1554 -9.04 19.65 68.83
C ARG G 1554 -8.69 18.97 70.15
N ILE G 1555 -9.42 19.32 71.21
CA ILE G 1555 -9.17 18.73 72.52
C ILE G 1555 -9.67 17.29 72.45
N LEU G 1556 -8.75 16.35 72.20
CA LEU G 1556 -9.15 14.97 72.00
C LEU G 1556 -9.47 14.27 73.31
N LEU G 1557 -9.01 14.81 74.43
CA LEU G 1557 -9.18 14.14 75.71
C LEU G 1557 -8.99 15.15 76.82
N GLU G 1558 -10.07 15.44 77.55
CA GLU G 1558 -10.05 16.40 78.66
C GLU G 1558 -9.08 17.55 78.39
N VAL G 1593 -18.03 17.32 74.42
CA VAL G 1593 -17.16 17.46 75.58
C VAL G 1593 -16.05 16.42 75.53
N PRO G 1594 -14.80 16.82 75.75
CA PRO G 1594 -13.70 15.85 75.77
C PRO G 1594 -13.90 14.81 76.86
N PRO G 1595 -13.57 13.55 76.61
CA PRO G 1595 -13.60 12.55 77.69
C PRO G 1595 -12.37 12.67 78.59
N LYS G 1596 -12.45 11.97 79.72
CA LYS G 1596 -11.33 11.86 80.63
C LYS G 1596 -10.43 10.70 80.27
N GLY G 1597 -9.12 10.95 80.30
CA GLY G 1597 -8.14 9.91 80.06
C GLY G 1597 -6.88 10.14 80.87
N GLU G 1598 -5.82 9.39 80.58
CA GLU G 1598 -4.63 9.45 81.42
C GLU G 1598 -4.00 10.83 81.42
N PHE G 1599 -3.93 11.48 80.26
CA PHE G 1599 -3.23 12.76 80.12
C PHE G 1599 -4.06 13.72 79.30
N ASN G 1600 -3.50 14.92 79.11
CA ASN G 1600 -4.20 16.04 78.49
C ASN G 1600 -3.48 16.38 77.19
N MET G 1601 -4.02 15.90 76.08
CA MET G 1601 -3.43 16.08 74.76
C MET G 1601 -4.47 16.55 73.76
N SER G 1602 -4.01 17.17 72.68
CA SER G 1602 -4.90 17.73 71.68
C SER G 1602 -4.13 17.96 70.39
N THR G 1603 -4.88 18.24 69.33
CA THR G 1603 -4.32 18.55 68.02
C THR G 1603 -4.84 19.89 67.52
N ASN G 1604 -4.14 20.42 66.52
CA ASN G 1604 -4.44 21.75 65.99
C ASN G 1604 -5.44 21.66 64.85
N VAL G 1605 -6.61 22.26 65.04
CA VAL G 1605 -7.56 22.44 63.94
C VAL G 1605 -6.86 23.25 62.85
N ASP G 1606 -6.66 22.63 61.69
CA ASP G 1606 -5.96 23.28 60.61
C ASP G 1606 -6.91 24.18 59.83
N VAL G 1607 -6.47 25.39 59.55
CA VAL G 1607 -7.27 26.38 58.82
C VAL G 1607 -6.85 26.32 57.35
N PRO G 1608 -7.73 25.93 56.43
CA PRO G 1608 -7.38 26.04 55.01
C PRO G 1608 -7.27 27.49 54.60
N LYS G 1609 -6.36 27.76 53.66
CA LYS G 1609 -6.16 29.13 53.19
C LYS G 1609 -6.98 29.47 51.96
N ALA G 1610 -7.43 28.46 51.22
CA ALA G 1610 -8.24 28.73 50.04
C ALA G 1610 -9.51 29.48 50.41
N LEU G 1611 -10.04 29.25 51.60
CA LEU G 1611 -11.26 29.96 52.01
C LEU G 1611 -11.02 31.46 52.11
N GLY G 1612 -9.99 31.87 52.85
CA GLY G 1612 -9.66 33.28 52.91
C GLY G 1612 -9.31 33.83 51.55
N ASP G 1613 -8.62 33.03 50.74
CA ASP G 1613 -8.25 33.46 49.40
C ASP G 1613 -9.50 33.79 48.59
N VAL G 1614 -10.51 32.92 48.65
CA VAL G 1614 -11.70 33.12 47.84
C VAL G 1614 -12.52 34.28 48.37
N LEU G 1615 -12.61 34.44 49.68
CA LEU G 1615 -13.30 35.62 50.19
C LEU G 1615 -12.62 36.89 49.72
N GLU G 1616 -11.30 36.92 49.77
CA GLU G 1616 -10.60 38.14 49.41
C GLU G 1616 -10.75 38.42 47.92
N ALA G 1617 -10.67 37.37 47.10
CA ALA G 1617 -10.87 37.56 45.66
C ALA G 1617 -12.28 38.02 45.36
N LEU G 1618 -13.26 37.55 46.15
CA LEU G 1618 -14.62 38.06 46.00
C LEU G 1618 -14.68 39.55 46.26
N ILE G 1619 -14.01 40.01 47.33
CA ILE G 1619 -14.01 41.45 47.59
C ILE G 1619 -13.33 42.20 46.46
N ALA G 1620 -12.24 41.63 45.93
CA ALA G 1620 -11.59 42.24 44.78
C ALA G 1620 -12.53 42.34 43.59
N ALA G 1621 -13.34 41.31 43.38
CA ALA G 1621 -14.34 41.35 42.32
C ALA G 1621 -15.35 42.46 42.59
N VAL G 1622 -15.76 42.62 43.84
CA VAL G 1622 -16.65 43.73 44.19
C VAL G 1622 -16.01 45.04 43.77
N TYR G 1623 -14.75 45.24 44.11
CA TYR G 1623 -14.05 46.48 43.75
C TYR G 1623 -14.08 46.67 42.24
N LEU G 1624 -13.66 45.65 41.49
CA LEU G 1624 -13.56 45.79 40.05
C LEU G 1624 -14.92 46.04 39.41
N ASP G 1625 -15.99 45.53 40.01
CA ASP G 1625 -17.32 45.71 39.44
C ASP G 1625 -17.86 47.10 39.75
N CYS G 1626 -17.99 47.42 41.04
CA CYS G 1626 -18.60 48.69 41.41
C CYS G 1626 -17.70 49.88 41.09
N ARG G 1627 -16.39 49.72 41.29
CA ARG G 1627 -15.43 50.83 41.20
C ARG G 1627 -15.76 51.94 42.18
N ASP G 1628 -16.58 51.63 43.19
CA ASP G 1628 -16.88 52.55 44.29
C ASP G 1628 -16.35 51.95 45.58
N LEU G 1629 -15.44 52.68 46.23
CA LEU G 1629 -14.74 52.10 47.36
C LEU G 1629 -15.50 52.33 48.66
N GLN G 1630 -16.27 53.43 48.74
CA GLN G 1630 -17.15 53.63 49.89
C GLN G 1630 -18.15 52.49 50.04
N ARG G 1631 -18.76 52.07 48.94
CA ARG G 1631 -19.70 50.96 49.02
C ARG G 1631 -18.99 49.67 49.42
N THR G 1632 -17.78 49.47 48.92
CA THR G 1632 -17.01 48.30 49.31
C THR G 1632 -16.72 48.33 50.81
N TRP G 1633 -16.36 49.50 51.34
CA TRP G 1633 -16.15 49.61 52.78
C TRP G 1633 -17.45 49.38 53.55
N GLU G 1634 -18.58 49.84 53.01
CA GLU G 1634 -19.86 49.51 53.63
C GLU G 1634 -20.00 48.00 53.76
N VAL G 1635 -19.73 47.28 52.67
CA VAL G 1635 -19.84 45.82 52.71
C VAL G 1635 -18.90 45.24 53.75
N ILE G 1636 -17.65 45.69 53.75
CA ILE G 1636 -16.65 45.12 54.65
C ILE G 1636 -17.03 45.39 56.10
N PHE G 1637 -17.49 46.62 56.39
CA PHE G 1637 -17.90 46.93 57.75
C PHE G 1637 -19.06 46.05 58.17
N ASN G 1638 -20.06 45.89 57.29
CA ASN G 1638 -21.17 45.02 57.63
C ASN G 1638 -20.69 43.61 57.93
N LEU G 1639 -19.69 43.13 57.18
CA LEU G 1639 -19.24 41.76 57.34
C LEU G 1639 -18.42 41.58 58.62
N PHE G 1640 -17.55 42.54 58.94
CA PHE G 1640 -16.57 42.36 60.01
C PHE G 1640 -16.91 43.14 61.27
N GLU G 1641 -18.09 43.76 61.35
CA GLU G 1641 -18.41 44.58 62.52
C GLU G 1641 -18.24 43.86 63.84
N PRO G 1642 -18.70 42.61 64.00
CA PRO G 1642 -18.52 41.94 65.30
C PRO G 1642 -17.06 41.84 65.70
N GLU G 1643 -16.18 41.48 64.77
CA GLU G 1643 -14.76 41.36 65.09
C GLU G 1643 -14.16 42.73 65.41
N LEU G 1644 -14.58 43.75 64.68
CA LEU G 1644 -14.10 45.10 64.98
C LEU G 1644 -14.47 45.51 66.40
N GLN G 1645 -15.72 45.26 66.79
CA GLN G 1645 -16.15 45.60 68.15
C GLN G 1645 -15.39 44.76 69.18
N GLU G 1646 -15.14 43.49 68.85
CA GLU G 1646 -14.50 42.60 69.83
C GLU G 1646 -13.03 42.95 70.03
N PHE G 1647 -12.24 42.90 68.95
CA PHE G 1647 -10.80 43.05 69.07
C PHE G 1647 -10.42 44.42 69.63
N THR G 1648 -11.31 45.40 69.53
CA THR G 1648 -11.10 46.68 70.20
C THR G 1648 -11.20 46.56 71.72
N ARG G 1649 -11.64 45.41 72.23
CA ARG G 1649 -11.63 45.16 73.67
C ARG G 1649 -10.55 44.19 74.11
N LYS G 1650 -10.08 43.31 73.23
CA LYS G 1650 -8.96 42.45 73.56
C LYS G 1650 -8.12 42.24 72.31
N VAL G 1651 -6.80 42.24 72.49
CA VAL G 1651 -5.86 42.13 71.38
C VAL G 1651 -5.20 40.75 71.42
N PRO G 1652 -5.60 39.82 70.55
CA PRO G 1652 -4.92 38.52 70.55
C PRO G 1652 -3.59 38.55 69.82
N ILE G 1653 -2.48 38.57 70.56
CA ILE G 1653 -1.17 38.50 69.94
C ILE G 1653 -0.88 37.04 69.63
N ASN G 1654 0.19 36.79 68.89
CA ASN G 1654 0.61 35.41 68.64
C ASN G 1654 0.49 34.59 69.92
N HIS G 1655 0.02 33.36 69.77
CA HIS G 1655 -0.30 32.55 70.93
C HIS G 1655 0.93 32.25 71.77
N ILE G 1656 2.03 31.86 71.13
CA ILE G 1656 3.23 31.52 71.88
C ILE G 1656 3.75 32.75 72.61
N ARG G 1657 3.82 33.88 71.90
CA ARG G 1657 4.22 35.13 72.52
C ARG G 1657 3.23 35.54 73.60
N GLN G 1658 1.95 35.20 73.43
CA GLN G 1658 0.98 35.44 74.49
C GLN G 1658 1.35 34.66 75.75
N LEU G 1659 1.74 33.40 75.60
CA LEU G 1659 2.12 32.61 76.75
C LEU G 1659 3.38 33.16 77.41
N VAL G 1660 4.44 33.39 76.63
CA VAL G 1660 5.70 33.77 77.24
C VAL G 1660 5.56 35.09 77.97
N GLU G 1661 4.77 36.03 77.43
CA GLU G 1661 4.49 37.26 78.15
C GLU G 1661 3.56 37.02 79.34
N HIS G 1662 2.63 36.09 79.24
CA HIS G 1662 1.73 35.80 80.34
C HIS G 1662 2.56 35.34 81.53
N LYS G 1663 2.30 35.95 82.69
CA LYS G 1663 3.23 35.83 83.81
C LYS G 1663 3.42 34.38 84.24
N HIS G 1664 2.33 33.61 84.26
CA HIS G 1664 2.33 32.32 84.93
C HIS G 1664 2.20 31.15 83.96
N ALA G 1665 2.71 31.30 82.74
CA ALA G 1665 2.69 30.20 81.77
C ALA G 1665 3.92 29.32 81.94
N LYS G 1666 5.11 29.89 81.74
CA LYS G 1666 6.37 29.17 81.82
C LYS G 1666 6.26 27.76 81.22
N PRO G 1667 5.97 27.65 79.93
CA PRO G 1667 5.92 26.33 79.29
C PRO G 1667 7.30 25.83 78.92
N VAL G 1668 7.45 24.51 78.99
CA VAL G 1668 8.69 23.84 78.64
C VAL G 1668 8.38 22.84 77.53
N PHE G 1669 9.10 22.93 76.42
CA PHE G 1669 8.85 22.11 75.25
C PHE G 1669 9.97 21.08 75.11
N SER G 1670 9.59 19.81 75.03
CA SER G 1670 10.54 18.72 74.91
C SER G 1670 10.99 18.54 73.46
N SER G 1671 11.93 17.63 73.26
CA SER G 1671 12.40 17.32 71.92
C SER G 1671 11.29 16.64 71.14
N PRO G 1672 11.14 16.98 69.84
CA PRO G 1672 10.13 16.25 69.07
C PRO G 1672 10.59 14.86 68.65
N ILE G 1673 9.90 13.83 69.12
CA ILE G 1673 10.23 12.45 68.77
C ILE G 1673 9.42 12.06 67.54
N VAL G 1674 10.06 11.38 66.60
CA VAL G 1674 9.49 11.14 65.29
C VAL G 1674 9.03 9.69 65.19
N GLU G 1675 7.80 9.50 64.71
CA GLU G 1675 7.30 8.18 64.33
C GLU G 1675 6.49 8.35 63.06
N GLY G 1676 6.90 7.68 61.99
CA GLY G 1676 6.25 7.90 60.72
C GLY G 1676 6.31 9.37 60.37
N GLU G 1677 5.18 9.92 59.95
CA GLU G 1677 5.08 11.34 59.64
C GLU G 1677 4.62 12.19 60.81
N THR G 1678 4.38 11.57 61.97
CA THR G 1678 3.83 12.30 63.11
C THR G 1678 4.95 12.72 64.07
N VAL G 1679 4.83 13.92 64.62
CA VAL G 1679 5.73 14.42 65.65
C VAL G 1679 4.90 15.21 66.65
N MET G 1680 5.27 15.08 67.93
CA MET G 1680 4.60 15.80 69.01
C MET G 1680 5.64 16.35 69.97
N VAL G 1681 5.22 17.32 70.78
CA VAL G 1681 6.09 17.98 71.74
C VAL G 1681 5.41 17.95 73.10
N SER G 1682 6.14 17.52 74.13
CA SER G 1682 5.62 17.51 75.49
C SER G 1682 5.76 18.90 76.09
N CYS G 1683 4.62 19.54 76.37
CA CYS G 1683 4.59 20.89 76.92
C CYS G 1683 4.38 20.79 78.43
N GLN G 1684 5.47 20.97 79.18
CA GLN G 1684 5.44 20.96 80.63
C GLN G 1684 5.24 22.40 81.12
N PHE G 1685 4.09 22.67 81.72
CA PHE G 1685 3.77 23.97 82.28
C PHE G 1685 3.11 23.78 83.63
N THR G 1686 2.74 24.89 84.26
CA THR G 1686 2.15 24.88 85.59
C THR G 1686 0.94 25.80 85.62
N CYS G 1687 -0.03 25.46 86.46
CA CYS G 1687 -1.23 26.27 86.61
C CYS G 1687 -1.73 26.14 88.04
N MET G 1688 -1.85 27.29 88.71
CA MET G 1688 -2.17 27.34 90.14
C MET G 1688 -1.28 26.38 90.94
N GLU G 1689 0.03 26.54 90.77
CA GLU G 1689 1.06 25.83 91.52
C GLU G 1689 1.01 24.32 91.33
N LYS G 1690 0.16 23.80 90.47
CA LYS G 1690 0.16 22.39 90.13
C LYS G 1690 0.58 22.23 88.67
N THR G 1691 1.42 21.23 88.42
CA THR G 1691 1.97 20.99 87.09
C THR G 1691 1.01 20.13 86.29
N ILE G 1692 0.59 20.64 85.13
CA ILE G 1692 -0.24 19.89 84.20
C ILE G 1692 0.59 19.59 82.96
N LYS G 1693 0.61 18.33 82.55
CA LYS G 1693 1.42 17.88 81.41
C LYS G 1693 0.50 17.87 80.19
N VAL G 1694 0.70 18.82 79.30
CA VAL G 1694 -0.07 18.89 78.07
C VAL G 1694 0.87 18.68 76.90
N TYR G 1695 0.34 18.12 75.82
CA TYR G 1695 1.15 17.75 74.66
C TYR G 1695 0.49 18.25 73.37
N GLY G 1696 1.33 18.73 72.46
CA GLY G 1696 0.86 19.18 71.16
C GLY G 1696 1.37 18.30 70.04
N PHE G 1697 0.61 18.23 68.95
CA PHE G 1697 0.90 17.33 67.85
C PHE G 1697 0.87 18.09 66.53
N GLY G 1698 1.61 17.59 65.55
CA GLY G 1698 1.61 18.20 64.24
C GLY G 1698 2.43 17.41 63.25
N SER G 1699 2.38 17.86 62.00
CA SER G 1699 3.18 17.24 60.95
C SER G 1699 4.66 17.58 61.09
N ASN G 1700 4.97 18.79 61.53
CA ASN G 1700 6.34 19.25 61.67
C ASN G 1700 6.58 19.69 63.11
N LYS G 1701 7.82 20.10 63.40
CA LYS G 1701 8.17 20.46 64.77
C LYS G 1701 7.48 21.76 65.18
N ASP G 1702 7.56 22.78 64.33
CA ASP G 1702 6.96 24.06 64.66
C ASP G 1702 5.46 23.93 64.83
N GLN G 1703 4.82 23.16 63.94
CA GLN G 1703 3.37 22.97 64.06
C GLN G 1703 3.01 22.26 65.35
N ALA G 1704 3.79 21.26 65.75
CA ALA G 1704 3.53 20.58 67.01
C ALA G 1704 3.69 21.53 68.19
N LYS G 1705 4.73 22.36 68.18
CA LYS G 1705 4.92 23.33 69.26
C LYS G 1705 3.73 24.28 69.31
N LEU G 1706 3.27 24.75 68.16
CA LEU G 1706 2.13 25.67 68.13
C LEU G 1706 0.88 24.98 68.64
N SER G 1707 0.69 23.71 68.29
CA SER G 1707 -0.44 22.96 68.81
C SER G 1707 -0.40 22.90 70.33
N ALA G 1708 0.78 22.59 70.88
CA ALA G 1708 0.91 22.52 72.33
C ALA G 1708 0.61 23.88 72.97
N ALA G 1709 1.14 24.94 72.38
CA ALA G 1709 0.93 26.27 72.95
C ALA G 1709 -0.54 26.66 72.89
N LYS G 1710 -1.21 26.37 71.78
CA LYS G 1710 -2.62 26.69 71.66
C LYS G 1710 -3.43 25.91 72.68
N HIS G 1711 -3.10 24.63 72.87
CA HIS G 1711 -3.79 23.83 73.87
C HIS G 1711 -3.58 24.42 75.25
N ALA G 1712 -2.35 24.87 75.55
CA ALA G 1712 -2.08 25.46 76.85
C ALA G 1712 -2.88 26.74 77.05
N LEU G 1713 -2.97 27.58 76.03
CA LEU G 1713 -3.76 28.81 76.15
C LEU G 1713 -5.24 28.49 76.32
N GLN G 1714 -5.70 27.43 75.64
CA GLN G 1714 -7.07 26.96 75.83
C GLN G 1714 -7.33 26.56 77.27
N GLN G 1715 -6.44 25.72 77.81
CA GLN G 1715 -6.57 25.27 79.19
C GLN G 1715 -6.54 26.44 80.15
N LEU G 1716 -5.62 27.39 79.92
CA LEU G 1716 -5.52 28.55 80.79
C LEU G 1716 -6.74 29.46 80.67
N SER G 1717 -7.36 29.52 79.50
CA SER G 1717 -8.58 30.30 79.35
C SER G 1717 -9.71 29.69 80.17
N LYS G 1718 -9.85 28.37 80.14
CA LYS G 1718 -10.83 27.75 81.02
C LYS G 1718 -10.47 27.92 82.50
N CYS G 1719 -9.19 27.85 82.85
CA CYS G 1719 -8.79 27.98 84.24
C CYS G 1719 -9.00 29.40 84.78
N ASP G 1720 -8.73 30.42 83.98
CA ASP G 1720 -8.85 31.79 84.43
C ASP G 1720 -10.27 32.35 84.29
N ALA G 1721 -11.16 31.64 83.60
CA ALA G 1721 -12.52 32.10 83.41
C ALA G 1721 -13.52 31.05 83.86
N GLU I 3 16.41 3.40 83.53
CA GLU I 3 16.31 2.51 82.32
C GLU I 3 16.24 3.35 81.05
N SER I 4 17.04 3.00 80.05
CA SER I 4 17.17 3.81 78.85
C SER I 4 16.25 3.35 77.73
N MET I 5 16.42 2.11 77.26
CA MET I 5 15.58 1.61 76.18
C MET I 5 14.18 1.26 76.69
N GLU I 6 14.07 0.76 77.94
CA GLU I 6 12.76 0.48 78.49
C GLU I 6 11.89 1.73 78.63
N GLU I 7 12.51 2.90 78.87
CA GLU I 7 11.79 4.16 79.04
C GLU I 7 11.75 5.03 77.79
N LEU I 8 12.95 5.48 77.34
CA LEU I 8 13.08 6.55 76.36
C LEU I 8 12.43 6.18 75.03
N GLU I 9 12.94 5.15 74.37
CA GLU I 9 12.30 4.73 73.12
C GLU I 9 10.91 4.19 73.42
N ALA I 10 10.79 3.51 74.56
CA ALA I 10 9.77 2.49 74.67
C ALA I 10 8.42 3.07 75.10
N LEU I 11 8.32 3.54 76.35
CA LEU I 11 6.99 3.89 76.80
C LEU I 11 6.40 4.90 75.83
N ARG I 12 7.28 5.57 75.07
CA ARG I 12 6.88 6.44 73.98
C ARG I 12 6.45 5.68 72.72
N ARG I 13 6.95 4.48 72.49
CA ARG I 13 6.45 3.69 71.38
C ARG I 13 4.97 3.48 71.64
N LYS I 14 4.62 2.93 72.81
CA LYS I 14 3.19 2.79 73.13
C LYS I 14 2.47 4.13 73.07
N LYS I 15 3.03 5.19 73.61
CA LYS I 15 2.27 6.43 73.64
C LYS I 15 1.94 6.89 72.22
N PHE I 16 2.94 6.87 71.34
CA PHE I 16 2.74 7.35 69.98
C PHE I 16 1.68 6.51 69.26
N THR I 17 1.78 5.18 69.34
CA THR I 17 0.78 4.35 68.68
C THR I 17 -0.60 4.60 69.28
N THR I 18 -0.65 4.73 70.61
CA THR I 18 -1.90 5.06 71.28
C THR I 18 -2.51 6.32 70.69
N TYR I 19 -1.72 7.40 70.60
CA TYR I 19 -2.27 8.63 70.04
C TYR I 19 -2.75 8.41 68.62
N TRP I 20 -2.05 7.59 67.84
CA TRP I 20 -2.58 7.28 66.52
C TRP I 20 -3.98 6.68 66.60
N GLU I 21 -4.16 5.65 67.43
CA GLU I 21 -5.48 5.01 67.45
C GLU I 21 -6.56 5.96 67.97
N LEU I 22 -6.23 6.83 68.93
CA LEU I 22 -7.25 7.77 69.41
C LEU I 22 -8.00 8.45 68.27
N LYS I 23 -7.30 9.20 67.41
CA LYS I 23 -7.99 9.98 66.40
C LYS I 23 -7.46 9.71 65.00
N GLU I 24 -6.15 9.52 64.88
CA GLU I 24 -5.53 9.52 63.56
C GLU I 24 -5.84 8.24 62.81
N ALA I 25 -5.38 7.11 63.33
CA ALA I 25 -5.43 5.85 62.61
C ALA I 25 -6.78 5.16 62.78
N GLY I 26 -7.03 4.19 61.90
CA GLY I 26 -8.16 3.30 62.04
C GLY I 26 -7.82 2.16 62.96
N SER I 27 -7.43 2.50 64.20
CA SER I 27 -6.94 1.51 65.15
C SER I 27 -5.68 0.85 64.60
N VAL I 28 -5.02 0.03 65.42
CA VAL I 28 -3.77 -0.61 65.02
C VAL I 28 -3.76 -2.03 65.56
N ASP I 29 -2.95 -2.88 64.92
CA ASP I 29 -2.78 -4.27 65.33
C ASP I 29 -1.93 -4.36 66.60
N HIS I 30 -2.53 -3.99 67.72
CA HIS I 30 -1.90 -4.31 69.00
C HIS I 30 -2.24 -5.71 69.47
N THR I 31 -3.07 -6.43 68.72
CA THR I 31 -3.31 -7.85 69.02
C THR I 31 -2.01 -8.62 68.93
N GLY I 32 -1.77 -9.50 69.90
CA GLY I 32 -0.47 -10.13 70.02
C GLY I 32 -0.10 -11.00 68.85
N MET I 33 -1.05 -11.75 68.30
CA MET I 33 -0.72 -12.80 67.35
C MET I 33 -0.10 -12.21 66.09
N ARG I 34 0.51 -13.09 65.32
CA ARG I 34 1.07 -12.70 64.02
C ARG I 34 -0.03 -12.16 63.12
N LEU I 35 0.31 -11.11 62.36
CA LEU I 35 -0.62 -10.63 61.34
C LEU I 35 -1.05 -11.77 60.44
N CYS I 36 -0.12 -12.70 60.15
CA CYS I 36 -0.48 -13.90 59.40
C CYS I 36 -1.62 -14.64 60.08
N ASP I 37 -1.59 -14.72 61.40
CA ASP I 37 -2.62 -15.41 62.16
C ASP I 37 -3.64 -14.47 62.75
N ARG I 38 -3.65 -13.21 62.32
CA ARG I 38 -4.57 -12.24 62.91
C ARG I 38 -6.02 -12.61 62.62
N HIS I 39 -6.26 -13.21 61.44
CA HIS I 39 -7.61 -13.61 61.07
C HIS I 39 -8.20 -14.61 62.06
N ASN I 40 -7.37 -15.38 62.74
CA ASN I 40 -7.85 -16.34 63.73
C ASN I 40 -8.34 -15.66 65.00
N TYR I 41 -8.37 -14.33 65.05
CA TYR I 41 -8.78 -13.63 66.25
C TYR I 41 -10.12 -14.14 66.74
N PHE I 42 -11.13 -14.19 65.86
CA PHE I 42 -12.44 -14.65 66.26
C PHE I 42 -12.51 -16.17 66.40
N LYS I 43 -11.57 -16.89 65.79
CA LYS I 43 -11.48 -18.33 66.04
C LYS I 43 -11.17 -18.61 67.50
N ASN I 44 -10.26 -17.84 68.08
CA ASN I 44 -9.87 -18.00 69.47
C ASN I 44 -10.72 -17.14 70.41
N PHE I 45 -11.82 -16.60 69.91
CA PHE I 45 -12.66 -15.73 70.72
C PHE I 45 -13.29 -16.51 71.87
N TYR I 46 -13.64 -15.78 72.92
CA TYR I 46 -13.91 -16.34 74.24
C TYR I 46 -14.96 -17.46 74.18
N PRO I 47 -14.61 -18.69 74.57
CA PRO I 47 -15.34 -19.86 74.04
C PRO I 47 -16.84 -19.90 74.37
N THR I 48 -17.20 -20.00 75.66
CA THR I 48 -18.60 -20.25 76.01
C THR I 48 -19.51 -19.22 75.38
N LEU I 49 -19.06 -17.97 75.35
CA LEU I 49 -19.81 -16.93 74.66
C LEU I 49 -19.83 -17.21 73.16
N LYS I 50 -18.77 -17.83 72.63
CA LYS I 50 -18.78 -18.25 71.24
C LYS I 50 -19.94 -19.22 70.99
N LYS I 51 -20.07 -20.24 71.83
CA LYS I 51 -21.16 -21.19 71.66
C LYS I 51 -22.52 -20.52 71.84
N GLU I 52 -22.63 -19.59 72.78
CA GLU I 52 -23.89 -18.88 72.94
C GLU I 52 -24.25 -18.11 71.67
N ALA I 53 -23.26 -17.44 71.06
CA ALA I 53 -23.52 -16.73 69.82
C ALA I 53 -23.84 -17.69 68.69
N ILE I 54 -23.25 -18.89 68.72
CA ILE I 54 -23.61 -19.91 67.74
C ILE I 54 -25.09 -20.27 67.87
N GLU I 55 -25.54 -20.48 69.10
CA GLU I 55 -26.97 -20.73 69.30
C GLU I 55 -27.79 -19.57 68.77
N ALA I 56 -27.37 -18.35 69.07
CA ALA I 56 -28.14 -17.18 68.65
C ALA I 56 -28.22 -17.08 67.13
N ILE I 57 -27.11 -17.30 66.44
CA ILE I 57 -27.09 -17.17 64.99
C ILE I 57 -27.90 -18.29 64.35
N ASN I 58 -27.73 -19.53 64.82
CA ASN I 58 -28.52 -20.62 64.27
C ASN I 58 -30.00 -20.51 64.63
N SER I 59 -30.35 -19.66 65.59
CA SER I 59 -31.73 -19.52 66.00
C SER I 59 -32.55 -18.92 64.87
N ASP I 60 -33.84 -19.27 64.85
CA ASP I 60 -34.76 -18.81 63.81
C ASP I 60 -35.95 -18.05 64.42
N GLU I 61 -35.88 -17.71 65.70
CA GLU I 61 -36.95 -16.99 66.37
C GLU I 61 -36.84 -15.49 66.20
N TYR I 62 -35.79 -15.00 65.56
CA TYR I 62 -35.53 -13.57 65.45
C TYR I 62 -36.41 -12.96 64.37
N GLU I 63 -37.04 -11.84 64.71
CA GLU I 63 -38.05 -11.27 63.82
C GLU I 63 -37.42 -10.73 62.54
N SER I 64 -36.35 -9.95 62.67
CA SER I 64 -35.74 -9.28 61.53
C SER I 64 -34.23 -9.46 61.55
N SER I 65 -33.64 -9.38 60.35
CA SER I 65 -32.19 -9.41 60.26
C SER I 65 -31.55 -8.30 61.06
N LYS I 66 -32.23 -7.16 61.19
CA LYS I 66 -31.74 -6.10 62.07
C LYS I 66 -31.73 -6.60 63.52
N ASP I 67 -32.85 -7.13 63.98
CA ASP I 67 -32.91 -7.68 65.33
C ASP I 67 -31.93 -8.83 65.50
N LYS I 68 -31.82 -9.69 64.50
CA LYS I 68 -30.87 -10.80 64.58
C LYS I 68 -29.46 -10.29 64.73
N ALA I 69 -29.07 -9.31 63.91
CA ALA I 69 -27.71 -8.78 63.99
C ALA I 69 -27.46 -8.16 65.35
N MET I 70 -28.40 -7.36 65.85
CA MET I 70 -28.19 -6.70 67.13
C MET I 70 -28.09 -7.72 68.27
N ASP I 71 -28.99 -8.69 68.29
CA ASP I 71 -28.95 -9.67 69.38
C ASP I 71 -27.67 -10.49 69.32
N VAL I 72 -27.28 -10.94 68.13
CA VAL I 72 -26.03 -11.67 68.00
C VAL I 72 -24.87 -10.83 68.47
N MET I 73 -24.83 -9.57 68.04
CA MET I 73 -23.63 -8.78 68.19
C MET I 73 -23.47 -8.32 69.64
N SER I 74 -24.59 -8.00 70.31
CA SER I 74 -24.55 -7.79 71.76
C SER I 74 -24.15 -9.05 72.49
N SER I 75 -24.67 -10.20 72.05
CA SER I 75 -24.18 -11.46 72.61
C SER I 75 -22.66 -11.52 72.48
N LEU I 76 -22.13 -11.05 71.36
CA LEU I 76 -20.69 -10.90 71.20
C LEU I 76 -20.11 -9.84 72.12
N LYS I 77 -20.94 -9.01 72.76
CA LYS I 77 -20.48 -7.95 73.65
C LYS I 77 -19.66 -6.93 72.88
N ILE I 78 -20.25 -6.42 71.81
CA ILE I 78 -19.64 -5.39 70.98
C ILE I 78 -20.70 -4.39 70.57
N THR I 79 -20.40 -3.10 70.72
CA THR I 79 -21.30 -2.05 70.29
C THR I 79 -20.80 -1.49 68.96
N PRO I 80 -21.45 -1.79 67.84
CA PRO I 80 -21.04 -1.21 66.57
C PRO I 80 -21.67 0.16 66.34
N LYS I 81 -21.11 0.89 65.38
CA LYS I 81 -21.63 2.18 64.96
C LYS I 81 -22.08 2.07 63.51
N ILE I 82 -23.34 2.41 63.25
CA ILE I 82 -23.91 2.34 61.91
C ILE I 82 -23.80 3.72 61.29
N SER I 83 -23.03 3.82 60.20
CA SER I 83 -22.75 5.10 59.58
C SER I 83 -23.07 5.04 58.10
N GLU I 84 -23.68 6.11 57.60
CA GLU I 84 -24.05 6.19 56.19
C GLU I 84 -22.87 6.71 55.39
N VAL I 85 -22.33 5.88 54.51
CA VAL I 85 -21.28 6.31 53.59
C VAL I 85 -21.94 6.96 52.39
N GLU I 86 -21.50 8.17 52.06
CA GLU I 86 -22.05 8.86 50.91
C GLU I 86 -21.74 8.06 49.65
N SER I 87 -22.78 7.70 48.91
CA SER I 87 -22.65 6.81 47.76
C SER I 87 -23.64 7.21 46.69
N SER I 88 -23.32 6.83 45.46
CA SER I 88 -24.19 7.12 44.33
C SER I 88 -25.46 6.29 44.32
N SER I 89 -25.50 5.20 45.08
CA SER I 89 -26.66 4.32 45.06
C SER I 89 -27.90 5.06 45.57
N LEU I 90 -29.03 4.80 44.93
CA LEU I 90 -30.30 5.32 45.46
C LEU I 90 -30.54 4.80 46.86
N VAL I 91 -30.37 3.49 47.05
CA VAL I 91 -30.46 2.91 48.39
C VAL I 91 -29.27 3.41 49.18
N PRO I 92 -29.47 3.99 50.37
CA PRO I 92 -28.32 4.48 51.13
C PRO I 92 -27.35 3.36 51.43
N LEU I 93 -26.07 3.71 51.45
CA LEU I 93 -25.00 2.77 51.78
C LEU I 93 -24.55 3.02 53.21
N LEU I 94 -24.55 1.96 54.02
CA LEU I 94 -24.24 2.04 55.43
C LEU I 94 -22.89 1.40 55.70
N SER I 95 -22.17 1.93 56.69
CA SER I 95 -20.90 1.37 57.14
C SER I 95 -20.99 1.05 58.63
N VAL I 96 -20.29 0.00 59.03
CA VAL I 96 -20.35 -0.52 60.39
C VAL I 96 -18.94 -0.68 60.92
N GLU I 97 -18.80 -0.59 62.23
CA GLU I 97 -17.52 -0.81 62.91
C GLU I 97 -17.70 -1.84 64.00
N LEU I 98 -16.67 -2.65 64.21
CA LEU I 98 -16.67 -3.61 65.30
C LEU I 98 -15.86 -3.14 66.51
N ASN I 99 -15.26 -1.96 66.43
CA ASN I 99 -14.62 -1.27 67.55
C ASN I 99 -13.94 -2.24 68.52
N CYS I 100 -13.22 -3.22 67.98
CA CYS I 100 -12.45 -4.14 68.79
C CYS I 100 -11.03 -4.20 68.24
N ALA I 101 -10.10 -4.61 69.10
CA ALA I 101 -8.70 -4.67 68.70
C ALA I 101 -8.55 -5.27 67.31
N PHE I 102 -9.38 -6.26 66.99
CA PHE I 102 -9.46 -6.80 65.64
C PHE I 102 -10.37 -5.91 64.82
N ASP I 103 -9.82 -4.77 64.40
CA ASP I 103 -10.61 -3.79 63.67
C ASP I 103 -11.26 -4.42 62.45
N VAL I 104 -12.52 -4.10 62.23
CA VAL I 104 -13.31 -4.66 61.14
C VAL I 104 -14.35 -3.63 60.74
N VAL I 105 -14.51 -3.44 59.43
CA VAL I 105 -15.47 -2.50 58.87
C VAL I 105 -16.14 -3.12 57.66
N LEU I 106 -17.46 -2.98 57.58
CA LEU I 106 -18.24 -3.52 56.48
C LEU I 106 -19.20 -2.47 55.97
N MET I 107 -19.64 -2.61 54.72
CA MET I 107 -20.68 -1.75 54.17
C MET I 107 -21.50 -2.55 53.18
N ALA I 108 -22.71 -2.05 52.91
CA ALA I 108 -23.59 -2.60 51.88
C ALA I 108 -24.81 -1.69 51.83
N LYS I 109 -25.76 -2.03 50.96
CA LYS I 109 -27.02 -1.32 50.96
C LYS I 109 -27.83 -1.70 52.18
N GLU I 110 -28.61 -0.74 52.68
CA GLU I 110 -29.34 -0.95 53.92
C GLU I 110 -30.16 -2.22 53.86
N THR I 111 -30.70 -2.55 52.68
CA THR I 111 -31.44 -3.79 52.54
C THR I 111 -30.55 -5.01 52.75
N ASP I 112 -29.24 -4.86 52.55
CA ASP I 112 -28.31 -5.97 52.59
C ASP I 112 -27.39 -5.94 53.80
N ILE I 113 -27.17 -4.76 54.39
CA ILE I 113 -26.12 -4.60 55.39
C ILE I 113 -26.30 -5.61 56.52
N TYR I 114 -27.51 -5.74 57.05
CA TYR I 114 -27.71 -6.58 58.23
C TYR I 114 -27.44 -8.04 57.91
N ASP I 115 -28.07 -8.55 56.84
CA ASP I 115 -27.80 -9.92 56.42
C ASP I 115 -26.32 -10.13 56.12
N HIS I 116 -25.65 -9.08 55.63
CA HIS I 116 -24.22 -9.23 55.37
C HIS I 116 -23.44 -9.36 56.67
N ILE I 117 -23.85 -8.64 57.71
CA ILE I 117 -23.28 -8.89 59.03
C ILE I 117 -23.49 -10.35 59.41
N ILE I 118 -24.70 -10.84 59.20
CA ILE I 118 -25.03 -12.20 59.62
C ILE I 118 -24.12 -13.20 58.93
N ASP I 119 -24.03 -13.11 57.59
CA ASP I 119 -23.24 -14.08 56.85
C ASP I 119 -21.75 -13.91 57.09
N TYR I 120 -21.27 -12.68 57.25
CA TYR I 120 -19.90 -12.49 57.68
C TYR I 120 -19.63 -13.29 58.94
N PHE I 121 -20.34 -12.97 60.02
CA PHE I 121 -20.05 -13.61 61.29
C PHE I 121 -20.25 -15.12 61.22
N ARG I 122 -21.12 -15.57 60.31
CA ARG I 122 -21.22 -17.00 60.07
C ARG I 122 -19.90 -17.53 59.52
N THR I 123 -19.29 -16.80 58.59
CA THR I 123 -18.04 -17.26 57.99
C THR I 123 -16.86 -17.10 58.93
N MET I 124 -16.92 -16.11 59.82
CA MET I 124 -15.79 -15.77 60.68
C MET I 124 -15.82 -16.53 61.99
N LEU I 125 -16.97 -16.54 62.67
CA LEU I 125 -17.06 -17.13 64.00
C LEU I 125 -16.91 -18.64 63.97
N ILE I 126 -17.14 -19.27 62.83
CA ILE I 126 -16.89 -20.69 62.66
C ILE I 126 -15.40 -20.97 62.81
#